data_3J8Z
#
_entry.id   3J8Z
#
_cell.length_a   1
_cell.length_b   1
_cell.length_c   1
_cell.angle_alpha   90
_cell.angle_beta   90
_cell.angle_gamma   90
#
_symmetry.space_group_name_H-M   'P 1'
#
loop_
_entity.id
_entity.type
_entity.pdbx_description
1 polymer L1
2 polymer 'H16.1A light chain'
3 polymer 'H16.1A heavy chain'
#
loop_
_entity_poly.entity_id
_entity_poly.type
_entity_poly.pdbx_seq_one_letter_code
_entity_poly.pdbx_strand_id
1 'polypeptide(L)'
;AVVSTDEYVARTNIYYHAGTSRLLAVGHPYFPIKKPNNNKILVPKVSGLQYRVFRIHLPDPNKFGFPDTSFYNPDTQRLV
WACVGVEVGRGQPLGVGISGHPLLNKLDDTENASAYAANAGVDNRECISMDYKQTQLCLIGCKPPIGEHWGKGSPCTQVA
VQPGDCPPLELINTVIQDGDMVDTGFGAMDFTTLQANKSEVPLDICTSICKYPDYIKMVSEPYGDSLFFYLRREQMFVRH
LFNRAGTVGENVPDDLYIKGSGSTANLASSNYFPTPSGSMVTSDAQIFNKPYWLQRAQGHNNGICWGNQLFVTVVDTTRS
TNMSLCAAISTSETTYKNTNFKEYLRHGEEYDLQFIFQLCKITLTADVMTYIHSMNSTILEDWNFGLQPPPGGTLEDTYR
FVTSQAIACQKHTPPAPKEDPLKKYTFWEVNLKEKFSADLDQFPLGRKFLLQLGL
;
A,B,C,D,E
2 'polypeptide(L)'
;DIVMTQSPSSLAMSAGQKVTMSCKSSQSLFDSRNQKNYLAWYQQKPGQSPTLLVYFASTRESGVPDRFIGSGSGTDFTLT
ISSVQAEDLADYFCQQHYSTPYTFGGGTKLEIKRA
;
L,J,K,M
3 'polypeptide(L)'
;SGAELARPGASVKLSCKASGYTFTSYWMQWVKQRPGQGLEWIGAIYPGDGYTRYTQKFKGMATLTADKSSSTAYMQLTSL
ASEDSAVYYCARTYAGYYVGYFDYWGQGTTLTVS
;
H,F,G,I
#
# COMPACT_ATOMS: atom_id res chain seq x y z
N ALA A 1 -38.77 45.35 6.36
CA ALA A 1 -38.82 43.87 6.26
C ALA A 1 -38.67 43.41 4.81
N VAL A 2 -37.95 42.32 4.61
CA VAL A 2 -37.75 41.78 3.26
C VAL A 2 -38.82 40.75 3.02
N VAL A 3 -39.22 40.58 1.76
CA VAL A 3 -40.26 39.58 1.42
C VAL A 3 -39.87 38.74 0.22
N SER A 4 -40.46 37.56 0.15
CA SER A 4 -40.20 36.63 -0.95
C SER A 4 -40.55 37.32 -2.25
N THR A 5 -39.86 36.97 -3.33
CA THR A 5 -40.14 37.57 -4.63
C THR A 5 -41.50 37.09 -5.13
N ASP A 6 -41.96 35.96 -4.60
CA ASP A 6 -43.25 35.40 -4.98
C ASP A 6 -44.37 36.36 -4.64
N GLU A 7 -44.09 37.31 -3.75
CA GLU A 7 -45.04 38.32 -3.31
C GLU A 7 -45.36 39.34 -4.41
N TYR A 8 -44.31 39.94 -4.96
CA TYR A 8 -44.43 40.97 -5.97
C TYR A 8 -44.05 40.57 -7.40
N VAL A 9 -43.51 39.37 -7.59
CA VAL A 9 -43.15 38.98 -8.94
C VAL A 9 -44.16 37.98 -9.48
N ALA A 10 -44.76 38.32 -10.62
CA ALA A 10 -45.75 37.45 -11.21
C ALA A 10 -45.11 36.54 -12.24
N ARG A 11 -45.56 35.27 -12.21
CA ARG A 11 -45.05 34.24 -13.10
C ARG A 11 -45.91 34.04 -14.33
N THR A 12 -45.34 34.22 -15.51
CA THR A 12 -46.10 33.99 -16.73
C THR A 12 -45.97 32.51 -17.07
N ASN A 13 -46.40 32.17 -18.26
CA ASN A 13 -46.38 30.78 -18.70
C ASN A 13 -45.37 30.58 -19.81
N ILE A 14 -44.60 31.61 -20.10
CA ILE A 14 -43.60 31.55 -21.16
C ILE A 14 -42.26 31.09 -20.60
N TYR A 15 -41.64 30.17 -21.33
CA TYR A 15 -40.35 29.65 -20.91
C TYR A 15 -39.42 29.63 -22.10
N TYR A 16 -38.18 29.99 -21.85
CA TYR A 16 -37.19 29.97 -22.91
C TYR A 16 -35.97 29.15 -22.47
N HIS A 17 -35.28 28.60 -23.47
CA HIS A 17 -34.08 27.83 -23.21
C HIS A 17 -32.94 28.69 -23.72
N ALA A 18 -31.77 28.56 -23.09
CA ALA A 18 -30.61 29.30 -23.53
C ALA A 18 -29.39 28.49 -23.14
N GLY A 19 -28.35 28.56 -23.96
CA GLY A 19 -27.16 27.82 -23.64
C GLY A 19 -25.92 28.29 -24.36
N THR A 20 -24.77 28.07 -23.75
CA THR A 20 -23.50 28.42 -24.35
C THR A 20 -23.26 27.29 -25.36
N SER A 21 -22.49 27.55 -26.39
CA SER A 21 -22.24 26.50 -27.38
C SER A 21 -21.46 25.36 -26.73
N ARG A 22 -20.28 25.71 -26.23
CA ARG A 22 -19.38 24.78 -25.59
C ARG A 22 -18.15 25.61 -25.29
N LEU A 23 -17.98 25.98 -24.03
CA LEU A 23 -16.86 26.78 -23.64
C LEU A 23 -15.62 25.90 -23.53
N LEU A 24 -14.48 26.45 -23.93
CA LEU A 24 -13.24 25.70 -23.88
C LEU A 24 -12.12 26.54 -23.28
N ALA A 25 -11.28 25.94 -22.47
CA ALA A 25 -10.17 26.66 -21.83
C ALA A 25 -8.90 25.84 -21.80
N VAL A 26 -7.83 26.38 -22.38
CA VAL A 26 -6.57 25.68 -22.41
C VAL A 26 -5.45 26.59 -21.98
N GLY A 27 -4.57 26.07 -21.13
CA GLY A 27 -3.45 26.85 -20.65
C GLY A 27 -2.49 25.99 -19.86
N HIS A 28 -1.61 26.64 -19.13
CA HIS A 28 -0.63 25.94 -18.29
C HIS A 28 -1.30 25.80 -16.92
N PRO A 29 -1.13 24.63 -16.30
CA PRO A 29 -1.71 24.31 -14.98
C PRO A 29 -1.19 25.10 -13.78
N TYR A 30 0.07 25.48 -13.78
CA TYR A 30 0.61 26.18 -12.61
C TYR A 30 0.80 27.68 -12.67
N PHE A 31 1.14 28.19 -13.86
CA PHE A 31 1.39 29.63 -14.02
C PHE A 31 1.27 30.06 -15.46
N PRO A 32 1.03 31.35 -15.67
CA PRO A 32 0.91 31.82 -17.05
C PRO A 32 2.26 31.96 -17.74
N ILE A 33 2.29 31.61 -19.02
CA ILE A 33 3.48 31.71 -19.83
C ILE A 33 3.43 33.06 -20.51
N LYS A 34 4.47 33.87 -20.33
CA LYS A 34 4.53 35.20 -20.96
C LYS A 34 5.91 35.55 -21.43
N LYS A 35 5.99 36.64 -22.17
CA LYS A 35 7.28 37.14 -22.66
C LYS A 35 8.03 37.74 -21.45
N PRO A 36 9.25 37.24 -21.16
CA PRO A 36 10.09 37.69 -20.03
C PRO A 36 10.27 39.20 -19.94
N ASN A 37 10.69 39.79 -21.06
CA ASN A 37 10.93 41.23 -21.21
C ASN A 37 9.55 41.95 -21.17
N ASN A 38 8.53 41.26 -21.66
CA ASN A 38 7.18 41.73 -21.78
C ASN A 38 6.35 41.37 -20.52
N ASN A 39 5.04 41.57 -20.60
CA ASN A 39 4.14 41.26 -19.51
C ASN A 39 2.81 40.76 -20.08
N LYS A 40 2.73 40.78 -21.41
CA LYS A 40 1.56 40.30 -22.12
C LYS A 40 1.55 38.79 -21.93
N ILE A 41 0.36 38.25 -21.62
CA ILE A 41 0.18 36.82 -21.39
C ILE A 41 0.12 36.04 -22.71
N LEU A 42 1.07 35.14 -22.90
CA LEU A 42 1.12 34.36 -24.12
C LEU A 42 0.22 33.14 -23.98
N VAL A 43 0.31 32.48 -22.82
CA VAL A 43 -0.51 31.32 -22.50
C VAL A 43 -1.03 31.54 -21.08
N PRO A 44 -2.34 31.43 -20.87
CA PRO A 44 -2.89 31.65 -19.52
C PRO A 44 -2.79 30.45 -18.57
N LYS A 45 -2.94 30.73 -17.28
CA LYS A 45 -2.91 29.66 -16.29
C LYS A 45 -4.31 29.03 -16.26
N VAL A 46 -4.40 27.75 -16.61
CA VAL A 46 -5.68 27.07 -16.59
C VAL A 46 -5.53 25.77 -15.77
N SER A 47 -6.18 25.76 -14.62
CA SER A 47 -6.11 24.62 -13.70
C SER A 47 -7.48 24.20 -13.21
N GLY A 48 -7.61 22.91 -12.90
CA GLY A 48 -8.87 22.43 -12.39
C GLY A 48 -9.10 22.93 -10.97
N LEU A 49 -8.08 23.60 -10.43
CA LEU A 49 -8.19 24.11 -9.08
C LEU A 49 -8.59 25.58 -8.98
N GLN A 50 -9.03 26.15 -10.10
CA GLN A 50 -9.46 27.55 -10.11
C GLN A 50 -10.96 27.62 -10.08
N TYR A 51 -11.48 28.75 -9.61
CA TYR A 51 -12.91 28.98 -9.60
C TYR A 51 -13.22 29.43 -11.03
N ARG A 52 -14.42 29.12 -11.49
CA ARG A 52 -14.88 29.56 -12.79
C ARG A 52 -16.12 30.36 -12.47
N VAL A 53 -16.04 31.67 -12.65
CA VAL A 53 -17.21 32.48 -12.37
C VAL A 53 -17.77 33.04 -13.66
N PHE A 54 -18.94 32.56 -14.05
CA PHE A 54 -19.59 32.99 -15.27
C PHE A 54 -20.58 34.11 -15.03
N ARG A 55 -20.38 35.20 -15.75
CA ARG A 55 -21.26 36.37 -15.69
C ARG A 55 -22.17 36.20 -16.90
N ILE A 56 -23.37 35.70 -16.64
CA ILE A 56 -24.33 35.43 -17.72
C ILE A 56 -25.17 36.63 -18.10
N HIS A 57 -25.06 37.05 -19.35
CA HIS A 57 -25.83 38.21 -19.81
C HIS A 57 -27.08 37.77 -20.55
N LEU A 58 -28.23 38.23 -20.06
CA LEU A 58 -29.51 37.89 -20.67
C LEU A 58 -30.12 39.05 -21.42
N PRO A 59 -30.86 38.75 -22.49
CA PRO A 59 -31.49 39.84 -23.24
C PRO A 59 -32.55 40.48 -22.33
N ASP A 60 -32.64 41.81 -22.33
CA ASP A 60 -33.65 42.50 -21.51
C ASP A 60 -35.04 42.07 -21.98
N PRO A 61 -35.81 41.40 -21.13
CA PRO A 61 -37.15 40.98 -21.57
C PRO A 61 -38.05 42.14 -22.02
N ASN A 62 -37.74 43.34 -21.56
CA ASN A 62 -38.52 44.52 -21.91
C ASN A 62 -38.18 45.01 -23.31
N LYS A 63 -36.93 44.85 -23.72
CA LYS A 63 -36.49 45.28 -25.04
C LYS A 63 -36.68 44.13 -26.02
N PHE A 64 -36.79 42.93 -25.48
CA PHE A 64 -36.96 41.70 -26.26
C PHE A 64 -38.15 41.80 -27.20
N GLY A 65 -38.14 41.02 -28.27
CA GLY A 65 -39.24 41.03 -29.21
C GLY A 65 -40.06 39.74 -29.20
N PHE A 66 -41.07 39.67 -28.33
CA PHE A 66 -41.91 38.48 -28.25
C PHE A 66 -42.97 38.50 -29.35
N PRO A 67 -43.37 37.32 -29.83
CA PRO A 67 -44.39 37.21 -30.87
C PRO A 67 -45.72 37.77 -30.38
N ASP A 68 -46.02 37.56 -29.10
CA ASP A 68 -47.24 38.07 -28.51
C ASP A 68 -46.85 38.91 -27.30
N THR A 69 -47.53 40.04 -27.11
CA THR A 69 -47.23 40.92 -25.99
C THR A 69 -48.49 41.29 -25.22
N SER A 70 -49.53 40.50 -25.40
CA SER A 70 -50.81 40.72 -24.74
C SER A 70 -50.78 40.26 -23.29
N PHE A 71 -49.90 39.32 -23.00
CA PHE A 71 -49.77 38.75 -21.65
C PHE A 71 -49.44 39.75 -20.55
N TYR A 72 -49.15 40.99 -20.90
CA TYR A 72 -48.85 41.99 -19.87
C TYR A 72 -49.08 43.43 -20.34
N ASN A 73 -49.11 44.36 -19.39
CA ASN A 73 -49.32 45.76 -19.72
C ASN A 73 -48.02 46.55 -19.52
N PRO A 74 -47.34 46.89 -20.63
CA PRO A 74 -46.07 47.64 -20.61
C PRO A 74 -46.16 49.04 -19.99
N ASP A 75 -47.32 49.39 -19.46
CA ASP A 75 -47.53 50.70 -18.85
C ASP A 75 -47.52 50.61 -17.34
N THR A 76 -48.23 49.60 -16.83
CA THR A 76 -48.29 49.38 -15.40
C THR A 76 -47.19 48.45 -14.93
N GLN A 77 -46.68 47.59 -15.80
CA GLN A 77 -45.65 46.67 -15.37
C GLN A 77 -44.37 46.56 -16.17
N ARG A 78 -43.48 45.70 -15.67
CA ARG A 78 -42.19 45.45 -16.28
C ARG A 78 -41.89 43.95 -16.32
N LEU A 79 -40.86 43.56 -17.07
CA LEU A 79 -40.50 42.14 -17.19
C LEU A 79 -39.12 41.76 -16.65
N VAL A 80 -39.03 40.58 -16.06
CA VAL A 80 -37.77 40.07 -15.49
C VAL A 80 -37.65 38.60 -15.79
N TRP A 81 -36.42 38.12 -15.99
CA TRP A 81 -36.23 36.71 -16.26
C TRP A 81 -36.01 35.97 -14.95
N ALA A 82 -36.60 34.78 -14.84
CA ALA A 82 -36.44 33.96 -13.63
C ALA A 82 -35.79 32.63 -14.01
N CYS A 83 -34.67 32.33 -13.38
CA CYS A 83 -33.97 31.08 -13.66
C CYS A 83 -34.70 29.93 -13.00
N VAL A 84 -35.09 28.94 -13.79
CA VAL A 84 -35.83 27.80 -13.26
C VAL A 84 -35.13 26.45 -13.44
N GLY A 85 -34.14 26.41 -14.32
CA GLY A 85 -33.42 25.17 -14.54
C GLY A 85 -32.00 25.43 -15.05
N VAL A 86 -31.03 24.71 -14.50
CA VAL A 86 -29.63 24.85 -14.89
C VAL A 86 -28.97 23.49 -15.05
N GLU A 87 -28.09 23.38 -16.05
CA GLU A 87 -27.37 22.16 -16.29
C GLU A 87 -25.96 22.56 -16.58
N VAL A 88 -25.06 22.27 -15.66
CA VAL A 88 -23.65 22.59 -15.88
C VAL A 88 -22.97 21.39 -16.51
N GLY A 89 -22.82 21.42 -17.82
CA GLY A 89 -22.19 20.32 -18.51
C GLY A 89 -20.70 20.41 -18.39
N ARG A 90 -20.05 19.27 -18.18
CA ARG A 90 -18.61 19.16 -18.08
C ARG A 90 -18.22 18.15 -19.15
N GLY A 91 -17.06 18.35 -19.79
CA GLY A 91 -16.73 17.44 -20.87
C GLY A 91 -15.45 16.64 -20.96
N GLN A 92 -14.49 16.80 -20.08
CA GLN A 92 -13.32 15.97 -20.26
C GLN A 92 -13.50 14.67 -19.48
N PRO A 93 -12.59 13.69 -19.62
CA PRO A 93 -12.77 12.47 -18.84
C PRO A 93 -12.35 12.71 -17.37
N LEU A 94 -12.95 11.99 -16.43
CA LEU A 94 -12.60 12.18 -15.02
C LEU A 94 -11.13 11.85 -14.80
N GLY A 95 -10.48 12.60 -13.92
CA GLY A 95 -9.08 12.34 -13.65
C GLY A 95 -8.50 13.26 -12.59
N VAL A 96 -7.35 12.92 -12.02
CA VAL A 96 -6.77 13.76 -11.00
C VAL A 96 -5.45 14.40 -11.42
N GLY A 97 -5.33 15.69 -11.12
CA GLY A 97 -4.14 16.43 -11.45
C GLY A 97 -3.00 16.19 -10.47
N ILE A 98 -2.20 17.21 -10.22
CA ILE A 98 -1.06 17.07 -9.32
C ILE A 98 -0.25 18.36 -9.38
N SER A 99 0.14 18.87 -8.22
CA SER A 99 0.88 20.12 -8.14
C SER A 99 2.03 20.00 -7.15
N GLY A 100 3.15 20.64 -7.47
CA GLY A 100 4.29 20.61 -6.57
C GLY A 100 5.07 21.91 -6.54
N HIS A 101 6.30 21.83 -6.03
CA HIS A 101 7.23 22.96 -5.95
C HIS A 101 8.63 22.36 -5.95
N PRO A 102 9.52 22.86 -6.84
CA PRO A 102 10.90 22.35 -6.94
C PRO A 102 11.73 22.63 -5.67
N LEU A 103 11.27 23.61 -4.89
CA LEU A 103 11.94 23.99 -3.66
C LEU A 103 10.93 24.16 -2.54
N LEU A 104 10.16 23.11 -2.29
CA LEU A 104 9.16 23.14 -1.22
C LEU A 104 9.84 23.06 0.16
N ASN A 105 9.39 23.89 1.09
CA ASN A 105 9.98 23.90 2.43
C ASN A 105 9.58 22.65 3.21
N LYS A 106 10.31 21.57 2.97
CA LYS A 106 10.05 20.30 3.65
C LYS A 106 11.36 19.78 4.25
N LEU A 107 11.50 19.90 5.58
CA LEU A 107 12.70 19.43 6.24
C LEU A 107 12.73 17.91 6.19
N ASP A 108 12.26 17.25 7.24
CA ASP A 108 12.24 15.80 7.24
C ASP A 108 10.87 15.15 7.33
N ASP A 109 10.84 13.84 7.08
CA ASP A 109 9.62 13.04 7.15
C ASP A 109 9.34 12.77 8.63
N THR A 110 8.27 13.34 9.17
CA THR A 110 7.97 13.16 10.58
C THR A 110 6.90 12.12 10.87
N GLU A 111 6.51 11.37 9.83
CA GLU A 111 5.47 10.33 9.94
C GLU A 111 6.02 9.11 10.65
N ASN A 112 7.32 8.91 10.53
CA ASN A 112 7.99 7.77 11.13
C ASN A 112 9.51 7.94 10.95
N ALA A 113 10.24 8.02 12.05
CA ALA A 113 11.70 8.18 11.97
C ALA A 113 12.45 7.18 12.86
N SER A 114 13.52 6.59 12.32
CA SER A 114 14.31 5.59 13.03
C SER A 114 15.44 6.16 13.89
N ALA A 115 15.82 7.40 13.61
CA ALA A 115 16.88 8.07 14.34
C ALA A 115 16.60 9.55 14.27
N TYR A 116 17.12 10.33 15.22
CA TYR A 116 16.87 11.77 15.21
C TYR A 116 17.46 12.34 13.93
N ALA A 117 16.68 13.17 13.24
CA ALA A 117 17.12 13.79 11.99
C ALA A 117 18.39 14.62 12.19
N ALA A 118 19.13 14.84 11.11
CA ALA A 118 20.38 15.59 11.14
C ALA A 118 20.23 16.98 11.74
N ASN A 119 20.66 18.00 10.99
CA ASN A 119 20.56 19.39 11.41
C ASN A 119 20.31 20.30 10.20
N ALA A 120 19.33 21.19 10.33
CA ALA A 120 18.98 22.10 9.25
C ALA A 120 20.21 22.93 8.90
N GLY A 121 20.63 22.86 7.64
CA GLY A 121 21.77 23.62 7.19
C GLY A 121 21.23 24.87 6.53
N VAL A 122 21.57 25.06 5.27
CA VAL A 122 21.06 26.20 4.53
C VAL A 122 20.25 25.61 3.40
N ASP A 123 18.99 26.00 3.27
CA ASP A 123 18.19 25.46 2.17
C ASP A 123 18.13 23.92 2.11
N ASN A 124 17.16 23.34 2.81
CA ASN A 124 16.95 21.89 2.82
C ASN A 124 15.69 21.57 1.99
N ARG A 125 15.23 22.54 1.21
CA ARG A 125 14.04 22.38 0.40
C ARG A 125 14.14 21.18 -0.56
N GLU A 126 13.00 20.55 -0.84
CA GLU A 126 12.94 19.37 -1.72
C GLU A 126 11.92 19.59 -2.82
N CYS A 127 12.13 18.91 -3.95
CA CYS A 127 11.21 18.97 -5.09
C CYS A 127 10.08 18.02 -4.74
N ILE A 128 8.93 18.58 -4.37
CA ILE A 128 7.79 17.78 -3.95
C ILE A 128 6.42 18.11 -4.50
N SER A 129 5.69 17.07 -4.89
CA SER A 129 4.35 17.27 -5.43
C SER A 129 3.27 16.57 -4.58
N MET A 130 2.01 16.85 -4.88
CA MET A 130 0.92 16.26 -4.13
C MET A 130 -0.38 16.37 -4.91
N ASP A 131 -1.36 15.54 -4.56
CA ASP A 131 -2.67 15.59 -5.21
C ASP A 131 -3.60 16.36 -4.25
N TYR A 132 -4.01 17.54 -4.68
CA TYR A 132 -4.84 18.43 -3.88
C TYR A 132 -6.14 17.81 -3.40
N LYS A 133 -6.81 18.49 -2.49
CA LYS A 133 -8.07 18.03 -1.98
C LYS A 133 -9.15 18.15 -3.06
N GLN A 134 -10.02 17.16 -3.14
CA GLN A 134 -11.10 17.15 -4.12
C GLN A 134 -12.19 18.14 -3.75
N THR A 135 -12.67 18.89 -4.73
CA THR A 135 -13.74 19.86 -4.47
C THR A 135 -14.66 19.99 -5.68
N GLN A 136 -15.96 19.92 -5.42
CA GLN A 136 -16.99 20.08 -6.46
C GLN A 136 -17.97 21.06 -5.89
N LEU A 137 -18.27 22.13 -6.59
CA LEU A 137 -19.24 23.07 -6.07
C LEU A 137 -19.83 23.92 -7.18
N CYS A 138 -21.04 24.37 -6.95
CA CYS A 138 -21.75 25.20 -7.90
C CYS A 138 -22.63 26.19 -7.17
N LEU A 139 -22.39 27.49 -7.41
CA LEU A 139 -23.16 28.56 -6.78
C LEU A 139 -23.91 29.34 -7.85
N ILE A 140 -25.19 29.58 -7.61
CA ILE A 140 -26.02 30.31 -8.58
C ILE A 140 -26.74 31.46 -7.88
N GLY A 141 -26.70 32.64 -8.49
CA GLY A 141 -27.39 33.79 -7.90
C GLY A 141 -27.37 34.95 -8.89
N CYS A 142 -27.93 36.10 -8.53
CA CYS A 142 -27.91 37.22 -9.46
C CYS A 142 -26.86 38.25 -9.09
N LYS A 143 -26.04 37.91 -8.10
CA LYS A 143 -24.95 38.78 -7.64
C LYS A 143 -23.69 37.93 -7.61
N PRO A 144 -22.51 38.53 -7.80
CA PRO A 144 -21.30 37.71 -7.77
C PRO A 144 -21.13 37.04 -6.41
N PRO A 145 -20.46 35.88 -6.38
CA PRO A 145 -20.21 35.10 -5.17
C PRO A 145 -19.20 35.75 -4.23
N ILE A 146 -19.34 35.51 -2.93
CA ILE A 146 -18.41 36.08 -1.96
C ILE A 146 -17.60 35.05 -1.20
N GLY A 147 -16.28 35.23 -1.16
CA GLY A 147 -15.45 34.30 -0.43
C GLY A 147 -14.79 34.85 0.83
N GLU A 148 -14.14 33.98 1.58
CA GLU A 148 -13.41 34.34 2.78
C GLU A 148 -12.05 33.69 2.74
N HIS A 149 -11.07 34.34 3.35
CA HIS A 149 -9.72 33.79 3.40
C HIS A 149 -8.98 34.56 4.48
N TRP A 150 -7.89 33.98 4.98
CA TRP A 150 -7.11 34.67 6.00
C TRP A 150 -5.99 35.44 5.32
N GLY A 151 -5.83 36.69 5.73
CA GLY A 151 -4.80 37.53 5.17
C GLY A 151 -4.08 38.23 6.31
N LYS A 152 -3.14 39.12 5.96
CA LYS A 152 -2.41 39.83 7.00
C LYS A 152 -3.18 41.02 7.55
N GLY A 153 -3.66 40.91 8.78
CA GLY A 153 -4.39 42.00 9.38
C GLY A 153 -3.51 43.21 9.65
N SER A 154 -4.13 44.34 9.91
CA SER A 154 -3.42 45.57 10.20
C SER A 154 -2.95 45.46 11.65
N PRO A 155 -1.70 45.85 11.92
CA PRO A 155 -1.16 45.78 13.28
C PRO A 155 -1.65 46.90 14.21
N CYS A 156 -1.69 46.59 15.51
CA CYS A 156 -2.10 47.53 16.56
C CYS A 156 -0.98 48.54 16.78
N THR A 157 -1.32 49.84 16.84
CA THR A 157 -0.30 50.88 17.02
C THR A 157 0.34 50.86 18.42
N GLN A 158 1.32 49.99 18.59
CA GLN A 158 2.01 49.87 19.85
C GLN A 158 3.38 49.30 19.63
N VAL A 159 3.54 48.06 20.12
CA VAL A 159 4.75 47.29 20.04
C VAL A 159 5.27 47.19 18.59
N ALA A 160 6.32 47.96 18.27
CA ALA A 160 6.87 47.95 16.93
C ALA A 160 7.22 46.55 16.41
N VAL A 161 6.51 46.10 15.38
CA VAL A 161 6.74 44.80 14.76
C VAL A 161 8.24 44.60 14.54
N GLN A 162 8.81 43.64 15.26
CA GLN A 162 10.22 43.32 15.08
C GLN A 162 10.27 42.51 13.77
N PRO A 163 11.31 42.69 12.95
CA PRO A 163 11.38 41.93 11.70
C PRO A 163 11.28 40.44 11.99
N GLY A 164 10.53 39.72 11.15
CA GLY A 164 10.38 38.30 11.36
C GLY A 164 9.24 37.97 12.31
N ASP A 165 8.69 38.97 12.99
CA ASP A 165 7.58 38.75 13.91
C ASP A 165 6.44 38.12 13.15
N CYS A 166 5.68 37.26 13.82
CA CYS A 166 4.54 36.60 13.16
C CYS A 166 3.49 37.68 12.78
N PRO A 167 3.03 37.69 11.51
CA PRO A 167 2.03 38.66 11.07
C PRO A 167 0.66 38.34 11.61
N PRO A 168 -0.14 39.37 11.90
CA PRO A 168 -1.51 39.19 12.43
C PRO A 168 -2.47 38.68 11.37
N LEU A 169 -3.43 37.85 11.77
CA LEU A 169 -4.40 37.31 10.82
C LEU A 169 -5.68 38.13 10.81
N GLU A 170 -6.44 38.00 9.74
CA GLU A 170 -7.71 38.72 9.66
C GLU A 170 -8.55 38.05 8.57
N LEU A 171 -9.75 37.62 8.91
CA LEU A 171 -10.60 36.98 7.92
C LEU A 171 -11.07 38.08 6.99
N ILE A 172 -10.76 37.93 5.70
CA ILE A 172 -11.10 38.94 4.72
C ILE A 172 -12.12 38.49 3.68
N ASN A 173 -13.25 39.17 3.64
CA ASN A 173 -14.29 38.85 2.67
C ASN A 173 -13.89 39.48 1.36
N THR A 174 -14.05 38.75 0.27
CA THR A 174 -13.67 39.24 -1.04
C THR A 174 -14.68 38.77 -2.09
N VAL A 175 -14.58 39.30 -3.30
CA VAL A 175 -15.49 38.86 -4.37
C VAL A 175 -14.74 37.76 -5.07
N ILE A 176 -15.37 36.60 -5.27
CA ILE A 176 -14.69 35.50 -5.93
C ILE A 176 -14.68 35.71 -7.42
N GLN A 177 -13.50 35.98 -7.96
CA GLN A 177 -13.36 36.23 -9.39
C GLN A 177 -12.98 34.99 -10.17
N ASP A 178 -13.28 35.02 -11.46
CA ASP A 178 -12.95 33.91 -12.35
C ASP A 178 -11.44 33.77 -12.39
N GLY A 179 -10.93 32.58 -12.08
CA GLY A 179 -9.49 32.40 -12.12
C GLY A 179 -8.90 32.30 -10.73
N ASP A 180 -9.66 32.70 -9.71
CA ASP A 180 -9.19 32.60 -8.34
C ASP A 180 -8.96 31.11 -8.01
N MET A 181 -8.16 30.85 -6.97
CA MET A 181 -7.84 29.47 -6.57
C MET A 181 -8.68 28.98 -5.38
N VAL A 182 -8.98 27.68 -5.38
CA VAL A 182 -9.76 27.06 -4.33
C VAL A 182 -8.84 26.47 -3.27
N ASP A 183 -9.29 26.46 -2.02
CA ASP A 183 -8.48 25.88 -0.96
C ASP A 183 -8.12 24.49 -1.49
N THR A 184 -6.85 24.12 -1.34
CA THR A 184 -6.35 22.86 -1.87
C THR A 184 -5.90 21.87 -0.82
N GLY A 185 -6.06 22.26 0.45
CA GLY A 185 -5.65 21.39 1.53
C GLY A 185 -4.82 22.17 2.52
N PHE A 186 -4.50 23.41 2.17
CA PHE A 186 -3.72 24.26 3.07
C PHE A 186 -4.60 25.40 3.60
N GLY A 187 -5.92 25.24 3.47
CA GLY A 187 -6.86 26.24 3.95
C GLY A 187 -7.00 27.42 3.03
N ALA A 188 -7.92 28.32 3.36
CA ALA A 188 -8.14 29.49 2.53
C ALA A 188 -7.39 30.71 3.09
N MET A 189 -6.25 31.00 2.50
CA MET A 189 -5.41 32.10 2.96
C MET A 189 -4.62 32.73 1.83
N ASP A 190 -4.08 33.92 2.11
CA ASP A 190 -3.28 34.67 1.16
C ASP A 190 -1.80 34.32 1.37
N PHE A 191 -1.33 33.33 0.65
CA PHE A 191 0.04 32.85 0.79
C PHE A 191 1.14 33.84 0.46
N THR A 192 0.82 34.80 -0.41
CA THR A 192 1.80 35.80 -0.80
C THR A 192 2.12 36.71 0.40
N THR A 193 1.09 37.24 1.04
CA THR A 193 1.29 38.13 2.17
C THR A 193 1.49 37.44 3.52
N LEU A 194 1.35 36.12 3.56
CA LEU A 194 1.51 35.36 4.80
C LEU A 194 2.66 34.36 4.81
N GLN A 195 3.36 34.25 3.69
CA GLN A 195 4.50 33.35 3.59
C GLN A 195 5.60 33.95 2.74
N ALA A 196 6.52 34.68 3.38
CA ALA A 196 7.62 35.34 2.68
C ALA A 196 8.49 34.28 2.02
N ASN A 197 8.46 33.10 2.61
CA ASN A 197 9.19 31.92 2.17
C ASN A 197 9.09 31.63 0.68
N LYS A 198 7.87 31.77 0.16
CA LYS A 198 7.60 31.52 -1.26
C LYS A 198 7.82 30.04 -1.63
N SER A 199 7.94 29.19 -0.62
CA SER A 199 8.18 27.77 -0.85
C SER A 199 7.38 26.85 0.08
N GLU A 200 6.34 27.37 0.72
CA GLU A 200 5.53 26.58 1.64
C GLU A 200 4.50 25.68 0.92
N VAL A 201 4.04 26.11 -0.25
CA VAL A 201 3.06 25.34 -1.02
C VAL A 201 3.45 25.30 -2.49
N PRO A 202 2.85 24.39 -3.29
CA PRO A 202 3.14 24.24 -4.71
C PRO A 202 3.03 25.56 -5.48
N LEU A 203 3.70 25.63 -6.63
CA LEU A 203 3.69 26.84 -7.45
C LEU A 203 2.32 27.45 -7.76
N ASP A 204 1.35 26.62 -8.13
CA ASP A 204 0.02 27.09 -8.50
C ASP A 204 -0.80 27.86 -7.50
N ILE A 205 -0.44 27.82 -6.21
CA ILE A 205 -1.18 28.59 -5.20
C ILE A 205 -0.18 29.41 -4.42
N CYS A 206 1.08 29.08 -4.69
CA CYS A 206 2.26 29.69 -4.09
C CYS A 206 2.21 31.22 -3.90
N THR A 207 1.76 31.95 -4.92
CA THR A 207 1.68 33.40 -4.81
C THR A 207 0.28 33.84 -5.14
N SER A 208 -0.70 33.03 -4.74
CA SER A 208 -2.10 33.35 -4.99
C SER A 208 -2.87 33.38 -3.69
N ILE A 209 -4.18 33.50 -3.81
CA ILE A 209 -5.03 33.49 -2.63
C ILE A 209 -6.02 32.37 -2.81
N CYS A 210 -6.07 31.44 -1.87
CA CYS A 210 -7.04 30.37 -1.96
C CYS A 210 -8.22 30.88 -1.16
N LYS A 211 -9.36 31.00 -1.83
CA LYS A 211 -10.55 31.50 -1.18
C LYS A 211 -11.61 30.41 -1.02
N TYR A 212 -12.46 30.55 0.00
CA TYR A 212 -13.49 29.57 0.26
C TYR A 212 -14.80 30.32 0.25
N PRO A 213 -15.84 29.75 -0.36
CA PRO A 213 -17.13 30.45 -0.39
C PRO A 213 -17.59 30.75 1.03
N ASP A 214 -18.02 31.98 1.29
CA ASP A 214 -18.50 32.31 2.62
C ASP A 214 -20.00 32.02 2.59
N TYR A 215 -20.34 30.74 2.67
CA TYR A 215 -21.72 30.30 2.64
C TYR A 215 -22.57 30.94 3.72
N ILE A 216 -22.01 31.03 4.92
CA ILE A 216 -22.74 31.64 6.05
C ILE A 216 -23.19 33.09 5.74
N LYS A 217 -22.24 33.92 5.34
CA LYS A 217 -22.53 35.31 5.02
C LYS A 217 -23.57 35.43 3.89
N MET A 218 -23.34 34.72 2.78
CA MET A 218 -24.23 34.79 1.63
C MET A 218 -25.66 34.38 1.93
N VAL A 219 -25.84 33.40 2.80
CA VAL A 219 -27.19 32.96 3.15
C VAL A 219 -27.83 33.89 4.16
N SER A 220 -26.99 34.61 4.90
CA SER A 220 -27.47 35.54 5.91
C SER A 220 -27.99 36.75 5.17
N GLU A 221 -27.34 37.04 4.05
CA GLU A 221 -27.73 38.15 3.21
C GLU A 221 -29.25 38.27 3.20
N PRO A 222 -29.78 39.46 3.55
CA PRO A 222 -31.21 39.78 3.62
C PRO A 222 -32.05 39.45 2.39
N TYR A 223 -31.62 39.91 1.22
CA TYR A 223 -32.36 39.66 0.00
C TYR A 223 -32.00 38.31 -0.67
N GLY A 224 -30.81 37.79 -0.34
CA GLY A 224 -30.37 36.53 -0.90
C GLY A 224 -30.17 36.50 -2.40
N ASP A 225 -29.60 37.56 -2.95
CA ASP A 225 -29.36 37.64 -4.38
C ASP A 225 -28.05 37.00 -4.77
N SER A 226 -27.07 37.05 -3.88
CA SER A 226 -25.76 36.49 -4.20
C SER A 226 -25.80 35.00 -4.51
N LEU A 227 -26.72 34.28 -3.88
CA LEU A 227 -26.83 32.86 -4.15
C LEU A 227 -28.18 32.27 -3.72
N PHE A 228 -28.95 31.80 -4.69
CA PHE A 228 -30.22 31.21 -4.37
C PHE A 228 -30.25 29.70 -4.59
N PHE A 229 -29.07 29.12 -4.76
CA PHE A 229 -28.91 27.69 -4.93
C PHE A 229 -27.43 27.31 -4.92
N TYR A 230 -27.08 26.19 -4.32
CA TYR A 230 -25.70 25.74 -4.33
C TYR A 230 -25.53 24.25 -4.04
N LEU A 231 -24.43 23.70 -4.53
CA LEU A 231 -24.10 22.31 -4.30
C LEU A 231 -22.62 22.27 -3.94
N ARG A 232 -22.29 21.65 -2.82
CA ARG A 232 -20.91 21.57 -2.42
C ARG A 232 -20.51 20.16 -2.05
N ARG A 233 -19.32 19.76 -2.48
CA ARG A 233 -18.80 18.44 -2.20
C ARG A 233 -17.29 18.52 -2.10
N GLU A 234 -16.78 18.37 -0.89
CA GLU A 234 -15.33 18.42 -0.66
C GLU A 234 -14.87 17.29 0.28
N GLN A 235 -13.71 16.73 -0.01
CA GLN A 235 -13.14 15.66 0.79
C GLN A 235 -11.63 15.77 0.75
N MET A 236 -10.99 15.29 1.80
CA MET A 236 -9.54 15.37 1.89
C MET A 236 -8.98 14.52 3.02
N PHE A 237 -7.77 14.00 2.83
CA PHE A 237 -7.14 13.22 3.89
C PHE A 237 -5.63 13.45 3.87
N VAL A 238 -4.96 13.09 4.97
CA VAL A 238 -3.52 13.29 5.13
C VAL A 238 -2.66 12.19 4.50
N ARG A 239 -1.96 12.53 3.42
CA ARG A 239 -1.11 11.59 2.72
C ARG A 239 0.26 11.48 3.44
N HIS A 240 0.93 12.61 3.67
CA HIS A 240 2.22 12.61 4.36
C HIS A 240 2.31 13.64 5.47
N LEU A 241 3.18 13.38 6.43
CA LEU A 241 3.35 14.31 7.56
C LEU A 241 4.79 14.83 7.60
N PHE A 242 4.94 16.11 7.31
CA PHE A 242 6.26 16.72 7.25
C PHE A 242 6.63 17.76 8.32
N ASN A 243 7.87 18.25 8.18
CA ASN A 243 8.49 19.25 9.04
C ASN A 243 8.80 20.49 8.22
N ARG A 244 8.80 21.66 8.85
CA ARG A 244 9.13 22.89 8.12
C ARG A 244 10.51 23.38 8.52
N ALA A 245 11.35 23.62 7.52
CA ALA A 245 12.69 24.16 7.78
C ALA A 245 12.48 25.64 8.07
N GLY A 246 13.50 26.27 8.64
CA GLY A 246 13.39 27.68 8.97
C GLY A 246 13.77 27.82 10.42
N THR A 247 13.47 28.96 11.04
CA THR A 247 13.84 29.13 12.43
C THR A 247 12.66 29.34 13.34
N VAL A 248 12.76 28.80 14.55
CA VAL A 248 11.68 28.90 15.50
C VAL A 248 11.16 30.33 15.63
N GLY A 249 9.89 30.50 15.27
CA GLY A 249 9.26 31.80 15.37
C GLY A 249 8.75 31.90 16.80
N GLU A 250 8.24 30.78 17.28
CA GLU A 250 7.73 30.69 18.64
C GLU A 250 8.25 29.39 19.25
N ASN A 251 9.00 29.52 20.34
CA ASN A 251 9.56 28.35 20.98
C ASN A 251 8.62 27.50 21.78
N VAL A 252 8.92 26.22 21.81
CA VAL A 252 8.09 25.28 22.55
C VAL A 252 8.30 25.49 24.04
N PRO A 253 7.22 25.83 24.78
CA PRO A 253 7.32 26.05 26.22
C PRO A 253 7.95 24.79 26.86
N ASP A 254 9.04 24.98 27.60
CA ASP A 254 9.72 23.84 28.21
C ASP A 254 8.94 23.08 29.29
N ASP A 255 7.76 23.55 29.66
CA ASP A 255 6.95 22.84 30.64
C ASP A 255 6.25 21.70 29.93
N LEU A 256 6.44 21.62 28.61
CA LEU A 256 5.82 20.60 27.77
C LEU A 256 6.70 19.43 27.41
N TYR A 257 7.88 19.38 28.02
CA TYR A 257 8.80 18.29 27.72
C TYR A 257 10.02 18.30 28.60
N ILE A 258 10.77 17.20 28.55
CA ILE A 258 11.98 17.04 29.30
C ILE A 258 13.16 17.20 28.36
N LYS A 259 14.01 18.16 28.67
CA LYS A 259 15.21 18.45 27.89
C LYS A 259 15.90 17.17 27.50
N GLY A 260 16.43 17.15 26.27
CA GLY A 260 17.16 15.99 25.78
C GLY A 260 18.65 16.10 26.08
N SER A 261 19.48 15.57 25.19
CA SER A 261 20.93 15.62 25.38
C SER A 261 21.61 14.93 24.20
N GLY A 262 22.86 15.29 23.93
CA GLY A 262 23.57 14.70 22.80
C GLY A 262 22.83 15.07 21.54
N SER A 263 22.24 14.10 20.84
CA SER A 263 21.46 14.39 19.63
C SER A 263 20.13 15.08 19.95
N THR A 264 19.39 14.53 20.91
CA THR A 264 18.12 15.08 21.32
C THR A 264 18.28 16.33 22.20
N ALA A 265 19.49 16.89 22.22
CA ALA A 265 19.74 18.09 23.01
C ALA A 265 18.99 19.26 22.36
N ASN A 266 19.09 19.31 21.03
CA ASN A 266 18.43 20.33 20.21
C ASN A 266 17.10 19.89 19.63
N LEU A 267 16.03 20.60 19.99
CA LEU A 267 14.69 20.29 19.52
C LEU A 267 14.54 20.43 18.01
N ALA A 268 13.97 19.41 17.38
CA ALA A 268 13.75 19.46 15.95
C ALA A 268 12.51 20.33 15.72
N SER A 269 12.34 20.82 14.49
CA SER A 269 11.19 21.67 14.18
C SER A 269 9.89 20.96 14.49
N SER A 270 9.04 21.60 15.29
CA SER A 270 7.75 21.02 15.59
C SER A 270 6.70 21.86 14.87
N ASN A 271 7.11 22.37 13.72
CA ASN A 271 6.26 23.15 12.83
C ASN A 271 5.86 22.16 11.74
N TYR A 272 4.99 21.23 12.11
CA TYR A 272 4.55 20.19 11.18
C TYR A 272 3.49 20.71 10.22
N PHE A 273 3.43 20.05 9.07
CA PHE A 273 2.45 20.36 8.05
C PHE A 273 2.19 19.07 7.29
N PRO A 274 0.92 18.78 6.98
CA PRO A 274 0.57 17.56 6.26
C PRO A 274 0.41 17.83 4.77
N THR A 275 0.52 16.77 3.99
CA THR A 275 0.37 16.82 2.55
C THR A 275 -1.04 16.36 2.29
N PRO A 276 -1.85 17.16 1.58
CA PRO A 276 -3.22 16.72 1.33
C PRO A 276 -3.33 15.65 0.26
N SER A 277 -4.54 15.11 0.13
CA SER A 277 -4.86 14.12 -0.87
C SER A 277 -6.36 13.95 -0.98
N GLY A 278 -6.94 14.41 -2.09
CA GLY A 278 -8.37 14.22 -2.33
C GLY A 278 -8.34 12.85 -2.94
N SER A 279 -8.96 11.88 -2.29
CA SER A 279 -8.91 10.52 -2.76
C SER A 279 -9.33 10.27 -4.21
N MET A 280 -9.89 9.11 -4.47
CA MET A 280 -10.36 8.70 -5.78
C MET A 280 -11.53 9.57 -6.25
N VAL A 281 -11.66 9.74 -7.56
CA VAL A 281 -12.73 10.52 -8.17
C VAL A 281 -13.66 9.50 -8.80
N THR A 282 -14.95 9.77 -8.75
CA THR A 282 -15.90 8.82 -9.28
C THR A 282 -17.10 9.43 -9.99
N SER A 283 -17.68 8.64 -10.90
CA SER A 283 -18.87 9.08 -11.65
C SER A 283 -20.03 9.20 -10.68
N ASP A 284 -20.28 8.13 -9.94
CA ASP A 284 -21.38 8.11 -8.99
C ASP A 284 -21.42 9.35 -8.12
N ALA A 285 -20.28 10.00 -7.91
CA ALA A 285 -20.26 11.18 -7.06
C ALA A 285 -20.36 12.53 -7.80
N GLN A 286 -20.58 12.46 -9.11
CA GLN A 286 -20.67 13.67 -9.93
C GLN A 286 -21.80 14.58 -9.56
N ILE A 287 -21.54 15.87 -9.69
CA ILE A 287 -22.52 16.88 -9.37
C ILE A 287 -23.05 17.54 -10.60
N PHE A 288 -22.24 17.49 -11.64
CA PHE A 288 -22.59 18.09 -12.91
C PHE A 288 -23.24 17.13 -13.90
N ASN A 289 -23.59 17.66 -15.06
CA ASN A 289 -24.23 16.89 -16.09
C ASN A 289 -25.53 16.29 -15.54
N LYS A 290 -26.15 17.04 -14.64
CA LYS A 290 -27.41 16.72 -13.99
C LYS A 290 -28.11 18.07 -13.97
N PRO A 291 -29.41 18.10 -14.21
CA PRO A 291 -30.13 19.38 -14.19
C PRO A 291 -30.53 19.76 -12.79
N TYR A 292 -30.50 21.06 -12.49
CA TYR A 292 -30.89 21.54 -11.17
C TYR A 292 -32.19 22.31 -11.35
N TRP A 293 -33.22 21.94 -10.61
CA TRP A 293 -34.48 22.64 -10.73
C TRP A 293 -34.61 23.62 -9.56
N LEU A 294 -34.37 24.90 -9.85
CA LEU A 294 -34.47 25.96 -8.84
C LEU A 294 -35.92 26.37 -8.62
N GLN A 295 -36.73 25.51 -8.03
CA GLN A 295 -38.11 25.87 -7.81
C GLN A 295 -38.42 26.62 -6.53
N ARG A 296 -37.91 26.16 -5.41
CA ARG A 296 -38.15 26.82 -4.13
C ARG A 296 -36.82 27.27 -3.59
N ALA A 297 -36.57 28.56 -3.51
CA ALA A 297 -35.28 29.01 -2.97
C ALA A 297 -35.40 29.18 -1.46
N GLN A 298 -34.29 28.99 -0.77
CA GLN A 298 -34.28 29.14 0.69
C GLN A 298 -34.21 30.62 1.07
N GLY A 299 -33.80 31.43 0.11
CA GLY A 299 -33.68 32.87 0.29
C GLY A 299 -34.96 33.54 -0.17
N HIS A 300 -35.02 34.87 -0.04
CA HIS A 300 -36.22 35.58 -0.45
C HIS A 300 -36.25 35.80 -1.95
N ASN A 301 -35.08 35.84 -2.56
CA ASN A 301 -35.04 36.01 -4.00
C ASN A 301 -35.15 34.61 -4.59
N ASN A 302 -36.32 34.26 -5.12
CA ASN A 302 -36.49 32.93 -5.68
C ASN A 302 -36.05 32.79 -7.13
N GLY A 303 -34.77 33.04 -7.37
CA GLY A 303 -34.21 32.91 -8.70
C GLY A 303 -34.52 34.01 -9.68
N ILE A 304 -34.85 35.19 -9.18
CA ILE A 304 -35.13 36.29 -10.09
C ILE A 304 -33.80 36.87 -10.49
N CYS A 305 -33.57 37.01 -11.80
CA CYS A 305 -32.33 37.54 -12.33
C CYS A 305 -32.37 39.05 -12.52
N TRP A 306 -32.43 39.80 -11.43
CA TRP A 306 -32.46 41.25 -11.50
C TRP A 306 -31.28 41.75 -12.37
N GLY A 307 -31.54 42.75 -13.20
CA GLY A 307 -30.49 43.28 -14.05
C GLY A 307 -30.24 42.40 -15.26
N ASN A 308 -31.10 41.40 -15.46
CA ASN A 308 -30.93 40.50 -16.59
C ASN A 308 -29.53 39.91 -16.53
N GLN A 309 -29.09 39.65 -15.29
CA GLN A 309 -27.78 39.07 -15.02
C GLN A 309 -28.01 37.76 -14.33
N LEU A 310 -26.94 36.96 -14.26
CA LEU A 310 -27.03 35.65 -13.63
C LEU A 310 -25.58 35.17 -13.40
N PHE A 311 -25.28 34.74 -12.19
CA PHE A 311 -23.94 34.27 -11.88
C PHE A 311 -23.87 32.78 -11.63
N VAL A 312 -22.93 32.13 -12.29
CA VAL A 312 -22.76 30.68 -12.09
C VAL A 312 -21.32 30.41 -11.73
N THR A 313 -21.08 30.11 -10.47
CA THR A 313 -19.75 29.83 -10.01
C THR A 313 -19.58 28.31 -9.96
N VAL A 314 -18.43 27.83 -10.43
CA VAL A 314 -18.13 26.40 -10.45
C VAL A 314 -16.69 26.07 -10.10
N VAL A 315 -16.48 24.92 -9.49
CA VAL A 315 -15.14 24.44 -9.15
C VAL A 315 -15.28 22.93 -9.32
N ASP A 316 -14.46 22.34 -10.17
CA ASP A 316 -14.52 20.91 -10.39
C ASP A 316 -13.11 20.39 -10.52
N THR A 317 -12.67 19.66 -9.53
CA THR A 317 -11.32 19.11 -9.55
C THR A 317 -11.36 17.62 -9.89
N THR A 318 -12.50 17.14 -10.42
CA THR A 318 -12.61 15.74 -10.76
C THR A 318 -12.23 15.49 -12.22
N ARG A 319 -11.63 16.50 -12.84
CA ARG A 319 -11.19 16.41 -14.24
C ARG A 319 -9.94 17.26 -14.35
N SER A 320 -9.13 17.21 -13.32
CA SER A 320 -7.92 18.01 -13.26
C SER A 320 -6.70 17.46 -13.98
N THR A 321 -6.88 16.41 -14.75
CA THR A 321 -5.78 15.81 -15.49
C THR A 321 -4.98 16.86 -16.26
N ASN A 322 -3.66 16.85 -16.07
CA ASN A 322 -2.77 17.75 -16.78
C ASN A 322 -2.08 16.82 -17.77
N MET A 323 -1.83 17.28 -18.99
CA MET A 323 -1.17 16.42 -19.95
C MET A 323 0.19 16.98 -20.33
N SER A 324 1.21 16.16 -20.24
CA SER A 324 2.54 16.61 -20.61
C SER A 324 2.74 16.32 -22.09
N LEU A 325 3.19 17.31 -22.83
CA LEU A 325 3.46 17.11 -24.24
C LEU A 325 4.87 17.61 -24.49
N CYS A 326 5.72 16.76 -25.08
CA CYS A 326 7.09 17.18 -25.37
C CYS A 326 7.38 17.05 -26.85
N ALA A 327 8.13 18.02 -27.35
CA ALA A 327 8.54 18.09 -28.76
C ALA A 327 10.03 17.86 -28.85
N ALA A 328 10.44 17.14 -29.89
CA ALA A 328 11.85 16.84 -30.12
C ALA A 328 12.52 18.05 -30.78
N ILE A 329 13.76 18.33 -30.36
CA ILE A 329 14.49 19.45 -30.94
C ILE A 329 15.09 18.93 -32.24
N SER A 330 15.31 17.62 -32.30
CA SER A 330 15.87 16.98 -33.48
C SER A 330 15.21 15.63 -33.68
N THR A 331 14.90 15.30 -34.94
CA THR A 331 14.27 14.03 -35.26
C THR A 331 15.27 13.07 -35.93
N SER A 332 16.54 13.21 -35.58
CA SER A 332 17.60 12.39 -36.14
C SER A 332 17.99 11.19 -35.26
N GLU A 333 18.99 11.41 -34.40
CA GLU A 333 19.53 10.38 -33.51
C GLU A 333 18.51 9.37 -33.01
N THR A 334 18.91 8.10 -33.04
CA THR A 334 18.08 7.01 -32.59
C THR A 334 18.41 6.63 -31.16
N THR A 335 18.98 7.60 -30.44
CA THR A 335 19.37 7.38 -29.06
C THR A 335 18.78 8.48 -28.21
N TYR A 336 18.01 8.09 -27.21
CA TYR A 336 17.37 9.05 -26.34
C TYR A 336 18.39 9.99 -25.69
N LYS A 337 18.02 11.26 -25.58
CA LYS A 337 18.86 12.26 -24.93
C LYS A 337 17.87 13.21 -24.29
N ASN A 338 17.94 13.37 -22.98
CA ASN A 338 16.98 14.29 -22.35
C ASN A 338 17.09 15.68 -22.90
N THR A 339 18.30 15.90 -23.41
CA THR A 339 18.71 17.10 -24.06
C THR A 339 17.97 17.40 -25.37
N ASN A 340 17.51 16.34 -26.03
CA ASN A 340 16.84 16.46 -27.31
C ASN A 340 15.34 16.73 -27.21
N PHE A 341 14.75 16.66 -26.01
CA PHE A 341 13.30 16.89 -25.86
C PHE A 341 12.90 17.97 -24.87
N LYS A 342 12.07 18.89 -25.34
CA LYS A 342 11.57 19.96 -24.49
C LYS A 342 10.23 19.51 -23.89
N GLU A 343 10.17 19.38 -22.57
CA GLU A 343 8.95 18.95 -21.90
C GLU A 343 8.07 20.12 -21.48
N TYR A 344 6.76 19.99 -21.67
CA TYR A 344 5.83 21.05 -21.27
C TYR A 344 4.65 20.43 -20.53
N LEU A 345 3.73 21.28 -20.07
CA LEU A 345 2.51 20.87 -19.36
C LEU A 345 1.34 21.75 -19.79
N ARG A 346 0.19 21.13 -20.05
CA ARG A 346 -1.00 21.85 -20.46
C ARG A 346 -2.24 21.22 -19.84
N HIS A 347 -3.25 22.02 -19.54
CA HIS A 347 -4.47 21.50 -18.96
C HIS A 347 -5.68 22.07 -19.69
N GLY A 348 -6.65 21.22 -20.02
CA GLY A 348 -7.83 21.68 -20.71
C GLY A 348 -9.12 21.52 -19.91
N GLU A 349 -10.00 22.51 -20.02
CA GLU A 349 -11.27 22.48 -19.33
C GLU A 349 -12.40 22.65 -20.34
N GLU A 350 -13.47 21.87 -20.20
CA GLU A 350 -14.60 21.92 -21.14
C GLU A 350 -15.94 22.12 -20.44
N TYR A 351 -16.61 23.24 -20.72
CA TYR A 351 -17.90 23.52 -20.12
C TYR A 351 -19.00 23.67 -21.15
N ASP A 352 -20.24 23.61 -20.69
CA ASP A 352 -21.42 23.75 -21.53
C ASP A 352 -22.59 24.10 -20.63
N LEU A 353 -22.90 25.38 -20.54
CA LEU A 353 -23.98 25.82 -19.68
C LEU A 353 -25.32 25.83 -20.41
N GLN A 354 -26.37 25.44 -19.69
CA GLN A 354 -27.72 25.39 -20.26
C GLN A 354 -28.72 25.89 -19.21
N PHE A 355 -29.69 26.68 -19.64
CA PHE A 355 -30.65 27.21 -18.69
C PHE A 355 -32.07 27.19 -19.23
N ILE A 356 -33.04 27.22 -18.32
CA ILE A 356 -34.44 27.29 -18.67
C ILE A 356 -34.93 28.52 -17.91
N PHE A 357 -35.41 29.52 -18.63
CA PHE A 357 -35.87 30.75 -17.98
C PHE A 357 -37.37 30.96 -18.10
N GLN A 358 -37.96 31.46 -17.02
CA GLN A 358 -39.40 31.72 -17.00
C GLN A 358 -39.62 33.22 -16.95
N LEU A 359 -40.41 33.72 -17.89
CA LEU A 359 -40.71 35.15 -17.95
C LEU A 359 -41.59 35.52 -16.74
N CYS A 360 -41.35 36.72 -16.19
CA CYS A 360 -42.09 37.20 -15.04
C CYS A 360 -42.46 38.66 -15.22
N LYS A 361 -43.54 39.09 -14.56
CA LYS A 361 -43.99 40.48 -14.67
C LYS A 361 -44.18 41.11 -13.30
N ILE A 362 -43.89 42.40 -13.20
CA ILE A 362 -44.01 43.15 -11.96
C ILE A 362 -44.87 44.40 -12.16
N THR A 363 -46.03 44.47 -11.52
CA THR A 363 -46.87 45.67 -11.63
C THR A 363 -46.25 46.73 -10.74
N LEU A 364 -45.71 47.78 -11.35
CA LEU A 364 -45.05 48.84 -10.62
C LEU A 364 -45.91 49.74 -9.76
N THR A 365 -46.52 49.19 -8.71
CA THR A 365 -47.32 50.01 -7.82
C THR A 365 -46.38 50.87 -6.98
N ALA A 366 -46.96 51.63 -6.07
CA ALA A 366 -46.19 52.52 -5.20
C ALA A 366 -45.29 51.70 -4.29
N ASP A 367 -45.92 50.87 -3.48
CA ASP A 367 -45.23 50.00 -2.54
C ASP A 367 -44.12 49.23 -3.23
N VAL A 368 -44.49 48.60 -4.34
CA VAL A 368 -43.52 47.82 -5.08
C VAL A 368 -42.34 48.67 -5.49
N MET A 369 -42.61 49.87 -5.99
CA MET A 369 -41.53 50.73 -6.40
C MET A 369 -40.67 51.18 -5.23
N THR A 370 -41.30 51.33 -4.06
CA THR A 370 -40.57 51.74 -2.86
C THR A 370 -39.63 50.61 -2.47
N TYR A 371 -40.18 49.39 -2.41
CA TYR A 371 -39.40 48.21 -2.06
C TYR A 371 -38.24 47.97 -3.02
N ILE A 372 -38.57 47.80 -4.30
CA ILE A 372 -37.55 47.55 -5.31
C ILE A 372 -36.50 48.66 -5.30
N HIS A 373 -36.93 49.88 -5.00
CA HIS A 373 -36.02 51.03 -4.96
C HIS A 373 -35.02 50.87 -3.82
N SER A 374 -35.53 50.56 -2.63
CA SER A 374 -34.67 50.36 -1.47
C SER A 374 -33.72 49.20 -1.75
N MET A 375 -34.30 48.06 -2.14
CA MET A 375 -33.54 46.85 -2.44
C MET A 375 -32.38 47.13 -3.37
N ASN A 376 -32.68 47.66 -4.55
CA ASN A 376 -31.64 47.96 -5.51
C ASN A 376 -32.08 49.00 -6.53
N SER A 377 -32.02 50.26 -6.13
CA SER A 377 -32.42 51.35 -7.02
C SER A 377 -32.12 51.18 -8.51
N THR A 378 -30.96 50.64 -8.87
CA THR A 378 -30.62 50.49 -10.29
C THR A 378 -31.68 49.74 -11.09
N ILE A 379 -32.43 48.86 -10.43
CA ILE A 379 -33.47 48.08 -11.10
C ILE A 379 -34.41 49.00 -11.84
N LEU A 380 -35.03 49.92 -11.11
CA LEU A 380 -35.96 50.89 -11.70
C LEU A 380 -35.30 51.85 -12.68
N GLU A 381 -34.12 52.33 -12.35
CA GLU A 381 -33.42 53.27 -13.20
C GLU A 381 -33.16 52.64 -14.56
N ASP A 382 -32.79 51.36 -14.55
CA ASP A 382 -32.51 50.66 -15.80
C ASP A 382 -33.78 50.35 -16.56
N TRP A 383 -34.89 50.17 -15.85
CA TRP A 383 -36.12 49.87 -16.53
C TRP A 383 -36.51 50.96 -17.50
N ASN A 384 -37.78 51.21 -17.73
CA ASN A 384 -38.11 52.22 -18.74
C ASN A 384 -36.99 53.25 -18.97
N GLU A 419 -22.95 52.03 -17.26
CA GLU A 419 -21.63 51.40 -17.19
C GLU A 419 -21.61 50.33 -16.08
N ASP A 420 -20.83 49.27 -16.31
CA ASP A 420 -20.67 48.10 -15.41
C ASP A 420 -20.19 48.41 -13.98
N PRO A 421 -21.04 48.18 -12.96
CA PRO A 421 -20.72 48.43 -11.55
C PRO A 421 -19.66 47.51 -10.94
N LEU A 422 -19.26 46.48 -11.69
CA LEU A 422 -18.23 45.55 -11.24
C LEU A 422 -17.13 45.46 -12.29
N LYS A 423 -16.77 46.61 -12.86
CA LYS A 423 -15.72 46.64 -13.89
C LYS A 423 -14.39 46.21 -13.27
N LYS A 424 -14.24 46.44 -11.98
CA LYS A 424 -13.02 46.08 -11.28
C LYS A 424 -12.72 44.62 -11.22
N TYR A 425 -13.79 43.84 -11.16
CA TYR A 425 -13.67 42.41 -11.09
C TYR A 425 -13.70 41.78 -12.46
N THR A 426 -13.10 40.61 -12.57
CA THR A 426 -13.10 39.92 -13.85
C THR A 426 -13.72 38.52 -13.77
N PHE A 427 -14.60 38.22 -14.72
CA PHE A 427 -15.23 36.91 -14.80
C PHE A 427 -15.38 36.47 -16.24
N TRP A 428 -15.63 35.18 -16.44
CA TRP A 428 -15.84 34.64 -17.77
C TRP A 428 -17.14 35.25 -18.27
N GLU A 429 -17.06 36.18 -19.21
CA GLU A 429 -18.25 36.82 -19.72
C GLU A 429 -18.98 35.90 -20.66
N VAL A 430 -20.28 35.74 -20.43
CA VAL A 430 -21.10 34.87 -21.28
C VAL A 430 -22.30 35.64 -21.79
N ASN A 431 -22.38 35.79 -23.11
CA ASN A 431 -23.50 36.52 -23.70
C ASN A 431 -24.57 35.58 -24.24
N LEU A 432 -25.76 35.67 -23.68
CA LEU A 432 -26.86 34.83 -24.11
C LEU A 432 -27.99 35.59 -24.79
N LYS A 433 -27.79 36.87 -25.07
CA LYS A 433 -28.83 37.68 -25.69
C LYS A 433 -29.35 37.12 -27.02
N GLU A 434 -28.53 36.37 -27.74
CA GLU A 434 -28.95 35.77 -29.01
C GLU A 434 -29.14 34.27 -28.90
N LYS A 435 -29.21 33.77 -27.68
CA LYS A 435 -29.36 32.33 -27.45
C LYS A 435 -30.69 31.83 -26.91
N PHE A 436 -31.62 32.73 -26.64
CA PHE A 436 -32.90 32.30 -26.15
C PHE A 436 -33.74 31.68 -27.25
N SER A 437 -34.41 30.59 -26.92
CA SER A 437 -35.30 29.89 -27.87
C SER A 437 -36.57 29.44 -27.16
N ALA A 438 -37.71 29.63 -27.80
CA ALA A 438 -38.98 29.24 -27.21
C ALA A 438 -39.27 27.75 -27.36
N ASP A 439 -38.49 27.05 -28.19
CA ASP A 439 -38.71 25.61 -28.38
C ASP A 439 -37.88 24.74 -27.48
N LEU A 440 -38.27 24.62 -26.21
CA LEU A 440 -37.53 23.82 -25.25
C LEU A 440 -37.34 22.44 -25.84
N ASP A 441 -38.37 22.02 -26.55
CA ASP A 441 -38.46 20.75 -27.22
C ASP A 441 -37.15 20.39 -27.93
N GLN A 442 -36.57 21.37 -28.63
CA GLN A 442 -35.35 21.19 -29.39
C GLN A 442 -34.04 21.08 -28.65
N PHE A 443 -34.08 21.11 -27.33
CA PHE A 443 -32.86 21.02 -26.54
C PHE A 443 -32.93 19.95 -25.46
N PRO A 444 -31.77 19.39 -25.09
CA PRO A 444 -31.77 18.37 -24.06
C PRO A 444 -32.27 18.84 -22.68
N LEU A 445 -31.85 20.02 -22.25
CA LEU A 445 -32.28 20.53 -20.96
C LEU A 445 -33.75 20.85 -21.07
N GLY A 446 -34.14 21.35 -22.23
CA GLY A 446 -35.54 21.68 -22.43
C GLY A 446 -36.43 20.44 -22.36
N ARG A 447 -36.02 19.35 -23.01
CA ARG A 447 -36.83 18.14 -22.97
C ARG A 447 -36.98 17.71 -21.52
N LYS A 448 -35.85 17.66 -20.81
CA LYS A 448 -35.82 17.25 -19.42
C LYS A 448 -36.80 18.06 -18.61
N PHE A 449 -36.80 19.38 -18.83
CA PHE A 449 -37.67 20.30 -18.11
C PHE A 449 -39.14 19.99 -18.34
N LEU A 450 -39.54 19.89 -19.61
CA LEU A 450 -40.95 19.58 -19.91
C LEU A 450 -41.36 18.30 -19.23
N LEU A 451 -40.61 17.23 -19.47
CA LEU A 451 -40.88 15.94 -18.87
C LEU A 451 -40.98 16.09 -17.34
N GLN A 452 -40.05 16.82 -16.74
CA GLN A 452 -40.07 17.01 -15.29
C GLN A 452 -41.30 17.78 -14.83
N LEU A 453 -41.54 18.95 -15.42
CA LEU A 453 -42.70 19.74 -15.03
C LEU A 453 -44.02 19.30 -15.67
N GLY A 454 -44.02 18.16 -16.36
CA GLY A 454 -45.23 17.68 -17.00
C GLY A 454 -45.79 18.69 -17.98
N LEU A 455 -46.65 19.57 -17.49
CA LEU A 455 -47.23 20.59 -18.36
C LEU A 455 -46.23 21.75 -18.54
N ALA B 1 -38.17 22.02 -37.61
CA ALA B 1 -38.22 21.52 -36.21
C ALA B 1 -38.12 20.01 -36.16
N VAL B 2 -37.41 19.46 -35.18
CA VAL B 2 -37.30 18.01 -35.10
C VAL B 2 -38.41 17.51 -34.18
N VAL B 3 -38.84 16.27 -34.38
CA VAL B 3 -39.90 15.73 -33.53
C VAL B 3 -39.61 14.30 -33.11
N SER B 4 -40.20 13.90 -32.00
CA SER B 4 -40.02 12.56 -31.48
C SER B 4 -40.47 11.57 -32.52
N THR B 5 -39.82 10.43 -32.56
CA THR B 5 -40.18 9.38 -33.50
C THR B 5 -41.58 8.83 -33.16
N ASP B 6 -42.02 9.04 -31.92
CA ASP B 6 -43.33 8.56 -31.53
C ASP B 6 -44.42 9.21 -32.35
N GLU B 7 -44.07 10.36 -32.93
CA GLU B 7 -44.99 11.12 -33.77
C GLU B 7 -45.36 10.41 -35.07
N TYR B 8 -44.33 10.03 -35.84
CA TYR B 8 -44.51 9.37 -37.13
C TYR B 8 -44.21 7.87 -37.21
N VAL B 9 -43.69 7.28 -36.14
CA VAL B 9 -43.41 5.85 -36.16
C VAL B 9 -44.45 5.08 -35.34
N ALA B 10 -45.14 4.16 -35.99
CA ALA B 10 -46.17 3.38 -35.36
C ALA B 10 -45.63 2.08 -34.77
N ARG B 11 -46.14 1.74 -33.60
CA ARG B 11 -45.68 0.56 -32.87
C ARG B 11 -46.61 -0.62 -33.07
N THR B 12 -46.09 -1.73 -33.57
CA THR B 12 -46.91 -2.91 -33.74
C THR B 12 -46.79 -3.70 -32.46
N ASN B 13 -47.38 -4.87 -32.46
CA ASN B 13 -47.38 -5.72 -31.30
C ASN B 13 -46.43 -6.90 -31.44
N ILE B 14 -45.67 -6.92 -32.53
CA ILE B 14 -44.74 -8.01 -32.79
C ILE B 14 -43.39 -7.72 -32.14
N TYR B 15 -42.81 -8.72 -31.49
CA TYR B 15 -41.50 -8.56 -30.87
C TYR B 15 -40.62 -9.72 -31.23
N TYR B 16 -39.36 -9.43 -31.54
CA TYR B 16 -38.42 -10.47 -31.87
C TYR B 16 -37.18 -10.39 -30.99
N HIS B 17 -36.57 -11.54 -30.75
CA HIS B 17 -35.35 -11.62 -29.95
C HIS B 17 -34.23 -11.92 -30.91
N ALA B 18 -33.04 -11.41 -30.62
CA ALA B 18 -31.90 -11.68 -31.49
C ALA B 18 -30.65 -11.63 -30.62
N GLY B 19 -29.68 -12.47 -30.95
CA GLY B 19 -28.48 -12.46 -30.15
C GLY B 19 -27.29 -13.10 -30.81
N THR B 20 -26.11 -12.60 -30.46
CA THR B 20 -24.86 -13.16 -30.96
C THR B 20 -24.67 -14.46 -30.19
N SER B 21 -24.01 -15.43 -30.78
CA SER B 21 -23.81 -16.70 -30.10
C SER B 21 -22.99 -16.48 -28.82
N ARG B 22 -21.78 -15.99 -29.01
CA ARG B 22 -20.83 -15.73 -27.93
C ARG B 22 -19.59 -15.25 -28.64
N LEU B 23 -19.34 -13.96 -28.62
CA LEU B 23 -18.18 -13.40 -29.27
C LEU B 23 -16.96 -13.62 -28.41
N LEU B 24 -15.82 -13.90 -29.04
CA LEU B 24 -14.61 -14.16 -28.31
C LEU B 24 -13.45 -13.45 -28.95
N ALA B 25 -12.57 -12.87 -28.14
CA ALA B 25 -11.41 -12.13 -28.67
C ALA B 25 -10.16 -12.42 -27.88
N VAL B 26 -9.11 -12.88 -28.56
CA VAL B 26 -7.87 -13.21 -27.90
C VAL B 26 -6.69 -12.57 -28.62
N GLY B 27 -5.78 -12.00 -27.85
CA GLY B 27 -4.63 -11.37 -28.49
C GLY B 27 -3.64 -10.88 -27.45
N HIS B 28 -2.70 -10.06 -27.87
CA HIS B 28 -1.71 -9.52 -26.98
C HIS B 28 -2.28 -8.23 -26.39
N PRO B 29 -2.12 -8.03 -25.07
CA PRO B 29 -2.61 -6.85 -24.37
C PRO B 29 -2.04 -5.48 -24.74
N TYR B 30 -0.76 -5.44 -25.15
CA TYR B 30 -0.12 -4.15 -25.45
C TYR B 30 0.07 -3.77 -26.91
N PHE B 31 0.35 -4.74 -27.75
CA PHE B 31 0.59 -4.45 -29.16
C PHE B 31 0.38 -5.68 -30.02
N PRO B 32 0.20 -5.50 -31.33
CA PRO B 32 -0.02 -6.67 -32.16
C PRO B 32 1.27 -7.38 -32.51
N ILE B 33 1.20 -8.69 -32.59
CA ILE B 33 2.35 -9.49 -32.96
C ILE B 33 2.27 -9.72 -34.47
N LYS B 34 3.31 -9.32 -35.19
CA LYS B 34 3.34 -9.52 -36.63
C LYS B 34 4.71 -9.95 -37.12
N LYS B 35 4.79 -10.33 -38.39
CA LYS B 35 6.07 -10.72 -38.97
C LYS B 35 6.91 -9.43 -39.18
N PRO B 36 8.17 -9.41 -38.67
CA PRO B 36 9.08 -8.26 -38.77
C PRO B 36 9.26 -7.74 -40.20
N ASN B 37 9.65 -8.65 -41.09
CA ASN B 37 9.87 -8.36 -42.50
C ASN B 37 8.54 -8.02 -43.18
N ASN B 38 7.47 -8.61 -42.66
CA ASN B 38 6.12 -8.45 -43.16
C ASN B 38 5.34 -7.36 -42.41
N ASN B 39 4.03 -7.29 -42.65
CA ASN B 39 3.17 -6.32 -41.96
C ASN B 39 1.81 -6.92 -41.64
N LYS B 40 1.66 -8.16 -42.07
CA LYS B 40 0.44 -8.91 -41.82
C LYS B 40 0.39 -9.16 -40.31
N ILE B 41 -0.79 -9.02 -39.71
CA ILE B 41 -0.94 -9.22 -38.27
C ILE B 41 -1.13 -10.70 -37.95
N LEU B 42 -0.21 -11.22 -37.15
CA LEU B 42 -0.23 -12.62 -36.76
C LEU B 42 -1.12 -12.82 -35.54
N VAL B 43 -0.97 -11.91 -34.58
CA VAL B 43 -1.77 -11.91 -33.36
C VAL B 43 -2.18 -10.47 -33.13
N PRO B 44 -3.48 -10.23 -32.95
CA PRO B 44 -3.94 -8.85 -32.73
C PRO B 44 -3.81 -8.33 -31.29
N LYS B 45 -3.89 -7.01 -31.15
CA LYS B 45 -3.83 -6.39 -29.84
C LYS B 45 -5.25 -6.45 -29.25
N VAL B 46 -5.39 -7.17 -28.14
CA VAL B 46 -6.69 -7.29 -27.48
C VAL B 46 -6.52 -6.92 -26.01
N SER B 47 -7.05 -5.77 -25.64
CA SER B 47 -6.95 -5.26 -24.28
C SER B 47 -8.29 -4.82 -23.69
N GLY B 48 -8.40 -4.93 -22.37
CA GLY B 48 -9.63 -4.52 -21.74
C GLY B 48 -9.77 -3.01 -21.78
N LEU B 49 -8.73 -2.34 -22.25
CA LEU B 49 -8.75 -0.91 -22.34
C LEU B 49 -9.13 -0.35 -23.70
N GLN B 50 -9.61 -1.21 -24.59
CA GLN B 50 -10.00 -0.73 -25.89
C GLN B 50 -11.52 -0.60 -25.93
N TYR B 51 -11.99 0.21 -26.88
CA TYR B 51 -13.42 0.38 -27.07
C TYR B 51 -13.81 -0.80 -27.95
N ARG B 52 -15.04 -1.26 -27.78
CA ARG B 52 -15.59 -2.34 -28.57
C ARG B 52 -16.81 -1.72 -29.22
N VAL B 53 -16.73 -1.48 -30.51
CA VAL B 53 -17.84 -0.88 -31.20
C VAL B 53 -18.45 -1.91 -32.13
N PHE B 54 -19.65 -2.37 -31.77
CA PHE B 54 -20.36 -3.35 -32.56
C PHE B 54 -21.34 -2.74 -33.56
N ARG B 55 -21.16 -3.11 -34.82
CA ARG B 55 -22.01 -2.66 -35.92
C ARG B 55 -22.98 -3.83 -36.13
N ILE B 56 -24.18 -3.69 -35.55
CA ILE B 56 -25.22 -4.72 -35.61
C ILE B 56 -26.07 -4.65 -36.85
N HIS B 57 -26.04 -5.70 -37.65
CA HIS B 57 -26.83 -5.71 -38.88
C HIS B 57 -28.13 -6.46 -38.67
N LEU B 58 -29.23 -5.79 -38.98
CA LEU B 58 -30.54 -6.38 -38.81
C LEU B 58 -31.19 -6.75 -40.14
N PRO B 59 -32.02 -7.78 -40.15
CA PRO B 59 -32.66 -8.13 -41.42
C PRO B 59 -33.66 -7.02 -41.75
N ASP B 60 -33.70 -6.60 -43.01
CA ASP B 60 -34.66 -5.55 -43.42
C ASP B 60 -36.08 -6.06 -43.15
N PRO B 61 -36.81 -5.43 -42.22
CA PRO B 61 -38.17 -5.89 -41.95
C PRO B 61 -39.07 -5.90 -43.18
N ASN B 62 -38.71 -5.12 -44.20
CA ASN B 62 -39.50 -5.04 -45.43
C ASN B 62 -39.24 -6.25 -46.33
N LYS B 63 -38.00 -6.74 -46.30
CA LYS B 63 -37.61 -7.91 -47.10
C LYS B 63 -37.88 -9.19 -46.30
N PHE B 64 -37.98 -9.04 -44.98
CA PHE B 64 -38.24 -10.14 -44.06
C PHE B 64 -39.49 -10.91 -44.43
N GLY B 65 -39.58 -12.15 -43.98
CA GLY B 65 -40.72 -12.98 -44.29
C GLY B 65 -41.55 -13.32 -43.07
N PHE B 66 -42.53 -12.49 -42.76
CA PHE B 66 -43.38 -12.74 -41.61
C PHE B 66 -44.50 -13.72 -41.96
N PRO B 67 -44.95 -14.50 -40.97
CA PRO B 67 -46.02 -15.47 -41.16
C PRO B 67 -47.31 -14.74 -41.53
N ASP B 68 -47.51 -13.58 -40.91
CA ASP B 68 -48.67 -12.77 -41.19
C ASP B 68 -48.20 -11.39 -41.64
N THR B 69 -48.87 -10.82 -42.63
CA THR B 69 -48.52 -9.49 -43.15
C THR B 69 -49.73 -8.57 -43.25
N SER B 70 -50.81 -8.94 -42.56
CA SER B 70 -52.04 -8.17 -42.54
C SER B 70 -51.92 -6.95 -41.63
N PHE B 71 -50.99 -7.01 -40.68
CA PHE B 71 -50.79 -5.94 -39.73
C PHE B 71 -50.39 -4.59 -40.34
N TYR B 72 -50.09 -4.56 -41.64
CA TYR B 72 -49.74 -3.30 -42.30
C TYR B 72 -49.96 -3.29 -43.83
N ASN B 73 -49.97 -2.10 -44.40
CA ASN B 73 -50.17 -1.94 -45.83
C ASN B 73 -48.84 -1.60 -46.52
N PRO B 74 -48.25 -2.56 -47.21
CA PRO B 74 -46.98 -2.39 -47.93
C PRO B 74 -47.00 -1.36 -49.06
N ASP B 75 -48.15 -0.73 -49.27
CA ASP B 75 -48.30 0.28 -50.32
C ASP B 75 -48.17 1.68 -49.73
N THR B 76 -48.90 1.93 -48.65
CA THR B 76 -48.86 3.23 -48.00
C THR B 76 -47.72 3.34 -47.00
N GLN B 77 -47.29 2.21 -46.43
CA GLN B 77 -46.25 2.26 -45.42
C GLN B 77 -45.00 1.38 -45.56
N ARG B 78 -44.09 1.51 -44.60
CA ARG B 78 -42.83 0.78 -44.57
C ARG B 78 -42.59 0.28 -43.14
N LEU B 79 -41.61 -0.61 -42.99
CA LEU B 79 -41.31 -1.16 -41.67
C LEU B 79 -39.89 -0.85 -41.17
N VAL B 80 -39.77 -0.65 -39.86
CA VAL B 80 -38.47 -0.36 -39.20
C VAL B 80 -38.39 -1.11 -37.90
N TRP B 81 -37.18 -1.53 -37.55
CA TRP B 81 -37.00 -2.22 -36.28
C TRP B 81 -36.71 -1.19 -35.17
N ALA B 82 -37.30 -1.41 -34.01
CA ALA B 82 -37.07 -0.53 -32.86
C ALA B 82 -36.44 -1.34 -31.73
N CYS B 83 -35.31 -0.88 -31.24
CA CYS B 83 -34.63 -1.56 -30.14
C CYS B 83 -35.32 -1.25 -28.81
N VAL B 84 -35.79 -2.28 -28.13
CA VAL B 84 -36.49 -2.08 -26.88
C VAL B 84 -35.80 -2.71 -25.68
N GLY B 85 -34.86 -3.61 -25.92
CA GLY B 85 -34.17 -4.23 -24.81
C GLY B 85 -32.80 -4.71 -25.21
N VAL B 86 -31.82 -4.49 -24.34
CA VAL B 86 -30.45 -4.91 -24.63
C VAL B 86 -29.82 -5.51 -23.40
N GLU B 87 -29.02 -6.55 -23.60
CA GLU B 87 -28.32 -7.18 -22.49
C GLU B 87 -26.89 -7.44 -22.96
N VAL B 88 -25.95 -6.68 -22.42
CA VAL B 88 -24.56 -6.88 -22.81
C VAL B 88 -23.95 -7.91 -21.86
N GLY B 89 -23.88 -9.16 -22.30
CA GLY B 89 -23.30 -10.20 -21.46
C GLY B 89 -21.80 -10.18 -21.52
N ARG B 90 -21.16 -10.34 -20.36
CA ARG B 90 -19.69 -10.35 -20.25
C ARG B 90 -19.36 -11.68 -19.60
N GLY B 91 -18.24 -12.29 -19.96
CA GLY B 91 -17.99 -13.59 -19.43
C GLY B 91 -16.74 -14.04 -18.72
N GLN B 92 -15.71 -13.23 -18.64
CA GLN B 92 -14.56 -13.75 -17.93
C GLN B 92 -14.71 -13.36 -16.48
N PRO B 93 -13.83 -13.85 -15.61
CA PRO B 93 -13.97 -13.46 -14.19
C PRO B 93 -13.48 -12.00 -14.02
N LEU B 94 -14.00 -11.32 -13.01
CA LEU B 94 -13.59 -9.93 -12.75
C LEU B 94 -12.13 -9.90 -12.37
N GLY B 95 -11.44 -8.87 -12.80
CA GLY B 95 -10.01 -8.76 -12.47
C GLY B 95 -9.37 -7.52 -13.04
N VAL B 96 -8.17 -7.19 -12.58
CA VAL B 96 -7.52 -5.98 -13.08
C VAL B 96 -6.23 -6.25 -13.81
N GLY B 97 -6.08 -5.60 -14.96
CA GLY B 97 -4.90 -5.74 -15.78
C GLY B 97 -3.72 -4.92 -15.26
N ILE B 98 -2.87 -4.49 -16.16
CA ILE B 98 -1.69 -3.72 -15.77
C ILE B 98 -0.87 -3.43 -17.03
N SER B 99 -0.39 -2.20 -17.17
CA SER B 99 0.38 -1.80 -18.35
C SER B 99 1.57 -0.95 -17.94
N GLY B 100 2.66 -1.09 -18.69
CA GLY B 100 3.85 -0.31 -18.39
C GLY B 100 4.69 0.03 -19.60
N HIS B 101 5.93 0.42 -19.35
CA HIS B 101 6.86 0.75 -20.42
C HIS B 101 8.27 0.49 -19.86
N PRO B 102 9.12 -0.21 -20.62
CA PRO B 102 10.50 -0.55 -20.23
C PRO B 102 11.38 0.68 -20.13
N LEU B 103 10.96 1.75 -20.80
CA LEU B 103 11.71 3.00 -20.78
C LEU B 103 10.76 4.19 -20.56
N LEU B 104 10.01 4.16 -19.46
CA LEU B 104 9.08 5.23 -19.15
C LEU B 104 9.82 6.45 -18.68
N ASN B 105 9.42 7.63 -19.15
CA ASN B 105 10.09 8.86 -18.74
C ASN B 105 9.73 9.25 -17.30
N LYS B 106 10.46 8.66 -16.36
CA LYS B 106 10.24 8.94 -14.95
C LYS B 106 11.56 9.26 -14.28
N LEU B 107 11.77 10.53 -14.00
CA LEU B 107 13.00 10.97 -13.37
C LEU B 107 12.98 10.45 -11.93
N ASP B 108 12.60 11.30 -10.98
CA ASP B 108 12.56 10.84 -9.61
C ASP B 108 11.19 10.80 -8.95
N ASP B 109 11.15 10.18 -7.77
CA ASP B 109 9.94 10.06 -6.99
C ASP B 109 9.74 11.40 -6.28
N THR B 110 8.69 12.14 -6.65
CA THR B 110 8.50 13.43 -6.03
C THR B 110 7.48 13.46 -4.91
N GLU B 111 6.94 12.27 -4.56
CA GLU B 111 5.92 12.13 -3.51
C GLU B 111 6.47 12.36 -2.11
N ASN B 112 7.78 12.15 -1.97
CA ASN B 112 8.47 12.32 -0.70
C ASN B 112 9.96 12.12 -0.95
N ALA B 113 10.78 13.13 -0.69
CA ALA B 113 12.22 13.03 -0.89
C ALA B 113 13.00 13.49 0.33
N SER B 114 14.06 12.77 0.69
CA SER B 114 14.88 13.09 1.86
C SER B 114 16.05 14.03 1.57
N ALA B 115 16.44 14.12 0.31
CA ALA B 115 17.53 14.98 -0.10
C ALA B 115 17.27 15.35 -1.54
N TYR B 116 17.85 16.47 -1.98
CA TYR B 116 17.63 16.90 -3.35
C TYR B 116 18.16 15.84 -4.31
N ALA B 117 17.33 15.45 -5.27
CA ALA B 117 17.70 14.44 -6.26
C ALA B 117 18.96 14.83 -7.01
N ALA B 118 19.68 13.83 -7.52
CA ALA B 118 20.93 14.03 -8.25
C ALA B 118 20.84 15.02 -9.41
N ASN B 119 21.21 14.56 -10.62
CA ASN B 119 21.15 15.40 -11.80
C ASN B 119 20.84 14.55 -13.03
N ALA B 120 19.87 15.00 -13.82
CA ALA B 120 19.48 14.27 -15.01
C ALA B 120 20.69 14.12 -15.94
N GLY B 121 21.02 12.88 -16.26
CA GLY B 121 22.13 12.62 -17.15
C GLY B 121 21.55 12.42 -18.54
N VAL B 122 21.82 11.25 -19.11
CA VAL B 122 21.29 10.94 -20.43
C VAL B 122 20.41 9.74 -20.21
N ASP B 123 19.15 9.81 -20.60
CA ASP B 123 18.27 8.66 -20.43
C ASP B 123 18.21 8.10 -18.99
N ASN B 124 17.30 8.66 -18.19
CA ASN B 124 17.09 8.22 -16.81
C ASN B 124 15.78 7.42 -16.73
N ARG B 125 15.29 6.98 -17.88
CA ARG B 125 14.05 6.23 -17.98
C ARG B 125 14.07 4.94 -17.16
N GLU B 126 12.91 4.58 -16.57
CA GLU B 126 12.77 3.38 -15.76
C GLU B 126 11.70 2.42 -16.30
N CYS B 127 11.82 1.14 -15.95
CA CYS B 127 10.85 0.13 -16.37
C CYS B 127 9.71 0.23 -15.36
N ILE B 128 8.60 0.86 -15.76
CA ILE B 128 7.49 1.06 -14.85
C ILE B 128 6.10 0.68 -15.34
N SER B 129 5.31 0.09 -14.45
CA SER B 129 3.95 -0.30 -14.78
C SER B 129 2.93 0.34 -13.84
N MET B 130 1.65 0.25 -14.22
CA MET B 130 0.61 0.85 -13.42
C MET B 130 -0.73 0.20 -13.74
N ASP B 131 -1.71 0.39 -12.86
CA ASP B 131 -3.05 -0.15 -13.08
C ASP B 131 -3.91 1.05 -13.50
N TYR B 132 -4.30 1.04 -14.77
CA TYR B 132 -5.10 2.11 -15.36
C TYR B 132 -6.38 2.44 -14.61
N LYS B 133 -7.01 3.54 -14.99
CA LYS B 133 -8.25 3.93 -14.34
C LYS B 133 -9.40 3.04 -14.82
N GLN B 134 -10.23 2.65 -13.88
CA GLN B 134 -11.36 1.80 -14.16
C GLN B 134 -12.42 2.55 -14.97
N THR B 135 -12.96 1.89 -16.00
CA THR B 135 -14.00 2.49 -16.82
C THR B 135 -14.99 1.44 -17.29
N GLN B 136 -16.27 1.74 -17.15
CA GLN B 136 -17.34 0.85 -17.62
C GLN B 136 -18.29 1.76 -18.35
N LEU B 137 -18.60 1.45 -19.61
CA LEU B 137 -19.54 2.28 -20.33
C LEU B 137 -20.23 1.53 -21.45
N CYS B 138 -21.43 1.98 -21.78
CA CYS B 138 -22.20 1.36 -22.84
C CYS B 138 -23.03 2.41 -23.56
N LEU B 139 -22.77 2.57 -24.85
CA LEU B 139 -23.47 3.54 -25.68
C LEU B 139 -24.28 2.80 -26.74
N ILE B 140 -25.53 3.20 -26.95
CA ILE B 140 -26.38 2.58 -27.96
C ILE B 140 -27.09 3.62 -28.80
N GLY B 141 -27.06 3.44 -30.11
CA GLY B 141 -27.72 4.35 -31.02
C GLY B 141 -27.74 3.72 -32.41
N CYS B 142 -28.26 4.45 -33.40
CA CYS B 142 -28.29 3.90 -34.76
C CYS B 142 -27.22 4.54 -35.62
N LYS B 143 -26.33 5.30 -35.00
CA LYS B 143 -25.21 5.94 -35.69
C LYS B 143 -23.96 5.62 -34.86
N PRO B 144 -22.80 5.57 -35.51
CA PRO B 144 -21.60 5.27 -34.71
C PRO B 144 -21.36 6.33 -33.64
N PRO B 145 -20.68 5.96 -32.56
CA PRO B 145 -20.36 6.87 -31.44
C PRO B 145 -19.29 7.90 -31.80
N ILE B 146 -19.34 9.06 -31.16
CA ILE B 146 -18.36 10.10 -31.43
C ILE B 146 -17.55 10.47 -30.22
N GLY B 147 -16.23 10.53 -30.40
CA GLY B 147 -15.37 10.89 -29.30
C GLY B 147 -14.62 12.21 -29.45
N GLU B 148 -13.93 12.60 -28.39
CA GLU B 148 -13.13 13.81 -28.37
C GLU B 148 -11.77 13.47 -27.78
N HIS B 149 -10.74 14.20 -28.20
CA HIS B 149 -9.39 14.00 -27.69
C HIS B 149 -8.58 15.22 -28.09
N TRP B 150 -7.48 15.46 -27.38
CA TRP B 150 -6.66 16.60 -27.74
C TRP B 150 -5.59 16.13 -28.71
N GLY B 151 -5.40 16.90 -29.77
CA GLY B 151 -4.40 16.56 -30.76
C GLY B 151 -3.58 17.79 -31.07
N LYS B 152 -2.68 17.70 -32.05
CA LYS B 152 -1.85 18.85 -32.39
C LYS B 152 -2.61 19.77 -33.34
N GLY B 153 -3.00 20.94 -32.84
CA GLY B 153 -3.71 21.87 -33.71
C GLY B 153 -2.80 22.42 -34.80
N SER B 154 -3.41 23.09 -35.78
CA SER B 154 -2.64 23.69 -36.86
C SER B 154 -2.08 25.02 -36.34
N PRO B 155 -0.81 25.34 -36.63
CA PRO B 155 -0.20 26.58 -36.15
C PRO B 155 -0.63 27.82 -36.94
N CYS B 156 -0.58 28.98 -36.27
CA CYS B 156 -0.91 30.29 -36.86
C CYS B 156 0.25 30.70 -37.76
N THR B 157 -0.04 31.28 -38.94
CA THR B 157 1.05 31.68 -39.82
C THR B 157 1.73 32.96 -39.36
N GLN B 158 2.72 32.79 -38.49
CA GLN B 158 3.50 33.89 -37.96
C GLN B 158 4.88 33.39 -37.54
N VAL B 159 5.09 33.44 -36.23
CA VAL B 159 6.32 33.02 -35.58
C VAL B 159 6.72 31.60 -35.95
N ALA B 160 7.73 31.45 -36.80
CA ALA B 160 8.16 30.12 -37.23
C ALA B 160 8.43 29.21 -36.03
N VAL B 161 7.67 28.13 -35.95
CA VAL B 161 7.82 27.16 -34.87
C VAL B 161 9.28 26.73 -34.73
N GLN B 162 9.92 27.18 -33.65
CA GLN B 162 11.30 26.81 -33.38
C GLN B 162 11.26 25.33 -33.01
N PRO B 163 12.23 24.53 -33.48
CA PRO B 163 12.20 23.11 -33.13
C PRO B 163 12.10 22.91 -31.60
N GLY B 164 11.29 21.96 -31.14
CA GLY B 164 11.17 21.74 -29.72
C GLY B 164 10.10 22.61 -29.08
N ASP B 165 9.60 23.58 -29.84
CA ASP B 165 8.55 24.48 -29.37
C ASP B 165 7.33 23.63 -28.98
N CYS B 166 6.61 24.05 -27.95
CA CYS B 166 5.43 23.30 -27.52
C CYS B 166 4.39 23.32 -28.64
N PRO B 167 3.83 22.14 -29.00
CA PRO B 167 2.82 22.09 -30.07
C PRO B 167 1.48 22.59 -29.60
N PRO B 168 0.72 23.22 -30.51
CA PRO B 168 -0.60 23.75 -30.16
C PRO B 168 -1.66 22.64 -30.01
N LEU B 169 -2.56 22.82 -29.05
CA LEU B 169 -3.63 21.84 -28.78
C LEU B 169 -4.92 22.16 -29.52
N GLU B 170 -5.74 21.15 -29.74
CA GLU B 170 -6.98 21.35 -30.44
C GLU B 170 -7.89 20.16 -30.14
N LEU B 171 -9.08 20.42 -29.59
CA LEU B 171 -10.00 19.33 -29.31
C LEU B 171 -10.51 18.82 -30.65
N ILE B 172 -10.30 17.54 -30.92
CA ILE B 172 -10.68 16.93 -32.18
C ILE B 172 -11.75 15.86 -32.03
N ASN B 173 -12.87 16.07 -32.73
CA ASN B 173 -13.97 15.14 -32.70
C ASN B 173 -13.65 14.04 -33.69
N THR B 174 -13.91 12.80 -33.32
CA THR B 174 -13.59 11.69 -34.19
C THR B 174 -14.68 10.63 -34.07
N VAL B 175 -14.64 9.62 -34.94
CA VAL B 175 -15.62 8.55 -34.82
C VAL B 175 -14.90 7.51 -33.97
N ILE B 176 -15.58 6.96 -32.97
CA ILE B 176 -14.94 5.96 -32.14
C ILE B 176 -15.02 4.59 -32.81
N GLN B 177 -13.87 4.10 -33.23
CA GLN B 177 -13.79 2.83 -33.90
C GLN B 177 -13.45 1.69 -32.95
N ASP B 178 -13.81 0.49 -33.37
CA ASP B 178 -13.56 -0.71 -32.60
C ASP B 178 -12.07 -0.91 -32.47
N GLY B 179 -11.57 -0.95 -31.24
CA GLY B 179 -10.16 -1.17 -31.07
C GLY B 179 -9.47 0.07 -30.58
N ASP B 180 -10.17 1.20 -30.64
CA ASP B 180 -9.60 2.45 -30.14
C ASP B 180 -9.32 2.31 -28.63
N MET B 181 -8.46 3.15 -28.09
CA MET B 181 -8.14 3.10 -26.67
C MET B 181 -8.93 4.12 -25.85
N VAL B 182 -9.19 3.76 -24.59
CA VAL B 182 -9.95 4.62 -23.67
C VAL B 182 -8.98 5.39 -22.80
N ASP B 183 -9.35 6.59 -22.40
CA ASP B 183 -8.50 7.37 -21.53
C ASP B 183 -8.16 6.42 -20.37
N THR B 184 -6.89 6.37 -20.00
CA THR B 184 -6.44 5.45 -18.96
C THR B 184 -5.93 6.14 -17.69
N GLY B 185 -6.07 7.46 -17.64
CA GLY B 185 -5.60 8.21 -16.48
C GLY B 185 -4.71 9.34 -16.94
N PHE B 186 -4.35 9.34 -18.23
CA PHE B 186 -3.54 10.41 -18.77
C PHE B 186 -4.38 11.31 -19.67
N GLY B 187 -5.70 11.21 -19.54
CA GLY B 187 -6.61 12.01 -20.34
C GLY B 187 -6.81 11.48 -21.76
N ALA B 188 -7.65 12.17 -22.52
CA ALA B 188 -7.92 11.76 -23.89
C ALA B 188 -7.13 12.60 -24.87
N MET B 189 -6.00 12.07 -25.32
CA MET B 189 -5.15 12.79 -26.25
C MET B 189 -4.42 11.87 -27.21
N ASP B 190 -3.83 12.48 -28.23
CA ASP B 190 -3.09 11.76 -29.25
C ASP B 190 -1.60 11.79 -28.87
N PHE B 191 -1.17 10.76 -28.15
CA PHE B 191 0.20 10.67 -27.68
C PHE B 191 1.28 10.59 -28.75
N THR B 192 0.92 10.07 -29.92
CA THR B 192 1.87 9.95 -31.01
C THR B 192 2.29 11.33 -31.49
N THR B 193 1.31 12.15 -31.85
CA THR B 193 1.59 13.49 -32.34
C THR B 193 1.82 14.56 -31.26
N LEU B 194 1.71 14.20 -29.98
CA LEU B 194 1.92 15.18 -28.90
C LEU B 194 3.05 14.80 -27.95
N GLN B 195 3.69 13.66 -28.21
CA GLN B 195 4.80 13.20 -27.37
C GLN B 195 5.86 12.50 -28.20
N ALA B 196 6.80 13.30 -28.71
CA ALA B 196 7.89 12.79 -29.55
C ALA B 196 8.67 11.76 -28.77
N ASN B 197 8.73 12.00 -27.47
CA ASN B 197 9.41 11.18 -26.48
C ASN B 197 9.20 9.69 -26.66
N LYS B 198 7.95 9.29 -26.91
CA LYS B 198 7.59 7.89 -27.11
C LYS B 198 7.78 7.05 -25.84
N SER B 199 7.92 7.73 -24.70
CA SER B 199 8.12 7.06 -23.42
C SER B 199 7.37 7.70 -22.26
N GLU B 200 6.38 8.53 -22.56
CA GLU B 200 5.63 9.20 -21.52
C GLU B 200 4.56 8.33 -20.87
N VAL B 201 4.06 7.35 -21.62
CA VAL B 201 3.02 6.47 -21.13
C VAL B 201 3.31 5.03 -21.54
N PRO B 202 2.63 4.04 -20.91
CA PRO B 202 2.85 2.62 -21.22
C PRO B 202 2.70 2.31 -22.70
N LEU B 203 3.31 1.20 -23.15
CA LEU B 203 3.26 0.78 -24.54
C LEU B 203 1.87 0.75 -25.21
N ASP B 204 0.88 0.19 -24.53
CA ASP B 204 -0.46 0.05 -25.09
C ASP B 204 -1.23 1.32 -25.53
N ILE B 205 -0.80 2.49 -25.09
CA ILE B 205 -1.46 3.75 -25.50
C ILE B 205 -0.38 4.70 -26.03
N CYS B 206 0.85 4.24 -25.83
CA CYS B 206 2.07 4.92 -26.21
C CYS B 206 2.07 5.54 -27.61
N THR B 207 1.57 4.83 -28.61
CA THR B 207 1.52 5.39 -29.95
C THR B 207 0.10 5.32 -30.48
N SER B 208 -0.87 5.50 -29.58
CA SER B 208 -2.28 5.47 -29.94
C SER B 208 -2.97 6.78 -29.54
N ILE B 209 -4.28 6.78 -29.67
CA ILE B 209 -5.09 7.93 -29.27
C ILE B 209 -6.11 7.46 -28.26
N CYS B 210 -6.11 8.08 -27.10
CA CYS B 210 -7.08 7.74 -26.07
C CYS B 210 -8.22 8.71 -26.29
N LYS B 211 -9.37 8.17 -26.63
CA LYS B 211 -10.53 8.99 -26.91
C LYS B 211 -11.59 8.87 -25.81
N TYR B 212 -12.33 9.95 -25.58
CA TYR B 212 -13.38 9.97 -24.58
C TYR B 212 -14.69 10.26 -25.28
N PRO B 213 -15.77 9.58 -24.89
CA PRO B 213 -17.04 9.85 -25.57
C PRO B 213 -17.39 11.31 -25.42
N ASP B 214 -17.84 11.94 -26.51
CA ASP B 214 -18.23 13.33 -26.43
C ASP B 214 -19.73 13.32 -26.15
N TYR B 215 -20.08 13.01 -24.91
CA TYR B 215 -21.46 12.93 -24.48
C TYR B 215 -22.23 14.23 -24.74
N ILE B 216 -21.60 15.37 -24.48
CA ILE B 216 -22.23 16.66 -24.71
C ILE B 216 -22.71 16.81 -26.17
N LYS B 217 -21.80 16.63 -27.11
CA LYS B 217 -22.11 16.78 -28.52
C LYS B 217 -23.16 15.80 -28.98
N MET B 218 -23.03 14.53 -28.62
CA MET B 218 -23.99 13.51 -29.04
C MET B 218 -25.40 13.76 -28.54
N VAL B 219 -25.54 14.28 -27.32
CA VAL B 219 -26.86 14.54 -26.79
C VAL B 219 -27.45 15.83 -27.37
N SER B 220 -26.58 16.74 -27.80
CA SER B 220 -27.02 17.99 -28.40
C SER B 220 -27.54 17.68 -29.79
N GLU B 221 -26.95 16.66 -30.41
CA GLU B 221 -27.35 16.24 -31.72
C GLU B 221 -28.87 16.37 -31.86
N PRO B 222 -29.33 17.11 -32.88
CA PRO B 222 -30.75 17.35 -33.15
C PRO B 222 -31.66 16.11 -33.19
N TYR B 223 -31.32 15.13 -34.01
CA TYR B 223 -32.15 13.94 -34.12
C TYR B 223 -31.83 12.86 -33.07
N GLY B 224 -30.64 12.96 -32.48
CA GLY B 224 -30.23 12.03 -31.45
C GLY B 224 -30.13 10.57 -31.86
N ASP B 225 -29.59 10.33 -33.05
CA ASP B 225 -29.45 8.97 -33.57
C ASP B 225 -28.18 8.33 -33.06
N SER B 226 -27.14 9.12 -32.88
CA SER B 226 -25.85 8.58 -32.45
C SER B 226 -25.91 7.85 -31.12
N LEU B 227 -26.80 8.27 -30.23
CA LEU B 227 -26.93 7.58 -28.97
C LEU B 227 -28.25 7.90 -28.27
N PHE B 228 -29.08 6.89 -28.10
CA PHE B 228 -30.35 7.08 -27.43
C PHE B 228 -30.41 6.42 -26.05
N PHE B 229 -29.24 6.03 -25.54
CA PHE B 229 -29.14 5.41 -24.24
C PHE B 229 -27.67 5.17 -23.89
N TYR B 230 -27.31 5.38 -22.64
CA TYR B 230 -25.94 5.15 -22.24
C TYR B 230 -25.77 4.96 -20.73
N LEU B 231 -24.67 4.32 -20.36
CA LEU B 231 -24.33 4.07 -18.96
C LEU B 231 -22.84 4.27 -18.85
N ARG B 232 -22.43 5.13 -17.92
CA ARG B 232 -21.01 5.39 -17.74
C ARG B 232 -20.63 5.31 -16.27
N ARG B 233 -19.46 4.73 -16.04
CA ARG B 233 -18.96 4.54 -14.69
C ARG B 233 -17.42 4.55 -14.74
N GLU B 234 -16.83 5.63 -14.27
CA GLU B 234 -15.38 5.77 -14.27
C GLU B 234 -14.88 6.30 -12.93
N GLN B 235 -13.75 5.76 -12.48
CA GLN B 235 -13.14 6.15 -11.22
C GLN B 235 -11.62 6.06 -11.33
N MET B 236 -10.93 6.89 -10.56
CA MET B 236 -9.48 6.90 -10.61
C MET B 236 -8.88 7.68 -9.45
N PHE B 237 -7.68 7.28 -9.04
CA PHE B 237 -6.99 7.99 -7.97
C PHE B 237 -5.48 7.98 -8.20
N VAL B 238 -4.78 8.88 -7.53
CA VAL B 238 -3.34 8.99 -7.69
C VAL B 238 -2.54 7.98 -6.86
N ARG B 239 -1.90 7.04 -7.53
CA ARG B 239 -1.09 6.04 -6.85
C ARG B 239 0.30 6.63 -6.54
N HIS B 240 1.02 7.12 -7.56
CA HIS B 240 2.35 7.71 -7.35
C HIS B 240 2.49 9.07 -7.99
N LEU B 241 3.43 9.86 -7.46
CA LEU B 241 3.68 11.19 -8.00
C LEU B 241 5.14 11.30 -8.48
N PHE B 242 5.29 11.41 -9.80
CA PHE B 242 6.60 11.47 -10.42
C PHE B 242 7.04 12.77 -11.08
N ASN B 243 8.25 12.71 -11.62
CA ASN B 243 8.92 13.82 -12.31
C ASN B 243 9.19 13.38 -13.74
N ARG B 244 9.28 14.35 -14.66
CA ARG B 244 9.59 14.01 -16.05
C ARG B 244 11.01 14.47 -16.39
N ALA B 245 11.79 13.56 -16.97
CA ALA B 245 13.15 13.90 -17.38
C ALA B 245 12.97 14.61 -18.72
N GLY B 246 14.00 15.31 -19.16
CA GLY B 246 13.91 16.05 -20.40
C GLY B 246 14.34 17.45 -20.09
N THR B 247 14.14 18.38 -21.01
CA THR B 247 14.57 19.74 -20.72
C THR B 247 13.43 20.75 -20.63
N VAL B 248 13.60 21.71 -19.72
CA VAL B 248 12.59 22.73 -19.52
C VAL B 248 12.08 23.33 -20.83
N GLY B 249 10.79 23.11 -21.10
CA GLY B 249 10.17 23.63 -22.29
C GLY B 249 9.76 25.05 -21.95
N GLU B 250 9.28 25.21 -20.72
CA GLU B 250 8.86 26.50 -20.21
C GLU B 250 9.39 26.66 -18.81
N ASN B 251 10.23 27.66 -18.61
CA ASN B 251 10.83 27.91 -17.30
C ASN B 251 9.91 28.47 -16.24
N VAL B 252 10.21 28.09 -15.00
CA VAL B 252 9.44 28.53 -13.88
C VAL B 252 9.70 30.00 -13.58
N PRO B 253 8.68 30.85 -13.71
CA PRO B 253 8.87 32.27 -13.44
C PRO B 253 9.53 32.47 -12.07
N ASP B 254 10.65 33.21 -12.04
CA ASP B 254 11.36 33.42 -10.79
C ASP B 254 10.66 34.26 -9.73
N ASP B 255 9.47 34.74 -10.02
CA ASP B 255 8.71 35.51 -9.04
C ASP B 255 7.93 34.54 -8.14
N LEU B 256 8.03 33.26 -8.49
CA LEU B 256 7.35 32.19 -7.74
C LEU B 256 8.21 31.48 -6.71
N TYR B 257 9.46 31.91 -6.55
CA TYR B 257 10.36 31.24 -5.62
C TYR B 257 11.64 31.99 -5.38
N ILE B 258 12.34 31.59 -4.32
CA ILE B 258 13.61 32.19 -3.97
C ILE B 258 14.76 31.29 -4.42
N LYS B 259 15.62 31.84 -5.27
CA LYS B 259 16.77 31.09 -5.79
C LYS B 259 17.45 30.29 -4.69
N GLY B 260 17.89 29.09 -5.06
CA GLY B 260 18.57 28.23 -4.12
C GLY B 260 20.06 28.47 -4.13
N SER B 261 20.85 27.42 -3.90
CA SER B 261 22.31 27.49 -3.88
C SER B 261 22.91 26.11 -3.64
N GLY B 262 24.14 25.90 -4.11
CA GLY B 262 24.76 24.61 -3.92
C GLY B 262 23.95 23.57 -4.66
N SER B 263 23.33 22.65 -3.93
CA SER B 263 22.50 21.62 -4.55
C SER B 263 21.17 22.21 -5.07
N THR B 264 20.53 23.03 -4.24
CA THR B 264 19.27 23.66 -4.63
C THR B 264 19.48 24.86 -5.56
N ALA B 265 20.70 24.99 -6.08
CA ALA B 265 21.02 26.08 -7.00
C ALA B 265 20.23 25.86 -8.29
N ASN B 266 20.24 24.61 -8.76
CA ASN B 266 19.54 24.23 -9.97
C ASN B 266 18.19 23.62 -9.68
N LEU B 267 17.14 24.20 -10.28
CA LEU B 267 15.76 23.74 -10.10
C LEU B 267 15.54 22.37 -10.70
N ALA B 268 14.90 21.49 -9.94
CA ALA B 268 14.59 20.14 -10.40
C ALA B 268 13.36 20.25 -11.30
N SER B 269 13.16 19.28 -12.18
CA SER B 269 12.01 19.30 -13.07
C SER B 269 10.72 19.45 -12.26
N SER B 270 9.90 20.43 -12.61
CA SER B 270 8.63 20.62 -11.94
C SER B 270 7.54 20.23 -12.94
N ASN B 271 7.89 19.32 -13.82
CA ASN B 271 6.99 18.76 -14.82
C ASN B 271 6.51 17.44 -14.22
N TYR B 272 5.70 17.55 -13.18
CA TYR B 272 5.17 16.38 -12.48
C TYR B 272 4.06 15.68 -13.25
N PHE B 273 3.93 14.38 -13.00
CA PHE B 273 2.89 13.58 -13.62
C PHE B 273 2.59 12.46 -12.62
N PRO B 274 1.30 12.19 -12.43
CA PRO B 274 0.90 11.14 -11.50
C PRO B 274 0.66 9.82 -12.20
N THR B 275 0.67 8.75 -11.40
CA THR B 275 0.43 7.39 -11.88
C THR B 275 -1.01 7.11 -11.52
N PRO B 276 -1.83 6.72 -12.50
CA PRO B 276 -3.22 6.45 -12.16
C PRO B 276 -3.42 5.10 -11.48
N SER B 277 -4.64 4.89 -10.99
CA SER B 277 -5.01 3.63 -10.35
C SER B 277 -6.51 3.54 -10.19
N GLY B 278 -7.13 2.67 -10.97
CA GLY B 278 -8.56 2.47 -10.86
C GLY B 278 -8.58 1.45 -9.74
N SER B 279 -9.12 1.82 -8.60
CA SER B 279 -9.14 0.94 -7.45
C SER B 279 -9.69 -0.46 -7.68
N MET B 280 -10.25 -1.02 -6.62
CA MET B 280 -10.83 -2.36 -6.62
C MET B 280 -12.01 -2.48 -7.57
N VAL B 281 -12.19 -3.68 -8.14
CA VAL B 281 -13.32 -3.93 -9.05
C VAL B 281 -14.29 -4.79 -8.27
N THR B 282 -15.58 -4.60 -8.48
CA THR B 282 -16.58 -5.33 -7.73
C THR B 282 -17.83 -5.74 -8.51
N SER B 283 -18.46 -6.81 -8.05
CA SER B 283 -19.68 -7.33 -8.65
C SER B 283 -20.76 -6.29 -8.47
N ASP B 284 -20.98 -5.90 -7.22
CA ASP B 284 -22.01 -4.93 -6.92
C ASP B 284 -21.99 -3.72 -7.85
N ALA B 285 -20.84 -3.40 -8.41
CA ALA B 285 -20.76 -2.23 -9.29
C ALA B 285 -20.88 -2.53 -10.78
N GLN B 286 -21.16 -3.77 -11.14
CA GLN B 286 -21.28 -4.17 -12.54
C GLN B 286 -22.41 -3.47 -13.27
N ILE B 287 -22.14 -3.14 -14.52
CA ILE B 287 -23.06 -2.46 -15.39
C ILE B 287 -23.68 -3.45 -16.35
N PHE B 288 -22.92 -4.49 -16.67
CA PHE B 288 -23.34 -5.51 -17.62
C PHE B 288 -24.06 -6.70 -17.02
N ASN B 289 -24.48 -7.64 -17.87
CA ASN B 289 -25.21 -8.82 -17.44
C ASN B 289 -26.46 -8.41 -16.71
N LYS B 290 -27.02 -7.29 -17.15
CA LYS B 290 -28.24 -6.70 -16.62
C LYS B 290 -28.94 -6.21 -17.89
N PRO B 291 -30.27 -6.36 -17.98
CA PRO B 291 -30.97 -5.89 -19.18
C PRO B 291 -31.24 -4.41 -19.11
N TYR B 292 -31.21 -3.73 -20.26
CA TYR B 292 -31.51 -2.29 -20.30
C TYR B 292 -32.82 -2.13 -21.10
N TRP B 293 -33.84 -1.55 -20.50
CA TRP B 293 -35.11 -1.37 -21.21
C TRP B 293 -35.17 0.04 -21.80
N LEU B 294 -34.95 0.16 -23.11
CA LEU B 294 -34.95 1.43 -23.82
C LEU B 294 -36.35 1.88 -24.17
N GLN B 295 -37.14 2.20 -23.15
CA GLN B 295 -38.51 2.62 -23.39
C GLN B 295 -38.71 4.10 -23.72
N ARG B 296 -38.15 4.99 -22.91
CA ARG B 296 -38.30 6.42 -23.13
C ARG B 296 -36.94 7.00 -23.37
N ALA B 297 -36.67 7.45 -24.58
CA ALA B 297 -35.36 8.01 -24.84
C ALA B 297 -35.36 9.50 -24.54
N GLN B 298 -34.22 10.03 -24.17
CA GLN B 298 -34.10 11.46 -23.88
C GLN B 298 -33.98 12.27 -25.18
N GLY B 299 -33.64 11.58 -26.27
CA GLY B 299 -33.51 12.22 -27.56
C GLY B 299 -34.80 12.04 -28.36
N HIS B 300 -34.86 12.63 -29.54
CA HIS B 300 -36.07 12.49 -30.36
C HIS B 300 -36.19 11.13 -31.03
N ASN B 301 -35.06 10.47 -31.25
CA ASN B 301 -35.11 9.16 -31.85
C ASN B 301 -35.27 8.18 -30.70
N ASN B 302 -36.45 7.60 -30.57
CA ASN B 302 -36.66 6.69 -29.47
C ASN B 302 -36.31 5.26 -29.79
N GLY B 303 -35.04 5.02 -30.06
CA GLY B 303 -34.58 3.67 -30.34
C GLY B 303 -34.97 3.08 -31.69
N ILE B 304 -35.21 3.92 -32.68
CA ILE B 304 -35.56 3.45 -33.99
C ILE B 304 -34.23 3.14 -34.68
N CYS B 305 -34.13 1.94 -35.25
CA CYS B 305 -32.91 1.53 -35.92
C CYS B 305 -32.93 1.80 -37.43
N TRP B 306 -32.93 3.08 -37.80
CA TRP B 306 -32.94 3.47 -39.20
C TRP B 306 -31.81 2.73 -39.92
N GLY B 307 -32.09 2.27 -41.13
CA GLY B 307 -31.09 1.55 -41.90
C GLY B 307 -30.92 0.12 -41.45
N ASN B 308 -31.78 -0.32 -40.55
CA ASN B 308 -31.72 -1.68 -40.01
C ASN B 308 -30.33 -1.91 -39.41
N GLN B 309 -29.77 -0.83 -38.87
CA GLN B 309 -28.46 -0.83 -38.22
C GLN B 309 -28.67 -0.57 -36.74
N LEU B 310 -27.61 -0.75 -35.97
CA LEU B 310 -27.68 -0.55 -34.53
C LEU B 310 -26.24 -0.56 -34.01
N PHE B 311 -25.85 0.44 -33.25
CA PHE B 311 -24.49 0.49 -32.71
C PHE B 311 -24.45 0.28 -31.22
N VAL B 312 -23.55 -0.60 -30.78
CA VAL B 312 -23.39 -0.87 -29.36
C VAL B 312 -21.94 -0.73 -29.03
N THR B 313 -21.62 0.37 -28.36
CA THR B 313 -20.24 0.64 -27.95
C THR B 313 -20.07 0.24 -26.48
N VAL B 314 -18.96 -0.43 -26.17
CA VAL B 314 -18.70 -0.88 -24.82
C VAL B 314 -17.25 -0.72 -24.42
N VAL B 315 -17.02 -0.57 -23.14
CA VAL B 315 -15.68 -0.48 -22.59
C VAL B 315 -15.86 -1.09 -21.23
N ASP B 316 -15.08 -2.12 -20.92
CA ASP B 316 -15.17 -2.77 -19.64
C ASP B 316 -13.78 -3.12 -19.18
N THR B 317 -13.28 -2.45 -18.15
CA THR B 317 -11.93 -2.74 -17.65
C THR B 317 -11.97 -3.52 -16.34
N THR B 318 -13.13 -4.09 -16.03
CA THR B 318 -13.29 -4.82 -14.79
C THR B 318 -13.02 -6.30 -15.01
N ARG B 319 -12.47 -6.62 -16.19
CA ARG B 319 -12.12 -8.01 -16.56
C ARG B 319 -10.86 -7.92 -17.42
N SER B 320 -9.98 -7.00 -17.06
CA SER B 320 -8.75 -6.76 -17.81
C SER B 320 -7.57 -7.67 -17.50
N THR B 321 -7.82 -8.73 -16.74
CA THR B 321 -6.77 -9.68 -16.40
C THR B 321 -5.99 -10.13 -17.64
N ASN B 322 -4.68 -10.04 -17.56
CA ASN B 322 -3.82 -10.49 -18.66
C ASN B 322 -3.20 -11.74 -18.10
N MET B 323 -3.05 -12.78 -18.91
CA MET B 323 -2.45 -14.00 -18.39
C MET B 323 -1.12 -14.29 -19.05
N SER B 324 -0.09 -14.50 -18.25
CA SER B 324 1.21 -14.82 -18.81
C SER B 324 1.32 -16.32 -18.96
N LEU B 325 1.76 -16.76 -20.14
CA LEU B 325 1.93 -18.18 -20.38
C LEU B 325 3.31 -18.37 -20.97
N CYS B 326 4.14 -19.19 -20.33
CA CYS B 326 5.48 -19.43 -20.84
C CYS B 326 5.70 -20.89 -21.19
N ALA B 327 6.43 -21.10 -22.29
CA ALA B 327 6.75 -22.45 -22.76
C ALA B 327 8.25 -22.70 -22.58
N ALA B 328 8.59 -23.93 -22.22
CA ALA B 328 9.99 -24.30 -22.00
C ALA B 328 10.64 -24.63 -23.32
N ILE B 329 11.87 -24.20 -23.49
CA ILE B 329 12.57 -24.47 -24.73
C ILE B 329 13.09 -25.90 -24.69
N SER B 330 13.33 -26.37 -23.49
CA SER B 330 13.83 -27.72 -23.24
C SER B 330 13.11 -28.30 -22.04
N THR B 331 12.76 -29.59 -22.12
CA THR B 331 12.07 -30.25 -21.01
C THR B 331 13.01 -31.22 -20.28
N SER B 332 14.30 -30.92 -20.30
CA SER B 332 15.32 -31.75 -19.66
C SER B 332 15.75 -31.31 -18.27
N GLU B 333 16.82 -30.52 -18.23
CA GLU B 333 17.41 -30.02 -16.99
C GLU B 333 16.40 -29.81 -15.87
N THR B 334 16.78 -30.22 -14.67
CA THR B 334 15.91 -30.07 -13.51
C THR B 334 16.37 -28.87 -12.72
N THR B 335 16.98 -27.92 -13.41
CA THR B 335 17.43 -26.70 -12.79
C THR B 335 16.89 -25.53 -13.58
N TYR B 336 16.20 -24.64 -12.88
CA TYR B 336 15.61 -23.48 -13.52
C TYR B 336 16.68 -22.62 -14.19
N LYS B 337 16.36 -22.12 -15.38
CA LYS B 337 17.22 -21.24 -16.16
C LYS B 337 16.29 -20.29 -16.89
N ASN B 338 16.40 -19.00 -16.59
CA ASN B 338 15.53 -18.04 -17.25
C ASN B 338 15.61 -18.19 -18.75
N THR B 339 16.78 -18.59 -19.24
CA THR B 339 17.00 -18.75 -20.67
C THR B 339 16.25 -19.93 -21.26
N ASN B 340 15.81 -20.85 -20.40
CA ASN B 340 15.10 -22.02 -20.86
C ASN B 340 13.61 -21.79 -21.10
N PHE B 341 13.09 -20.65 -20.64
CA PHE B 341 11.67 -20.35 -20.81
C PHE B 341 11.34 -19.04 -21.53
N LYS B 342 10.48 -19.14 -22.53
CA LYS B 342 10.04 -17.97 -23.29
C LYS B 342 8.73 -17.48 -22.69
N GLU B 343 8.75 -16.29 -22.11
CA GLU B 343 7.58 -15.69 -21.48
C GLU B 343 6.74 -14.87 -22.45
N TYR B 344 5.43 -15.02 -22.36
CA TYR B 344 4.52 -14.26 -23.22
C TYR B 344 3.36 -13.70 -22.40
N LEU B 345 2.50 -12.93 -23.07
CA LEU B 345 1.32 -12.31 -22.47
C LEU B 345 0.13 -12.38 -23.43
N ARG B 346 -1.02 -12.75 -22.90
CA ARG B 346 -2.23 -12.83 -23.70
C ARG B 346 -3.40 -12.37 -22.87
N HIS B 347 -4.42 -11.81 -23.53
CA HIS B 347 -5.62 -11.33 -22.86
C HIS B 347 -6.85 -11.78 -23.63
N GLY B 348 -7.86 -12.25 -22.92
CA GLY B 348 -9.06 -12.71 -23.58
C GLY B 348 -10.28 -11.92 -23.16
N GLU B 349 -11.19 -11.67 -24.11
CA GLU B 349 -12.40 -10.94 -23.84
C GLU B 349 -13.56 -11.80 -24.33
N GLU B 350 -14.66 -11.84 -23.54
CA GLU B 350 -15.84 -12.64 -23.89
C GLU B 350 -17.12 -11.81 -23.85
N TYR B 351 -17.83 -11.76 -24.97
CA TYR B 351 -19.08 -11.00 -25.05
C TYR B 351 -20.24 -11.87 -25.48
N ASP B 352 -21.44 -11.35 -25.29
CA ASP B 352 -22.65 -12.04 -25.68
C ASP B 352 -23.78 -11.01 -25.71
N LEU B 353 -24.06 -10.48 -26.90
CA LEU B 353 -25.08 -9.46 -27.06
C LEU B 353 -26.47 -10.06 -27.30
N GLN B 354 -27.48 -9.49 -26.65
CA GLN B 354 -28.86 -9.95 -26.78
C GLN B 354 -29.80 -8.76 -26.91
N PHE B 355 -30.75 -8.85 -27.81
CA PHE B 355 -31.68 -7.75 -27.99
C PHE B 355 -33.11 -8.20 -28.13
N ILE B 356 -34.02 -7.26 -27.91
CA ILE B 356 -35.45 -7.49 -28.07
C ILE B 356 -35.85 -6.38 -29.01
N PHE B 357 -36.40 -6.73 -30.18
CA PHE B 357 -36.80 -5.69 -31.11
C PHE B 357 -38.30 -5.64 -31.31
N GLN B 358 -38.82 -4.43 -31.49
CA GLN B 358 -40.24 -4.23 -31.73
C GLN B 358 -40.44 -3.73 -33.14
N LEU B 359 -41.30 -4.41 -33.88
CA LEU B 359 -41.59 -4.01 -35.26
C LEU B 359 -42.37 -2.69 -35.27
N CYS B 360 -42.06 -1.83 -36.23
CA CYS B 360 -42.75 -0.55 -36.36
C CYS B 360 -43.12 -0.27 -37.83
N LYS B 361 -44.14 0.56 -38.03
CA LYS B 361 -44.61 0.91 -39.36
C LYS B 361 -44.68 2.42 -39.56
N ILE B 362 -44.39 2.88 -40.78
CA ILE B 362 -44.45 4.29 -41.07
C ILE B 362 -45.27 4.56 -42.30
N THR B 363 -46.42 5.20 -42.17
CA THR B 363 -47.22 5.51 -43.33
C THR B 363 -46.51 6.66 -44.04
N LEU B 364 -46.07 6.41 -45.26
CA LEU B 364 -45.34 7.40 -46.03
C LEU B 364 -46.14 8.54 -46.63
N THR B 365 -46.63 9.43 -45.78
CA THR B 365 -47.38 10.57 -46.25
C THR B 365 -46.42 11.59 -46.81
N ALA B 366 -46.95 12.68 -47.33
CA ALA B 366 -46.12 13.73 -47.89
C ALA B 366 -45.19 14.28 -46.82
N ASP B 367 -45.78 14.83 -45.77
CA ASP B 367 -45.04 15.43 -44.67
C ASP B 367 -44.00 14.46 -44.14
N VAL B 368 -44.43 13.21 -43.94
CA VAL B 368 -43.52 12.21 -43.40
C VAL B 368 -42.32 12.04 -44.32
N MET B 369 -42.59 11.96 -45.61
CA MET B 369 -41.52 11.80 -46.58
C MET B 369 -40.61 12.99 -46.68
N THR B 370 -41.15 14.17 -46.44
CA THR B 370 -40.35 15.38 -46.49
C THR B 370 -39.41 15.33 -45.28
N TYR B 371 -39.97 15.02 -44.11
CA TYR B 371 -39.22 14.95 -42.87
C TYR B 371 -38.10 13.92 -42.96
N ILE B 372 -38.50 12.66 -43.11
CA ILE B 372 -37.54 11.58 -43.20
C ILE B 372 -36.49 11.90 -44.27
N HIS B 373 -36.90 12.53 -45.36
CA HIS B 373 -35.96 12.88 -46.42
C HIS B 373 -34.92 13.85 -45.93
N SER B 374 -35.36 14.89 -45.23
CA SER B 374 -34.43 15.89 -44.72
C SER B 374 -33.50 15.24 -43.70
N MET B 375 -34.10 14.50 -42.79
CA MET B 375 -33.35 13.84 -41.74
C MET B 375 -32.22 12.99 -42.27
N ASN B 376 -32.54 12.09 -43.19
CA ASN B 376 -31.54 11.20 -43.77
C ASN B 376 -32.04 10.56 -45.05
N SER B 377 -31.94 11.30 -46.14
CA SER B 377 -32.39 10.83 -47.45
C SER B 377 -32.20 9.35 -47.80
N THR B 378 -31.13 8.75 -47.32
CA THR B 378 -30.89 7.34 -47.62
C THR B 378 -32.03 6.45 -47.13
N ILE B 379 -32.70 6.82 -46.04
CA ILE B 379 -33.81 6.04 -45.49
C ILE B 379 -34.76 5.63 -46.59
N LEU B 380 -35.35 6.64 -47.25
CA LEU B 380 -36.30 6.44 -48.33
C LEU B 380 -35.69 5.75 -49.56
N GLU B 381 -34.49 6.16 -49.93
CA GLU B 381 -33.82 5.59 -51.10
C GLU B 381 -33.66 4.10 -50.93
N ASP B 382 -33.29 3.67 -49.73
CA ASP B 382 -33.09 2.26 -49.47
C ASP B 382 -34.40 1.52 -49.35
N TRP B 383 -35.47 2.24 -49.01
CA TRP B 383 -36.75 1.56 -48.90
C TRP B 383 -37.18 1.05 -50.24
N ASN B 384 -38.47 0.90 -50.49
CA ASN B 384 -38.86 0.34 -51.78
C ASN B 384 -37.76 0.41 -52.82
N GLU B 419 -23.76 0.80 -51.36
CA GLU B 419 -22.49 0.56 -50.71
C GLU B 419 -22.39 1.24 -49.32
N ASP B 420 -21.58 0.68 -48.41
CA ASP B 420 -21.36 1.16 -47.02
C ASP B 420 -20.79 2.58 -46.89
N PRO B 421 -21.55 3.52 -46.29
CA PRO B 421 -21.15 4.92 -46.10
C PRO B 421 -20.07 5.17 -45.05
N LEU B 422 -19.71 4.12 -44.32
CA LEU B 422 -18.67 4.22 -43.29
C LEU B 422 -17.61 3.16 -43.54
N LYS B 423 -17.32 2.89 -44.81
CA LYS B 423 -16.31 1.89 -45.18
C LYS B 423 -14.95 2.25 -44.63
N LYS B 424 -14.73 3.55 -44.45
CA LYS B 424 -13.48 4.11 -43.91
C LYS B 424 -13.21 3.63 -42.49
N TYR B 425 -14.27 3.52 -41.71
CA TYR B 425 -14.15 3.12 -40.31
C TYR B 425 -14.29 1.63 -40.10
N THR B 426 -13.67 1.12 -39.05
CA THR B 426 -13.76 -0.31 -38.78
C THR B 426 -14.39 -0.62 -37.42
N PHE B 427 -15.30 -1.59 -37.42
CA PHE B 427 -15.94 -2.02 -36.21
C PHE B 427 -16.22 -3.52 -36.26
N TRP B 428 -16.42 -4.10 -35.07
CA TRP B 428 -16.73 -5.51 -34.96
C TRP B 428 -18.07 -5.68 -35.66
N GLU B 429 -18.03 -6.30 -36.83
CA GLU B 429 -19.25 -6.52 -37.59
C GLU B 429 -20.06 -7.65 -36.99
N VAL B 430 -21.34 -7.41 -36.78
CA VAL B 430 -22.20 -8.43 -36.22
C VAL B 430 -23.42 -8.60 -37.08
N ASN B 431 -23.60 -9.81 -37.61
CA ASN B 431 -24.74 -10.05 -38.46
C ASN B 431 -25.84 -10.80 -37.72
N LEU B 432 -27.01 -10.20 -37.64
CA LEU B 432 -28.13 -10.83 -36.96
C LEU B 432 -29.28 -11.19 -37.90
N LYS B 433 -29.09 -11.03 -39.20
CA LYS B 433 -30.16 -11.33 -40.15
C LYS B 433 -30.78 -12.72 -40.01
N GLU B 434 -30.01 -13.68 -39.52
CA GLU B 434 -30.51 -15.03 -39.33
C GLU B 434 -30.77 -15.38 -37.86
N LYS B 435 -30.69 -14.38 -37.00
CA LYS B 435 -30.85 -14.60 -35.56
C LYS B 435 -32.18 -14.18 -34.93
N PHE B 436 -33.06 -13.54 -35.68
CA PHE B 436 -34.32 -13.14 -35.10
C PHE B 436 -35.23 -14.33 -34.84
N SER B 437 -35.93 -14.29 -33.70
CA SER B 437 -36.85 -15.34 -33.33
C SER B 437 -38.09 -14.72 -32.69
N ALA B 438 -39.27 -15.22 -33.04
CA ALA B 438 -40.48 -14.67 -32.48
C ALA B 438 -40.80 -15.28 -31.11
N ASP B 439 -40.06 -16.32 -30.70
CA ASP B 439 -40.33 -16.94 -29.39
C ASP B 439 -39.43 -16.41 -28.27
N LEU B 440 -39.69 -15.20 -27.81
CA LEU B 440 -38.90 -14.59 -26.75
C LEU B 440 -38.80 -15.59 -25.61
N ASP B 441 -39.89 -16.33 -25.43
CA ASP B 441 -40.02 -17.35 -24.41
C ASP B 441 -38.75 -18.20 -24.29
N GLN B 442 -38.23 -18.61 -25.44
CA GLN B 442 -37.05 -19.47 -25.53
C GLN B 442 -35.69 -18.86 -25.20
N PHE B 443 -35.66 -17.60 -24.83
CA PHE B 443 -34.39 -16.98 -24.51
C PHE B 443 -34.43 -16.26 -23.16
N PRO B 444 -33.28 -16.16 -22.50
CA PRO B 444 -33.20 -15.49 -21.20
C PRO B 444 -33.61 -14.00 -21.24
N LEU B 445 -33.10 -13.23 -22.22
CA LEU B 445 -33.46 -11.84 -22.30
C LEU B 445 -34.94 -11.76 -22.64
N GLY B 446 -35.41 -12.72 -23.43
CA GLY B 446 -36.81 -12.74 -23.81
C GLY B 446 -37.75 -12.99 -22.64
N ARG B 447 -37.38 -13.94 -21.78
CA ARG B 447 -38.20 -14.23 -20.62
C ARG B 447 -38.24 -12.96 -19.81
N LYS B 448 -37.06 -12.43 -19.49
CA LYS B 448 -36.99 -11.21 -18.71
C LYS B 448 -37.94 -10.14 -19.25
N PHE B 449 -37.89 -9.92 -20.55
CA PHE B 449 -38.73 -8.91 -21.19
C PHE B 449 -40.21 -9.17 -20.96
N LEU B 450 -40.65 -10.39 -21.23
CA LEU B 450 -42.06 -10.70 -21.02
C LEU B 450 -42.45 -10.43 -19.59
N LEU B 451 -41.70 -11.00 -18.67
CA LEU B 451 -41.95 -10.80 -17.25
C LEU B 451 -42.01 -9.31 -16.90
N GLN B 452 -41.06 -8.53 -17.42
CA GLN B 452 -41.00 -7.11 -17.15
C GLN B 452 -42.22 -6.40 -17.73
N LEU B 453 -42.45 -6.55 -19.03
CA LEU B 453 -43.58 -5.89 -19.66
C LEU B 453 -44.92 -6.56 -19.40
N GLY B 454 -44.97 -7.55 -18.51
CA GLY B 454 -46.24 -8.23 -18.25
C GLY B 454 -46.86 -8.84 -19.52
N LEU B 455 -47.66 -8.05 -20.22
CA LEU B 455 -48.31 -8.51 -21.47
C LEU B 455 -47.38 -8.38 -22.68
N ALA C 1 -40.47 -26.48 -28.75
CA ALA C 1 -40.44 -25.34 -27.80
C ALA C 1 -40.37 -25.83 -26.34
N VAL C 2 -39.62 -25.12 -25.51
CA VAL C 2 -39.49 -25.47 -24.09
C VAL C 2 -40.53 -24.69 -23.32
N VAL C 3 -40.99 -25.24 -22.20
CA VAL C 3 -42.01 -24.57 -21.39
C VAL C 3 -41.70 -24.61 -19.91
N SER C 4 -42.20 -23.61 -19.19
CA SER C 4 -42.00 -23.54 -17.75
C SER C 4 -42.52 -24.81 -17.13
N THR C 5 -41.88 -25.26 -16.06
CA THR C 5 -42.31 -26.46 -15.36
C THR C 5 -43.69 -26.23 -14.74
N ASP C 6 -44.03 -24.97 -14.52
CA ASP C 6 -45.33 -24.60 -13.93
C ASP C 6 -46.46 -25.11 -14.80
N GLU C 7 -46.15 -25.37 -16.06
CA GLU C 7 -47.11 -25.87 -17.05
C GLU C 7 -47.54 -27.32 -16.78
N TYR C 8 -46.56 -28.19 -16.61
CA TYR C 8 -46.84 -29.60 -16.39
C TYR C 8 -46.57 -30.14 -14.98
N VAL C 9 -45.97 -29.34 -14.10
CA VAL C 9 -45.71 -29.82 -12.75
C VAL C 9 -46.70 -29.23 -11.79
N ALA C 10 -47.46 -30.08 -11.11
CA ALA C 10 -48.46 -29.63 -10.15
C ALA C 10 -47.87 -29.53 -8.75
N ARG C 11 -48.26 -28.47 -8.05
CA ARG C 11 -47.77 -28.20 -6.71
C ARG C 11 -48.72 -28.69 -5.62
N THR C 12 -48.24 -29.57 -4.74
CA THR C 12 -49.08 -30.05 -3.64
C THR C 12 -48.90 -29.07 -2.49
N ASN C 13 -49.47 -29.44 -1.35
CA ASN C 13 -49.40 -28.59 -0.18
C ASN C 13 -48.45 -29.15 0.87
N ILE C 14 -47.78 -30.25 0.53
CA ILE C 14 -46.85 -30.89 1.45
C ILE C 14 -45.46 -30.28 1.34
N TYR C 15 -44.85 -30.00 2.49
CA TYR C 15 -43.50 -29.45 2.52
C TYR C 15 -42.64 -30.23 3.52
N TYR C 16 -41.41 -30.50 3.13
CA TYR C 16 -40.49 -31.22 4.00
C TYR C 16 -39.21 -30.43 4.18
N HIS C 17 -38.59 -30.62 5.33
CA HIS C 17 -37.34 -29.96 5.63
C HIS C 17 -36.30 -31.04 5.62
N ALA C 18 -35.08 -30.68 5.21
CA ALA C 18 -34.00 -31.64 5.16
C ALA C 18 -32.71 -30.88 5.35
N GLY C 19 -31.75 -31.49 6.04
CA GLY C 19 -30.50 -30.81 6.28
C GLY C 19 -29.37 -31.74 6.65
N THR C 20 -28.15 -31.33 6.30
CA THR C 20 -26.95 -32.08 6.63
C THR C 20 -26.73 -31.79 8.10
N SER C 21 -26.07 -32.69 8.81
CA SER C 21 -25.85 -32.45 10.24
C SER C 21 -24.96 -31.24 10.42
N ARG C 22 -23.76 -31.33 9.86
CA ARG C 22 -22.75 -30.30 9.93
C ARG C 22 -21.55 -30.88 9.25
N LEU C 23 -21.33 -30.48 8.00
CA LEU C 23 -20.19 -30.97 7.26
C LEU C 23 -18.90 -30.30 7.73
N LEU C 24 -17.82 -31.07 7.75
CA LEU C 24 -16.55 -30.55 8.20
C LEU C 24 -15.41 -31.01 7.28
N ALA C 25 -14.48 -30.13 6.95
CA ALA C 25 -13.35 -30.49 6.07
C ALA C 25 -12.06 -29.90 6.58
N VAL C 26 -11.07 -30.76 6.81
CA VAL C 26 -9.79 -30.30 7.32
C VAL C 26 -8.67 -30.85 6.47
N GLY C 27 -7.71 -30.01 6.13
CA GLY C 27 -6.61 -30.50 5.33
C GLY C 27 -5.54 -29.45 5.20
N HIS C 28 -4.64 -29.65 4.25
CA HIS C 28 -3.56 -28.68 4.01
C HIS C 28 -4.08 -27.69 2.96
N PRO C 29 -3.82 -26.40 3.17
CA PRO C 29 -4.26 -25.32 2.28
C PRO C 29 -3.72 -25.30 0.85
N TYR C 30 -2.46 -25.73 0.66
CA TYR C 30 -1.84 -25.68 -0.67
C TYR C 30 -1.75 -26.98 -1.48
N PHE C 31 -1.52 -28.09 -0.82
CA PHE C 31 -1.38 -29.34 -1.54
C PHE C 31 -1.69 -30.52 -0.63
N PRO C 32 -1.93 -31.70 -1.23
CA PRO C 32 -2.23 -32.85 -0.38
C PRO C 32 -0.96 -33.49 0.15
N ILE C 33 -1.03 -33.95 1.39
CA ILE C 33 0.09 -34.61 2.03
C ILE C 33 -0.09 -36.11 1.78
N LYS C 34 0.92 -36.73 1.18
CA LYS C 34 0.84 -38.17 0.92
C LYS C 34 2.16 -38.85 1.15
N LYS C 35 2.15 -40.18 1.09
CA LYS C 35 3.38 -40.95 1.28
C LYS C 35 4.21 -40.78 -0.01
N PRO C 36 5.51 -40.42 0.10
CA PRO C 36 6.40 -40.21 -1.06
C PRO C 36 6.50 -41.41 -1.99
N ASN C 37 6.83 -42.56 -1.40
CA ASN C 37 6.95 -43.83 -2.13
C ASN C 37 5.58 -44.25 -2.63
N ASN C 38 4.56 -43.86 -1.86
CA ASN C 38 3.16 -44.18 -2.14
C ASN C 38 2.42 -43.09 -2.94
N ASN C 39 1.10 -43.21 -3.05
CA ASN C 39 0.31 -42.24 -3.78
C ASN C 39 -1.01 -42.01 -3.06
N LYS C 40 -1.22 -42.80 -2.01
CA LYS C 40 -2.41 -42.71 -1.17
C LYS C 40 -2.37 -41.36 -0.46
N ILE C 41 -3.51 -40.66 -0.45
CA ILE C 41 -3.59 -39.35 0.20
C ILE C 41 -3.77 -39.50 1.71
N LEU C 42 -2.78 -38.99 2.45
CA LEU C 42 -2.79 -39.05 3.90
C LEU C 42 -3.58 -37.88 4.46
N VAL C 43 -3.36 -36.70 3.89
CA VAL C 43 -4.07 -35.49 4.28
C VAL C 43 -4.48 -34.80 2.99
N PRO C 44 -5.75 -34.45 2.85
CA PRO C 44 -6.18 -33.79 1.62
C PRO C 44 -5.93 -32.28 1.54
N LYS C 45 -6.05 -31.74 0.32
CA LYS C 45 -5.88 -30.30 0.15
C LYS C 45 -7.23 -29.66 0.43
N VAL C 46 -7.30 -28.82 1.45
CA VAL C 46 -8.54 -28.15 1.78
C VAL C 46 -8.24 -26.64 1.88
N SER C 47 -8.80 -25.89 0.93
CA SER C 47 -8.57 -24.46 0.89
C SER C 47 -9.84 -23.68 0.68
N GLY C 48 -9.86 -22.45 1.18
CA GLY C 48 -11.04 -21.62 1.01
C GLY C 48 -11.22 -21.20 -0.44
N LEU C 49 -10.21 -21.51 -1.25
CA LEU C 49 -10.21 -21.15 -2.65
C LEU C 49 -10.68 -22.24 -3.60
N GLN C 50 -11.23 -23.31 -3.04
CA GLN C 50 -11.74 -24.40 -3.88
C GLN C 50 -13.25 -24.28 -4.01
N TYR C 51 -13.79 -24.90 -5.05
CA TYR C 51 -15.22 -24.92 -5.24
C TYR C 51 -15.66 -26.07 -4.37
N ARG C 52 -16.89 -25.99 -3.89
CA ARG C 52 -17.48 -27.06 -3.09
C ARG C 52 -18.72 -27.39 -3.87
N VAL C 53 -18.73 -28.56 -4.48
CA VAL C 53 -19.90 -28.96 -5.26
C VAL C 53 -20.58 -30.10 -4.54
N PHE C 54 -21.77 -29.83 -4.01
CA PHE C 54 -22.53 -30.83 -3.28
C PHE C 54 -23.57 -31.51 -4.15
N ARG C 55 -23.49 -32.84 -4.20
CA ARG C 55 -24.41 -33.68 -4.95
C ARG C 55 -25.40 -34.15 -3.90
N ILE C 56 -26.56 -33.51 -3.88
CA ILE C 56 -27.58 -33.81 -2.90
C ILE C 56 -28.53 -34.92 -3.34
N HIS C 57 -28.54 -36.02 -2.59
CA HIS C 57 -29.42 -37.14 -2.92
C HIS C 57 -30.71 -37.08 -2.11
N LEU C 58 -31.83 -37.07 -2.81
CA LEU C 58 -33.13 -37.01 -2.15
C LEU C 58 -33.86 -38.33 -2.25
N PRO C 59 -34.68 -38.63 -1.22
CA PRO C 59 -35.42 -39.89 -1.26
C PRO C 59 -36.46 -39.82 -2.39
N ASP C 60 -36.60 -40.89 -3.18
CA ASP C 60 -37.57 -40.88 -4.28
C ASP C 60 -38.96 -40.67 -3.70
N PRO C 61 -39.62 -39.54 -4.03
CA PRO C 61 -40.95 -39.32 -3.47
C PRO C 61 -41.95 -40.43 -3.82
N ASN C 62 -41.66 -41.17 -4.90
CA ASN C 62 -42.52 -42.26 -5.36
C ASN C 62 -42.34 -43.51 -4.50
N LYS C 63 -41.12 -43.76 -4.06
CA LYS C 63 -40.82 -44.90 -3.22
C LYS C 63 -41.04 -44.53 -1.75
N PHE C 64 -41.01 -43.23 -1.48
CA PHE C 64 -41.20 -42.67 -0.14
C PHE C 64 -42.48 -43.21 0.51
N GLY C 65 -42.54 -43.16 1.83
CA GLY C 65 -43.71 -43.64 2.52
C GLY C 65 -44.46 -42.54 3.25
N PHE C 66 -45.38 -41.87 2.56
CA PHE C 66 -46.16 -40.79 3.17
C PHE C 66 -47.32 -41.34 4.01
N PRO C 67 -47.68 -40.62 5.09
CA PRO C 67 -48.77 -41.02 5.98
C PRO C 67 -50.10 -41.07 5.21
N ASP C 68 -50.25 -40.14 4.27
CA ASP C 68 -51.44 -40.09 3.42
C ASP C 68 -50.99 -40.08 1.97
N THR C 69 -51.71 -40.80 1.12
CA THR C 69 -51.38 -40.90 -0.29
C THR C 69 -52.59 -40.64 -1.17
N SER C 70 -53.61 -40.03 -0.59
CA SER C 70 -54.83 -39.70 -1.31
C SER C 70 -54.66 -38.47 -2.19
N PHE C 71 -53.66 -37.64 -1.86
CA PHE C 71 -53.40 -36.40 -2.58
C PHE C 71 -53.03 -36.61 -4.06
N TYR C 72 -52.85 -37.85 -4.48
CA TYR C 72 -52.53 -38.11 -5.89
C TYR C 72 -52.84 -39.53 -6.37
N ASN C 73 -52.88 -39.69 -7.69
CA ASN C 73 -53.16 -40.98 -8.29
C ASN C 73 -51.89 -41.62 -8.84
N PRO C 74 -51.33 -42.61 -8.12
CA PRO C 74 -50.12 -43.32 -8.53
C PRO C 74 -50.21 -44.03 -9.87
N ASP C 75 -51.38 -43.96 -10.51
CA ASP C 75 -51.61 -44.62 -11.79
C ASP C 75 -51.44 -43.67 -12.95
N THR C 76 -52.05 -42.50 -12.82
CA THR C 76 -51.98 -41.49 -13.84
C THR C 76 -50.77 -40.57 -13.67
N GLN C 77 -50.31 -40.41 -12.43
CA GLN C 77 -49.19 -39.50 -12.19
C GLN C 77 -47.97 -40.01 -11.43
N ARG C 78 -47.00 -39.12 -11.29
CA ARG C 78 -45.75 -39.41 -10.61
C ARG C 78 -45.38 -38.24 -9.69
N LEU C 79 -44.40 -38.44 -8.81
CA LEU C 79 -44.00 -37.39 -7.88
C LEU C 79 -42.54 -36.91 -8.03
N VAL C 80 -42.33 -35.62 -7.81
CA VAL C 80 -41.01 -34.99 -7.90
C VAL C 80 -40.85 -33.97 -6.80
N TRP C 81 -39.64 -33.86 -6.28
CA TRP C 81 -39.36 -32.88 -5.24
C TRP C 81 -39.01 -31.52 -5.86
N ALA C 82 -39.53 -30.45 -5.30
CA ALA C 82 -39.23 -29.12 -5.80
C ALA C 82 -38.52 -28.32 -4.71
N CYS C 83 -37.33 -27.82 -5.01
CA CYS C 83 -36.60 -27.05 -4.02
C CYS C 83 -37.19 -25.65 -3.91
N VAL C 84 -37.60 -25.28 -2.69
CA VAL C 84 -38.23 -23.98 -2.45
C VAL C 84 -37.46 -23.06 -1.50
N GLY C 85 -36.54 -23.64 -0.75
CA GLY C 85 -35.77 -22.83 0.17
C GLY C 85 -34.43 -23.46 0.48
N VAL C 86 -33.38 -22.65 0.48
CA VAL C 86 -32.04 -23.13 0.77
C VAL C 86 -31.33 -22.19 1.73
N GLU C 87 -30.54 -22.77 2.63
CA GLU C 87 -29.77 -22.00 3.59
C GLU C 87 -28.39 -22.63 3.67
N VAL C 88 -27.42 -21.93 3.12
CA VAL C 88 -26.06 -22.45 3.16
C VAL C 88 -25.38 -21.91 4.42
N GLY C 89 -25.36 -22.71 5.47
CA GLY C 89 -24.73 -22.26 6.70
C GLY C 89 -23.22 -22.41 6.67
N ARG C 90 -22.51 -21.38 7.13
CA ARG C 90 -21.05 -21.39 7.17
C ARG C 90 -20.70 -21.21 8.64
N GLY C 91 -19.61 -21.84 9.09
CA GLY C 91 -19.32 -21.76 10.49
C GLY C 91 -18.01 -21.30 11.08
N GLN C 92 -16.98 -21.06 10.30
CA GLN C 92 -15.78 -20.60 10.98
C GLN C 92 -15.81 -19.06 11.08
N PRO C 93 -14.88 -18.47 11.84
CA PRO C 93 -14.93 -16.99 11.90
C PRO C 93 -14.45 -16.41 10.59
N LEU C 94 -14.87 -15.18 10.28
CA LEU C 94 -14.44 -14.56 9.02
C LEU C 94 -12.96 -14.29 9.09
N GLY C 95 -12.27 -14.48 7.98
CA GLY C 95 -10.84 -14.23 7.95
C GLY C 95 -10.23 -14.44 6.58
N VAL C 96 -9.04 -13.89 6.36
CA VAL C 96 -8.40 -14.03 5.06
C VAL C 96 -7.14 -14.90 5.10
N GLY C 97 -7.06 -15.78 4.10
CA GLY C 97 -5.94 -16.70 3.97
C GLY C 97 -4.73 -16.06 3.31
N ILE C 98 -3.96 -16.83 2.58
CA ILE C 98 -2.77 -16.26 1.95
C ILE C 98 -2.02 -17.41 1.28
N SER C 99 -1.56 -17.19 0.07
CA SER C 99 -0.86 -18.22 -0.68
C SER C 99 0.40 -17.66 -1.37
N GLY C 100 1.45 -18.47 -1.45
CA GLY C 100 2.65 -18.00 -2.11
C GLY C 100 3.36 -19.10 -2.85
N HIS C 101 4.61 -18.83 -3.22
CA HIS C 101 5.48 -19.80 -3.90
C HIS C 101 6.92 -19.46 -3.48
N PRO C 102 7.69 -20.47 -3.04
CA PRO C 102 9.08 -20.27 -2.62
C PRO C 102 9.96 -19.81 -3.76
N LEU C 103 9.53 -20.12 -4.98
CA LEU C 103 10.30 -19.76 -6.17
C LEU C 103 9.37 -19.14 -7.22
N LEU C 104 8.72 -18.04 -6.84
CA LEU C 104 7.80 -17.36 -7.74
C LEU C 104 8.59 -16.59 -8.80
N ASN C 105 8.16 -16.67 -10.06
CA ASN C 105 8.86 -15.96 -11.10
C ASN C 105 8.61 -14.46 -11.00
N LYS C 106 9.40 -13.81 -10.16
CA LYS C 106 9.29 -12.38 -9.98
C LYS C 106 10.65 -11.73 -10.10
N LEU C 107 10.90 -11.07 -11.24
CA LEU C 107 12.17 -10.40 -11.46
C LEU C 107 12.23 -9.19 -10.53
N ASP C 108 11.88 -8.01 -11.04
CA ASP C 108 11.92 -6.84 -10.18
C ASP C 108 10.59 -6.15 -9.95
N ASP C 109 10.63 -5.19 -9.02
CA ASP C 109 9.48 -4.41 -8.62
C ASP C 109 9.34 -3.27 -9.63
N THR C 110 8.32 -3.35 -10.48
CA THR C 110 8.14 -2.34 -11.50
C THR C 110 7.16 -1.24 -11.14
N GLU C 111 6.69 -1.22 -9.90
CA GLU C 111 5.74 -0.21 -9.43
C GLU C 111 6.40 1.14 -9.23
N ASN C 112 7.71 1.11 -9.03
CA ASN C 112 8.49 2.33 -8.82
C ASN C 112 9.95 1.95 -8.69
N ALA C 113 10.80 2.46 -9.59
CA ALA C 113 12.24 2.14 -9.55
C ALA C 113 13.06 3.41 -9.62
N SER C 114 14.15 3.43 -8.84
CA SER C 114 15.04 4.58 -8.79
C SER C 114 16.22 4.53 -9.76
N ALA C 115 16.47 3.33 -10.29
CA ALA C 115 17.55 3.14 -11.24
C ALA C 115 17.20 1.90 -12.04
N TYR C 116 17.75 1.79 -13.25
CA TYR C 116 17.45 0.64 -14.09
C TYR C 116 17.93 -0.64 -13.42
N ALA C 117 17.02 -1.61 -13.33
CA ALA C 117 17.30 -2.90 -12.70
C ALA C 117 18.54 -3.54 -13.31
N ALA C 118 19.20 -4.40 -12.53
CA ALA C 118 20.40 -5.11 -12.94
C ALA C 118 20.23 -5.90 -14.24
N ASN C 119 20.48 -7.19 -14.19
CA ASN C 119 20.33 -8.06 -15.36
C ASN C 119 19.96 -9.48 -14.93
N ALA C 120 18.94 -10.02 -15.58
CA ALA C 120 18.49 -11.37 -15.26
C ALA C 120 19.63 -12.37 -15.40
N GLY C 121 19.95 -13.07 -14.30
CA GLY C 121 21.00 -14.06 -14.35
C GLY C 121 20.36 -15.41 -14.60
N VAL C 122 20.56 -16.32 -13.67
CA VAL C 122 19.94 -17.63 -13.80
C VAL C 122 19.06 -17.74 -12.57
N ASP C 123 17.77 -18.01 -12.75
CA ASP C 123 16.92 -18.15 -11.57
C ASP C 123 16.93 -16.94 -10.58
N ASN C 124 16.08 -15.94 -10.85
CA ASN C 124 15.96 -14.77 -10.00
C ASN C 124 14.66 -14.87 -9.19
N ARG C 125 14.08 -16.07 -9.14
CA ARG C 125 12.84 -16.29 -8.43
C ARG C 125 12.89 -15.93 -6.95
N GLU C 126 11.80 -15.39 -6.41
CA GLU C 126 11.73 -14.98 -5.01
C GLU C 126 10.63 -15.74 -4.28
N CYS C 127 10.74 -15.81 -2.95
CA CYS C 127 9.74 -16.46 -2.10
C CYS C 127 8.69 -15.39 -1.86
N ILE C 128 7.55 -15.49 -2.54
CA ILE C 128 6.49 -14.48 -2.46
C ILE C 128 5.06 -14.98 -2.22
N SER C 129 4.33 -14.30 -1.35
CA SER C 129 2.95 -14.66 -1.08
C SER C 129 1.99 -13.49 -1.38
N MET C 130 0.69 -13.78 -1.41
CA MET C 130 -0.30 -12.77 -1.70
C MET C 130 -1.66 -13.21 -1.17
N ASP C 131 -2.57 -12.26 -1.03
CA ASP C 131 -3.92 -12.55 -0.57
C ASP C 131 -4.80 -12.50 -1.82
N TYR C 132 -5.26 -13.67 -2.22
CA TYR C 132 -6.09 -13.83 -3.41
C TYR C 132 -7.33 -12.95 -3.46
N LYS C 133 -7.96 -12.90 -4.62
CA LYS C 133 -9.17 -12.10 -4.78
C LYS C 133 -10.33 -12.77 -4.06
N GLN C 134 -11.14 -11.94 -3.41
CA GLN C 134 -12.29 -12.39 -2.64
C GLN C 134 -13.41 -12.86 -3.56
N THR C 135 -14.00 -14.00 -3.24
CA THR C 135 -15.10 -14.56 -4.03
C THR C 135 -16.12 -15.27 -3.17
N GLN C 136 -17.39 -14.94 -3.38
CA GLN C 136 -18.49 -15.59 -2.67
C GLN C 136 -19.48 -15.92 -3.75
N LEU C 137 -19.88 -17.19 -3.83
CA LEU C 137 -20.86 -17.55 -4.83
C LEU C 137 -21.60 -18.83 -4.48
N CYS C 138 -22.83 -18.92 -4.97
CA CYS C 138 -23.66 -20.08 -4.73
C CYS C 138 -24.53 -20.38 -5.94
N LEU C 139 -24.37 -21.58 -6.48
CA LEU C 139 -25.12 -22.02 -7.66
C LEU C 139 -25.96 -23.19 -7.26
N ILE C 140 -27.22 -23.17 -7.69
CA ILE C 140 -28.15 -24.26 -7.41
C ILE C 140 -28.91 -24.67 -8.66
N GLY C 141 -29.01 -25.97 -8.86
CA GLY C 141 -29.71 -26.50 -10.02
C GLY C 141 -29.79 -28.01 -9.87
N CYS C 142 -30.41 -28.68 -10.83
CA CYS C 142 -30.53 -30.13 -10.73
C CYS C 142 -29.49 -30.84 -11.62
N LYS C 143 -28.58 -30.05 -12.18
CA LYS C 143 -27.52 -30.59 -13.02
C LYS C 143 -26.24 -30.00 -12.49
N PRO C 144 -25.10 -30.68 -12.68
CA PRO C 144 -23.85 -30.13 -12.16
C PRO C 144 -23.52 -28.82 -12.84
N PRO C 145 -22.80 -27.92 -12.15
CA PRO C 145 -22.40 -26.60 -12.65
C PRO C 145 -21.34 -26.67 -13.76
N ILE C 146 -21.37 -25.72 -14.69
CA ILE C 146 -20.39 -25.72 -15.76
C ILE C 146 -19.48 -24.51 -15.74
N GLY C 147 -18.18 -24.76 -15.88
CA GLY C 147 -17.23 -23.66 -15.88
C GLY C 147 -16.49 -23.44 -17.19
N GLU C 148 -15.73 -22.35 -17.26
CA GLU C 148 -14.93 -22.03 -18.43
C GLU C 148 -13.54 -21.68 -17.94
N HIS C 149 -12.54 -21.87 -18.79
CA HIS C 149 -11.17 -21.53 -18.45
C HIS C 149 -10.38 -21.60 -19.74
N TRP C 150 -9.23 -20.93 -19.77
CA TRP C 150 -8.43 -20.98 -20.98
C TRP C 150 -7.42 -22.11 -20.84
N GLY C 151 -7.30 -22.90 -21.90
CA GLY C 151 -6.35 -24.01 -21.92
C GLY C 151 -5.55 -23.97 -23.20
N LYS C 152 -4.72 -24.98 -23.44
CA LYS C 152 -3.93 -25.01 -24.67
C LYS C 152 -4.72 -25.58 -25.82
N GLY C 153 -5.07 -24.73 -26.78
CA GLY C 153 -5.84 -25.19 -27.91
C GLY C 153 -5.00 -26.10 -28.80
N SER C 154 -5.66 -26.83 -29.70
CA SER C 154 -4.97 -27.71 -30.63
C SER C 154 -4.35 -26.82 -31.73
N PRO C 155 -3.10 -27.10 -32.15
CA PRO C 155 -2.44 -26.30 -33.19
C PRO C 155 -2.91 -26.59 -34.60
N CYS C 156 -2.80 -25.60 -35.49
CA CYS C 156 -3.17 -25.72 -36.89
C CYS C 156 -2.08 -26.53 -37.58
N THR C 157 -2.48 -27.45 -38.48
CA THR C 157 -1.49 -28.26 -39.18
C THR C 157 -0.75 -27.48 -40.26
N GLN C 158 0.26 -26.73 -39.85
CA GLN C 158 1.07 -25.96 -40.75
C GLN C 158 2.46 -25.80 -40.17
N VAL C 159 2.76 -24.55 -39.85
CA VAL C 159 4.02 -24.14 -39.27
C VAL C 159 4.36 -24.95 -38.02
N ALA C 160 5.31 -25.86 -38.16
CA ALA C 160 5.71 -26.72 -37.05
C ALA C 160 6.11 -25.92 -35.80
N VAL C 161 5.36 -26.11 -34.73
CA VAL C 161 5.59 -25.41 -33.47
C VAL C 161 7.07 -25.50 -33.07
N GLN C 162 7.77 -24.38 -33.13
CA GLN C 162 9.16 -24.34 -32.73
C GLN C 162 9.13 -24.45 -31.20
N PRO C 163 10.09 -25.17 -30.61
CA PRO C 163 10.09 -25.30 -29.14
C PRO C 163 10.09 -23.90 -28.48
N GLY C 164 9.26 -23.73 -27.45
CA GLY C 164 9.21 -22.43 -26.78
C GLY C 164 8.21 -21.47 -27.38
N ASP C 165 7.63 -21.86 -28.52
CA ASP C 165 6.63 -21.05 -29.21
C ASP C 165 5.47 -20.87 -28.25
N CYS C 166 4.84 -19.71 -28.31
CA CYS C 166 3.71 -19.45 -27.44
C CYS C 166 2.59 -20.43 -27.83
N PRO C 167 2.00 -21.12 -26.83
CA PRO C 167 0.93 -22.09 -27.10
C PRO C 167 -0.39 -21.40 -27.41
N PRO C 168 -1.21 -22.00 -28.26
CA PRO C 168 -2.51 -21.42 -28.62
C PRO C 168 -3.56 -21.54 -27.50
N LEU C 169 -4.41 -20.53 -27.37
CA LEU C 169 -5.43 -20.55 -26.34
C LEU C 169 -6.77 -21.09 -26.87
N GLU C 170 -7.64 -21.51 -25.97
CA GLU C 170 -8.92 -22.04 -26.35
C GLU C 170 -9.80 -22.05 -25.11
N LEU C 171 -10.96 -21.41 -25.18
CA LEU C 171 -11.83 -21.41 -24.02
C LEU C 171 -12.41 -22.80 -23.94
N ILE C 172 -12.22 -23.46 -22.80
CA ILE C 172 -12.70 -24.82 -22.60
C ILE C 172 -13.79 -24.94 -21.54
N ASN C 173 -14.95 -25.45 -21.94
CA ASN C 173 -16.05 -25.65 -21.00
C ASN C 173 -15.81 -26.95 -20.29
N THR C 174 -16.02 -26.98 -18.99
CA THR C 174 -15.77 -28.19 -18.21
C THR C 174 -16.86 -28.33 -17.14
N VAL C 175 -16.89 -29.45 -16.44
CA VAL C 175 -17.86 -29.61 -15.39
C VAL C 175 -17.11 -29.20 -14.14
N ILE C 176 -17.68 -28.34 -13.32
CA ILE C 176 -16.98 -27.91 -12.10
C ILE C 176 -17.11 -28.96 -11.02
N GLN C 177 -16.01 -29.38 -10.58
CA GLN C 177 -15.99 -30.43 -9.59
C GLN C 177 -15.57 -29.99 -8.20
N ASP C 178 -16.03 -30.84 -7.27
CA ASP C 178 -15.74 -30.50 -5.90
C ASP C 178 -14.23 -30.53 -5.71
N GLY C 179 -13.64 -29.43 -5.27
CA GLY C 179 -12.22 -29.43 -5.06
C GLY C 179 -11.48 -28.61 -6.09
N ASP C 180 -12.17 -28.26 -7.18
CA ASP C 180 -11.57 -27.44 -8.22
C ASP C 180 -11.24 -26.07 -7.63
N MET C 181 -10.34 -25.34 -8.28
CA MET C 181 -9.96 -24.03 -7.79
C MET C 181 -10.67 -22.89 -8.49
N VAL C 182 -10.84 -21.79 -7.77
CA VAL C 182 -11.50 -20.60 -8.27
C VAL C 182 -10.44 -19.61 -8.76
N ASP C 183 -10.82 -18.79 -9.75
CA ASP C 183 -9.89 -17.80 -10.26
C ASP C 183 -9.49 -17.05 -9.00
N THR C 184 -8.20 -16.79 -8.86
CA THR C 184 -7.66 -16.13 -7.67
C THR C 184 -7.08 -14.76 -7.94
N GLY C 185 -7.19 -14.30 -9.19
CA GLY C 185 -6.64 -13.00 -9.53
C GLY C 185 -5.79 -13.13 -10.75
N PHE C 186 -5.55 -14.37 -11.17
CA PHE C 186 -4.75 -14.60 -12.36
C PHE C 186 -5.63 -15.12 -13.48
N GLY C 187 -6.95 -14.93 -13.32
CA GLY C 187 -7.91 -15.37 -14.32
C GLY C 187 -8.21 -16.86 -14.28
N ALA C 188 -9.08 -17.32 -15.17
CA ALA C 188 -9.43 -18.74 -15.21
C ALA C 188 -8.71 -19.46 -16.34
N MET C 189 -7.61 -20.11 -16.00
CA MET C 189 -6.81 -20.83 -16.99
C MET C 189 -6.16 -22.06 -16.39
N ASP C 190 -5.66 -22.91 -17.29
CA ASP C 190 -4.99 -24.15 -16.93
C ASP C 190 -3.49 -23.88 -16.85
N PHE C 191 -3.03 -23.52 -15.66
CA PHE C 191 -1.62 -23.19 -15.45
C PHE C 191 -0.63 -24.32 -15.72
N THR C 192 -1.08 -25.56 -15.59
CA THR C 192 -0.19 -26.68 -15.82
C THR C 192 0.22 -26.73 -17.28
N THR C 193 -0.79 -26.74 -18.17
CA THR C 193 -0.54 -26.80 -19.61
C THR C 193 -0.20 -25.48 -20.31
N LEU C 194 -0.24 -24.38 -19.57
CA LEU C 194 0.05 -23.07 -20.15
C LEU C 194 1.26 -22.39 -19.50
N GLN C 195 1.84 -23.02 -18.48
CA GLN C 195 2.99 -22.46 -17.81
C GLN C 195 4.04 -23.52 -17.42
N ALA C 196 4.92 -23.86 -18.35
CA ALA C 196 5.96 -24.85 -18.12
C ALA C 196 6.81 -24.45 -16.92
N ASN C 197 6.95 -23.15 -16.76
CA ASN C 197 7.70 -22.51 -15.70
C ASN C 197 7.46 -23.15 -14.33
N LYS C 198 6.20 -23.45 -14.03
CA LYS C 198 5.79 -24.04 -12.74
C LYS C 198 6.03 -23.08 -11.57
N SER C 199 6.28 -21.81 -11.86
CA SER C 199 6.54 -20.83 -10.81
C SER C 199 5.86 -19.48 -11.04
N GLU C 200 4.86 -19.44 -11.91
CA GLU C 200 4.18 -18.19 -12.23
C GLU C 200 3.18 -17.78 -11.15
N VAL C 201 2.60 -18.77 -10.48
CA VAL C 201 1.61 -18.50 -9.47
C VAL C 201 1.88 -19.33 -8.21
N PRO C 202 1.23 -19.00 -7.08
CA PRO C 202 1.43 -19.76 -5.84
C PRO C 202 1.21 -21.26 -6.02
N LEU C 203 1.76 -22.05 -5.10
CA LEU C 203 1.63 -23.51 -5.12
C LEU C 203 0.21 -24.04 -5.27
N ASP C 204 -0.73 -23.51 -4.49
CA ASP C 204 -2.12 -23.99 -4.53
C ASP C 204 -2.88 -23.97 -5.85
N ILE C 205 -2.44 -23.21 -6.84
CA ILE C 205 -3.11 -23.16 -8.15
C ILE C 205 -2.09 -23.46 -9.24
N CYS C 206 -0.84 -23.45 -8.79
CA CYS C 206 0.35 -23.71 -9.59
C CYS C 206 0.25 -24.84 -10.62
N THR C 207 -0.34 -25.98 -10.26
CA THR C 207 -0.47 -27.07 -11.21
C THR C 207 -1.93 -27.49 -11.26
N SER C 208 -2.82 -26.52 -11.09
CA SER C 208 -4.26 -26.78 -11.13
C SER C 208 -4.92 -25.96 -12.23
N ILE C 209 -6.24 -26.03 -12.28
CA ILE C 209 -6.98 -25.26 -13.25
C ILE C 209 -7.93 -24.38 -12.48
N CYS C 210 -7.83 -23.07 -12.67
CA CYS C 210 -8.75 -22.17 -12.01
C CYS C 210 -9.92 -21.98 -13.00
N LYS C 211 -11.11 -22.38 -12.56
CA LYS C 211 -12.29 -22.29 -13.41
C LYS C 211 -13.24 -21.22 -12.95
N TYR C 212 -14.00 -20.67 -13.90
CA TYR C 212 -14.96 -19.62 -13.59
C TYR C 212 -16.30 -20.12 -14.06
N PRO C 213 -17.36 -19.90 -13.27
CA PRO C 213 -18.67 -20.38 -13.71
C PRO C 213 -19.02 -19.75 -15.06
N ASP C 214 -19.51 -20.56 -15.99
CA ASP C 214 -19.89 -20.02 -17.27
C ASP C 214 -21.38 -19.67 -17.15
N TYR C 215 -21.64 -18.55 -16.45
CA TYR C 215 -22.99 -18.08 -16.23
C TYR C 215 -23.75 -17.89 -17.54
N ILE C 216 -23.08 -17.32 -18.55
CA ILE C 216 -23.73 -17.07 -19.84
C ILE C 216 -24.31 -18.35 -20.43
N LYS C 217 -23.46 -19.38 -20.54
CA LYS C 217 -23.85 -20.66 -21.12
C LYS C 217 -24.99 -21.32 -20.35
N MET C 218 -24.82 -21.39 -19.03
CA MET C 218 -25.81 -22.03 -18.17
C MET C 218 -27.19 -21.39 -18.24
N VAL C 219 -27.25 -20.08 -18.34
CA VAL C 219 -28.53 -19.41 -18.41
C VAL C 219 -29.15 -19.52 -19.81
N SER C 220 -28.29 -19.68 -20.82
CA SER C 220 -28.75 -19.82 -22.20
C SER C 220 -29.37 -21.21 -22.33
N GLU C 221 -28.83 -22.15 -21.56
CA GLU C 221 -29.34 -23.51 -21.55
C GLU C 221 -30.88 -23.48 -21.69
N PRO C 222 -31.40 -24.20 -22.70
CA PRO C 222 -32.84 -24.28 -22.99
C PRO C 222 -33.76 -24.62 -21.81
N TYR C 223 -33.49 -25.73 -21.15
CA TYR C 223 -34.31 -26.15 -20.02
C TYR C 223 -33.92 -25.48 -18.69
N GLY C 224 -32.70 -24.99 -18.61
CA GLY C 224 -32.23 -24.34 -17.41
C GLY C 224 -32.16 -25.23 -16.18
N ASP C 225 -31.65 -26.45 -16.33
CA ASP C 225 -31.55 -27.36 -15.20
C ASP C 225 -30.25 -27.18 -14.44
N SER C 226 -29.21 -26.81 -15.15
CA SER C 226 -27.91 -26.65 -14.52
C SER C 226 -27.89 -25.64 -13.39
N LEU C 227 -28.73 -24.61 -13.49
CA LEU C 227 -28.76 -23.62 -12.43
C LEU C 227 -30.02 -22.77 -12.49
N PHE C 228 -30.86 -22.86 -11.47
CA PHE C 228 -32.07 -22.08 -11.43
C PHE C 228 -32.07 -20.99 -10.37
N PHE C 229 -30.87 -20.71 -9.87
CA PHE C 229 -30.67 -19.68 -8.86
C PHE C 229 -29.18 -19.52 -8.58
N TYR C 230 -28.73 -18.28 -8.38
CA TYR C 230 -27.32 -18.07 -8.06
C TYR C 230 -27.05 -16.72 -7.41
N LEU C 231 -25.95 -16.66 -6.67
CA LEU C 231 -25.52 -15.43 -6.04
C LEU C 231 -24.02 -15.35 -6.23
N ARG C 232 -23.54 -14.23 -6.76
CA ARG C 232 -22.12 -14.06 -6.99
C ARG C 232 -21.64 -12.73 -6.46
N ARG C 233 -20.47 -12.75 -5.82
CA ARG C 233 -19.88 -11.56 -5.27
C ARG C 233 -18.36 -11.71 -5.36
N GLU C 234 -17.73 -10.91 -6.21
CA GLU C 234 -16.29 -10.95 -6.37
C GLU C 234 -15.69 -9.54 -6.44
N GLN C 235 -14.54 -9.37 -5.81
CA GLN C 235 -13.84 -8.08 -5.80
C GLN C 235 -12.33 -8.32 -5.78
N MET C 236 -11.57 -7.39 -6.36
CA MET C 236 -10.13 -7.54 -6.40
C MET C 236 -9.44 -6.24 -6.79
N PHE C 237 -8.23 -6.04 -6.28
CA PHE C 237 -7.47 -4.86 -6.65
C PHE C 237 -5.99 -5.20 -6.74
N VAL C 238 -5.22 -4.35 -7.41
CA VAL C 238 -3.78 -4.59 -7.59
C VAL C 238 -2.95 -4.14 -6.40
N ARG C 239 -2.32 -5.11 -5.73
CA ARG C 239 -1.46 -4.83 -4.57
C ARG C 239 -0.04 -4.46 -5.05
N HIS C 240 0.58 -5.31 -5.85
CA HIS C 240 1.92 -5.00 -6.37
C HIS C 240 2.05 -5.20 -7.87
N LEU C 241 3.01 -4.51 -8.46
CA LEU C 241 3.23 -4.61 -9.90
C LEU C 241 4.64 -5.12 -10.16
N PHE C 242 4.71 -6.35 -10.68
CA PHE C 242 5.98 -7.00 -10.94
C PHE C 242 6.34 -7.28 -12.41
N ASN C 243 7.53 -7.85 -12.56
CA ASN C 243 8.16 -8.22 -13.81
C ASN C 243 8.31 -9.74 -13.87
N ARG C 244 8.37 -10.30 -15.07
CA ARG C 244 8.58 -11.75 -15.19
C ARG C 244 9.97 -12.04 -15.75
N ALA C 245 10.73 -12.87 -15.05
CA ALA C 245 12.04 -13.27 -15.52
C ALA C 245 11.77 -14.28 -16.63
N GLY C 246 12.79 -14.60 -17.41
CA GLY C 246 12.60 -15.54 -18.51
C GLY C 246 13.10 -14.83 -19.74
N THR C 247 12.79 -15.36 -20.92
CA THR C 247 13.27 -14.71 -22.13
C THR C 247 12.14 -14.26 -23.02
N VAL C 248 12.35 -13.13 -23.69
CA VAL C 248 11.35 -12.55 -24.56
C VAL C 248 10.78 -13.58 -25.53
N GLY C 249 9.48 -13.80 -25.40
CA GLY C 249 8.80 -14.74 -26.27
C GLY C 249 8.42 -13.95 -27.50
N GLU C 250 8.00 -12.71 -27.26
CA GLU C 250 7.64 -11.81 -28.32
C GLU C 250 8.26 -10.46 -28.01
N ASN C 251 9.11 -9.98 -28.92
CA ASN C 251 9.79 -8.72 -28.74
C ASN C 251 8.93 -7.49 -28.93
N VAL C 252 9.31 -6.44 -28.21
CA VAL C 252 8.61 -5.16 -28.27
C VAL C 252 8.91 -4.45 -29.57
N PRO C 253 7.89 -4.22 -30.40
CA PRO C 253 8.10 -3.54 -31.68
C PRO C 253 8.84 -2.23 -31.45
N ASP C 254 9.95 -2.02 -32.17
CA ASP C 254 10.77 -0.82 -31.99
C ASP C 254 10.15 0.50 -32.40
N ASP C 255 8.96 0.42 -33.01
CA ASP C 255 8.25 1.64 -33.41
C ASP C 255 7.51 2.21 -32.20
N LEU C 256 7.63 1.51 -31.06
CA LEU C 256 6.99 1.91 -29.80
C LEU C 256 7.94 2.57 -28.81
N TYR C 257 9.18 2.82 -29.23
CA TYR C 257 10.13 3.42 -28.32
C TYR C 257 11.44 3.79 -28.99
N ILE C 258 12.20 4.60 -28.27
CA ILE C 258 13.49 5.06 -28.74
C ILE C 258 14.60 4.29 -28.04
N LYS C 259 15.40 3.58 -28.84
CA LYS C 259 16.50 2.78 -28.32
C LYS C 259 17.24 3.55 -27.21
N GLY C 260 17.65 2.83 -26.17
CA GLY C 260 18.39 3.44 -25.08
C GLY C 260 19.88 3.36 -25.35
N SER C 261 20.67 3.21 -24.29
CA SER C 261 22.12 3.13 -24.41
C SER C 261 22.74 2.91 -23.04
N GLY C 262 23.92 2.31 -23.00
CA GLY C 262 24.55 2.08 -21.71
C GLY C 262 23.67 1.11 -20.94
N SER C 263 23.09 1.55 -19.83
CA SER C 263 22.23 0.68 -19.03
C SER C 263 20.89 0.44 -19.73
N THR C 264 20.30 1.51 -20.23
CA THR C 264 19.01 1.42 -20.93
C THR C 264 19.17 0.86 -22.34
N ALA C 265 20.35 0.34 -22.64
CA ALA C 265 20.62 -0.20 -23.97
C ALA C 265 19.77 -1.44 -24.17
N ASN C 266 19.71 -2.26 -23.11
CA ASN C 266 18.94 -3.50 -23.12
C ASN C 266 17.59 -3.33 -22.44
N LEU C 267 16.53 -3.63 -23.16
CA LEU C 267 15.18 -3.50 -22.63
C LEU C 267 14.90 -4.51 -21.51
N ALA C 268 14.35 -4.00 -20.42
CA ALA C 268 13.98 -4.84 -19.28
C ALA C 268 12.68 -5.57 -19.66
N SER C 269 12.42 -6.69 -19.00
CA SER C 269 11.19 -7.45 -19.29
C SER C 269 9.96 -6.56 -19.17
N SER C 270 9.14 -6.54 -20.23
CA SER C 270 7.92 -5.76 -20.18
C SER C 270 6.75 -6.74 -20.09
N ASN C 271 7.05 -7.90 -19.51
CA ASN C 271 6.05 -8.95 -19.27
C ASN C 271 5.62 -8.73 -17.82
N TYR C 272 4.83 -7.69 -17.59
CA TYR C 272 4.39 -7.35 -16.24
C TYR C 272 3.23 -8.21 -15.79
N PHE C 273 3.14 -8.36 -14.47
CA PHE C 273 2.05 -9.12 -13.87
C PHE C 273 1.80 -8.51 -12.51
N PRO C 274 0.52 -8.33 -12.16
CA PRO C 274 0.14 -7.75 -10.87
C PRO C 274 -0.14 -8.81 -9.82
N THR C 275 -0.05 -8.40 -8.55
CA THR C 275 -0.33 -9.27 -7.42
C THR C 275 -1.73 -8.91 -6.98
N PRO C 276 -2.64 -9.89 -6.94
CA PRO C 276 -4.00 -9.57 -6.53
C PRO C 276 -4.14 -9.30 -5.03
N SER C 277 -5.34 -8.90 -4.65
CA SER C 277 -5.66 -8.64 -3.27
C SER C 277 -7.16 -8.39 -3.14
N GLY C 278 -7.85 -9.35 -2.53
CA GLY C 278 -9.28 -9.22 -2.30
C GLY C 278 -9.23 -8.48 -0.99
N SER C 279 -9.72 -7.26 -0.97
CA SER C 279 -9.64 -6.44 0.23
C SER C 279 -10.19 -7.04 1.52
N MET C 280 -10.72 -6.18 2.37
CA MET C 280 -11.28 -6.58 3.66
C MET C 280 -12.51 -7.45 3.49
N VAL C 281 -12.74 -8.34 4.46
CA VAL C 281 -13.92 -9.21 4.45
C VAL C 281 -14.83 -8.67 5.54
N THR C 282 -16.13 -8.73 5.28
CA THR C 282 -17.10 -8.17 6.21
C THR C 282 -18.37 -8.97 6.37
N SER C 283 -18.97 -8.83 7.55
CA SER C 283 -20.24 -9.48 7.88
C SER C 283 -21.33 -8.92 6.97
N ASP C 284 -21.45 -7.60 6.99
CA ASP C 284 -22.47 -6.92 6.20
C ASP C 284 -22.51 -7.41 4.75
N ALA C 285 -21.40 -7.95 4.27
CA ALA C 285 -21.37 -8.39 2.88
C ALA C 285 -21.55 -9.90 2.70
N GLN C 286 -21.93 -10.59 3.78
CA GLN C 286 -22.13 -12.03 3.73
C GLN C 286 -23.28 -12.43 2.85
N ILE C 287 -23.11 -13.56 2.20
CA ILE C 287 -24.12 -14.10 1.31
C ILE C 287 -24.77 -15.31 1.92
N PHE C 288 -24.03 -15.96 2.80
CA PHE C 288 -24.50 -17.16 3.45
C PHE C 288 -25.20 -16.91 4.80
N ASN C 289 -25.66 -17.99 5.43
CA ASN C 289 -26.37 -17.92 6.68
C ASN C 289 -27.57 -17.01 6.54
N LYS C 290 -28.14 -17.02 5.34
CA LYS C 290 -29.32 -16.26 4.97
C LYS C 290 -30.11 -17.28 4.15
N PRO C 291 -31.43 -17.27 4.25
CA PRO C 291 -32.20 -18.24 3.47
C PRO C 291 -32.47 -17.70 2.07
N TYR C 292 -32.53 -18.58 1.07
CA TYR C 292 -32.82 -18.15 -0.29
C TYR C 292 -34.15 -18.77 -0.66
N TRP C 293 -35.12 -17.94 -1.03
CA TRP C 293 -36.43 -18.47 -1.41
C TRP C 293 -36.53 -18.57 -2.93
N LEU C 294 -36.37 -19.79 -3.44
CA LEU C 294 -36.42 -20.08 -4.87
C LEU C 294 -37.85 -20.16 -5.38
N GLN C 295 -38.58 -19.04 -5.36
CA GLN C 295 -39.96 -19.06 -5.80
C GLN C 295 -40.20 -18.91 -7.30
N ARG C 296 -39.57 -17.91 -7.91
CA ARG C 296 -39.73 -17.67 -9.35
C ARG C 296 -38.37 -17.81 -10.02
N ALA C 297 -38.18 -18.85 -10.82
CA ALA C 297 -36.89 -19.01 -11.47
C ALA C 297 -36.89 -18.27 -12.80
N GLN C 298 -35.72 -17.82 -13.22
CA GLN C 298 -35.59 -17.10 -14.48
C GLN C 298 -35.54 -18.08 -15.64
N GLY C 299 -35.30 -19.35 -15.32
CA GLY C 299 -35.24 -20.41 -16.33
C GLY C 299 -36.58 -21.12 -16.40
N HIS C 300 -36.71 -22.08 -17.31
CA HIS C 300 -37.98 -22.79 -17.42
C HIS C 300 -38.14 -23.85 -16.34
N ASN C 301 -37.04 -24.33 -15.80
CA ASN C 301 -37.12 -25.31 -14.73
C ASN C 301 -37.19 -24.50 -13.44
N ASN C 302 -38.37 -24.45 -12.84
CA ASN C 302 -38.52 -23.69 -11.62
C ASN C 302 -38.21 -24.45 -10.34
N GLY C 303 -36.96 -24.89 -10.22
CA GLY C 303 -36.54 -25.59 -9.02
C GLY C 303 -36.99 -27.03 -8.88
N ILE C 304 -37.30 -27.67 -10.01
CA ILE C 304 -37.72 -29.06 -9.94
C ILE C 304 -36.45 -29.91 -9.90
N CYS C 305 -36.38 -30.82 -8.95
CA CYS C 305 -35.20 -31.65 -8.80
C CYS C 305 -35.37 -33.00 -9.52
N TRP C 306 -35.38 -32.96 -10.85
CA TRP C 306 -35.49 -34.18 -11.64
C TRP C 306 -34.41 -35.17 -11.18
N GLY C 307 -34.77 -36.45 -11.12
CA GLY C 307 -33.83 -37.46 -10.70
C GLY C 307 -33.63 -37.47 -9.21
N ASN C 308 -34.44 -36.70 -8.48
CA ASN C 308 -34.33 -36.62 -7.03
C ASN C 308 -32.91 -36.21 -6.66
N GLN C 309 -32.33 -35.39 -7.53
CA GLN C 309 -30.98 -34.86 -7.33
C GLN C 309 -31.08 -33.36 -7.12
N LEU C 310 -29.97 -32.77 -6.68
CA LEU C 310 -29.92 -31.34 -6.44
C LEU C 310 -28.45 -30.98 -6.28
N PHE C 311 -28.01 -29.95 -7.01
CA PHE C 311 -26.62 -29.51 -6.93
C PHE C 311 -26.47 -28.14 -6.28
N VAL C 312 -25.58 -28.06 -5.30
CA VAL C 312 -25.32 -26.81 -4.60
C VAL C 312 -23.84 -26.52 -4.66
N THR C 313 -23.48 -25.57 -5.50
CA THR C 313 -22.08 -25.21 -5.65
C THR C 313 -21.81 -23.96 -4.80
N VAL C 314 -20.68 -23.97 -4.10
CA VAL C 314 -20.33 -22.86 -3.24
C VAL C 314 -18.84 -22.53 -3.27
N VAL C 315 -18.53 -21.25 -3.09
CA VAL C 315 -17.17 -20.78 -3.02
C VAL C 315 -17.23 -19.66 -2.03
N ASP C 316 -16.46 -19.78 -0.96
CA ASP C 316 -16.44 -18.75 0.07
C ASP C 316 -15.02 -18.52 0.53
N THR C 317 -14.47 -17.36 0.21
CA THR C 317 -13.09 -17.08 0.60
C THR C 317 -13.06 -16.09 1.74
N THR C 318 -14.20 -15.89 2.40
CA THR C 318 -14.29 -14.95 3.49
C THR C 318 -14.02 -15.63 4.82
N ARG C 319 -13.57 -16.88 4.75
CA ARG C 319 -13.25 -17.66 5.94
C ARG C 319 -12.07 -18.53 5.59
N SER C 320 -11.13 -17.95 4.84
CA SER C 320 -9.95 -18.67 4.36
C SER C 320 -8.76 -18.75 5.29
N THR C 321 -8.94 -18.33 6.54
CA THR C 321 -7.86 -18.37 7.51
C THR C 321 -7.19 -19.73 7.55
N ASN C 322 -5.86 -19.72 7.48
CA ASN C 322 -5.11 -20.96 7.57
C ASN C 322 -4.48 -20.84 8.94
N MET C 323 -4.35 -21.94 9.64
CA MET C 323 -3.73 -21.88 10.97
C MET C 323 -2.45 -22.69 10.99
N SER C 324 -1.39 -22.07 11.46
CA SER C 324 -0.12 -22.77 11.53
C SER C 324 -0.03 -23.42 12.91
N LEU C 325 0.34 -24.69 12.94
CA LEU C 325 0.49 -25.39 14.19
C LEU C 325 1.84 -26.07 14.16
N CYS C 326 2.68 -25.79 15.14
CA CYS C 326 3.97 -26.43 15.19
C CYS C 326 4.16 -27.21 16.48
N ALA C 327 4.77 -28.38 16.35
CA ALA C 327 5.06 -29.27 17.47
C ALA C 327 6.56 -29.27 17.73
N ALA C 328 6.94 -29.36 19.00
CA ALA C 328 8.36 -29.38 19.37
C ALA C 328 8.90 -30.79 19.27
N ILE C 329 10.12 -30.90 18.80
CA ILE C 329 10.76 -32.21 18.66
C ILE C 329 11.29 -32.63 20.04
N SER C 330 11.60 -31.64 20.86
CA SER C 330 12.11 -31.86 22.21
C SER C 330 11.49 -30.82 23.15
N THR C 331 11.10 -31.25 24.35
CA THR C 331 10.49 -30.33 25.31
C THR C 331 11.46 -30.01 26.44
N SER C 332 12.74 -30.02 26.11
CA SER C 332 13.79 -29.77 27.08
C SER C 332 14.32 -28.35 27.10
N GLU C 333 15.39 -28.13 26.34
CA GLU C 333 16.08 -26.84 26.24
C GLU C 333 15.18 -25.65 26.39
N THR C 334 15.63 -24.68 27.18
CA THR C 334 14.85 -23.49 27.40
C THR C 334 15.34 -22.38 26.48
N THR C 335 15.94 -22.79 25.36
CA THR C 335 16.43 -21.82 24.41
C THR C 335 15.83 -22.16 23.06
N TYR C 336 15.20 -21.16 22.43
CA TYR C 336 14.58 -21.38 21.14
C TYR C 336 15.62 -21.83 20.11
N LYS C 337 15.21 -22.77 19.26
CA LYS C 337 16.03 -23.29 18.18
C LYS C 337 15.04 -23.61 17.06
N ASN C 338 15.20 -22.98 15.92
CA ASN C 338 14.28 -23.25 14.81
C ASN C 338 14.27 -24.71 14.45
N THR C 339 15.37 -25.39 14.73
CA THR C 339 15.50 -26.82 14.40
C THR C 339 14.72 -27.69 15.35
N ASN C 340 14.34 -27.16 16.50
CA ASN C 340 13.59 -27.93 17.48
C ASN C 340 12.07 -28.01 17.19
N PHE C 341 11.56 -27.13 16.31
CA PHE C 341 10.14 -27.11 16.00
C PHE C 341 9.77 -27.35 14.55
N LYS C 342 8.87 -28.29 14.34
CA LYS C 342 8.40 -28.60 13.00
C LYS C 342 7.13 -27.77 12.72
N GLU C 343 7.20 -26.86 11.75
CA GLU C 343 6.08 -25.99 11.41
C GLU C 343 5.17 -26.60 10.35
N TYR C 344 3.85 -26.50 10.55
CA TYR C 344 2.88 -27.02 9.59
C TYR C 344 1.77 -26.02 9.29
N LEU C 345 0.90 -26.37 8.36
CA LEU C 345 -0.23 -25.52 7.99
C LEU C 345 -1.48 -26.36 7.82
N ARG C 346 -2.61 -25.87 8.33
CA ARG C 346 -3.87 -26.60 8.21
C ARG C 346 -5.00 -25.60 8.05
N HIS C 347 -6.02 -26.00 7.29
CA HIS C 347 -7.17 -25.13 7.10
C HIS C 347 -8.46 -25.92 7.27
N GLY C 348 -9.42 -25.34 7.99
CA GLY C 348 -10.69 -26.01 8.21
C GLY C 348 -11.90 -25.28 7.60
N GLU C 349 -12.83 -26.06 7.06
CA GLU C 349 -14.01 -25.48 6.47
C GLU C 349 -15.24 -26.10 7.17
N GLU C 350 -16.26 -25.29 7.47
CA GLU C 350 -17.45 -25.78 8.15
C GLU C 350 -18.74 -25.41 7.42
N TYR C 351 -19.49 -26.41 7.00
CA TYR C 351 -20.75 -26.16 6.30
C TYR C 351 -21.93 -26.76 7.03
N ASP C 352 -23.13 -26.38 6.59
CA ASP C 352 -24.38 -26.90 7.15
C ASP C 352 -25.49 -26.53 6.18
N LEU C 353 -25.85 -27.48 5.32
CA LEU C 353 -26.87 -27.21 4.33
C LEU C 353 -28.29 -27.52 4.83
N GLN C 354 -29.25 -26.67 4.47
CA GLN C 354 -30.63 -26.84 4.91
C GLN C 354 -31.57 -26.53 3.75
N PHE C 355 -32.59 -27.35 3.59
CA PHE C 355 -33.52 -27.12 2.49
C PHE C 355 -34.95 -27.32 2.89
N ILE C 356 -35.84 -26.73 2.10
CA ILE C 356 -37.28 -26.86 2.29
C ILE C 356 -37.75 -27.36 0.93
N PHE C 357 -38.35 -28.55 0.91
CA PHE C 357 -38.83 -29.10 -0.35
C PHE C 357 -40.35 -29.18 -0.45
N GLN C 358 -40.87 -28.91 -1.64
CA GLN C 358 -42.30 -28.97 -1.91
C GLN C 358 -42.62 -30.14 -2.82
N LEU C 359 -43.52 -31.01 -2.37
CA LEU C 359 -43.91 -32.16 -3.15
C LEU C 359 -44.67 -31.70 -4.40
N CYS C 360 -44.43 -32.36 -5.53
CA CYS C 360 -45.10 -32.04 -6.77
C CYS C 360 -45.57 -33.30 -7.49
N LYS C 361 -46.59 -33.16 -8.33
CA LYS C 361 -47.15 -34.30 -9.05
C LYS C 361 -47.26 -34.00 -10.54
N ILE C 362 -47.08 -35.02 -11.36
CA ILE C 362 -47.15 -34.87 -12.82
C ILE C 362 -48.02 -35.92 -13.45
N THR C 363 -49.13 -35.49 -14.00
CA THR C 363 -50.01 -36.45 -14.64
C THR C 363 -49.35 -36.83 -15.96
N LEU C 364 -48.97 -38.09 -16.08
CA LEU C 364 -48.30 -38.59 -17.26
C LEU C 364 -49.14 -38.75 -18.53
N THR C 365 -49.59 -37.62 -19.09
CA THR C 365 -50.36 -37.65 -20.33
C THR C 365 -49.42 -37.93 -21.50
N ALA C 366 -50.00 -38.02 -22.69
CA ALA C 366 -49.22 -38.31 -23.89
C ALA C 366 -48.17 -37.23 -24.08
N ASP C 367 -48.67 -36.02 -24.31
CA ASP C 367 -47.86 -34.83 -24.52
C ASP C 367 -46.77 -34.71 -23.45
N VAL C 368 -47.19 -34.82 -22.19
CA VAL C 368 -46.26 -34.69 -21.09
C VAL C 368 -45.14 -35.71 -21.23
N MET C 369 -45.50 -36.96 -21.51
CA MET C 369 -44.51 -38.02 -21.66
C MET C 369 -43.59 -37.79 -22.85
N THR C 370 -44.12 -37.19 -23.91
CA THR C 370 -43.32 -36.89 -25.10
C THR C 370 -42.30 -35.83 -24.68
N TYR C 371 -42.78 -34.75 -24.07
CA TYR C 371 -41.93 -33.65 -23.61
C TYR C 371 -40.83 -34.13 -22.68
N ILE C 372 -41.24 -34.64 -21.52
CA ILE C 372 -40.30 -35.15 -20.51
C ILE C 372 -39.33 -36.13 -21.16
N HIS C 373 -39.83 -36.95 -22.09
CA HIS C 373 -38.97 -37.91 -22.77
C HIS C 373 -37.87 -37.19 -23.55
N SER C 374 -38.25 -36.21 -24.35
CA SER C 374 -37.29 -35.43 -25.14
C SER C 374 -36.30 -34.75 -24.23
N MET C 375 -36.83 -34.05 -23.23
CA MET C 375 -36.04 -33.32 -22.27
C MET C 375 -34.96 -34.19 -21.63
N ASN C 376 -35.38 -35.29 -21.03
CA ASN C 376 -34.44 -36.19 -20.39
C ASN C 376 -35.04 -37.59 -20.18
N SER C 377 -34.98 -38.39 -21.24
CA SER C 377 -35.53 -39.75 -21.21
C SER C 377 -35.37 -40.51 -19.90
N THR C 378 -34.24 -40.34 -19.22
CA THR C 378 -34.03 -41.07 -17.97
C THR C 378 -35.11 -40.80 -16.93
N ILE C 379 -35.74 -39.63 -16.97
CA ILE C 379 -36.81 -39.28 -16.01
C ILE C 379 -37.84 -40.41 -15.95
N LEU C 380 -38.44 -40.69 -17.11
CA LEU C 380 -39.48 -41.71 -17.26
C LEU C 380 -38.95 -43.12 -16.99
N GLU C 381 -37.76 -43.41 -17.50
CA GLU C 381 -37.16 -44.73 -17.32
C GLU C 381 -36.96 -45.04 -15.85
N ASP C 382 -36.59 -44.05 -15.07
CA ASP C 382 -36.37 -44.26 -13.65
C ASP C 382 -37.69 -44.32 -12.90
N TRP C 383 -38.74 -43.69 -13.43
CA TRP C 383 -40.00 -43.73 -12.73
C TRP C 383 -40.53 -45.13 -12.58
N ASN C 384 -41.85 -45.32 -12.49
CA ASN C 384 -42.34 -46.68 -12.28
C ASN C 384 -41.37 -47.74 -12.78
N GLU C 419 -26.93 -47.28 -12.97
CA GLU C 419 -25.67 -46.71 -12.48
C GLU C 419 -25.54 -45.18 -12.73
N ASP C 420 -24.71 -44.51 -11.94
CA ASP C 420 -24.42 -43.05 -11.98
C ASP C 420 -23.86 -42.51 -13.32
N PRO C 421 -24.60 -41.61 -14.01
CA PRO C 421 -24.16 -41.03 -15.30
C PRO C 421 -22.99 -40.06 -15.23
N LEU C 422 -22.60 -39.70 -14.02
CA LEU C 422 -21.48 -38.78 -13.84
C LEU C 422 -20.47 -39.44 -12.92
N LYS C 423 -20.25 -40.74 -13.10
CA LYS C 423 -19.30 -41.46 -12.25
C LYS C 423 -17.89 -40.94 -12.42
N LYS C 424 -17.62 -40.37 -13.57
CA LYS C 424 -16.30 -39.85 -13.86
C LYS C 424 -15.96 -38.60 -13.08
N TYR C 425 -16.97 -37.82 -12.73
CA TYR C 425 -16.75 -36.59 -11.99
C TYR C 425 -16.83 -36.83 -10.52
N THR C 426 -16.35 -35.86 -9.80
CA THR C 426 -16.46 -36.00 -8.39
C THR C 426 -17.15 -34.87 -7.71
N PHE C 427 -17.73 -35.20 -6.58
CA PHE C 427 -18.34 -34.17 -5.76
C PHE C 427 -18.65 -34.68 -4.36
N TRP C 428 -18.78 -33.72 -3.45
CA TRP C 428 -19.10 -34.01 -2.05
C TRP C 428 -20.48 -34.66 -2.08
N GLU C 429 -20.52 -35.96 -1.82
CA GLU C 429 -21.79 -36.66 -1.85
C GLU C 429 -22.57 -36.41 -0.57
N VAL C 430 -23.82 -36.00 -0.70
CA VAL C 430 -24.64 -35.71 0.45
C VAL C 430 -25.92 -36.51 0.39
N ASN C 431 -26.08 -37.43 1.36
CA ASN C 431 -27.31 -38.24 1.37
C ASN C 431 -28.38 -37.70 2.32
N LEU C 432 -29.53 -37.36 1.76
CA LEU C 432 -30.61 -36.83 2.56
C LEU C 432 -31.84 -37.72 2.63
N LYS C 433 -31.75 -38.94 2.08
CA LYS C 433 -32.87 -39.88 2.07
C LYS C 433 -33.49 -40.14 3.45
N GLU C 434 -32.68 -40.04 4.50
CA GLU C 434 -33.17 -40.25 5.86
C GLU C 434 -33.29 -38.95 6.65
N LYS C 435 -33.21 -37.82 5.95
CA LYS C 435 -33.25 -36.51 6.62
C LYS C 435 -34.52 -35.70 6.45
N PHE C 436 -35.45 -36.16 5.63
CA PHE C 436 -36.68 -35.41 5.43
C PHE C 436 -37.58 -35.45 6.65
N SER C 437 -38.16 -34.31 6.99
CA SER C 437 -39.06 -34.21 8.14
C SER C 437 -40.25 -33.33 7.79
N ALA C 438 -41.45 -33.75 8.16
CA ALA C 438 -42.62 -32.97 7.84
C ALA C 438 -42.81 -31.81 8.81
N ASP C 439 -42.12 -31.84 9.96
CA ASP C 439 -42.26 -30.76 10.93
C ASP C 439 -41.29 -29.58 10.74
N LEU C 440 -41.55 -28.74 9.75
CA LEU C 440 -40.69 -27.59 9.51
C LEU C 440 -40.51 -26.83 10.82
N ASP C 441 -41.60 -26.78 11.57
CA ASP C 441 -41.66 -26.14 12.86
C ASP C 441 -40.39 -26.41 13.68
N GLN C 442 -39.95 -27.66 13.72
CA GLN C 442 -38.79 -28.08 14.50
C GLN C 442 -37.40 -27.66 14.00
N PHE C 443 -37.32 -26.94 12.90
CA PHE C 443 -36.01 -26.54 12.38
C PHE C 443 -35.93 -25.03 12.09
N PRO C 444 -34.74 -24.44 12.20
CA PRO C 444 -34.58 -23.02 11.93
C PRO C 444 -34.96 -22.58 10.54
N LEU C 445 -34.55 -23.33 9.51
CA LEU C 445 -34.92 -22.93 8.16
C LEU C 445 -36.42 -23.11 8.05
N GLY C 446 -36.93 -24.13 8.73
CA GLY C 446 -38.35 -24.41 8.70
C GLY C 446 -39.21 -23.29 9.27
N ARG C 447 -38.84 -22.82 10.45
CA ARG C 447 -39.56 -21.72 11.07
C ARG C 447 -39.53 -20.53 10.12
N LYS C 448 -38.33 -20.17 9.66
CA LYS C 448 -38.20 -19.06 8.74
C LYS C 448 -39.16 -19.17 7.57
N PHE C 449 -39.22 -20.36 6.96
CA PHE C 449 -40.09 -20.60 5.82
C PHE C 449 -41.54 -20.35 6.15
N LEU C 450 -42.03 -20.96 7.22
CA LEU C 450 -43.41 -20.77 7.61
C LEU C 450 -43.70 -19.29 7.82
N LEU C 451 -42.90 -18.63 8.65
CA LEU C 451 -43.06 -17.21 8.91
C LEU C 451 -43.08 -16.41 7.61
N GLN C 452 -42.16 -16.72 6.69
CA GLN C 452 -42.09 -16.01 5.42
C GLN C 452 -43.31 -16.27 4.55
N LEU C 453 -43.66 -17.54 4.35
CA LEU C 453 -44.81 -17.86 3.52
C LEU C 453 -46.16 -17.73 4.25
N GLY C 454 -46.14 -17.22 5.48
CA GLY C 454 -47.37 -17.08 6.24
C GLY C 454 -48.08 -18.42 6.42
N LEU C 455 -48.91 -18.79 5.45
CA LEU C 455 -49.63 -20.07 5.48
C LEU C 455 -48.80 -21.24 4.96
N ALA D 1 -42.05 -33.47 20.52
CA ALA D 1 -42.03 -32.21 19.70
C ALA D 1 -41.90 -30.97 20.59
N VAL D 2 -41.09 -30.02 20.16
CA VAL D 2 -40.89 -28.80 20.90
C VAL D 2 -41.88 -27.76 20.43
N VAL D 3 -42.26 -26.84 21.30
CA VAL D 3 -43.23 -25.81 20.94
C VAL D 3 -42.81 -24.45 21.43
N SER D 4 -43.29 -23.42 20.75
CA SER D 4 -43.02 -22.04 21.14
C SER D 4 -43.48 -21.81 22.58
N THR D 5 -42.77 -20.95 23.30
CA THR D 5 -43.16 -20.65 24.67
C THR D 5 -44.48 -19.89 24.68
N ASP D 6 -44.83 -19.28 23.54
CA ASP D 6 -46.07 -18.54 23.44
C ASP D 6 -47.25 -19.46 23.71
N GLU D 7 -47.04 -20.76 23.50
CA GLU D 7 -48.04 -21.80 23.68
C GLU D 7 -48.48 -21.95 25.14
N TYR D 8 -47.51 -22.17 26.00
CA TYR D 8 -47.76 -22.39 27.42
C TYR D 8 -47.40 -21.24 28.38
N VAL D 9 -46.77 -20.18 27.88
CA VAL D 9 -46.42 -19.07 28.76
C VAL D 9 -47.37 -17.89 28.51
N ALA D 10 -48.04 -17.46 29.58
CA ALA D 10 -48.98 -16.36 29.47
C ALA D 10 -48.31 -15.03 29.83
N ARG D 11 -48.62 -14.02 29.03
CA ARG D 11 -48.05 -12.69 29.18
C ARG D 11 -48.94 -11.77 29.99
N THR D 12 -48.43 -11.25 31.09
CA THR D 12 -49.21 -10.31 31.88
C THR D 12 -48.95 -8.94 31.31
N ASN D 13 -49.44 -7.92 32.00
CA ASN D 13 -49.28 -6.56 31.53
C ASN D 13 -48.28 -5.77 32.36
N ILE D 14 -47.66 -6.45 33.32
CA ILE D 14 -46.67 -5.83 34.19
C ILE D 14 -45.29 -5.82 33.54
N TYR D 15 -44.62 -4.69 33.62
CA TYR D 15 -43.27 -4.57 33.07
C TYR D 15 -42.35 -3.91 34.10
N TYR D 16 -41.14 -4.43 34.23
CA TYR D 16 -40.18 -3.87 35.15
C TYR D 16 -38.88 -3.51 34.42
N HIS D 17 -38.18 -2.53 34.96
CA HIS D 17 -36.91 -2.11 34.42
C HIS D 17 -35.86 -2.53 35.44
N ALA D 18 -34.68 -2.85 34.94
CA ALA D 18 -33.61 -3.27 35.81
C ALA D 18 -32.30 -2.89 35.10
N GLY D 19 -31.30 -2.47 35.87
CA GLY D 19 -30.05 -2.11 35.23
C GLY D 19 -28.87 -2.15 36.18
N THR D 20 -27.69 -2.42 35.63
CA THR D 20 -26.48 -2.43 36.43
C THR D 20 -26.17 -0.95 36.62
N SER D 21 -25.43 -0.59 37.65
CA SER D 21 -25.12 0.82 37.86
C SER D 21 -24.22 1.32 36.74
N ARG D 22 -23.06 0.71 36.64
CA ARG D 22 -22.05 1.03 35.65
C ARG D 22 -20.91 0.12 35.99
N LEU D 23 -20.76 -0.94 35.22
CA LEU D 23 -19.69 -1.88 35.50
C LEU D 23 -18.39 -1.30 34.99
N LEU D 24 -17.30 -1.59 35.68
CA LEU D 24 -16.02 -1.06 35.27
C LEU D 24 -14.94 -2.12 35.41
N ALA D 25 -14.05 -2.21 34.42
CA ALA D 25 -12.97 -3.21 34.45
C ALA D 25 -11.63 -2.60 34.03
N VAL D 26 -10.63 -2.74 34.89
CA VAL D 26 -9.32 -2.18 34.59
C VAL D 26 -8.27 -3.24 34.83
N GLY D 27 -7.36 -3.39 33.88
CA GLY D 27 -6.31 -4.38 34.04
C GLY D 27 -5.24 -4.18 33.00
N HIS D 28 -4.38 -5.18 32.87
CA HIS D 28 -3.31 -5.15 31.89
C HIS D 28 -3.90 -5.83 30.64
N PRO D 29 -3.64 -5.24 29.46
CA PRO D 29 -4.13 -5.74 28.16
C PRO D 29 -3.67 -7.12 27.68
N TYR D 30 -2.43 -7.52 28.00
CA TYR D 30 -1.91 -8.80 27.51
C TYR D 30 -1.86 -9.96 28.48
N PHE D 31 -1.57 -9.68 29.74
CA PHE D 31 -1.47 -10.76 30.73
C PHE D 31 -1.69 -10.26 32.15
N PRO D 32 -2.03 -11.19 33.07
CA PRO D 32 -2.25 -10.72 34.44
C PRO D 32 -0.94 -10.49 35.21
N ILE D 33 -0.91 -9.42 36.00
CA ILE D 33 0.25 -9.11 36.83
C ILE D 33 0.05 -9.76 38.18
N LYS D 34 0.99 -10.60 38.58
CA LYS D 34 0.91 -11.29 39.86
C LYS D 34 2.25 -11.35 40.54
N LYS D 35 2.25 -11.87 41.76
CA LYS D 35 3.49 -12.02 42.53
C LYS D 35 4.25 -13.22 41.99
N PRO D 36 5.53 -13.03 41.59
CA PRO D 36 6.37 -14.11 41.05
C PRO D 36 6.40 -15.38 41.90
N ASN D 37 6.80 -15.19 43.16
CA ASN D 37 6.88 -16.27 44.14
C ASN D 37 5.47 -16.80 44.42
N ASN D 38 4.49 -15.91 44.25
CA ASN D 38 3.10 -16.23 44.50
C ASN D 38 2.33 -16.63 43.25
N ASN D 39 1.01 -16.64 43.36
CA ASN D 39 0.14 -16.97 42.25
C ASN D 39 -1.14 -16.13 42.32
N LYS D 40 -1.33 -15.33 43.39
CA LYS D 40 -2.52 -14.51 43.45
C LYS D 40 -2.36 -13.47 42.40
N ILE D 41 -3.49 -13.11 41.80
CA ILE D 41 -3.52 -12.11 40.78
C ILE D 41 -3.58 -10.72 41.39
N LEU D 42 -2.56 -9.92 41.12
CA LEU D 42 -2.48 -8.57 41.65
C LEU D 42 -3.24 -7.61 40.74
N VAL D 43 -3.09 -7.81 39.44
CA VAL D 43 -3.79 -7.00 38.43
C VAL D 43 -4.25 -8.00 37.37
N PRO D 44 -5.55 -7.97 37.03
CA PRO D 44 -6.06 -8.91 36.02
C PRO D 44 -5.83 -8.50 34.58
N LYS D 45 -5.96 -9.47 33.68
CA LYS D 45 -5.83 -9.20 32.27
C LYS D 45 -7.18 -8.66 31.78
N VAL D 46 -7.18 -7.43 31.31
CA VAL D 46 -8.40 -6.83 30.80
C VAL D 46 -8.14 -6.28 29.39
N SER D 47 -8.71 -6.95 28.39
CA SER D 47 -8.52 -6.57 27.00
C SER D 47 -9.82 -6.44 26.24
N GLY D 48 -9.82 -5.57 25.23
CA GLY D 48 -11.02 -5.40 24.44
C GLY D 48 -11.24 -6.63 23.58
N LEU D 49 -10.27 -7.54 23.59
CA LEU D 49 -10.36 -8.75 22.80
C LEU D 49 -10.89 -9.97 23.53
N GLN D 50 -11.41 -9.75 24.74
CA GLN D 50 -11.97 -10.85 25.52
C GLN D 50 -13.48 -10.86 25.41
N TYR D 51 -14.06 -12.02 25.71
CA TYR D 51 -15.50 -12.13 25.71
C TYR D 51 -15.89 -11.66 27.09
N ARG D 52 -17.07 -11.07 27.17
CA ARG D 52 -17.63 -10.60 28.44
C ARG D 52 -18.94 -11.39 28.55
N VAL D 53 -18.98 -12.33 29.48
CA VAL D 53 -20.19 -13.13 29.63
C VAL D 53 -20.82 -12.77 30.96
N PHE D 54 -21.97 -12.13 30.88
CA PHE D 54 -22.68 -11.71 32.09
C PHE D 54 -23.74 -12.69 32.53
N ARG D 55 -23.65 -13.13 33.78
CA ARG D 55 -24.61 -14.06 34.35
C ARG D 55 -25.54 -13.17 35.15
N ILE D 56 -26.69 -12.83 34.58
CA ILE D 56 -27.66 -11.95 35.20
C ILE D 56 -28.61 -12.69 36.13
N HIS D 57 -28.61 -12.30 37.39
CA HIS D 57 -29.49 -12.92 38.38
C HIS D 57 -30.73 -12.07 38.62
N LEU D 58 -31.89 -12.69 38.43
CA LEU D 58 -33.15 -11.98 38.60
C LEU D 58 -33.89 -12.42 39.85
N PRO D 59 -34.63 -11.50 40.47
CA PRO D 59 -35.38 -11.88 41.68
C PRO D 59 -36.48 -12.87 41.27
N ASP D 60 -36.66 -13.93 42.04
CA ASP D 60 -37.70 -14.92 41.72
C ASP D 60 -39.06 -14.23 41.72
N PRO D 61 -39.75 -14.19 40.57
CA PRO D 61 -41.06 -13.53 40.55
C PRO D 61 -42.06 -14.16 41.51
N ASN D 62 -41.81 -15.43 41.87
CA ASN D 62 -42.70 -16.12 42.80
C ASN D 62 -42.45 -15.66 44.24
N LYS D 63 -41.19 -15.42 44.58
CA LYS D 63 -40.84 -14.95 45.91
C LYS D 63 -40.99 -13.43 45.99
N PHE D 64 -40.93 -12.79 44.83
CA PHE D 64 -41.05 -11.33 44.72
C PHE D 64 -42.28 -10.82 45.45
N GLY D 65 -42.24 -9.54 45.85
CA GLY D 65 -43.37 -8.97 46.55
C GLY D 65 -44.11 -7.91 45.76
N PHE D 66 -45.07 -8.31 44.93
CA PHE D 66 -45.83 -7.35 44.13
C PHE D 66 -46.92 -6.65 44.94
N PRO D 67 -47.22 -5.38 44.61
CA PRO D 67 -48.26 -4.60 45.30
C PRO D 67 -49.62 -5.29 45.11
N ASP D 68 -49.83 -5.83 43.91
CA ASP D 68 -51.07 -6.55 43.61
C ASP D 68 -50.70 -7.97 43.19
N THR D 69 -51.48 -8.94 43.63
CA THR D 69 -51.24 -10.34 43.32
C THR D 69 -52.50 -11.04 42.82
N SER D 70 -53.49 -10.24 42.43
CA SER D 70 -54.77 -10.73 41.91
C SER D 70 -54.64 -11.22 40.46
N PHE D 71 -53.68 -10.65 39.73
CA PHE D 71 -53.43 -11.00 38.32
C PHE D 71 -53.15 -12.48 38.01
N TYR D 72 -52.98 -13.31 39.06
CA TYR D 72 -52.72 -14.73 38.87
C TYR D 72 -53.07 -15.59 40.09
N ASN D 73 -53.20 -16.88 39.86
CA ASN D 73 -53.53 -17.83 40.93
C ASN D 73 -52.29 -18.63 41.33
N PRO D 74 -51.69 -18.29 42.49
CA PRO D 74 -50.50 -18.97 43.00
C PRO D 74 -50.68 -20.47 43.32
N ASP D 75 -51.85 -21.02 43.00
CA ASP D 75 -52.14 -22.42 43.27
C ASP D 75 -52.05 -23.23 42.00
N THR D 76 -52.67 -22.70 40.94
CA THR D 76 -52.68 -23.37 39.65
C THR D 76 -51.47 -22.99 38.78
N GLN D 77 -50.91 -21.80 39.01
CA GLN D 77 -49.79 -21.36 38.20
C GLN D 77 -48.50 -20.90 38.88
N ARG D 78 -47.54 -20.51 38.06
CA ARG D 78 -46.23 -20.03 38.50
C ARG D 78 -45.81 -18.82 37.66
N LEU D 79 -44.80 -18.09 38.13
CA LEU D 79 -44.35 -16.90 37.43
C LEU D 79 -42.92 -16.96 36.87
N VAL D 80 -42.71 -16.35 35.71
CA VAL D 80 -41.40 -16.32 35.05
C VAL D 80 -41.17 -14.97 34.41
N TRP D 81 -39.92 -14.53 34.45
CA TRP D 81 -39.58 -13.25 33.84
C TRP D 81 -39.24 -13.47 32.37
N ALA D 82 -39.71 -12.58 31.51
CA ALA D 82 -39.43 -12.65 30.09
C ALA D 82 -38.68 -11.38 29.70
N CYS D 83 -37.55 -11.55 29.04
CA CYS D 83 -36.76 -10.41 28.60
C CYS D 83 -37.37 -9.82 27.33
N VAL D 84 -37.70 -8.55 27.35
CA VAL D 84 -38.32 -7.91 26.20
C VAL D 84 -37.50 -6.79 25.60
N GLY D 85 -36.55 -6.26 26.37
CA GLY D 85 -35.72 -5.18 25.87
C GLY D 85 -34.35 -5.16 26.53
N VAL D 86 -33.31 -4.94 25.74
CA VAL D 86 -31.96 -4.88 26.26
C VAL D 86 -31.19 -3.71 25.66
N GLU D 87 -30.35 -3.08 26.47
CA GLU D 87 -29.52 -1.98 26.00
C GLU D 87 -28.15 -2.19 26.58
N VAL D 88 -27.21 -2.55 25.73
CA VAL D 88 -25.85 -2.76 26.19
C VAL D 88 -25.09 -1.45 26.07
N GLY D 89 -25.02 -0.69 27.15
CA GLY D 89 -24.31 0.57 27.09
C GLY D 89 -22.80 0.38 27.17
N ARG D 90 -22.07 1.13 26.35
CA ARG D 90 -20.62 1.09 26.31
C ARG D 90 -20.20 2.51 26.61
N GLY D 91 -19.08 2.67 27.33
CA GLY D 91 -18.69 4.02 27.71
C GLY D 91 -17.34 4.64 27.43
N GLN D 92 -16.38 3.94 26.89
CA GLN D 92 -15.14 4.66 26.63
C GLN D 92 -15.17 5.25 25.20
N PRO D 93 -14.22 6.12 24.84
CA PRO D 93 -14.25 6.65 23.48
C PRO D 93 -13.85 5.53 22.48
N LEU D 94 -14.26 5.64 21.23
CA LEU D 94 -13.92 4.61 20.25
C LEU D 94 -12.43 4.66 19.97
N GLY D 95 -11.82 3.51 19.75
CA GLY D 95 -10.40 3.47 19.48
C GLY D 95 -9.88 2.07 19.25
N VAL D 96 -8.70 1.96 18.64
CA VAL D 96 -8.15 0.65 18.39
C VAL D 96 -6.90 0.32 19.19
N GLY D 97 -6.87 -0.90 19.73
CA GLY D 97 -5.75 -1.37 20.52
C GLY D 97 -4.60 -1.85 19.67
N ILE D 98 -3.84 -2.81 20.15
CA ILE D 98 -2.70 -3.31 19.40
C ILE D 98 -1.99 -4.35 20.28
N SER D 99 -1.61 -5.46 19.67
CA SER D 99 -0.94 -6.54 20.41
C SER D 99 0.23 -7.09 19.64
N GLY D 100 1.27 -7.51 20.36
CA GLY D 100 2.43 -8.07 19.68
C GLY D 100 3.12 -9.11 20.54
N HIS D 101 4.33 -9.46 20.14
CA HIS D 101 5.17 -10.42 20.84
C HIS D 101 6.62 -10.01 20.59
N PRO D 102 7.43 -9.95 21.65
CA PRO D 102 8.85 -9.57 21.55
C PRO D 102 9.65 -10.58 20.75
N LEU D 103 9.13 -11.81 20.67
CA LEU D 103 9.80 -12.87 19.95
C LEU D 103 8.84 -13.61 19.05
N LEU D 104 8.17 -12.88 18.16
CA LEU D 104 7.24 -13.48 17.23
C LEU D 104 7.97 -14.28 16.17
N ASN D 105 7.45 -15.45 15.82
CA ASN D 105 8.11 -16.27 14.80
C ASN D 105 7.84 -15.72 13.42
N LYS D 106 8.68 -14.76 13.02
CA LYS D 106 8.54 -14.13 11.71
C LYS D 106 9.89 -14.15 11.06
N LEU D 107 10.07 -15.02 10.07
CA LEU D 107 11.33 -15.09 9.34
C LEU D 107 11.48 -13.83 8.47
N ASP D 108 11.08 -13.92 7.21
CA ASP D 108 11.21 -12.74 6.37
C ASP D 108 9.90 -12.18 5.81
N ASP D 109 9.99 -10.99 5.21
CA ASP D 109 8.86 -10.32 4.61
C ASP D 109 8.67 -10.98 3.24
N THR D 110 7.55 -11.66 3.04
CA THR D 110 7.32 -12.35 1.77
C THR D 110 6.34 -11.62 0.84
N GLU D 111 5.94 -10.40 1.23
CA GLU D 111 5.01 -9.60 0.43
C GLU D 111 5.69 -9.07 -0.83
N ASN D 112 7.00 -8.90 -0.75
CA ASN D 112 7.79 -8.38 -1.86
C ASN D 112 9.27 -8.49 -1.49
N ALA D 113 10.07 -9.19 -2.30
CA ALA D 113 11.49 -9.34 -2.00
C ALA D 113 12.35 -9.11 -3.24
N SER D 114 13.44 -8.37 -3.06
CA SER D 114 14.35 -8.04 -4.15
C SER D 114 15.45 -9.04 -4.40
N ALA D 115 15.72 -9.88 -3.42
CA ALA D 115 16.74 -10.92 -3.53
C ALA D 115 16.34 -12.06 -2.63
N TYR D 116 16.79 -13.28 -2.93
CA TYR D 116 16.43 -14.41 -2.09
C TYR D 116 16.95 -14.15 -0.68
N ALA D 117 16.08 -14.32 0.30
CA ALA D 117 16.42 -14.12 1.71
C ALA D 117 17.59 -15.01 2.13
N ALA D 118 18.33 -14.56 3.14
CA ALA D 118 19.51 -15.27 3.68
C ALA D 118 19.25 -16.74 3.99
N ASN D 119 19.54 -17.12 5.24
CA ASN D 119 19.33 -18.49 5.71
C ASN D 119 18.98 -18.51 7.21
N ALA D 120 17.91 -19.23 7.55
CA ALA D 120 17.47 -19.32 8.94
C ALA D 120 18.60 -19.84 9.83
N GLY D 121 18.99 -19.03 10.82
CA GLY D 121 20.03 -19.45 11.74
C GLY D 121 19.36 -20.06 12.95
N VAL D 122 19.61 -19.48 14.11
CA VAL D 122 19.01 -19.96 15.33
C VAL D 122 18.21 -18.78 15.84
N ASP D 123 16.92 -18.96 16.06
CA ASP D 123 16.14 -17.84 16.57
C ASP D 123 16.20 -16.55 15.70
N ASN D 124 15.31 -16.45 14.72
CA ASN D 124 15.24 -15.27 13.85
C ASN D 124 14.01 -14.47 14.24
N ARG D 125 13.44 -14.76 15.39
CA ARG D 125 12.23 -14.08 15.85
C ARG D 125 12.37 -12.55 15.95
N GLU D 126 11.28 -11.83 15.65
CA GLU D 126 11.27 -10.35 15.68
C GLU D 126 10.22 -9.79 16.66
N CYS D 127 10.47 -8.59 17.18
CA CYS D 127 9.51 -7.92 18.07
C CYS D 127 8.46 -7.28 17.14
N ILE D 128 7.32 -7.91 17.03
CA ILE D 128 6.28 -7.46 16.13
C ILE D 128 4.88 -7.29 16.74
N SER D 129 4.18 -6.24 16.34
CA SER D 129 2.83 -6.01 16.83
C SER D 129 1.86 -5.88 15.66
N MET D 130 0.57 -5.89 15.96
CA MET D 130 -0.45 -5.80 14.93
C MET D 130 -1.79 -5.37 15.53
N ASP D 131 -2.68 -4.87 14.69
CA ASP D 131 -4.01 -4.46 15.13
C ASP D 131 -4.96 -5.58 14.71
N TYR D 132 -5.48 -6.28 15.71
CA TYR D 132 -6.38 -7.42 15.52
C TYR D 132 -7.61 -7.13 14.67
N LYS D 133 -8.31 -8.18 14.29
CA LYS D 133 -9.50 -8.02 13.49
C LYS D 133 -10.60 -7.44 14.36
N GLN D 134 -11.42 -6.58 13.77
CA GLN D 134 -12.52 -5.95 14.48
C GLN D 134 -13.72 -6.90 14.69
N THR D 135 -14.25 -6.90 15.90
CA THR D 135 -15.39 -7.76 16.19
C THR D 135 -16.36 -7.11 17.16
N GLN D 136 -17.64 -7.12 16.81
CA GLN D 136 -18.69 -6.60 17.67
C GLN D 136 -19.74 -7.68 17.70
N LEU D 137 -20.14 -8.12 18.87
CA LEU D 137 -21.17 -9.14 18.93
C LEU D 137 -21.88 -9.14 20.26
N CYS D 138 -23.13 -9.56 20.23
CA CYS D 138 -23.91 -9.62 21.45
C CYS D 138 -24.84 -10.81 21.36
N LEU D 139 -24.73 -11.70 22.34
CA LEU D 139 -25.55 -12.91 22.40
C LEU D 139 -26.39 -12.87 23.66
N ILE D 140 -27.68 -13.21 23.52
CA ILE D 140 -28.58 -13.24 24.66
C ILE D 140 -29.41 -14.51 24.69
N GLY D 141 -29.50 -15.11 25.87
CA GLY D 141 -30.26 -16.34 26.06
C GLY D 141 -30.35 -16.64 27.54
N CYS D 142 -31.02 -17.74 27.91
CA CYS D 142 -31.12 -18.08 29.32
C CYS D 142 -30.15 -19.21 29.67
N LYS D 143 -29.27 -19.53 28.74
CA LYS D 143 -28.26 -20.56 28.94
C LYS D 143 -26.94 -19.92 28.50
N PRO D 144 -25.82 -20.36 29.10
CA PRO D 144 -24.56 -19.75 28.69
C PRO D 144 -24.28 -20.04 27.21
N PRO D 145 -23.51 -19.16 26.57
CA PRO D 145 -23.13 -19.27 25.15
C PRO D 145 -22.18 -20.42 24.86
N ILE D 146 -22.26 -20.99 23.66
CA ILE D 146 -21.36 -22.08 23.29
C ILE D 146 -20.43 -21.72 22.11
N GLY D 147 -19.15 -22.00 22.27
CA GLY D 147 -18.20 -21.70 21.21
C GLY D 147 -17.54 -22.91 20.60
N GLU D 148 -16.79 -22.66 19.52
CA GLU D 148 -16.05 -23.73 18.82
C GLU D 148 -14.63 -23.24 18.60
N HIS D 149 -13.69 -24.18 18.57
CA HIS D 149 -12.31 -23.84 18.32
C HIS D 149 -11.58 -25.12 17.97
N TRP D 150 -10.46 -25.03 17.25
CA TRP D 150 -9.73 -26.22 16.90
C TRP D 150 -8.74 -26.51 17.99
N GLY D 151 -8.71 -27.77 18.43
CA GLY D 151 -7.78 -28.19 19.46
C GLY D 151 -7.04 -29.43 19.00
N LYS D 152 -6.21 -30.01 19.87
CA LYS D 152 -5.46 -31.19 19.47
C LYS D 152 -6.33 -32.42 19.69
N GLY D 153 -6.73 -33.06 18.60
CA GLY D 153 -7.56 -34.25 18.71
C GLY D 153 -6.77 -35.39 19.29
N SER D 154 -7.48 -36.46 19.65
CA SER D 154 -6.83 -37.66 20.20
C SER D 154 -6.29 -38.45 19.00
N PRO D 155 -5.09 -39.03 19.13
CA PRO D 155 -4.50 -39.79 18.02
C PRO D 155 -5.04 -41.22 17.89
N CYS D 156 -5.03 -41.74 16.66
CA CYS D 156 -5.47 -43.11 16.37
C CYS D 156 -4.41 -44.10 16.87
N THR D 157 -4.83 -45.21 17.47
CA THR D 157 -3.87 -46.17 17.99
C THR D 157 -3.18 -46.99 16.92
N GLN D 158 -2.16 -46.40 16.32
CA GLN D 158 -1.38 -47.06 15.29
C GLN D 158 0.04 -46.51 15.29
N VAL D 159 0.36 -45.84 14.19
CA VAL D 159 1.65 -45.22 13.96
C VAL D 159 2.05 -44.33 15.13
N ALA D 160 2.99 -44.81 15.95
CA ALA D 160 3.45 -44.04 17.11
C ALA D 160 3.89 -42.64 16.68
N VAL D 161 3.23 -41.63 17.23
CA VAL D 161 3.54 -40.24 16.93
C VAL D 161 5.03 -39.98 17.12
N GLN D 162 5.72 -39.70 16.02
CA GLN D 162 7.13 -39.39 16.06
C GLN D 162 7.20 -37.98 16.62
N PRO D 163 8.16 -37.70 17.51
CA PRO D 163 8.24 -36.34 18.07
C PRO D 163 8.27 -35.30 16.96
N GLY D 164 7.54 -34.20 17.15
CA GLY D 164 7.50 -33.16 16.14
C GLY D 164 6.48 -33.40 15.05
N ASP D 165 5.86 -34.59 15.06
CA ASP D 165 4.83 -34.91 14.09
C ASP D 165 3.73 -33.86 14.22
N CYS D 166 3.03 -33.57 13.12
CA CYS D 166 1.96 -32.59 13.18
C CYS D 166 0.83 -33.18 14.04
N PRO D 167 0.30 -32.39 15.00
CA PRO D 167 -0.77 -32.87 15.87
C PRO D 167 -2.10 -32.88 15.15
N PRO D 168 -2.98 -33.84 15.49
CA PRO D 168 -4.30 -33.96 14.86
C PRO D 168 -5.29 -32.88 15.34
N LEU D 169 -6.11 -32.38 14.43
CA LEU D 169 -7.06 -31.34 14.78
C LEU D 169 -8.41 -31.95 15.14
N GLU D 170 -9.21 -31.17 15.86
CA GLU D 170 -10.54 -31.61 16.26
C GLU D 170 -11.34 -30.38 16.68
N LEU D 171 -12.50 -30.19 16.07
CA LEU D 171 -13.34 -29.04 16.43
C LEU D 171 -13.90 -29.35 17.80
N ILE D 172 -13.65 -28.49 18.77
CA ILE D 172 -14.10 -28.70 20.14
C ILE D 172 -15.11 -27.67 20.64
N ASN D 173 -16.29 -28.15 21.02
CA ASN D 173 -17.32 -27.25 21.53
C ASN D 173 -17.01 -27.02 22.99
N THR D 174 -17.16 -25.78 23.43
CA THR D 174 -16.85 -25.41 24.80
C THR D 174 -17.87 -24.36 25.26
N VAL D 175 -17.88 -24.06 26.56
CA VAL D 175 -18.77 -23.03 27.07
C VAL D 175 -17.94 -21.76 27.06
N ILE D 176 -18.45 -20.70 26.46
CA ILE D 176 -17.72 -19.43 26.41
C ILE D 176 -17.75 -18.76 27.78
N GLN D 177 -16.61 -18.68 28.44
CA GLN D 177 -16.56 -18.06 29.75
C GLN D 177 -16.07 -16.62 29.70
N ASP D 178 -16.45 -15.85 30.70
CA ASP D 178 -16.06 -14.44 30.79
C ASP D 178 -14.55 -14.37 30.89
N GLY D 179 -13.91 -13.65 29.98
CA GLY D 179 -12.47 -13.55 30.01
C GLY D 179 -11.84 -14.32 28.86
N ASP D 180 -12.60 -15.20 28.21
CA ASP D 180 -12.06 -15.94 27.09
C ASP D 180 -11.68 -14.98 25.96
N MET D 181 -10.83 -15.43 25.05
CA MET D 181 -10.41 -14.59 23.95
C MET D 181 -11.14 -14.87 22.65
N VAL D 182 -11.34 -13.81 21.86
CA VAL D 182 -12.04 -13.88 20.57
C VAL D 182 -11.03 -14.09 19.46
N ASP D 183 -11.45 -14.76 18.38
CA ASP D 183 -10.55 -14.96 17.25
C ASP D 183 -10.07 -13.55 16.90
N THR D 184 -8.77 -13.42 16.67
CA THR D 184 -8.17 -12.12 16.39
C THR D 184 -7.61 -11.97 14.99
N GLY D 185 -7.76 -13.00 14.18
CA GLY D 185 -7.25 -12.95 12.83
C GLY D 185 -6.49 -14.23 12.57
N PHE D 186 -6.26 -14.99 13.62
CA PHE D 186 -5.55 -16.26 13.48
C PHE D 186 -6.50 -17.44 13.63
N GLY D 187 -7.82 -17.17 13.52
CA GLY D 187 -8.82 -18.21 13.63
C GLY D 187 -9.11 -18.60 15.05
N ALA D 188 -10.05 -19.51 15.25
CA ALA D 188 -10.40 -19.96 16.60
C ALA D 188 -9.73 -21.30 16.92
N MET D 189 -8.63 -21.23 17.66
CA MET D 189 -7.89 -22.42 18.01
C MET D 189 -7.19 -22.29 19.34
N ASP D 190 -6.75 -23.44 19.86
CA ASP D 190 -6.04 -23.53 21.12
C ASP D 190 -4.53 -23.47 20.81
N PHE D 191 -3.99 -22.27 20.86
CA PHE D 191 -2.58 -22.05 20.56
C PHE D 191 -1.61 -22.74 21.52
N THR D 192 -2.04 -22.94 22.76
CA THR D 192 -1.20 -23.57 23.76
C THR D 192 -0.88 -25.00 23.36
N THR D 193 -1.93 -25.76 23.04
CA THR D 193 -1.75 -27.16 22.67
C THR D 193 -1.47 -27.44 21.20
N LEU D 194 -1.45 -26.39 20.39
CA LEU D 194 -1.19 -26.54 18.96
C LEU D 194 0.03 -25.78 18.49
N GLN D 195 0.68 -25.07 19.38
CA GLN D 195 1.88 -24.31 19.03
C GLN D 195 2.92 -24.35 20.15
N ALA D 196 3.76 -25.39 20.13
CA ALA D 196 4.80 -25.55 21.15
C ALA D 196 5.70 -24.31 21.12
N ASN D 197 5.84 -23.76 19.94
CA ASN D 197 6.64 -22.58 19.65
C ASN D 197 6.51 -21.48 20.69
N LYS D 198 5.26 -21.18 21.06
CA LYS D 198 4.96 -20.13 22.04
C LYS D 198 5.31 -18.73 21.49
N SER D 199 5.51 -18.65 20.18
CA SER D 199 5.87 -17.38 19.56
C SER D 199 5.19 -17.17 18.21
N GLU D 200 4.09 -17.88 17.95
CA GLU D 200 3.40 -17.75 16.68
C GLU D 200 2.44 -16.56 16.65
N VAL D 201 1.93 -16.17 17.81
CA VAL D 201 0.99 -15.06 17.89
C VAL D 201 1.34 -14.16 19.07
N PRO D 202 0.75 -12.94 19.13
CA PRO D 202 1.02 -12.00 20.22
C PRO D 202 0.80 -12.61 21.60
N LEU D 203 1.42 -12.01 22.62
CA LEU D 203 1.29 -12.50 23.99
C LEU D 203 -0.15 -12.74 24.52
N ASP D 204 -1.06 -11.81 24.24
CA ASP D 204 -2.43 -11.91 24.74
C ASP D 204 -3.30 -13.09 24.30
N ILE D 205 -2.89 -13.82 23.27
CA ILE D 205 -3.65 -15.01 22.84
C ILE D 205 -2.68 -16.19 22.76
N CYS D 206 -1.42 -15.84 22.93
CA CYS D 206 -0.28 -16.74 22.88
C CYS D 206 -0.43 -18.06 23.64
N THR D 207 -0.99 -18.01 24.83
CA THR D 207 -1.17 -19.23 25.59
C THR D 207 -2.63 -19.31 26.00
N SER D 208 -3.51 -18.87 25.11
CA SER D 208 -4.94 -18.90 25.36
C SER D 208 -5.67 -19.67 24.27
N ILE D 209 -7.00 -19.63 24.33
CA ILE D 209 -7.82 -20.28 23.33
C ILE D 209 -8.74 -19.23 22.75
N CYS D 210 -8.64 -19.01 21.44
CA CYS D 210 -9.52 -18.04 20.80
C CYS D 210 -10.73 -18.86 20.35
N LYS D 211 -11.89 -18.52 20.91
CA LYS D 211 -13.08 -19.25 20.57
C LYS D 211 -14.03 -18.42 19.71
N TYR D 212 -14.84 -19.09 18.91
CA TYR D 212 -15.80 -18.42 18.04
C TYR D 212 -17.19 -18.95 18.38
N PRO D 213 -18.17 -18.06 18.49
CA PRO D 213 -19.51 -18.55 18.81
C PRO D 213 -19.92 -19.61 17.82
N ASP D 214 -20.48 -20.72 18.31
CA ASP D 214 -20.94 -21.75 17.40
C ASP D 214 -22.42 -21.43 17.12
N TYR D 215 -22.64 -20.41 16.30
CA TYR D 215 -23.97 -19.98 15.94
C TYR D 215 -24.82 -21.12 15.42
N ILE D 216 -24.24 -21.94 14.57
CA ILE D 216 -24.98 -23.05 13.96
C ILE D 216 -25.56 -24.01 14.99
N LYS D 217 -24.72 -24.48 15.89
CA LYS D 217 -25.14 -25.40 16.92
C LYS D 217 -26.22 -24.79 17.82
N MET D 218 -25.96 -23.57 18.29
CA MET D 218 -26.89 -22.88 19.18
C MET D 218 -28.27 -22.66 18.58
N VAL D 219 -28.33 -22.34 17.29
CA VAL D 219 -29.63 -22.13 16.66
C VAL D 219 -30.33 -23.45 16.37
N SER D 220 -29.54 -24.52 16.21
CA SER D 220 -30.06 -25.85 15.94
C SER D 220 -30.71 -26.36 17.21
N GLU D 221 -30.11 -25.97 18.33
CA GLU D 221 -30.62 -26.34 19.64
C GLU D 221 -32.15 -26.37 19.61
N PRO D 222 -32.75 -27.53 19.95
CA PRO D 222 -34.19 -27.73 19.97
C PRO D 222 -35.04 -26.68 20.70
N TYR D 223 -34.71 -26.40 21.96
CA TYR D 223 -35.48 -25.42 22.73
C TYR D 223 -35.02 -23.97 22.49
N GLY D 224 -33.77 -23.80 22.07
CA GLY D 224 -33.26 -22.48 21.79
C GLY D 224 -33.09 -21.58 23.01
N ASP D 225 -32.63 -22.15 24.11
CA ASP D 225 -32.44 -21.37 25.33
C ASP D 225 -31.10 -20.67 25.36
N SER D 226 -30.09 -21.30 24.76
CA SER D 226 -28.74 -20.72 24.77
C SER D 226 -28.67 -19.34 24.14
N LEU D 227 -29.51 -19.08 23.15
CA LEU D 227 -29.50 -17.77 22.53
C LEU D 227 -30.78 -17.49 21.74
N PHE D 228 -31.52 -16.47 22.17
CA PHE D 228 -32.74 -16.14 21.47
C PHE D 228 -32.66 -14.82 20.75
N PHE D 229 -31.44 -14.31 20.63
CA PHE D 229 -31.19 -13.06 19.94
C PHE D 229 -29.70 -12.82 19.83
N TYR D 230 -29.24 -12.29 18.69
CA TYR D 230 -27.83 -11.99 18.56
C TYR D 230 -27.51 -10.97 17.48
N LEU D 231 -26.36 -10.33 17.61
CA LEU D 231 -25.88 -9.35 16.65
C LEU D 231 -24.40 -9.58 16.48
N ARG D 232 -23.97 -9.76 15.25
CA ARG D 232 -22.56 -9.99 14.99
C ARG D 232 -22.08 -9.08 13.87
N ARG D 233 -20.87 -8.58 14.05
CA ARG D 233 -20.24 -7.69 13.08
C ARG D 233 -18.73 -7.87 13.18
N GLU D 234 -18.16 -8.53 12.18
CA GLU D 234 -16.72 -8.79 12.13
C GLU D 234 -16.14 -8.45 10.74
N GLN D 235 -14.94 -7.87 10.73
CA GLN D 235 -14.27 -7.50 9.50
C GLN D 235 -12.77 -7.61 9.70
N MET D 236 -12.06 -7.94 8.62
CA MET D 236 -10.61 -8.10 8.68
C MET D 236 -9.96 -8.11 7.30
N PHE D 237 -8.72 -7.66 7.24
CA PHE D 237 -7.97 -7.68 5.99
C PHE D 237 -6.48 -7.94 6.28
N VAL D 238 -5.75 -8.36 5.25
CA VAL D 238 -4.33 -8.67 5.36
C VAL D 238 -3.42 -7.45 5.31
N ARG D 239 -2.77 -7.13 6.41
CA ARG D 239 -1.86 -6.00 6.46
C ARG D 239 -0.47 -6.42 5.94
N HIS D 240 0.12 -7.48 6.49
CA HIS D 240 1.42 -7.94 6.02
C HIS D 240 1.46 -9.43 5.73
N LEU D 241 2.38 -9.85 4.88
CA LEU D 241 2.52 -11.26 4.52
C LEU D 241 3.89 -11.78 4.91
N PHE D 242 3.93 -12.66 5.91
CA PHE D 242 5.19 -13.18 6.42
C PHE D 242 5.49 -14.66 6.20
N ASN D 243 6.66 -15.02 6.71
CA ASN D 243 7.22 -16.37 6.64
C ASN D 243 7.40 -16.89 8.06
N ARG D 244 7.34 -18.20 8.23
CA ARG D 244 7.55 -18.79 9.55
C ARG D 244 8.90 -19.51 9.61
N ALA D 245 9.70 -19.15 10.63
CA ALA D 245 10.98 -19.79 10.83
C ALA D 245 10.63 -21.15 11.43
N GLY D 246 11.59 -22.04 11.47
CA GLY D 246 11.33 -23.37 12.01
C GLY D 246 11.76 -24.37 10.96
N THR D 247 11.40 -25.62 11.10
CA THR D 247 11.81 -26.59 10.12
C THR D 247 10.63 -27.24 9.42
N VAL D 248 10.81 -27.52 8.13
CA VAL D 248 9.76 -28.10 7.33
C VAL D 248 9.14 -29.29 8.02
N GLY D 249 7.83 -29.19 8.29
CA GLY D 249 7.10 -30.27 8.93
C GLY D 249 6.63 -31.15 7.81
N GLU D 250 6.25 -30.52 6.71
CA GLU D 250 5.80 -31.22 5.52
C GLU D 250 6.45 -30.56 4.32
N ASN D 251 7.07 -31.29 3.56
CA ASN D 251 7.78 -30.76 2.40
C ASN D 251 6.93 -30.52 1.18
N VAL D 252 7.48 -29.57 0.42
CA VAL D 252 6.75 -29.20 -0.75
C VAL D 252 6.99 -30.26 -1.82
N PRO D 253 5.92 -30.90 -2.31
CA PRO D 253 6.04 -31.93 -3.35
C PRO D 253 6.80 -31.34 -4.53
N ASP D 254 7.86 -32.01 -4.96
CA ASP D 254 8.67 -31.50 -6.06
C ASP D 254 8.01 -31.46 -7.44
N ASP D 255 6.80 -31.96 -7.55
CA ASP D 255 6.07 -31.92 -8.81
C ASP D 255 5.43 -30.55 -8.96
N LEU D 256 5.60 -29.71 -7.94
CA LEU D 256 5.04 -28.36 -7.93
C LEU D 256 6.02 -27.26 -8.28
N TYR D 257 7.23 -27.64 -8.68
CA TYR D 257 8.23 -26.64 -8.99
C TYR D 257 9.48 -27.24 -9.59
N ILE D 258 10.32 -26.36 -10.13
CA ILE D 258 11.57 -26.77 -10.75
C ILE D 258 12.70 -26.38 -9.82
N LYS D 259 13.49 -27.37 -9.43
CA LYS D 259 14.62 -27.19 -8.53
C LYS D 259 15.42 -25.97 -8.89
N GLY D 260 15.88 -25.24 -7.88
CA GLY D 260 16.69 -24.06 -8.12
C GLY D 260 18.17 -24.41 -8.19
N SER D 261 19.02 -23.50 -7.71
CA SER D 261 20.45 -23.71 -7.72
C SER D 261 21.14 -22.51 -7.08
N GLY D 262 22.34 -22.71 -6.58
CA GLY D 262 23.05 -21.61 -5.95
C GLY D 262 22.25 -21.13 -4.77
N SER D 263 21.74 -19.91 -4.85
CA SER D 263 20.92 -19.36 -3.76
C SER D 263 19.53 -20.02 -3.73
N THR D 264 18.90 -20.15 -4.90
CA THR D 264 17.58 -20.77 -5.01
C THR D 264 17.67 -22.31 -4.95
N ALA D 265 18.81 -22.83 -4.52
CA ALA D 265 18.98 -24.28 -4.44
C ALA D 265 18.15 -24.82 -3.28
N ASN D 266 18.16 -24.06 -2.18
CA ASN D 266 17.41 -24.39 -0.98
C ASN D 266 16.12 -23.64 -0.90
N LEU D 267 15.00 -24.36 -0.83
CA LEU D 267 13.67 -23.75 -0.76
C LEU D 267 13.46 -22.93 0.53
N ALA D 268 12.93 -21.73 0.38
CA ALA D 268 12.65 -20.90 1.56
C ALA D 268 11.34 -21.41 2.15
N SER D 269 11.11 -21.09 3.43
CA SER D 269 9.89 -21.51 4.11
C SER D 269 8.65 -21.06 3.35
N SER D 270 7.79 -22.00 3.01
CA SER D 270 6.55 -21.65 2.31
C SER D 270 5.40 -21.81 3.33
N ASN D 271 5.74 -21.60 4.59
CA ASN D 271 4.79 -21.64 5.70
C ASN D 271 4.47 -20.18 5.96
N TYR D 272 3.70 -19.60 5.05
CA TYR D 272 3.33 -18.19 5.15
C TYR D 272 2.20 -17.98 6.12
N PHE D 273 2.18 -16.78 6.72
CA PHE D 273 1.12 -16.40 7.63
C PHE D 273 0.95 -14.90 7.47
N PRO D 274 -0.31 -14.44 7.43
CA PRO D 274 -0.58 -13.00 7.28
C PRO D 274 -0.81 -12.32 8.62
N THR D 275 -0.66 -11.00 8.62
CA THR D 275 -0.86 -10.17 9.80
C THR D 275 -2.25 -9.58 9.62
N PRO D 276 -3.10 -9.73 10.63
CA PRO D 276 -4.44 -9.17 10.46
C PRO D 276 -4.48 -7.67 10.69
N SER D 277 -5.65 -7.11 10.41
CA SER D 277 -5.92 -5.69 10.60
C SER D 277 -7.42 -5.41 10.48
N GLY D 278 -8.04 -5.09 11.61
CA GLY D 278 -9.45 -4.75 11.59
C GLY D 278 -9.34 -3.28 11.27
N SER D 279 -9.83 -2.87 10.11
CA SER D 279 -9.69 -1.49 9.69
C SER D 279 -10.13 -0.42 10.69
N MET D 280 -10.65 0.66 10.14
CA MET D 280 -11.12 1.80 10.92
C MET D 280 -12.37 1.44 11.72
N VAL D 281 -12.53 2.08 12.88
CA VAL D 281 -13.71 1.87 13.72
C VAL D 281 -14.56 3.10 13.56
N THR D 282 -15.88 2.93 13.62
CA THR D 282 -16.77 4.05 13.41
C THR D 282 -18.04 4.03 14.24
N SER D 283 -18.56 5.23 14.50
CA SER D 283 -19.80 5.40 15.24
C SER D 283 -20.93 4.78 14.44
N ASP D 284 -21.07 5.22 13.20
CA ASP D 284 -22.15 4.73 12.33
C ASP D 284 -22.26 3.21 12.34
N ALA D 285 -21.19 2.51 12.67
CA ALA D 285 -21.24 1.05 12.65
C ALA D 285 -21.47 0.43 14.02
N GLN D 286 -21.67 1.26 15.04
CA GLN D 286 -21.89 0.78 16.39
C GLN D 286 -23.10 -0.12 16.51
N ILE D 287 -22.98 -1.11 17.39
CA ILE D 287 -24.00 -2.11 17.65
C ILE D 287 -24.64 -1.84 19.00
N PHE D 288 -23.86 -1.23 19.89
CA PHE D 288 -24.29 -0.95 21.24
C PHE D 288 -24.87 0.44 21.43
N ASN D 289 -25.34 0.72 22.63
CA ASN D 289 -25.95 2.00 22.96
C ASN D 289 -27.16 2.22 22.07
N LYS D 290 -27.83 1.12 21.78
CA LYS D 290 -29.03 1.06 20.97
C LYS D 290 -29.85 0.00 21.71
N PRO D 291 -31.16 0.17 21.77
CA PRO D 291 -31.99 -0.83 22.46
C PRO D 291 -32.36 -1.96 21.52
N TYR D 292 -32.46 -3.17 22.04
CA TYR D 292 -32.82 -4.33 21.22
C TYR D 292 -34.18 -4.80 21.72
N TRP D 293 -35.18 -4.81 20.86
CA TRP D 293 -36.50 -5.28 21.27
C TRP D 293 -36.70 -6.75 20.92
N LEU D 294 -36.54 -7.63 21.90
CA LEU D 294 -36.70 -9.08 21.72
C LEU D 294 -38.16 -9.53 21.67
N GLN D 295 -38.89 -9.10 20.64
CA GLN D 295 -40.31 -9.45 20.56
C GLN D 295 -40.61 -10.82 19.95
N ARG D 296 -40.05 -11.10 18.77
CA ARG D 296 -40.27 -12.38 18.11
C ARG D 296 -38.94 -13.11 18.01
N ALA D 297 -38.79 -14.20 18.74
CA ALA D 297 -37.55 -14.95 18.70
C ALA D 297 -37.63 -15.98 17.58
N GLN D 298 -36.49 -16.30 16.98
CA GLN D 298 -36.46 -17.29 15.90
C GLN D 298 -36.47 -18.70 16.48
N GLY D 299 -36.16 -18.80 17.77
CA GLY D 299 -36.15 -20.07 18.46
C GLY D 299 -37.48 -20.30 19.13
N HIS D 300 -37.69 -21.45 19.76
CA HIS D 300 -38.96 -21.71 20.41
C HIS D 300 -39.07 -20.98 21.74
N ASN D 301 -37.93 -20.74 22.39
CA ASN D 301 -37.96 -20.00 23.64
C ASN D 301 -37.97 -18.52 23.27
N ASN D 302 -39.11 -17.87 23.44
CA ASN D 302 -39.18 -16.48 23.07
C ASN D 302 -38.79 -15.55 24.21
N GLY D 303 -37.53 -15.63 24.61
CA GLY D 303 -37.05 -14.75 25.66
C GLY D 303 -37.49 -15.03 27.08
N ILE D 304 -37.85 -16.27 27.36
CA ILE D 304 -38.26 -16.61 28.69
C ILE D 304 -36.98 -16.90 29.46
N CYS D 305 -36.84 -16.29 30.64
CA CYS D 305 -35.64 -16.45 31.46
C CYS D 305 -35.81 -17.55 32.53
N TRP D 306 -35.91 -18.79 32.07
CA TRP D 306 -36.07 -19.93 32.96
C TRP D 306 -34.97 -19.87 34.02
N GLY D 307 -35.33 -20.17 35.26
CA GLY D 307 -34.37 -20.14 36.34
C GLY D 307 -34.08 -18.74 36.82
N ASN D 308 -34.84 -17.76 36.32
CA ASN D 308 -34.65 -16.37 36.71
C ASN D 308 -33.21 -15.95 36.40
N GLN D 309 -32.66 -16.56 35.34
CA GLN D 309 -31.31 -16.31 34.88
C GLN D 309 -31.41 -15.64 33.51
N LEU D 310 -30.29 -15.10 33.06
CA LEU D 310 -30.23 -14.42 31.77
C LEU D 310 -28.76 -14.23 31.42
N PHE D 311 -28.36 -14.64 30.22
CA PHE D 311 -26.98 -14.50 29.78
C PHE D 311 -26.79 -13.48 28.70
N VAL D 312 -25.86 -12.56 28.92
CA VAL D 312 -25.58 -11.52 27.94
C VAL D 312 -24.11 -11.57 27.61
N THR D 313 -23.81 -12.10 26.43
CA THR D 313 -22.42 -12.21 26.01
C THR D 313 -22.11 -11.04 25.11
N VAL D 314 -20.92 -10.46 25.28
CA VAL D 314 -20.50 -9.32 24.49
C VAL D 314 -19.04 -9.36 24.10
N VAL D 315 -18.73 -8.76 22.96
CA VAL D 315 -17.36 -8.61 22.48
C VAL D 315 -17.38 -7.31 21.71
N ASP D 316 -16.53 -6.37 22.12
CA ASP D 316 -16.46 -5.08 21.47
C ASP D 316 -15.02 -4.63 21.37
N THR D 317 -14.47 -4.68 20.16
CA THR D 317 -13.07 -4.27 19.97
C THR D 317 -12.98 -2.88 19.38
N THR D 318 -14.08 -2.12 19.45
CA THR D 318 -14.10 -0.79 18.90
C THR D 318 -13.76 0.25 19.97
N ARG D 319 -13.29 -0.23 21.12
CA ARG D 319 -12.89 0.63 22.24
C ARG D 319 -11.72 -0.05 22.93
N SER D 320 -10.84 -0.65 22.14
CA SER D 320 -9.71 -1.39 22.65
C SER D 320 -8.45 -0.60 22.96
N THR D 321 -8.55 0.73 22.93
CA THR D 321 -7.43 1.60 23.24
C THR D 321 -6.74 1.19 24.52
N ASN D 322 -5.42 1.01 24.45
CA ASN D 322 -4.65 0.66 25.64
C ASN D 322 -3.90 1.94 25.95
N MET D 323 -3.77 2.29 27.22
CA MET D 323 -3.06 3.50 27.56
C MET D 323 -1.79 3.20 28.33
N SER D 324 -0.68 3.77 27.88
CA SER D 324 0.59 3.57 28.55
C SER D 324 0.77 4.69 29.55
N LEU D 325 1.09 4.33 30.78
CA LEU D 325 1.33 5.31 31.82
C LEU D 325 2.69 4.99 32.44
N CYS D 326 3.59 5.96 32.47
CA CYS D 326 4.89 5.72 33.04
C CYS D 326 5.19 6.68 34.18
N ALA D 327 5.79 6.14 35.23
CA ALA D 327 6.16 6.90 36.41
C ALA D 327 7.68 7.07 36.42
N ALA D 328 8.13 8.24 36.89
CA ALA D 328 9.56 8.53 36.97
C ALA D 328 10.11 7.94 38.26
N ILE D 329 11.32 7.40 38.20
CA ILE D 329 11.91 6.83 39.39
C ILE D 329 12.52 7.96 40.22
N SER D 330 12.88 9.03 39.51
CA SER D 330 13.47 10.21 40.13
C SER D 330 12.90 11.45 39.47
N THR D 331 12.59 12.46 40.27
CA THR D 331 12.04 13.71 39.75
C THR D 331 13.08 14.84 39.75
N SER D 332 14.36 14.47 39.67
CA SER D 332 15.43 15.44 39.69
C SER D 332 15.95 15.87 38.32
N GLU D 333 16.96 15.13 37.83
CA GLU D 333 17.61 15.39 36.55
C GLU D 333 16.67 15.95 35.50
N THR D 334 17.16 16.96 34.79
CA THR D 334 16.40 17.62 33.76
C THR D 334 16.83 17.05 32.42
N THR D 335 17.38 15.84 32.46
CA THR D 335 17.81 15.20 31.23
C THR D 335 17.16 13.83 31.16
N TYR D 336 16.47 13.57 30.05
CA TYR D 336 15.79 12.30 29.84
C TYR D 336 16.76 11.14 29.91
N LYS D 337 16.32 10.08 30.59
CA LYS D 337 17.08 8.83 30.72
C LYS D 337 16.04 7.74 30.71
N ASN D 338 16.12 6.85 29.73
CA ASN D 338 15.14 5.77 29.64
C ASN D 338 15.11 4.99 30.94
N THR D 339 16.24 4.93 31.62
CA THR D 339 16.35 4.20 32.88
C THR D 339 15.59 4.87 34.02
N ASN D 340 15.32 6.17 33.87
CA ASN D 340 14.62 6.89 34.93
C ASN D 340 13.11 6.69 34.92
N PHE D 341 12.56 6.13 33.84
CA PHE D 341 11.10 5.92 33.77
C PHE D 341 10.64 4.49 33.56
N LYS D 342 9.70 4.07 34.40
CA LYS D 342 9.13 2.73 34.31
C LYS D 342 7.85 2.79 33.47
N GLU D 343 7.88 2.13 32.31
CA GLU D 343 6.75 2.12 31.39
C GLU D 343 5.77 0.97 31.65
N TYR D 344 4.49 1.29 31.66
CA TYR D 344 3.45 0.28 31.89
C TYR D 344 2.33 0.38 30.85
N LEU D 345 1.38 -0.56 30.90
CA LEU D 345 0.22 -0.60 30.01
C LEU D 345 -1.02 -0.99 30.80
N ARG D 346 -2.13 -0.30 30.55
CA ARG D 346 -3.37 -0.60 31.22
C ARG D 346 -4.50 -0.39 30.22
N HIS D 347 -5.62 -1.08 30.42
CA HIS D 347 -6.75 -0.93 29.53
C HIS D 347 -8.01 -0.92 30.35
N GLY D 348 -8.94 -0.03 30.01
CA GLY D 348 -10.17 0.05 30.76
C GLY D 348 -11.41 -0.23 29.91
N GLU D 349 -12.38 -0.91 30.51
CA GLU D 349 -13.61 -1.22 29.83
C GLU D 349 -14.76 -0.69 30.68
N GLU D 350 -15.77 -0.10 30.02
CA GLU D 350 -16.93 0.46 30.73
C GLU D 350 -18.26 -0.05 30.18
N TYR D 351 -19.04 -0.71 31.02
CA TYR D 351 -20.34 -1.24 30.60
C TYR D 351 -21.48 -0.67 31.44
N ASP D 352 -22.69 -0.87 30.94
CA ASP D 352 -23.91 -0.43 31.62
C ASP D 352 -25.08 -1.19 31.00
N LEU D 353 -25.50 -2.27 31.66
CA LEU D 353 -26.57 -3.10 31.13
C LEU D 353 -27.94 -2.63 31.63
N GLN D 354 -28.91 -2.61 30.73
CA GLN D 354 -30.27 -2.20 31.04
C GLN D 354 -31.27 -3.16 30.41
N PHE D 355 -32.31 -3.51 31.16
CA PHE D 355 -33.30 -4.43 30.63
C PHE D 355 -34.72 -4.02 30.97
N ILE D 356 -35.65 -4.54 30.19
CA ILE D 356 -37.07 -4.34 30.40
C ILE D 356 -37.61 -5.76 30.49
N PHE D 357 -38.21 -6.13 31.62
CA PHE D 357 -38.77 -7.47 31.76
C PHE D 357 -40.30 -7.50 31.85
N GLN D 358 -40.88 -8.53 31.23
CA GLN D 358 -42.32 -8.69 31.25
C GLN D 358 -42.69 -9.91 32.08
N LEU D 359 -43.56 -9.70 33.06
CA LEU D 359 -44.00 -10.79 33.93
C LEU D 359 -44.84 -11.77 33.13
N CYS D 360 -44.65 -13.06 33.39
CA CYS D 360 -45.38 -14.11 32.69
C CYS D 360 -45.88 -15.17 33.68
N LYS D 361 -46.97 -15.85 33.30
CA LYS D 361 -47.55 -16.86 34.17
C LYS D 361 -47.73 -18.17 33.41
N ILE D 362 -47.59 -19.28 34.14
CA ILE D 362 -47.75 -20.62 33.57
C ILE D 362 -48.68 -21.50 34.39
N THR D 363 -49.85 -21.83 33.85
CA THR D 363 -50.78 -22.68 34.57
C THR D 363 -50.21 -24.07 34.50
N LEU D 364 -49.81 -24.59 35.65
CA LEU D 364 -49.19 -25.91 35.72
C LEU D 364 -50.09 -27.12 35.49
N THR D 365 -50.58 -27.27 34.26
CA THR D 365 -51.43 -28.41 33.93
C THR D 365 -50.56 -29.67 33.85
N ALA D 366 -51.17 -30.80 33.54
CA ALA D 366 -50.45 -32.06 33.42
C ALA D 366 -49.45 -31.97 32.29
N ASP D 367 -50.00 -31.77 31.09
CA ASP D 367 -49.23 -31.65 29.87
C ASP D 367 -48.06 -30.68 30.06
N VAL D 368 -48.39 -29.47 30.51
CA VAL D 368 -47.40 -28.43 30.75
C VAL D 368 -46.28 -28.94 31.66
N MET D 369 -46.66 -29.56 32.77
CA MET D 369 -45.67 -30.09 33.70
C MET D 369 -44.85 -31.22 33.10
N THR D 370 -45.45 -31.98 32.19
CA THR D 370 -44.73 -33.08 31.55
C THR D 370 -43.67 -32.45 30.64
N TYR D 371 -44.11 -31.49 29.82
CA TYR D 371 -43.24 -30.78 28.88
C TYR D 371 -42.08 -30.10 29.62
N ILE D 372 -42.41 -29.15 30.48
CA ILE D 372 -41.39 -28.43 31.23
C ILE D 372 -40.47 -29.36 31.97
N HIS D 373 -41.00 -30.48 32.43
CA HIS D 373 -40.20 -31.46 33.14
C HIS D 373 -39.17 -32.04 32.20
N SER D 374 -39.61 -32.45 31.01
CA SER D 374 -38.70 -33.03 30.02
C SER D 374 -37.66 -31.99 29.61
N MET D 375 -38.14 -30.80 29.26
CA MET D 375 -37.27 -29.71 28.84
C MET D 375 -36.17 -29.43 29.85
N ASN D 376 -36.54 -29.19 31.10
CA ASN D 376 -35.55 -28.91 32.14
C ASN D 376 -36.10 -29.12 33.54
N SER D 377 -36.13 -30.38 33.97
CA SER D 377 -36.66 -30.74 35.28
C SER D 377 -36.43 -29.75 36.42
N THR D 378 -35.27 -29.11 36.47
CA THR D 378 -34.96 -28.16 37.54
C THR D 378 -35.98 -27.03 37.65
N ILE D 379 -36.61 -26.65 36.53
CA ILE D 379 -37.61 -25.60 36.55
C ILE D 379 -38.64 -25.85 37.62
N LEU D 380 -39.32 -26.99 37.52
CA LEU D 380 -40.35 -27.39 38.47
C LEU D 380 -39.81 -27.58 39.89
N GLU D 381 -38.67 -28.25 40.00
CA GLU D 381 -38.05 -28.51 41.31
C GLU D 381 -37.78 -27.20 42.07
N ASP D 382 -37.32 -26.19 41.35
CA ASP D 382 -37.03 -24.90 41.95
C ASP D 382 -38.30 -24.15 42.28
N TRP D 383 -39.36 -24.38 41.52
CA TRP D 383 -40.59 -23.68 41.80
C TRP D 383 -41.10 -24.04 43.19
N ASN D 384 -42.40 -23.96 43.45
CA ASN D 384 -42.88 -24.21 44.81
C ASN D 384 -41.86 -24.90 45.70
N GLU D 419 -27.66 -25.66 44.68
CA GLU D 419 -26.28 -25.27 44.35
C GLU D 419 -26.15 -25.08 42.84
N ASP D 420 -25.33 -24.09 42.45
CA ASP D 420 -25.06 -23.70 41.06
C ASP D 420 -24.54 -24.82 40.12
N PRO D 421 -25.33 -25.20 39.09
CA PRO D 421 -24.99 -26.25 38.13
C PRO D 421 -23.82 -25.93 37.19
N LEU D 422 -23.38 -24.67 37.19
CA LEU D 422 -22.26 -24.24 36.35
C LEU D 422 -21.18 -23.62 37.22
N LYS D 423 -20.96 -24.22 38.40
CA LYS D 423 -19.94 -23.71 39.33
C LYS D 423 -18.56 -23.81 38.70
N LYS D 424 -18.40 -24.78 37.81
CA LYS D 424 -17.15 -25.01 37.11
C LYS D 424 -16.73 -23.84 36.27
N TYR D 425 -17.73 -23.18 35.67
CA TYR D 425 -17.46 -22.06 34.79
C TYR D 425 -17.46 -20.72 35.52
N THR D 426 -16.79 -19.73 34.93
CA THR D 426 -16.76 -18.42 35.54
C THR D 426 -17.24 -17.31 34.61
N PHE D 427 -18.13 -16.46 35.14
CA PHE D 427 -18.65 -15.32 34.39
C PHE D 427 -18.82 -14.13 35.30
N TRP D 428 -18.96 -12.96 34.69
CA TRP D 428 -19.18 -11.72 35.43
C TRP D 428 -20.56 -11.86 36.06
N GLU D 429 -20.59 -12.06 37.37
CA GLU D 429 -21.85 -12.23 38.08
C GLU D 429 -22.53 -10.89 38.24
N VAL D 430 -23.79 -10.81 37.86
CA VAL D 430 -24.54 -9.58 37.97
C VAL D 430 -25.84 -9.81 38.74
N ASN D 431 -25.96 -9.16 39.91
CA ASN D 431 -27.15 -9.34 40.71
C ASN D 431 -28.16 -8.22 40.55
N LEU D 432 -29.33 -8.54 40.01
CA LEU D 432 -30.35 -7.54 39.80
C LEU D 432 -31.57 -7.70 40.69
N LYS D 433 -31.52 -8.62 41.65
CA LYS D 433 -32.64 -8.85 42.55
C LYS D 433 -33.15 -7.59 43.27
N GLU D 434 -32.28 -6.60 43.46
CA GLU D 434 -32.67 -5.35 44.12
C GLU D 434 -32.75 -4.20 43.13
N LYS D 435 -32.73 -4.51 41.84
CA LYS D 435 -32.75 -3.48 40.82
C LYS D 435 -34.03 -3.32 39.99
N PHE D 436 -35.03 -4.16 40.25
CA PHE D 436 -36.27 -4.04 39.49
C PHE D 436 -37.09 -2.84 39.93
N SER D 437 -37.65 -2.12 38.97
CA SER D 437 -38.48 -0.96 39.27
C SER D 437 -39.66 -0.94 38.32
N ALA D 438 -40.85 -0.71 38.87
CA ALA D 438 -42.03 -0.68 38.05
C ALA D 438 -42.18 0.61 37.27
N ASP D 439 -41.40 1.63 37.60
CA ASP D 439 -41.51 2.92 36.90
C ASP D 439 -40.58 3.08 35.71
N LEU D 440 -40.89 2.41 34.61
CA LEU D 440 -40.05 2.48 33.42
C LEU D 440 -39.80 3.95 33.08
N ASP D 441 -40.82 4.75 33.34
CA ASP D 441 -40.82 6.18 33.13
C ASP D 441 -39.50 6.83 33.59
N GLN D 442 -39.04 6.42 34.78
CA GLN D 442 -37.81 6.95 35.39
C GLN D 442 -36.48 6.54 34.81
N PHE D 443 -36.48 5.73 33.76
CA PHE D 443 -35.21 5.29 33.18
C PHE D 443 -35.18 5.50 31.67
N PRO D 444 -33.98 5.70 31.11
CA PRO D 444 -33.84 5.91 29.67
C PRO D 444 -34.31 4.72 28.83
N LEU D 445 -33.95 3.49 29.20
CA LEU D 445 -34.41 2.36 28.41
C LEU D 445 -35.91 2.25 28.58
N GLY D 446 -36.39 2.57 29.78
CA GLY D 446 -37.81 2.50 30.07
C GLY D 446 -38.63 3.49 29.22
N ARG D 447 -38.14 4.72 29.13
CA ARG D 447 -38.83 5.71 28.32
C ARG D 447 -38.87 5.18 26.90
N LYS D 448 -37.71 4.78 26.38
CA LYS D 448 -37.62 4.27 25.03
C LYS D 448 -38.66 3.19 24.78
N PHE D 449 -38.75 2.23 25.71
CA PHE D 449 -39.70 1.12 25.60
C PHE D 449 -41.13 1.59 25.51
N LEU D 450 -41.52 2.46 26.42
CA LEU D 450 -42.89 2.98 26.39
C LEU D 450 -43.16 3.63 25.04
N LEU D 451 -42.32 4.57 24.68
CA LEU D 451 -42.47 5.26 23.40
C LEU D 451 -42.59 4.26 22.25
N GLN D 452 -41.71 3.26 22.23
CA GLN D 452 -41.73 2.25 21.17
C GLN D 452 -43.01 1.43 21.20
N LEU D 453 -43.36 0.87 22.35
CA LEU D 453 -44.56 0.05 22.43
C LEU D 453 -45.86 0.87 22.56
N GLY D 454 -45.76 2.18 22.43
CA GLY D 454 -46.93 3.03 22.56
C GLY D 454 -47.63 2.84 23.90
N LEU D 455 -48.53 1.85 23.96
CA LEU D 455 -49.27 1.55 25.21
C LEU D 455 -48.47 0.64 26.15
N ALA E 1 -41.01 11.15 42.16
CA ALA E 1 -40.96 10.77 40.73
C ALA E 1 -40.74 12.00 39.83
N VAL E 2 -39.98 11.84 38.76
CA VAL E 2 -39.75 12.95 37.84
C VAL E 2 -40.79 12.88 36.73
N VAL E 3 -41.12 14.03 36.15
CA VAL E 3 -42.10 14.03 35.08
C VAL E 3 -41.68 14.89 33.91
N SER E 4 -42.18 14.57 32.72
CA SER E 4 -41.86 15.33 31.54
C SER E 4 -42.27 16.78 31.76
N THR E 5 -41.53 17.70 31.16
CA THR E 5 -41.83 19.11 31.29
C THR E 5 -43.18 19.40 30.60
N ASP E 6 -43.57 18.52 29.67
CA ASP E 6 -44.81 18.70 28.94
C ASP E 6 -45.97 18.72 29.90
N GLU E 7 -45.77 18.12 31.07
CA GLU E 7 -46.77 18.06 32.13
C GLU E 7 -47.12 19.43 32.73
N TYR E 8 -46.09 20.15 33.17
CA TYR E 8 -46.25 21.44 33.80
C TYR E 8 -45.82 22.67 33.01
N VAL E 9 -45.25 22.47 31.84
CA VAL E 9 -44.82 23.62 31.05
C VAL E 9 -45.76 23.78 29.87
N ALA E 10 -46.40 24.95 29.77
CA ALA E 10 -47.34 25.23 28.70
C ALA E 10 -46.62 25.92 27.56
N ARG E 11 -47.02 25.55 26.35
CA ARG E 11 -46.44 26.08 25.13
C ARG E 11 -47.27 27.19 24.52
N THR E 12 -46.68 28.35 24.30
CA THR E 12 -47.44 29.43 23.69
C THR E 12 -47.23 29.30 22.21
N ASN E 13 -47.68 30.30 21.47
CA ASN E 13 -47.57 30.28 20.03
C ASN E 13 -46.54 31.26 19.53
N ILE E 14 -45.79 31.84 20.46
CA ILE E 14 -44.77 32.83 20.11
C ILE E 14 -43.43 32.18 19.90
N TYR E 15 -42.76 32.57 18.83
CA TYR E 15 -41.46 32.04 18.52
C TYR E 15 -40.52 33.17 18.20
N TYR E 16 -39.29 33.04 18.67
CA TYR E 16 -38.28 34.06 18.41
C TYR E 16 -37.03 33.39 17.83
N HIS E 17 -36.30 34.16 17.04
CA HIS E 17 -35.07 33.69 16.46
C HIS E 17 -33.98 34.46 17.15
N ALA E 18 -32.81 33.84 17.28
CA ALA E 18 -31.67 34.48 17.94
C ALA E 18 -30.41 33.88 17.34
N GLY E 19 -29.39 34.70 17.15
CA GLY E 19 -28.17 34.14 16.61
C GLY E 19 -26.94 35.00 16.89
N THR E 20 -25.79 34.34 17.00
CA THR E 20 -24.54 35.02 17.22
C THR E 20 -24.23 35.61 15.85
N SER E 21 -23.48 36.71 15.81
CA SER E 21 -23.14 37.30 14.52
C SER E 21 -22.30 36.33 13.69
N ARG E 22 -21.14 35.98 14.23
CA ARG E 22 -20.18 35.11 13.61
C ARG E 22 -19.02 35.09 14.55
N LEU E 23 -18.91 34.02 15.33
CA LEU E 23 -17.83 33.91 16.27
C LEU E 23 -16.54 33.53 15.57
N LEU E 24 -15.42 34.09 16.02
CA LEU E 24 -14.15 33.80 15.40
C LEU E 24 -13.07 33.50 16.44
N ALA E 25 -12.21 32.53 16.16
CA ALA E 25 -11.13 32.16 17.10
C ALA E 25 -9.81 31.88 16.38
N VAL E 26 -8.78 32.64 16.73
CA VAL E 26 -7.48 32.46 16.11
C VAL E 26 -6.39 32.30 17.16
N GLY E 27 -5.54 31.29 16.99
CA GLY E 27 -4.49 31.08 17.97
C GLY E 27 -3.51 30.05 17.47
N HIS E 28 -2.64 29.60 18.38
CA HIS E 28 -1.65 28.60 18.03
C HIS E 28 -2.29 27.24 18.28
N PRO E 29 -2.09 26.29 17.36
CA PRO E 29 -2.64 24.95 17.44
C PRO E 29 -2.23 24.04 18.60
N TYR E 30 -0.98 24.15 19.04
CA TYR E 30 -0.47 23.27 20.10
C TYR E 30 -0.35 23.84 21.51
N PHE E 31 -0.02 25.11 21.63
CA PHE E 31 0.14 25.71 22.97
C PHE E 31 0.00 27.21 22.91
N PRO E 32 -0.26 27.84 24.06
CA PRO E 32 -0.40 29.29 24.06
C PRO E 32 0.94 30.01 24.07
N ILE E 33 1.02 31.09 23.29
CA ILE E 33 2.22 31.90 23.22
C ILE E 33 2.11 32.98 24.26
N LYS E 34 3.08 33.04 25.17
CA LYS E 34 3.06 34.05 26.22
C LYS E 34 4.45 34.61 26.47
N LYS E 35 4.53 35.66 27.30
CA LYS E 35 5.81 36.27 27.67
C LYS E 35 6.51 35.32 28.63
N PRO E 36 7.75 34.90 28.31
CA PRO E 36 8.53 33.98 29.16
C PRO E 36 8.60 34.40 30.64
N ASN E 37 9.02 35.64 30.86
CA ASN E 37 9.12 36.24 32.18
C ASN E 37 7.75 36.41 32.82
N ASN E 38 6.79 36.69 31.96
CA ASN E 38 5.40 36.94 32.34
C ASN E 38 4.58 35.64 32.33
N ASN E 39 3.25 35.78 32.41
CA ASN E 39 2.38 34.61 32.39
C ASN E 39 1.10 34.99 31.65
N LYS E 40 1.02 36.26 31.28
CA LYS E 40 -0.11 36.80 30.54
C LYS E 40 -0.08 36.13 29.16
N ILE E 41 -1.24 35.68 28.69
CA ILE E 41 -1.33 35.01 27.39
C ILE E 41 -1.36 36.03 26.26
N LEU E 42 -0.37 35.95 25.39
CA LEU E 42 -0.26 36.84 24.25
C LEU E 42 -1.11 36.29 23.08
N VAL E 43 -0.99 34.99 22.84
CA VAL E 43 -1.76 34.31 21.79
C VAL E 43 -2.29 33.03 22.43
N PRO E 44 -3.60 32.76 22.29
CA PRO E 44 -4.16 31.55 22.89
C PRO E 44 -4.02 30.27 22.06
N LYS E 45 -4.22 29.13 22.71
CA LYS E 45 -4.17 27.86 22.02
C LYS E 45 -5.54 27.63 21.41
N VAL E 46 -5.58 27.53 20.09
CA VAL E 46 -6.82 27.31 19.36
C VAL E 46 -6.62 26.14 18.40
N SER E 47 -7.23 25.01 18.73
CA SER E 47 -7.09 23.81 17.94
C SER E 47 -8.43 23.19 17.61
N GLY E 48 -8.49 22.49 16.50
CA GLY E 48 -9.73 21.85 16.11
C GLY E 48 -10.01 20.66 17.01
N LEU E 49 -9.04 20.35 17.86
CA LEU E 49 -9.19 19.24 18.77
C LEU E 49 -9.67 19.62 20.15
N GLN E 50 -10.10 20.87 20.33
CA GLN E 50 -10.60 21.30 21.63
C GLN E 50 -12.12 21.29 21.64
N TYR E 51 -12.70 21.22 22.83
CA TYR E 51 -14.14 21.26 22.97
C TYR E 51 -14.47 22.75 22.94
N ARG E 52 -15.65 23.07 22.44
CA ARG E 52 -16.14 24.42 22.39
C ARG E 52 -17.42 24.36 23.20
N VAL E 53 -17.40 24.95 24.39
CA VAL E 53 -18.60 24.92 25.22
C VAL E 53 -19.17 26.33 25.30
N PHE E 54 -20.30 26.53 24.66
CA PHE E 54 -20.94 27.84 24.64
C PHE E 54 -22.01 28.00 25.71
N ARG E 55 -21.85 29.03 26.53
CA ARG E 55 -22.78 29.35 27.60
C ARG E 55 -23.67 30.44 26.99
N ILE E 56 -24.86 30.04 26.55
CA ILE E 56 -25.81 30.94 25.91
C ILE E 56 -26.73 31.68 26.89
N HIS E 57 -26.60 33.00 26.91
CA HIS E 57 -27.43 33.78 27.80
C HIS E 57 -28.65 34.33 27.08
N LEU E 58 -29.81 34.05 27.63
CA LEU E 58 -31.06 34.49 27.04
C LEU E 58 -31.73 35.57 27.88
N PRO E 59 -32.44 36.48 27.22
CA PRO E 59 -33.12 37.54 27.96
C PRO E 59 -34.23 36.89 28.80
N ASP E 60 -34.37 37.31 30.06
CA ASP E 60 -35.41 36.75 30.93
C ASP E 60 -36.77 37.05 30.29
N PRO E 61 -37.53 36.01 29.91
CA PRO E 61 -38.83 36.27 29.29
C PRO E 61 -39.78 37.02 30.19
N ASN E 62 -39.52 37.01 31.50
CA ASN E 62 -40.36 37.70 32.45
C ASN E 62 -40.05 39.20 32.48
N LYS E 63 -38.78 39.54 32.28
CA LYS E 63 -38.37 40.93 32.29
C LYS E 63 -38.51 41.50 30.88
N PHE E 64 -38.49 40.60 29.89
CA PHE E 64 -38.59 40.93 28.48
C PHE E 64 -39.80 41.79 28.20
N GLY E 65 -39.73 42.57 27.13
CA GLY E 65 -40.83 43.45 26.79
C GLY E 65 -41.58 43.07 25.54
N PHE E 66 -42.58 42.22 25.67
CA PHE E 66 -43.37 41.80 24.52
C PHE E 66 -44.43 42.83 24.16
N PRO E 67 -44.77 42.94 22.87
CA PRO E 67 -45.77 43.89 22.38
C PRO E 67 -47.13 43.58 23.00
N ASP E 68 -47.41 42.30 23.15
CA ASP E 68 -48.66 41.86 23.77
C ASP E 68 -48.32 40.98 24.98
N THR E 69 -49.07 41.13 26.06
CA THR E 69 -48.83 40.36 27.27
C THR E 69 -50.10 39.72 27.78
N SER E 70 -51.11 39.68 26.93
CA SER E 70 -52.40 39.12 27.29
C SER E 70 -52.38 37.60 27.27
N PHE E 71 -51.42 37.05 26.57
CA PHE E 71 -51.28 35.59 26.45
C PHE E 71 -51.01 34.84 27.76
N TYR E 72 -50.75 35.57 28.84
CA TYR E 72 -50.52 34.92 30.14
C TYR E 72 -50.79 35.83 31.35
N ASN E 73 -50.96 35.22 32.52
CA ASN E 73 -51.23 35.95 33.75
C ASN E 73 -49.99 36.01 34.62
N PRO E 74 -49.32 37.18 34.64
CA PRO E 74 -48.10 37.40 35.42
C PRO E 74 -48.27 37.24 36.93
N ASP E 75 -49.48 36.88 37.35
CA ASP E 75 -49.79 36.70 38.77
C ASP E 75 -49.76 35.24 39.16
N THR E 76 -50.38 34.41 38.34
CA THR E 76 -50.45 32.99 38.59
C THR E 76 -49.32 32.25 37.91
N GLN E 77 -48.75 32.82 36.86
CA GLN E 77 -47.69 32.10 36.17
C GLN E 77 -46.40 32.84 35.86
N ARG E 78 -45.46 32.12 35.26
CA ARG E 78 -44.13 32.64 34.90
C ARG E 78 -43.75 32.17 33.50
N LEU E 79 -42.71 32.76 32.93
CA LEU E 79 -42.30 32.41 31.57
C LEU E 79 -40.91 31.80 31.45
N VAL E 80 -40.76 30.88 30.51
CA VAL E 80 -39.48 30.21 30.27
C VAL E 80 -39.29 30.04 28.79
N TRP E 81 -38.04 30.08 28.34
CA TRP E 81 -37.75 29.88 26.93
C TRP E 81 -37.48 28.40 26.66
N ALA E 82 -38.02 27.90 25.55
CA ALA E 82 -37.82 26.49 25.18
C ALA E 82 -37.10 26.45 23.84
N CYS E 83 -35.98 25.73 23.81
CA CYS E 83 -35.21 25.61 22.58
C CYS E 83 -35.86 24.58 21.65
N VAL E 84 -36.24 25.04 20.45
CA VAL E 84 -36.92 24.18 19.48
C VAL E 84 -36.12 23.95 18.21
N GLY E 85 -35.12 24.78 17.96
CA GLY E 85 -34.34 24.61 16.75
C GLY E 85 -32.94 25.18 16.89
N VAL E 86 -31.94 24.44 16.43
CA VAL E 86 -30.56 24.87 16.51
C VAL E 86 -29.81 24.63 15.20
N GLU E 87 -28.95 25.56 14.83
CA GLU E 87 -28.15 25.39 13.64
C GLU E 87 -26.74 25.81 13.98
N VAL E 88 -25.83 24.85 14.05
CA VAL E 88 -24.46 25.15 14.36
C VAL E 88 -23.71 25.36 13.05
N GLY E 89 -23.57 26.60 12.66
CA GLY E 89 -22.86 26.91 11.43
C GLY E 89 -21.36 26.87 11.62
N ARG E 90 -20.67 26.27 10.66
CA ARG E 90 -19.21 26.16 10.68
C ARG E 90 -18.75 26.86 9.41
N GLY E 91 -17.61 27.53 9.47
CA GLY E 91 -17.20 28.29 8.32
C GLY E 91 -15.88 28.12 7.60
N GLN E 92 -14.97 27.32 8.08
CA GLN E 92 -13.75 27.22 7.31
C GLN E 92 -13.86 26.05 6.30
N PRO E 93 -12.91 25.95 5.36
CA PRO E 93 -13.05 24.82 4.43
C PRO E 93 -12.68 23.51 5.18
N LEU E 94 -13.19 22.38 4.72
CA LEU E 94 -12.89 21.12 5.37
C LEU E 94 -11.41 20.80 5.18
N GLY E 95 -10.81 20.20 6.20
CA GLY E 95 -9.39 19.85 6.10
C GLY E 95 -8.90 19.15 7.35
N VAL E 96 -7.74 18.51 7.27
CA VAL E 96 -7.22 17.82 8.44
C VAL E 96 -5.92 18.44 8.96
N GLY E 97 -5.86 18.57 10.29
CA GLY E 97 -4.71 19.13 10.96
C GLY E 97 -3.59 18.11 11.12
N ILE E 98 -2.83 18.23 12.20
CA ILE E 98 -1.71 17.31 12.40
C ILE E 98 -0.96 17.77 13.64
N SER E 99 -0.62 16.84 14.51
CA SER E 99 0.08 17.15 15.77
C SER E 99 1.24 16.19 16.03
N GLY E 100 2.29 16.69 16.65
CA GLY E 100 3.41 15.83 16.94
C GLY E 100 4.15 16.24 18.19
N HIS E 101 5.35 15.71 18.35
CA HIS E 101 6.24 16.02 19.48
C HIS E 101 7.67 15.85 18.99
N PRO E 102 8.54 16.85 19.23
CA PRO E 102 9.94 16.79 18.81
C PRO E 102 10.69 15.67 19.51
N LEU E 103 10.18 15.28 20.68
CA LEU E 103 10.81 14.22 21.45
C LEU E 103 9.80 13.18 21.91
N LEU E 104 9.11 12.57 20.95
CA LEU E 104 8.11 11.55 21.24
C LEU E 104 8.76 10.24 21.64
N ASN E 105 8.26 9.62 22.70
CA ASN E 105 8.82 8.37 23.14
C ASN E 105 8.46 7.24 22.18
N LYS E 106 9.25 7.10 21.13
CA LYS E 106 9.04 6.06 20.14
C LYS E 106 10.37 5.33 19.90
N LEU E 107 10.49 4.13 20.43
CA LEU E 107 11.72 3.35 20.25
C LEU E 107 11.80 2.92 18.81
N ASP E 108 11.36 1.71 18.51
CA ASP E 108 11.43 1.25 17.14
C ASP E 108 10.11 0.96 16.47
N ASP E 109 10.17 0.74 15.16
CA ASP E 109 9.01 0.44 14.33
C ASP E 109 8.73 -1.05 14.53
N THR E 110 7.63 -1.38 15.20
CA THR E 110 7.32 -2.78 15.45
C THR E 110 6.29 -3.39 14.50
N GLU E 111 5.91 -2.63 13.47
CA GLU E 111 4.93 -3.08 12.47
C GLU E 111 5.53 -4.14 11.54
N ASN E 112 6.86 -4.11 11.40
CA ASN E 112 7.58 -5.03 10.52
C ASN E 112 9.08 -4.78 10.71
N ALA E 113 9.81 -5.81 11.16
CA ALA E 113 11.25 -5.66 11.36
C ALA E 113 12.03 -6.82 10.73
N SER E 114 13.13 -6.48 10.07
CA SER E 114 13.97 -7.47 9.39
C SER E 114 15.06 -8.10 10.26
N ALA E 115 15.37 -7.45 11.37
CA ALA E 115 16.38 -7.93 12.30
C ALA E 115 16.03 -7.39 13.67
N TYR E 116 16.51 -8.04 14.72
CA TYR E 116 16.21 -7.58 16.07
C TYR E 116 16.80 -6.19 16.27
N ALA E 117 15.96 -5.27 16.76
CA ALA E 117 16.35 -3.89 16.99
C ALA E 117 17.56 -3.83 17.93
N ALA E 118 18.35 -2.76 17.79
CA ALA E 118 19.55 -2.53 18.60
C ALA E 118 19.29 -2.64 20.10
N ASN E 119 19.63 -1.58 20.83
CA ASN E 119 19.45 -1.55 22.27
C ASN E 119 19.19 -0.13 22.76
N ALA E 120 18.17 0.02 23.60
CA ALA E 120 17.83 1.34 24.11
C ALA E 120 19.00 1.97 24.87
N GLY E 121 19.46 3.12 24.39
CA GLY E 121 20.55 3.81 25.05
C GLY E 121 19.95 4.83 26.01
N VAL E 122 20.27 6.09 25.79
CA VAL E 122 19.73 7.16 26.62
C VAL E 122 18.98 8.04 25.65
N ASP E 123 17.69 8.26 25.91
CA ASP E 123 16.92 9.14 25.02
C ASP E 123 16.95 8.74 23.53
N ASN E 124 16.03 7.85 23.13
CA ASN E 124 15.92 7.41 21.75
C ASN E 124 14.68 8.07 21.15
N ARG E 125 14.18 9.12 21.78
CA ARG E 125 13.00 9.83 21.31
C ARG E 125 13.15 10.38 19.90
N GLU E 126 12.07 10.39 19.12
CA GLU E 126 12.08 10.88 17.74
C GLU E 126 11.09 12.02 17.55
N CYS E 127 11.33 12.84 16.53
CA CYS E 127 10.43 13.95 16.18
C CYS E 127 9.33 13.31 15.32
N ILE E 128 8.15 13.13 15.91
CA ILE E 128 7.05 12.48 15.22
C ILE E 128 5.69 13.11 15.28
N SER E 129 4.99 13.12 14.15
CA SER E 129 3.64 13.70 14.08
C SER E 129 2.61 12.68 13.60
N MET E 130 1.33 13.03 13.76
CA MET E 130 0.26 12.12 13.37
C MET E 130 -1.03 12.90 13.16
N ASP E 131 -1.97 12.30 12.43
CA ASP E 131 -3.27 12.93 12.21
C ASP E 131 -4.26 12.25 13.16
N TYR E 132 -4.69 13.01 14.16
CA TYR E 132 -5.59 12.53 15.18
C TYR E 132 -6.87 11.87 14.67
N LYS E 133 -7.60 11.22 15.56
CA LYS E 133 -8.84 10.58 15.20
C LYS E 133 -9.91 11.65 14.97
N GLN E 134 -10.72 11.42 13.95
CA GLN E 134 -11.79 12.33 13.57
C GLN E 134 -12.97 12.27 14.55
N THR E 135 -13.46 13.45 14.94
CA THR E 135 -14.58 13.53 15.89
C THR E 135 -15.49 14.71 15.58
N GLN E 136 -16.79 14.45 15.52
CA GLN E 136 -17.79 15.49 15.31
C GLN E 136 -18.85 15.22 16.35
N LEU E 137 -19.17 16.21 17.17
CA LEU E 137 -20.21 16.00 18.16
C LEU E 137 -20.83 17.31 18.56
N CYS E 138 -22.07 17.24 19.01
CA CYS E 138 -22.80 18.41 19.44
C CYS E 138 -23.73 18.03 20.56
N LEU E 139 -23.57 18.66 21.72
CA LEU E 139 -24.40 18.41 22.89
C LEU E 139 -25.16 19.69 23.23
N ILE E 140 -26.45 19.54 23.53
CA ILE E 140 -27.30 20.69 23.89
C ILE E 140 -28.05 20.32 25.17
N GLY E 141 -28.10 21.25 26.11
CA GLY E 141 -28.81 21.05 27.36
C GLY E 141 -28.86 22.38 28.10
N CYS E 142 -29.50 22.43 29.26
CA CYS E 142 -29.54 23.68 30.02
C CYS E 142 -28.54 23.65 31.19
N LYS E 143 -27.73 22.60 31.23
CA LYS E 143 -26.70 22.43 32.23
C LYS E 143 -25.42 22.13 31.48
N PRO E 144 -24.27 22.50 32.03
CA PRO E 144 -23.02 22.22 31.32
C PRO E 144 -22.83 20.72 31.14
N PRO E 145 -22.09 20.31 30.08
CA PRO E 145 -21.79 18.92 29.73
C PRO E 145 -20.81 18.24 30.70
N ILE E 146 -20.96 16.94 30.89
CA ILE E 146 -20.10 16.21 31.79
C ILE E 146 -19.27 15.16 31.09
N GLY E 147 -17.97 15.15 31.39
CA GLY E 147 -17.10 14.17 30.76
C GLY E 147 -16.46 13.19 31.72
N GLU E 148 -15.78 12.20 31.13
CA GLU E 148 -15.08 11.18 31.90
C GLU E 148 -13.68 11.05 31.34
N HIS E 149 -12.73 10.69 32.20
CA HIS E 149 -11.34 10.48 31.78
C HIS E 149 -10.65 9.73 32.90
N TRP E 150 -9.59 9.03 32.57
CA TRP E 150 -8.84 8.28 33.57
C TRP E 150 -7.77 9.18 34.17
N GLY E 151 -7.68 9.18 35.49
CA GLY E 151 -6.67 9.98 36.15
C GLY E 151 -5.97 9.10 37.15
N LYS E 152 -5.13 9.71 37.99
CA LYS E 152 -4.42 8.94 39.01
C LYS E 152 -5.28 8.83 40.27
N GLY E 153 -5.73 7.61 40.55
CA GLY E 153 -6.55 7.38 41.72
C GLY E 153 -5.75 7.50 43.00
N SER E 154 -6.44 7.60 44.13
CA SER E 154 -5.80 7.72 45.43
C SER E 154 -5.33 6.33 45.81
N PRO E 155 -4.08 6.20 46.34
CA PRO E 155 -3.56 4.88 46.73
C PRO E 155 -4.15 4.36 48.05
N CYS E 156 -4.16 3.04 48.19
CA CYS E 156 -4.66 2.35 49.40
C CYS E 156 -3.55 2.45 50.48
N THR E 157 -3.94 2.77 51.72
CA THR E 157 -2.97 2.92 52.81
C THR E 157 -2.36 1.58 53.24
N GLN E 158 -1.36 1.13 52.48
CA GLN E 158 -0.68 -0.12 52.81
C GLN E 158 0.72 -0.01 52.28
N VAL E 159 0.96 -0.89 51.33
CA VAL E 159 2.23 -1.05 50.61
C VAL E 159 2.71 0.32 50.10
N ALA E 160 3.78 0.85 50.68
CA ALA E 160 4.27 2.14 50.29
C ALA E 160 4.69 2.18 48.81
N VAL E 161 4.09 3.11 48.07
CA VAL E 161 4.35 3.27 46.65
C VAL E 161 5.84 3.44 46.40
N GLN E 162 6.47 2.41 45.83
CA GLN E 162 7.88 2.49 45.51
C GLN E 162 8.01 3.48 44.35
N PRO E 163 9.05 4.34 44.35
CA PRO E 163 9.17 5.28 43.24
C PRO E 163 9.15 4.52 41.90
N GLY E 164 8.44 5.08 40.92
CA GLY E 164 8.36 4.42 39.63
C GLY E 164 7.23 3.40 39.55
N ASP E 165 6.63 3.08 40.69
CA ASP E 165 5.52 2.13 40.73
C ASP E 165 4.42 2.64 39.82
N CYS E 166 3.69 1.74 39.18
CA CYS E 166 2.60 2.16 38.30
C CYS E 166 1.53 2.85 39.14
N PRO E 167 1.06 4.03 38.70
CA PRO E 167 0.03 4.76 39.45
C PRO E 167 -1.33 4.12 39.26
N PRO E 168 -2.20 4.19 40.28
CA PRO E 168 -3.54 3.61 40.21
C PRO E 168 -4.50 4.45 39.35
N LEU E 169 -5.38 3.80 38.61
CA LEU E 169 -6.32 4.53 37.75
C LEU E 169 -7.64 4.79 38.47
N GLU E 170 -8.41 5.73 37.96
CA GLU E 170 -9.70 6.07 38.53
C GLU E 170 -10.47 6.87 37.50
N LEU E 171 -11.67 6.41 37.14
CA LEU E 171 -12.45 7.14 36.16
C LEU E 171 -12.96 8.38 36.87
N ILE E 172 -12.63 9.55 36.34
CA ILE E 172 -13.02 10.80 36.97
C ILE E 172 -14.02 11.64 36.18
N ASN E 173 -15.16 11.92 36.80
CA ASN E 173 -16.17 12.73 36.15
C ASN E 173 -15.81 14.20 36.36
N THR E 174 -15.92 14.98 35.30
CA THR E 174 -15.57 16.39 35.36
C THR E 174 -16.54 17.20 34.52
N VAL E 175 -16.47 18.51 34.63
CA VAL E 175 -17.34 19.37 33.84
C VAL E 175 -16.52 19.68 32.61
N ILE E 176 -17.09 19.52 31.42
CA ILE E 176 -16.34 19.82 30.21
C ILE E 176 -16.32 21.33 29.96
N GLN E 177 -15.13 21.90 30.06
CA GLN E 177 -14.97 23.33 29.88
C GLN E 177 -14.50 23.70 28.48
N ASP E 178 -14.78 24.94 28.11
CA ASP E 178 -14.40 25.42 26.79
C ASP E 178 -12.90 25.43 26.70
N GLY E 179 -12.35 24.76 25.68
CA GLY E 179 -10.91 24.73 25.54
C GLY E 179 -10.31 23.40 25.92
N ASP E 180 -11.08 22.56 26.59
CA ASP E 180 -10.60 21.23 26.97
C ASP E 180 -10.28 20.46 25.70
N MET E 181 -9.53 19.36 25.83
CA MET E 181 -9.17 18.55 24.68
C MET E 181 -10.01 17.27 24.56
N VAL E 182 -10.21 16.83 23.31
CA VAL E 182 -10.99 15.65 23.01
C VAL E 182 -10.02 14.49 22.82
N ASP E 183 -10.49 13.28 23.14
CA ASP E 183 -9.66 12.09 22.96
C ASP E 183 -9.21 12.15 21.51
N THR E 184 -7.92 11.92 21.29
CA THR E 184 -7.36 12.01 19.95
C THR E 184 -6.88 10.68 19.37
N GLY E 185 -7.10 9.60 20.11
CA GLY E 185 -6.64 8.32 19.66
C GLY E 185 -5.88 7.64 20.79
N PHE E 186 -5.59 8.38 21.84
CA PHE E 186 -4.88 7.79 22.98
C PHE E 186 -5.82 7.64 24.16
N GLY E 187 -7.13 7.68 23.88
CA GLY E 187 -8.13 7.55 24.92
C GLY E 187 -8.34 8.81 25.73
N ALA E 188 -9.25 8.74 26.71
CA ALA E 188 -9.52 9.90 27.54
C ALA E 188 -8.84 9.76 28.90
N MET E 189 -7.69 10.40 29.03
CA MET E 189 -6.94 10.33 30.27
C MET E 189 -6.18 11.62 30.55
N ASP E 190 -5.71 11.74 31.79
CA ASP E 190 -4.95 12.89 32.24
C ASP E 190 -3.47 12.57 32.05
N PHE E 191 -2.92 12.99 30.92
CA PHE E 191 -1.53 12.70 30.60
C PHE E 191 -0.46 13.34 31.49
N THR E 192 -0.84 14.44 32.13
CA THR E 192 0.07 15.15 33.03
C THR E 192 0.34 14.31 34.28
N THR E 193 -0.74 13.83 34.91
CA THR E 193 -0.61 13.04 36.12
C THR E 193 -0.41 11.55 35.92
N LEU E 194 -0.41 11.09 34.67
CA LEU E 194 -0.24 9.67 34.39
C LEU E 194 0.96 9.39 33.50
N GLN E 195 1.66 10.44 33.08
CA GLN E 195 2.83 10.25 32.24
C GLN E 195 3.92 11.25 32.59
N ALA E 196 4.80 10.85 33.51
CA ALA E 196 5.91 11.70 33.95
C ALA E 196 6.83 12.00 32.78
N ASN E 197 6.90 11.04 31.88
CA ASN E 197 7.69 11.10 30.67
C ASN E 197 7.58 12.43 29.90
N LYS E 198 6.37 12.99 29.84
CA LYS E 198 6.12 14.24 29.13
C LYS E 198 6.41 14.13 27.63
N SER E 199 6.53 12.90 27.13
CA SER E 199 6.84 12.69 25.72
C SER E 199 6.10 11.50 25.08
N GLU E 200 5.00 11.08 25.71
CA GLU E 200 4.24 9.94 25.19
C GLU E 200 3.29 10.32 24.06
N VAL E 201 2.85 11.58 24.07
CA VAL E 201 1.91 12.05 23.07
C VAL E 201 2.32 13.43 22.57
N PRO E 202 1.75 13.89 21.45
CA PRO E 202 2.09 15.20 20.89
C PRO E 202 1.92 16.34 21.90
N LEU E 203 2.58 17.47 21.64
CA LEU E 203 2.51 18.63 22.52
C LEU E 203 1.11 19.11 22.92
N ASP E 204 0.20 19.23 21.94
CA ASP E 204 -1.14 19.73 22.22
C ASP E 204 -2.02 19.02 23.26
N ILE E 205 -1.72 17.77 23.60
CA ILE E 205 -2.50 17.05 24.62
C ILE E 205 -1.52 16.58 25.70
N CYS E 206 -0.26 16.71 25.37
CA CYS E 206 0.89 16.33 26.21
C CYS E 206 0.80 16.65 27.71
N THR E 207 0.30 17.83 28.05
CA THR E 207 0.16 18.18 29.46
C THR E 207 -1.29 18.61 29.72
N SER E 208 -2.21 18.01 28.99
CA SER E 208 -3.62 18.31 29.14
C SER E 208 -4.41 17.07 29.53
N ILE E 209 -5.73 17.20 29.53
CA ILE E 209 -6.59 16.09 29.85
C ILE E 209 -7.52 15.90 28.67
N CYS E 210 -7.54 14.71 28.10
CA CYS E 210 -8.45 14.46 27.00
C CYS E 210 -9.67 13.85 27.64
N LYS E 211 -10.80 14.55 27.54
CA LYS E 211 -12.03 14.09 28.14
C LYS E 211 -13.03 13.59 27.10
N TYR E 212 -13.86 12.63 27.51
CA TYR E 212 -14.87 12.06 26.62
C TYR E 212 -16.23 12.31 27.26
N PRO E 213 -17.21 12.76 26.47
CA PRO E 213 -18.53 13.00 27.06
C PRO E 213 -18.99 11.76 27.78
N ASP E 214 -19.51 11.91 29.00
CA ASP E 214 -20.02 10.74 29.68
C ASP E 214 -21.53 10.65 29.32
N TYR E 215 -21.80 10.20 28.09
CA TYR E 215 -23.15 10.05 27.60
C TYR E 215 -24.02 9.22 28.53
N ILE E 216 -23.50 8.09 29.01
CA ILE E 216 -24.25 7.19 29.91
C ILE E 216 -24.78 7.96 31.13
N LYS E 217 -23.88 8.61 31.85
CA LYS E 217 -24.24 9.34 33.06
C LYS E 217 -25.26 10.44 32.78
N MET E 218 -25.00 11.24 31.74
CA MET E 218 -25.89 12.35 31.40
C MET E 218 -27.31 11.93 31.06
N VAL E 219 -27.45 10.82 30.37
CA VAL E 219 -28.77 10.34 29.99
C VAL E 219 -29.49 9.69 31.18
N SER E 220 -28.71 9.17 32.12
CA SER E 220 -29.28 8.54 33.29
C SER E 220 -29.82 9.62 34.18
N GLU E 221 -29.15 10.77 34.14
CA GLU E 221 -29.57 11.91 34.91
C GLU E 221 -31.10 11.96 34.96
N PRO E 222 -31.68 11.96 36.17
CA PRO E 222 -33.12 11.99 36.41
C PRO E 222 -33.94 13.06 35.66
N TYR E 223 -33.55 14.32 35.76
CA TYR E 223 -34.26 15.40 35.09
C TYR E 223 -33.82 15.60 33.64
N GLY E 224 -32.62 15.14 33.35
CA GLY E 224 -32.08 15.27 32.01
C GLY E 224 -31.89 16.69 31.51
N ASP E 225 -31.34 17.55 32.35
CA ASP E 225 -31.09 18.94 31.96
C ASP E 225 -29.75 19.13 31.28
N SER E 226 -28.78 18.31 31.67
CA SER E 226 -27.43 18.43 31.12
C SER E 226 -27.38 18.25 29.62
N LEU E 227 -28.25 17.41 29.08
CA LEU E 227 -28.28 17.22 27.64
C LEU E 227 -29.60 16.63 27.15
N PHE E 228 -30.34 17.40 26.34
CA PHE E 228 -31.59 16.90 25.81
C PHE E 228 -31.54 16.62 24.34
N PHE E 229 -30.33 16.56 23.80
CA PHE E 229 -30.13 16.29 22.38
C PHE E 229 -28.65 16.19 22.10
N TYR E 230 -28.25 15.27 21.22
CA TYR E 230 -26.84 15.14 20.87
C TYR E 230 -26.60 14.41 19.57
N LEU E 231 -25.45 14.69 18.95
CA LEU E 231 -25.03 14.04 17.71
C LEU E 231 -23.55 13.73 17.84
N ARG E 232 -23.19 12.48 17.67
CA ARG E 232 -21.80 12.08 17.77
C ARG E 232 -21.37 11.28 16.54
N ARG E 233 -20.14 11.53 16.12
CA ARG E 233 -19.60 10.85 14.97
C ARG E 233 -18.07 10.79 15.14
N GLU E 234 -17.55 9.60 15.42
CA GLU E 234 -16.12 9.43 15.62
C GLU E 234 -15.61 8.20 14.87
N GLN E 235 -14.41 8.31 14.31
CA GLN E 235 -13.81 7.21 13.56
C GLN E 235 -12.30 7.28 13.71
N MET E 236 -11.65 6.12 13.63
CA MET E 236 -10.22 6.07 13.80
C MET E 236 -9.63 4.72 13.37
N PHE E 237 -8.39 4.74 12.90
CA PHE E 237 -7.71 3.50 12.54
C PHE E 237 -6.23 3.61 12.84
N VAL E 238 -5.56 2.46 12.92
CA VAL E 238 -4.14 2.40 13.22
C VAL E 238 -3.24 2.67 12.02
N ARG E 239 -2.52 3.79 12.05
CA ARG E 239 -1.60 4.14 10.98
C ARG E 239 -0.27 3.44 11.18
N HIS E 240 0.34 3.62 12.36
CA HIS E 240 1.62 2.95 12.67
C HIS E 240 1.63 2.21 14.01
N LEU E 241 2.52 1.23 14.12
CA LEU E 241 2.65 0.44 15.34
C LEU E 241 4.07 0.57 15.91
N PHE E 242 4.15 1.25 17.06
CA PHE E 242 5.44 1.50 17.69
C PHE E 242 5.71 0.85 19.03
N ASN E 243 6.93 1.09 19.49
CA ASN E 243 7.47 0.60 20.75
C ASN E 243 7.71 1.78 21.68
N ARG E 244 7.67 1.55 22.99
CA ARG E 244 7.96 2.64 23.95
C ARG E 244 9.33 2.39 24.60
N ALA E 245 10.18 3.41 24.58
CA ALA E 245 11.49 3.32 25.23
C ALA E 245 11.20 3.53 26.69
N GLY E 246 12.16 3.21 27.55
CA GLY E 246 11.94 3.35 28.97
C GLY E 246 12.31 2.04 29.59
N THR E 247 11.93 1.80 30.84
CA THR E 247 12.29 0.53 31.45
C THR E 247 11.09 -0.27 31.87
N VAL E 248 11.19 -1.58 31.76
CA VAL E 248 10.10 -2.46 32.10
C VAL E 248 9.52 -2.14 33.47
N GLY E 249 8.24 -1.76 33.47
CA GLY E 249 7.55 -1.45 34.70
C GLY E 249 7.01 -2.76 35.22
N GLU E 250 6.57 -3.60 34.29
CA GLU E 250 6.05 -4.92 34.61
C GLU E 250 6.61 -5.89 33.59
N ASN E 251 7.34 -6.88 34.08
CA ASN E 251 7.95 -7.86 33.22
C ASN E 251 7.00 -8.88 32.61
N VAL E 252 7.37 -9.33 31.42
CA VAL E 252 6.59 -10.31 30.69
C VAL E 252 6.77 -11.66 31.35
N PRO E 253 5.69 -12.25 31.86
CA PRO E 253 5.75 -13.57 32.52
C PRO E 253 6.44 -14.56 31.60
N ASP E 254 7.49 -15.22 32.07
CA ASP E 254 8.23 -16.16 31.24
C ASP E 254 7.50 -17.42 30.81
N ASP E 255 6.27 -17.60 31.27
CA ASP E 255 5.49 -18.76 30.87
C ASP E 255 4.81 -18.46 29.53
N LEU E 256 5.03 -17.23 29.04
CA LEU E 256 4.46 -16.79 27.77
C LEU E 256 5.45 -16.84 26.59
N TYR E 257 6.66 -17.37 26.80
CA TYR E 257 7.64 -17.43 25.74
C TYR E 257 8.87 -18.25 26.10
N ILE E 258 9.64 -18.57 25.08
CA ILE E 258 10.87 -19.34 25.23
C ILE E 258 12.05 -18.38 25.14
N LYS E 259 12.87 -18.36 26.18
CA LYS E 259 14.05 -17.51 26.26
C LYS E 259 14.83 -17.55 24.98
N GLY E 260 15.33 -16.38 24.57
CA GLY E 260 16.11 -16.30 23.34
C GLY E 260 17.59 -16.53 23.64
N SER E 261 18.46 -15.87 22.89
CA SER E 261 19.90 -15.99 23.09
C SER E 261 20.64 -15.06 22.12
N GLY E 262 21.87 -14.70 22.46
CA GLY E 262 22.60 -13.81 21.58
C GLY E 262 21.87 -12.49 21.51
N SER E 263 21.33 -12.16 20.35
CA SER E 263 20.58 -10.92 20.18
C SER E 263 19.20 -11.01 20.86
N THR E 264 18.50 -12.12 20.61
CA THR E 264 17.18 -12.33 21.19
C THR E 264 17.27 -12.76 22.66
N ALA E 265 18.45 -12.60 23.26
CA ALA E 265 18.63 -12.96 24.66
C ALA E 265 17.84 -11.98 25.52
N ASN E 266 17.92 -10.71 25.14
CA ASN E 266 17.23 -9.64 25.85
C ASN E 266 15.93 -9.26 25.16
N LEU E 267 14.83 -9.34 25.91
CA LEU E 267 13.52 -9.00 25.38
C LEU E 267 13.35 -7.51 25.04
N ALA E 268 12.87 -7.23 23.83
CA ALA E 268 12.62 -5.86 23.39
C ALA E 268 11.34 -5.38 24.09
N SER E 269 11.21 -4.07 24.22
CA SER E 269 10.02 -3.50 24.86
C SER E 269 8.74 -3.99 24.19
N SER E 270 7.85 -4.57 24.98
CA SER E 270 6.58 -5.06 24.44
C SER E 270 5.50 -4.11 24.92
N ASN E 271 5.90 -2.86 25.16
CA ASN E 271 5.02 -1.78 25.55
C ASN E 271 4.66 -1.06 24.26
N TYR E 272 3.86 -1.73 23.42
CA TYR E 272 3.46 -1.17 22.12
C TYR E 272 2.42 -0.07 22.24
N PHE E 273 2.42 0.80 21.24
CA PHE E 273 1.44 1.87 21.18
C PHE E 273 1.26 2.19 19.70
N PRO E 274 0.02 2.37 19.27
CA PRO E 274 -0.27 2.68 17.87
C PRO E 274 -0.44 4.17 17.64
N THR E 275 -0.26 4.58 16.39
CA THR E 275 -0.42 5.97 15.98
C THR E 275 -1.81 6.06 15.37
N PRO E 276 -2.65 6.95 15.88
CA PRO E 276 -3.99 7.05 15.33
C PRO E 276 -4.04 7.74 13.97
N SER E 277 -5.21 7.69 13.36
CA SER E 277 -5.45 8.34 12.09
C SER E 277 -6.92 8.40 11.77
N GLY E 278 -7.50 9.60 11.85
CA GLY E 278 -8.90 9.76 11.49
C GLY E 278 -8.79 9.90 10.00
N SER E 279 -9.38 8.97 9.27
CA SER E 279 -9.26 8.98 7.82
C SER E 279 -9.67 10.27 7.13
N MET E 280 -10.17 10.13 5.92
CA MET E 280 -10.61 11.25 5.10
C MET E 280 -11.81 11.97 5.70
N VAL E 281 -11.91 13.28 5.46
CA VAL E 281 -13.04 14.07 5.94
C VAL E 281 -13.90 14.33 4.73
N THR E 282 -15.21 14.37 4.92
CA THR E 282 -16.11 14.57 3.79
C THR E 282 -17.34 15.41 4.06
N SER E 283 -17.84 16.05 3.02
CA SER E 283 -19.03 16.88 3.11
C SER E 283 -20.21 16.01 3.51
N ASP E 284 -20.43 14.97 2.71
CA ASP E 284 -21.54 14.06 2.94
C ASP E 284 -21.66 13.63 4.40
N ALA E 285 -20.56 13.64 5.13
CA ALA E 285 -20.63 13.21 6.51
C ALA E 285 -20.76 14.33 7.54
N GLN E 286 -20.95 15.56 7.07
CA GLN E 286 -21.09 16.71 7.93
C GLN E 286 -22.27 16.64 8.87
N ILE E 287 -22.06 17.14 10.08
CA ILE E 287 -23.09 17.13 11.09
C ILE E 287 -23.63 18.53 11.27
N PHE E 288 -22.80 19.51 10.93
CA PHE E 288 -23.18 20.90 11.09
C PHE E 288 -23.75 21.53 9.83
N ASN E 289 -24.13 22.79 9.94
CA ASN E 289 -24.75 23.53 8.85
C ASN E 289 -26.00 22.80 8.41
N LYS E 290 -26.68 22.22 9.38
CA LYS E 290 -27.92 21.48 9.19
C LYS E 290 -28.69 21.89 10.43
N PRO E 291 -30.00 22.06 10.30
CA PRO E 291 -30.79 22.45 11.47
C PRO E 291 -31.22 21.24 12.28
N TYR E 292 -31.28 21.39 13.60
CA TYR E 292 -31.70 20.30 14.48
C TYR E 292 -33.03 20.72 15.10
N TRP E 293 -34.08 19.94 14.87
CA TRP E 293 -35.37 20.25 15.44
C TRP E 293 -35.58 19.47 16.73
N LEU E 294 -35.41 20.14 17.86
CA LEU E 294 -35.55 19.53 19.19
C LEU E 294 -37.00 19.42 19.62
N GLN E 295 -37.78 18.58 18.93
CA GLN E 295 -39.17 18.45 19.27
C GLN E 295 -39.52 17.47 20.39
N ARG E 296 -39.01 16.25 20.31
CA ARG E 296 -39.30 15.24 21.33
C ARG E 296 -37.99 14.88 21.97
N ALA E 297 -37.83 15.19 23.25
CA ALA E 297 -36.57 14.85 23.91
C ALA E 297 -36.69 13.48 24.55
N GLN E 298 -35.59 12.75 24.63
CA GLN E 298 -35.60 11.43 25.25
C GLN E 298 -35.58 11.55 26.77
N GLY E 299 -35.21 12.74 27.26
CA GLY E 299 -35.19 13.03 28.69
C GLY E 299 -36.50 13.67 29.13
N HIS E 300 -36.65 13.91 30.42
CA HIS E 300 -37.88 14.54 30.90
C HIS E 300 -37.90 16.03 30.63
N ASN E 301 -36.73 16.62 30.51
CA ASN E 301 -36.67 18.04 30.21
C ASN E 301 -36.69 18.15 28.71
N ASN E 302 -37.82 18.59 28.16
CA ASN E 302 -37.91 18.69 26.72
C ASN E 302 -37.47 20.02 26.17
N GLY E 303 -36.18 20.32 26.33
CA GLY E 303 -35.64 21.54 25.79
C GLY E 303 -36.01 22.82 26.52
N ILE E 304 -36.37 22.71 27.79
CA ILE E 304 -36.71 23.92 28.54
C ILE E 304 -35.40 24.49 29.05
N CYS E 305 -35.17 25.78 28.75
CA CYS E 305 -33.95 26.47 29.18
C CYS E 305 -34.07 27.17 30.55
N TRP E 306 -34.20 26.36 31.59
CA TRP E 306 -34.30 26.86 32.95
C TRP E 306 -33.15 27.82 33.22
N GLY E 307 -33.46 28.93 33.88
CA GLY E 307 -32.44 29.92 34.17
C GLY E 307 -32.14 30.79 32.99
N ASN E 308 -32.89 30.63 31.92
CA ASN E 308 -32.65 31.43 30.72
C ASN E 308 -31.23 31.17 30.24
N GLN E 309 -30.78 29.94 30.44
CA GLN E 309 -29.46 29.49 30.05
C GLN E 309 -29.61 28.42 28.98
N LEU E 310 -28.50 28.10 28.32
CA LEU E 310 -28.53 27.09 27.27
C LEU E 310 -27.08 26.73 26.95
N PHE E 311 -26.76 25.44 26.96
CA PHE E 311 -25.40 25.02 26.66
C PHE E 311 -25.28 24.29 25.34
N VAL E 312 -24.28 24.68 24.55
CA VAL E 312 -24.06 24.06 23.26
C VAL E 312 -22.60 23.69 23.20
N THR E 313 -22.36 22.39 23.31
CA THR E 313 -21.01 21.87 23.25
C THR E 313 -20.78 21.35 21.83
N VAL E 314 -19.59 21.63 21.30
CA VAL E 314 -19.21 21.23 19.96
C VAL E 314 -17.75 20.82 19.86
N VAL E 315 -17.50 19.87 18.96
CA VAL E 315 -16.16 19.38 18.66
C VAL E 315 -16.24 19.05 17.19
N ASP E 316 -15.36 19.65 16.39
CA ASP E 316 -15.34 19.43 14.97
C ASP E 316 -13.91 19.40 14.51
N THR E 317 -13.42 18.22 14.17
CA THR E 317 -12.04 18.09 13.71
C THR E 317 -12.00 17.95 12.21
N THR E 318 -13.09 18.31 11.54
CA THR E 318 -13.16 18.20 10.09
C THR E 318 -12.71 19.50 9.40
N ARG E 319 -12.20 20.43 10.20
CA ARG E 319 -11.73 21.73 9.72
C ARG E 319 -10.55 22.12 10.58
N SER E 320 -9.72 21.14 10.87
CA SER E 320 -8.54 21.31 11.73
C SER E 320 -7.27 21.81 11.02
N THR E 321 -7.41 22.21 9.77
CA THR E 321 -6.26 22.71 9.03
C THR E 321 -5.50 23.79 9.81
N ASN E 322 -4.18 23.59 9.90
CA ASN E 322 -3.32 24.56 10.56
C ASN E 322 -2.58 25.21 9.42
N MET E 323 -2.36 26.52 9.50
CA MET E 323 -1.64 27.18 8.43
C MET E 323 -0.31 27.73 8.91
N SER E 324 0.76 27.40 8.20
CA SER E 324 2.05 27.91 8.60
C SER E 324 2.27 29.21 7.85
N LEU E 325 2.66 30.24 8.58
CA LEU E 325 2.96 31.52 7.96
C LEU E 325 4.35 31.94 8.44
N CYS E 326 5.25 32.21 7.51
CA CYS E 326 6.59 32.61 7.89
C CYS E 326 6.98 33.97 7.33
N ALA E 327 7.59 34.78 8.17
CA ALA E 327 8.05 36.12 7.80
C ALA E 327 9.56 36.12 7.63
N ALA E 328 10.04 36.89 6.65
CA ALA E 328 11.48 37.00 6.37
C ALA E 328 12.08 38.02 7.31
N ILE E 329 13.29 37.76 7.77
CA ILE E 329 13.95 38.68 8.67
C ILE E 329 14.61 39.77 7.83
N SER E 330 14.91 39.43 6.58
CA SER E 330 15.53 40.35 5.64
C SER E 330 14.93 40.10 4.27
N THR E 331 14.68 41.17 3.55
CA THR E 331 14.09 41.09 2.21
C THR E 331 15.13 41.38 1.13
N SER E 332 16.39 41.06 1.42
CA SER E 332 17.46 41.34 0.49
C SER E 332 17.91 40.15 -0.37
N GLU E 333 18.88 39.41 0.15
CA GLU E 333 19.50 38.24 -0.50
C GLU E 333 18.55 37.46 -1.35
N THR E 334 19.01 37.10 -2.54
CA THR E 334 18.16 36.33 -3.43
C THR E 334 18.53 34.87 -3.30
N THR E 335 19.06 34.51 -2.13
CA THR E 335 19.44 33.14 -1.90
C THR E 335 18.78 32.67 -0.62
N TYR E 336 18.04 31.57 -0.71
CA TYR E 336 17.34 31.03 0.45
C TYR E 336 18.32 30.69 1.56
N LYS E 337 17.90 30.97 2.79
CA LYS E 337 18.66 30.69 3.99
C LYS E 337 17.63 30.40 5.08
N ASN E 338 17.63 29.19 5.63
CA ASN E 338 16.59 28.85 6.60
C ASN E 338 16.48 29.86 7.69
N THR E 339 17.52 30.57 7.76
CA THR E 339 17.64 31.31 8.91
C THR E 339 17.14 32.68 8.78
N ASN E 340 16.95 33.01 7.53
CA ASN E 340 16.44 34.29 7.19
C ASN E 340 14.92 34.30 7.45
N PHE E 341 14.31 33.14 7.62
CA PHE E 341 12.86 33.05 7.83
C PHE E 341 12.36 32.42 9.12
N LYS E 342 11.52 33.16 9.82
CA LYS E 342 10.94 32.66 11.06
C LYS E 342 9.61 31.96 10.73
N GLU E 343 9.54 30.66 10.98
CA GLU E 343 8.35 29.86 10.72
C GLU E 343 7.40 29.82 11.93
N TYR E 344 6.11 29.98 11.67
CA TYR E 344 5.13 29.92 12.75
C TYR E 344 3.94 29.02 12.35
N LEU E 345 3.00 28.85 13.27
CA LEU E 345 1.79 28.05 13.06
C LEU E 345 0.60 28.76 13.68
N ARG E 346 -0.52 28.77 12.96
CA ARG E 346 -1.74 29.39 13.44
C ARG E 346 -2.96 28.59 12.96
N HIS E 347 -4.01 28.58 13.75
CA HIS E 347 -5.22 27.85 13.38
C HIS E 347 -6.45 28.69 13.65
N GLY E 348 -7.36 28.73 12.68
CA GLY E 348 -8.57 29.51 12.85
C GLY E 348 -9.84 28.68 12.86
N GLU E 349 -10.77 29.07 13.71
CA GLU E 349 -12.03 28.40 13.83
C GLU E 349 -13.14 29.44 13.57
N GLU E 350 -14.20 29.05 12.85
CA GLU E 350 -15.31 29.96 12.54
C GLU E 350 -16.66 29.34 12.90
N TYR E 351 -17.42 29.98 13.77
CA TYR E 351 -18.73 29.48 14.18
C TYR E 351 -19.83 30.49 13.92
N ASP E 352 -21.06 30.03 14.00
CA ASP E 352 -22.24 30.87 13.82
C ASP E 352 -23.43 30.11 14.38
N LEU E 353 -23.81 30.45 15.60
CA LEU E 353 -24.91 29.77 16.25
C LEU E 353 -26.24 30.44 15.97
N GLN E 354 -27.27 29.63 15.70
CA GLN E 354 -28.60 30.15 15.42
C GLN E 354 -29.63 29.31 16.15
N PHE E 355 -30.63 29.96 16.71
CA PHE E 355 -31.66 29.23 17.45
C PHE E 355 -33.07 29.73 17.19
N ILE E 356 -34.03 28.87 17.49
CA ILE E 356 -35.43 29.22 17.37
C ILE E 356 -35.98 28.90 18.76
N PHE E 357 -36.51 29.91 19.45
CA PHE E 357 -37.05 29.66 20.78
C PHE E 357 -38.55 29.81 20.86
N GLN E 358 -39.18 28.97 21.68
CA GLN E 358 -40.62 29.00 21.86
C GLN E 358 -40.93 29.43 23.28
N LEU E 359 -41.73 30.47 23.42
CA LEU E 359 -42.11 30.99 24.73
C LEU E 359 -42.99 29.95 25.42
N CYS E 360 -42.82 29.79 26.72
CA CYS E 360 -43.63 28.85 27.49
C CYS E 360 -44.08 29.48 28.80
N LYS E 361 -45.14 28.94 29.39
CA LYS E 361 -45.68 29.49 30.61
C LYS E 361 -45.89 28.39 31.64
N ILE E 362 -45.71 28.73 32.91
CA ILE E 362 -45.89 27.78 34.00
C ILE E 362 -46.80 28.34 35.07
N THR E 363 -47.97 27.74 35.28
CA THR E 363 -48.86 28.22 36.32
C THR E 363 -48.30 27.70 37.64
N LEU E 364 -47.84 28.62 38.48
CA LEU E 364 -47.24 28.25 39.74
C LEU E 364 -48.19 27.75 40.82
N THR E 365 -48.74 26.55 40.61
CA THR E 365 -49.64 25.97 41.60
C THR E 365 -48.78 25.41 42.73
N ALA E 366 -49.43 24.84 43.74
CA ALA E 366 -48.71 24.29 44.87
C ALA E 366 -47.75 23.20 44.44
N ASP E 367 -48.32 22.17 43.84
CA ASP E 367 -47.60 21.01 43.35
C ASP E 367 -46.46 21.39 42.44
N VAL E 368 -46.74 22.27 41.50
CA VAL E 368 -45.74 22.73 40.58
C VAL E 368 -44.58 23.38 41.32
N MET E 369 -44.89 24.24 42.29
CA MET E 369 -43.85 24.91 43.06
C MET E 369 -43.05 23.94 43.90
N THR E 370 -43.71 22.92 44.44
CA THR E 370 -43.01 21.93 45.22
C THR E 370 -42.04 21.24 44.28
N TYR E 371 -42.53 20.75 43.14
CA TYR E 371 -41.70 20.05 42.18
C TYR E 371 -40.51 20.89 41.74
N ILE E 372 -40.79 22.04 41.14
CA ILE E 372 -39.72 22.92 40.66
C ILE E 372 -38.75 23.29 41.76
N HIS E 373 -39.28 23.39 42.98
CA HIS E 373 -38.43 23.72 44.11
C HIS E 373 -37.44 22.57 44.38
N SER E 374 -37.94 21.34 44.39
CA SER E 374 -37.07 20.20 44.61
C SER E 374 -36.05 20.10 43.48
N MET E 375 -36.55 20.15 42.27
CA MET E 375 -35.72 20.04 41.08
C MET E 375 -34.55 21.02 41.11
N ASN E 376 -34.86 22.29 41.25
CA ASN E 376 -33.82 23.30 41.26
C ASN E 376 -34.35 24.58 41.89
N SER E 377 -34.32 24.64 43.21
CA SER E 377 -34.81 25.79 43.93
C SER E 377 -34.48 27.16 43.35
N THR E 378 -33.31 27.31 42.74
CA THR E 378 -32.95 28.62 42.18
C THR E 378 -33.96 29.11 41.15
N ILE E 379 -34.64 28.21 40.46
CA ILE E 379 -35.64 28.61 39.47
C ILE E 379 -36.61 29.61 40.05
N LEU E 380 -37.30 29.20 41.11
CA LEU E 380 -38.27 30.05 41.79
C LEU E 380 -37.65 31.28 42.43
N GLU E 381 -36.50 31.12 43.06
CA GLU E 381 -35.83 32.24 43.71
C GLU E 381 -35.57 33.33 42.71
N ASP E 382 -35.08 32.95 41.53
CA ASP E 382 -34.78 33.92 40.50
C ASP E 382 -36.02 34.52 39.89
N TRP E 383 -37.13 33.79 39.91
CA TRP E 383 -38.33 34.35 39.33
C TRP E 383 -38.72 35.61 40.06
N ASN E 384 -39.99 35.84 40.35
CA ASN E 384 -40.32 37.11 41.00
C ASN E 384 -39.26 37.66 41.95
N GLU E 419 -25.37 35.72 41.84
CA GLU E 419 -24.01 35.49 41.36
C GLU E 419 -23.90 34.11 40.68
N ASP E 420 -23.04 34.01 39.66
CA ASP E 420 -22.82 32.79 38.85
C ASP E 420 -22.39 31.53 39.63
N PRO E 421 -23.24 30.49 39.67
CA PRO E 421 -22.94 29.23 40.37
C PRO E 421 -21.82 28.39 39.74
N LEU E 422 -21.38 28.75 38.54
CA LEU E 422 -20.31 28.04 37.84
C LEU E 422 -19.16 29.00 37.50
N LYS E 423 -18.88 29.93 38.40
CA LYS E 423 -17.81 30.90 38.20
C LYS E 423 -16.46 30.18 38.09
N LYS E 424 -16.34 29.03 38.76
CA LYS E 424 -15.13 28.23 38.75
C LYS E 424 -14.78 27.74 37.34
N TYR E 425 -15.81 27.44 36.55
CA TYR E 425 -15.60 26.93 35.20
C TYR E 425 -15.59 28.02 34.16
N THR E 426 -14.95 27.74 33.03
CA THR E 426 -14.89 28.74 31.99
C THR E 426 -15.43 28.23 30.66
N PHE E 427 -16.26 29.05 30.02
CA PHE E 427 -16.82 28.71 28.73
C PHE E 427 -16.96 29.94 27.86
N TRP E 428 -17.11 29.71 26.56
CA TRP E 428 -17.29 30.80 25.60
C TRP E 428 -18.62 31.45 25.94
N GLU E 429 -18.56 32.62 26.56
CA GLU E 429 -19.79 33.32 26.94
C GLU E 429 -20.47 33.92 25.71
N VAL E 430 -21.77 33.65 25.57
CA VAL E 430 -22.52 34.17 24.43
C VAL E 430 -23.77 34.89 24.91
N ASN E 431 -23.83 36.18 24.64
CA ASN E 431 -24.96 36.99 25.08
C ASN E 431 -25.97 37.19 23.97
N LEU E 432 -27.17 36.68 24.18
CA LEU E 432 -28.22 36.82 23.18
C LEU E 432 -29.38 37.70 23.62
N LYS E 433 -29.25 38.34 24.78
CA LYS E 433 -30.32 39.19 25.30
C LYS E 433 -30.80 40.28 24.32
N GLU E 434 -29.93 40.71 23.43
CA GLU E 434 -30.29 41.73 22.46
C GLU E 434 -30.44 41.16 21.06
N LYS E 435 -30.49 39.83 20.96
CA LYS E 435 -30.56 39.18 19.66
C LYS E 435 -31.88 38.52 19.27
N PHE E 436 -32.85 38.50 20.17
CA PHE E 436 -34.14 37.89 19.84
C PHE E 436 -34.93 38.72 18.86
N SER E 437 -35.55 38.06 17.89
CA SER E 437 -36.37 38.74 16.89
C SER E 437 -37.61 37.93 16.58
N ALA E 438 -38.76 38.59 16.51
CA ALA E 438 -40.00 37.87 16.27
C ALA E 438 -40.22 37.54 14.79
N ASP E 439 -39.42 38.12 13.91
CA ASP E 439 -39.56 37.85 12.48
C ASP E 439 -38.67 36.72 11.94
N LEU E 440 -39.01 35.48 12.28
CA LEU E 440 -38.26 34.32 11.83
C LEU E 440 -38.00 34.44 10.33
N ASP E 441 -39.00 34.99 9.67
CA ASP E 441 -39.01 35.24 8.25
C ASP E 441 -37.67 35.79 7.76
N GLN E 442 -37.15 36.78 8.49
CA GLN E 442 -35.90 37.46 8.15
C GLN E 442 -34.59 36.71 8.36
N PHE E 443 -34.66 35.46 8.80
CA PHE E 443 -33.44 34.70 9.04
C PHE E 443 -33.47 33.32 8.38
N PRO E 444 -32.29 32.82 7.99
CA PRO E 444 -32.24 31.50 7.35
C PRO E 444 -32.77 30.36 8.22
N LEU E 445 -32.39 30.33 9.49
CA LEU E 445 -32.88 29.25 10.35
C LEU E 445 -34.36 29.46 10.53
N GLY E 446 -34.77 30.72 10.51
CA GLY E 446 -36.17 31.05 10.68
C GLY E 446 -37.03 30.56 9.53
N ARG E 447 -36.57 30.82 8.32
CA ARG E 447 -37.32 30.38 7.14
C ARG E 447 -37.43 28.85 7.25
N LYS E 448 -36.29 28.19 7.42
CA LYS E 448 -36.27 26.75 7.55
C LYS E 448 -37.29 26.25 8.54
N PHE E 449 -37.34 26.86 9.71
CA PHE E 449 -38.28 26.46 10.75
C PHE E 449 -39.73 26.61 10.27
N LEU E 450 -40.07 27.76 9.71
CA LEU E 450 -41.43 27.98 9.25
C LEU E 450 -41.81 26.92 8.23
N LEU E 451 -40.97 26.78 7.22
CA LEU E 451 -41.21 25.80 6.17
C LEU E 451 -41.38 24.40 6.77
N GLN E 452 -40.53 24.06 7.72
CA GLN E 452 -40.59 22.75 8.35
C GLN E 452 -41.87 22.57 9.16
N LEU E 453 -42.16 23.49 10.04
CA LEU E 453 -43.36 23.37 10.86
C LEU E 453 -44.64 23.82 10.16
N GLY E 454 -44.57 24.10 8.86
CA GLY E 454 -45.75 24.57 8.14
C GLY E 454 -46.37 25.83 8.75
N LEU E 455 -47.27 25.65 9.73
CA LEU E 455 -47.92 26.77 10.41
C LEU E 455 -47.06 27.33 11.57
N ASP F 1 24.75 -26.00 30.08
CA ASP F 1 25.36 -24.70 30.34
C ASP F 1 26.57 -24.43 29.46
N ILE F 2 26.86 -23.15 29.23
CA ILE F 2 28.05 -22.78 28.47
C ILE F 2 29.27 -22.96 29.35
N VAL F 3 30.20 -23.81 28.91
CA VAL F 3 31.41 -24.05 29.68
C VAL F 3 32.55 -23.23 29.12
N MET F 4 33.28 -22.57 30.01
CA MET F 4 34.42 -21.73 29.65
C MET F 4 35.73 -22.39 30.11
N THR F 5 36.69 -22.49 29.22
CA THR F 5 37.96 -23.13 29.53
C THR F 5 39.08 -22.11 29.38
N GLN F 6 39.78 -21.83 30.48
CA GLN F 6 40.90 -20.91 30.43
C GLN F 6 42.21 -21.66 30.42
N SER F 7 43.17 -21.13 29.69
CA SER F 7 44.50 -21.71 29.65
C SER F 7 45.53 -20.61 29.41
N PRO F 8 46.73 -20.77 30.00
CA PRO F 8 47.02 -21.87 30.90
C PRO F 8 46.40 -21.54 32.26
N SER F 9 46.32 -22.51 33.16
CA SER F 9 45.81 -22.20 34.50
C SER F 9 46.85 -21.43 35.32
N SER F 10 48.13 -21.55 34.98
CA SER F 10 49.12 -20.72 35.66
C SER F 10 50.29 -20.39 34.76
N LEU F 11 50.81 -19.19 34.90
CA LEU F 11 51.81 -18.67 34.00
C LEU F 11 52.78 -17.81 34.80
N ALA F 12 54.08 -18.06 34.64
CA ALA F 12 55.08 -17.27 35.35
C ALA F 12 55.90 -16.54 34.31
N MET F 13 55.89 -15.20 34.37
CA MET F 13 56.58 -14.40 33.37
C MET F 13 57.41 -13.32 34.06
N SER F 14 58.54 -12.95 33.47
CA SER F 14 59.33 -11.86 34.04
C SER F 14 58.84 -10.53 33.54
N ALA F 15 59.18 -9.46 34.25
CA ALA F 15 58.73 -8.14 33.89
C ALA F 15 59.17 -7.77 32.48
N GLY F 16 58.24 -7.24 31.68
CA GLY F 16 58.51 -6.85 30.32
C GLY F 16 58.14 -7.88 29.27
N GLN F 17 57.78 -9.08 29.69
CA GLN F 17 57.44 -10.14 28.75
C GLN F 17 55.97 -9.97 28.35
N LYS F 18 55.62 -10.52 27.20
CA LYS F 18 54.24 -10.47 26.75
C LYS F 18 53.50 -11.63 27.35
N VAL F 19 52.33 -11.35 27.90
CA VAL F 19 51.50 -12.38 28.52
C VAL F 19 50.31 -12.63 27.62
N THR F 20 50.05 -13.90 27.31
CA THR F 20 48.89 -14.29 26.53
C THR F 20 48.09 -15.35 27.30
N MET F 21 46.80 -15.07 27.49
CA MET F 21 45.90 -15.98 28.17
C MET F 21 44.69 -16.21 27.28
N SER F 22 44.26 -17.45 27.11
CA SER F 22 43.16 -17.82 26.23
C SER F 22 41.91 -18.16 27.04
N CYS F 23 40.73 -17.95 26.44
CA CYS F 23 39.46 -18.31 27.08
C CYS F 23 38.53 -18.93 26.04
N LYS F 24 37.95 -20.09 26.33
CA LYS F 24 37.04 -20.74 25.37
C LYS F 24 35.60 -20.57 25.76
N SER F 25 34.69 -20.51 24.77
CA SER F 25 33.26 -20.64 25.10
C SER F 25 32.62 -21.81 24.36
N SER F 26 31.57 -22.42 24.95
CA SER F 26 30.90 -23.59 24.35
C SER F 26 29.97 -23.19 23.23
N GLN F 27 29.57 -21.92 23.26
CA GLN F 27 28.61 -21.35 22.33
C GLN F 27 29.13 -19.99 21.90
N SER F 28 28.77 -19.52 20.72
CA SER F 28 29.29 -18.23 20.29
C SER F 28 28.75 -17.09 21.16
N LEU F 29 29.63 -16.15 21.49
CA LEU F 29 29.20 -14.98 22.25
C LEU F 29 28.78 -13.79 21.39
N PHE F 30 28.78 -13.98 20.08
CA PHE F 30 28.47 -12.90 19.14
C PHE F 30 26.96 -12.72 19.01
N ASP F 31 26.48 -11.53 19.32
CA ASP F 31 25.06 -11.23 19.18
C ASP F 31 24.96 -10.34 17.95
N SER F 32 24.31 -10.83 16.89
CA SER F 32 24.19 -10.09 15.65
C SER F 32 23.41 -8.80 15.89
N ARG F 33 22.48 -8.68 16.97
CA ARG F 33 21.66 -7.55 17.38
C ARG F 33 22.48 -6.24 17.39
N ASN F 34 23.62 -6.22 18.07
CA ASN F 34 24.54 -5.10 17.98
C ASN F 34 25.98 -5.46 17.56
N GLN F 35 26.17 -6.68 17.07
CA GLN F 35 27.45 -7.15 16.56
C GLN F 35 28.56 -7.08 17.61
N LYS F 36 28.26 -7.39 18.86
CA LYS F 36 29.28 -7.44 19.92
C LYS F 36 29.49 -8.87 20.44
N ASN F 37 30.71 -9.15 20.92
CA ASN F 37 31.03 -10.43 21.58
C ASN F 37 30.97 -10.28 23.09
N TYR F 38 29.98 -10.89 23.76
CA TYR F 38 29.70 -10.59 25.15
C TYR F 38 30.70 -11.37 26.04
N LEU F 39 31.92 -10.87 26.08
CA LEU F 39 32.97 -11.46 26.93
C LEU F 39 33.52 -10.35 27.82
N ALA F 40 33.71 -10.63 29.12
CA ALA F 40 34.39 -9.71 30.01
C ALA F 40 35.60 -10.39 30.64
N TRP F 41 36.64 -9.60 30.89
CA TRP F 41 37.80 -10.07 31.65
C TRP F 41 37.89 -9.30 32.95
N TYR F 42 38.25 -10.02 34.01
CA TYR F 42 38.32 -9.46 35.36
C TYR F 42 39.69 -9.77 35.91
N GLN F 43 40.20 -8.93 36.78
CA GLN F 43 41.49 -9.09 37.46
C GLN F 43 41.23 -9.11 38.96
N GLN F 44 41.66 -10.17 39.61
CA GLN F 44 41.53 -10.24 41.05
C GLN F 44 42.92 -10.33 41.66
N LYS F 45 43.36 -9.21 42.22
CA LYS F 45 44.65 -9.15 42.91
C LYS F 45 44.51 -9.76 44.29
N PRO F 46 45.65 -10.16 44.88
CA PRO F 46 45.62 -10.79 46.20
C PRO F 46 44.82 -9.98 47.23
N GLY F 47 43.79 -10.58 47.79
CA GLY F 47 43.00 -9.96 48.85
C GLY F 47 41.94 -8.98 48.39
N GLN F 48 41.78 -8.82 47.09
CA GLN F 48 40.82 -7.84 46.56
C GLN F 48 39.68 -8.52 45.83
N SER F 49 38.70 -7.70 45.45
CA SER F 49 37.55 -8.13 44.67
C SER F 49 37.89 -8.00 43.18
N PRO F 50 37.22 -8.77 42.32
CA PRO F 50 37.50 -8.67 40.89
C PRO F 50 37.29 -7.28 40.32
N THR F 51 38.20 -6.88 39.44
CA THR F 51 38.11 -5.60 38.76
C THR F 51 37.97 -5.82 37.27
N LEU F 52 37.01 -5.14 36.66
CA LEU F 52 36.76 -5.25 35.23
C LEU F 52 37.92 -4.69 34.39
N LEU F 53 38.50 -5.52 33.53
CA LEU F 53 39.53 -5.03 32.62
C LEU F 53 38.95 -4.70 31.25
N VAL F 54 38.24 -5.68 30.68
CA VAL F 54 37.80 -5.63 29.28
C VAL F 54 36.36 -6.10 29.20
N TYR F 55 35.54 -5.49 28.35
CA TYR F 55 34.20 -6.02 28.10
C TYR F 55 33.85 -5.95 26.61
N PHE F 56 32.79 -6.63 26.22
CA PHE F 56 32.50 -6.79 24.79
C PHE F 56 33.72 -7.29 24.03
N ALA F 57 34.40 -8.25 24.65
CA ALA F 57 35.61 -8.89 24.14
C ALA F 57 36.86 -8.01 24.00
N SER F 58 36.69 -6.79 23.52
CA SER F 58 37.86 -5.95 23.24
C SER F 58 37.77 -4.51 23.73
N THR F 59 36.70 -4.16 24.42
CA THR F 59 36.56 -2.79 24.90
C THR F 59 37.21 -2.58 26.26
N ARG F 60 38.24 -1.67 26.33
CA ARG F 60 38.94 -1.56 27.60
C ARG F 60 38.18 -0.64 28.53
N GLU F 61 38.03 -1.04 29.79
CA GLU F 61 37.38 -0.17 30.77
C GLU F 61 38.26 1.04 31.09
N SER F 62 37.65 2.20 31.30
CA SER F 62 38.42 3.41 31.56
C SER F 62 39.21 3.27 32.85
N GLY F 63 40.48 3.70 32.81
CA GLY F 63 41.35 3.55 33.94
C GLY F 63 42.26 2.34 33.86
N VAL F 64 41.90 1.38 33.02
CA VAL F 64 42.72 0.19 32.84
C VAL F 64 43.90 0.53 31.93
N PRO F 65 45.13 0.12 32.35
CA PRO F 65 46.33 0.40 31.56
C PRO F 65 46.20 -0.11 30.13
N ASP F 66 46.76 0.63 29.17
CA ASP F 66 46.60 0.23 27.77
C ASP F 66 47.39 -1.04 27.41
N ARG F 67 48.25 -1.50 28.32
CA ARG F 67 48.96 -2.76 28.07
C ARG F 67 48.00 -3.95 28.08
N PHE F 68 46.81 -3.75 28.63
CA PHE F 68 45.79 -4.81 28.65
C PHE F 68 44.99 -4.76 27.36
N ILE F 69 45.03 -5.83 26.58
CA ILE F 69 44.30 -5.90 25.33
C ILE F 69 43.46 -7.17 25.26
N GLY F 70 42.15 -6.99 25.09
CA GLY F 70 41.26 -8.10 24.85
C GLY F 70 40.97 -8.23 23.36
N SER F 71 40.83 -9.45 22.89
CA SER F 71 40.53 -9.69 21.48
C SER F 71 39.89 -11.06 21.32
N GLY F 72 39.55 -11.39 20.08
CA GLY F 72 38.92 -12.66 19.79
C GLY F 72 37.42 -12.50 19.55
N SER F 73 36.76 -13.60 19.19
CA SER F 73 35.34 -13.57 18.90
C SER F 73 34.79 -14.99 18.79
N GLY F 74 33.48 -15.11 18.89
CA GLY F 74 32.84 -16.41 18.76
C GLY F 74 33.13 -17.30 19.95
N THR F 75 34.06 -18.24 19.76
CA THR F 75 34.37 -19.21 20.81
C THR F 75 35.80 -19.07 21.35
N ASP F 76 36.61 -18.22 20.74
CA ASP F 76 38.01 -18.12 21.13
C ASP F 76 38.42 -16.69 21.46
N PHE F 77 38.79 -16.46 22.72
CA PHE F 77 39.13 -15.13 23.19
C PHE F 77 40.52 -15.08 23.82
N THR F 78 41.13 -13.91 23.82
CA THR F 78 42.48 -13.77 24.33
C THR F 78 42.59 -12.50 25.15
N LEU F 79 43.30 -12.57 26.27
CA LEU F 79 43.67 -11.37 26.98
C LEU F 79 45.18 -11.29 26.91
N THR F 80 45.69 -10.17 26.40
CA THR F 80 47.13 -9.99 26.25
C THR F 80 47.61 -8.86 27.16
N ILE F 81 48.75 -9.07 27.81
CA ILE F 81 49.42 -7.97 28.48
C ILE F 81 50.70 -7.71 27.69
N SER F 82 50.75 -6.59 26.99
CA SER F 82 51.85 -6.34 26.04
C SER F 82 53.21 -6.39 26.72
N SER F 83 53.29 -5.81 27.92
CA SER F 83 54.53 -5.77 28.69
C SER F 83 54.17 -5.91 30.17
N VAL F 84 54.29 -7.12 30.70
CA VAL F 84 53.84 -7.37 32.09
C VAL F 84 54.65 -6.56 33.13
N GLN F 85 53.95 -5.99 34.11
CA GLN F 85 54.59 -5.26 35.20
C GLN F 85 54.43 -6.05 36.49
N ALA F 86 55.26 -5.75 37.49
CA ALA F 86 55.21 -6.45 38.78
C ALA F 86 53.82 -6.38 39.42
N GLU F 87 53.17 -5.24 39.27
CA GLU F 87 51.85 -5.06 39.89
C GLU F 87 50.74 -5.90 39.21
N ASP F 88 51.05 -6.52 38.08
CA ASP F 88 50.07 -7.35 37.38
C ASP F 88 49.91 -8.74 37.98
N LEU F 89 50.69 -9.03 39.02
CA LEU F 89 50.48 -10.21 39.83
C LEU F 89 49.01 -10.29 40.22
N ALA F 90 48.31 -11.32 39.73
CA ALA F 90 46.87 -11.47 40.00
C ALA F 90 46.32 -12.75 39.40
N ASP F 91 45.10 -13.11 39.80
CA ASP F 91 44.37 -14.15 39.08
C ASP F 91 43.49 -13.42 38.05
N TYR F 92 43.41 -13.99 36.84
CA TYR F 92 42.64 -13.40 35.75
C TYR F 92 41.52 -14.35 35.37
N PHE F 93 40.28 -13.89 35.20
CA PHE F 93 39.11 -14.68 34.86
C PHE F 93 38.32 -14.06 33.68
N CYS F 94 37.74 -14.97 32.92
CA CYS F 94 36.88 -14.64 31.80
C CYS F 94 35.45 -15.03 32.12
N GLN F 95 34.45 -14.28 31.70
CA GLN F 95 33.07 -14.69 31.99
C GLN F 95 32.19 -14.36 30.81
N GLN F 96 31.35 -15.29 30.38
CA GLN F 96 30.53 -14.94 29.20
C GLN F 96 29.34 -14.12 29.69
N HIS F 97 28.82 -13.20 28.88
CA HIS F 97 27.62 -12.47 29.22
C HIS F 97 26.64 -12.54 28.06
N TYR F 98 26.57 -13.73 27.53
CA TYR F 98 25.71 -14.11 26.43
C TYR F 98 24.60 -15.03 26.89
N SER F 99 23.40 -14.63 27.21
CA SER F 99 22.42 -15.63 27.72
C SER F 99 22.80 -16.14 29.10
N THR F 100 21.94 -16.72 29.77
CA THR F 100 22.17 -17.29 31.11
C THR F 100 22.45 -18.77 31.05
N PRO F 101 23.03 -19.37 32.05
CA PRO F 101 23.57 -18.89 33.28
C PRO F 101 24.94 -18.27 32.99
N TYR F 102 25.35 -17.36 33.84
CA TYR F 102 26.69 -16.76 33.68
C TYR F 102 27.62 -17.81 34.28
N THR F 103 28.71 -18.12 33.62
CA THR F 103 29.69 -19.08 34.12
C THR F 103 31.08 -18.44 34.04
N PHE F 104 31.99 -18.79 34.95
CA PHE F 104 33.31 -18.17 34.90
C PHE F 104 34.33 -19.16 34.40
N GLY F 105 35.42 -18.68 33.83
CA GLY F 105 36.46 -19.64 33.39
C GLY F 105 37.15 -19.99 34.73
N GLY F 106 38.04 -21.03 34.63
CA GLY F 106 38.71 -21.52 35.83
C GLY F 106 39.75 -20.57 36.39
N GLY F 107 40.23 -19.65 35.56
CA GLY F 107 41.18 -18.65 35.99
C GLY F 107 42.62 -18.94 35.59
N THR F 108 43.39 -17.89 35.43
CA THR F 108 44.83 -18.01 35.17
C THR F 108 45.55 -17.26 36.26
N LYS F 109 46.47 -17.93 36.96
CA LYS F 109 47.26 -17.26 37.97
C LYS F 109 48.55 -16.79 37.35
N LEU F 110 48.74 -15.48 37.29
CA LEU F 110 49.93 -14.89 36.73
C LEU F 110 50.90 -14.57 37.85
N GLU F 111 52.05 -15.23 37.83
CA GLU F 111 53.14 -15.00 38.79
C GLU F 111 54.27 -14.30 38.07
N ILE F 112 55.09 -13.56 38.82
CA ILE F 112 56.15 -12.76 38.26
C ILE F 112 57.51 -13.41 38.55
N LYS F 113 58.32 -13.59 37.52
CA LYS F 113 59.67 -14.10 37.70
C LYS F 113 60.63 -12.93 37.87
N ARG F 114 61.69 -13.13 38.64
CA ARG F 114 62.64 -12.05 38.87
C ARG F 114 64.00 -12.66 39.28
N ALA F 115 65.01 -11.82 39.42
CA ALA F 115 66.33 -12.32 39.82
C ALA F 115 66.37 -12.79 41.28
N SER G 1 28.38 -6.62 54.39
CA SER G 1 28.34 -7.04 55.78
C SER G 1 29.61 -7.79 56.18
N GLY G 2 29.90 -7.82 57.48
CA GLY G 2 31.08 -8.50 57.98
C GLY G 2 31.10 -10.02 57.95
N ALA G 3 32.26 -10.58 58.27
CA ALA G 3 32.48 -12.02 58.22
C ALA G 3 31.52 -12.72 59.17
N GLU G 4 31.16 -13.95 58.83
CA GLU G 4 30.18 -14.67 59.62
C GLU G 4 30.50 -16.13 59.85
N LEU G 5 30.21 -16.58 61.06
CA LEU G 5 30.42 -17.96 61.47
C LEU G 5 29.03 -18.50 61.76
N ALA G 6 28.68 -19.62 61.14
CA ALA G 6 27.39 -20.23 61.36
C ALA G 6 27.60 -21.73 61.49
N ARG G 7 26.69 -22.41 62.15
CA ARG G 7 26.81 -23.85 62.32
C ARG G 7 26.05 -24.60 61.22
N PRO G 8 26.49 -25.82 60.90
CA PRO G 8 25.83 -26.64 59.87
C PRO G 8 24.35 -26.79 60.17
N GLY G 9 23.51 -26.69 59.14
CA GLY G 9 22.08 -26.79 59.37
C GLY G 9 21.40 -25.44 59.60
N ALA G 10 22.19 -24.42 59.89
CA ALA G 10 21.62 -23.10 60.15
C ALA G 10 21.45 -22.30 58.86
N SER G 11 21.20 -21.02 59.01
CA SER G 11 20.99 -20.13 57.88
C SER G 11 21.65 -18.80 58.22
N VAL G 12 22.06 -18.07 57.18
CA VAL G 12 22.64 -16.74 57.37
C VAL G 12 22.09 -15.78 56.34
N LYS G 13 22.09 -14.50 56.69
CA LYS G 13 21.63 -13.48 55.78
C LYS G 13 22.67 -12.37 55.77
N LEU G 14 23.26 -12.13 54.60
CA LEU G 14 24.29 -11.10 54.47
C LEU G 14 23.75 -9.97 53.60
N SER G 15 24.23 -8.76 53.84
CA SER G 15 23.80 -7.61 53.09
C SER G 15 24.86 -6.98 52.18
N CYS G 16 24.39 -6.11 51.29
CA CYS G 16 25.23 -5.34 50.39
C CYS G 16 24.57 -3.97 50.25
N LYS G 17 25.21 -2.94 50.81
CA LYS G 17 24.69 -1.58 50.70
C LYS G 17 25.20 -0.88 49.46
N ALA G 18 24.28 -0.42 48.61
CA ALA G 18 24.60 0.33 47.40
C ALA G 18 24.70 1.83 47.68
N SER G 19 25.42 2.53 46.80
CA SER G 19 25.61 3.97 46.92
C SER G 19 26.24 4.52 45.65
N GLY G 20 25.91 5.76 45.32
CA GLY G 20 26.51 6.40 44.18
C GLY G 20 25.71 6.35 42.89
N TYR G 21 24.52 5.76 42.94
CA TYR G 21 23.69 5.66 41.74
C TYR G 21 22.23 5.35 42.06
N THR G 22 21.37 5.50 41.05
CA THR G 22 19.95 5.24 41.19
C THR G 22 19.75 3.74 41.33
N PHE G 23 19.85 3.27 42.57
CA PHE G 23 19.80 1.85 42.90
C PHE G 23 18.75 1.03 42.14
N THR G 24 17.52 1.53 42.06
CA THR G 24 16.41 0.74 41.53
C THR G 24 16.46 0.49 40.03
N SER G 25 17.37 1.18 39.34
CA SER G 25 17.58 1.00 37.91
C SER G 25 18.58 -0.08 37.51
N TYR G 26 19.27 -0.71 38.49
CA TYR G 26 20.37 -1.63 38.14
C TYR G 26 20.26 -3.02 38.78
N TRP G 27 20.71 -4.04 38.07
CA TRP G 27 20.58 -5.42 38.54
C TRP G 27 21.80 -5.79 39.39
N MET G 28 21.57 -6.64 40.38
CA MET G 28 22.63 -7.04 41.32
C MET G 28 22.95 -8.54 41.17
N GLN G 29 24.24 -8.84 41.13
CA GLN G 29 24.70 -10.22 41.09
C GLN G 29 25.27 -10.72 42.41
N TRP G 30 25.24 -12.03 42.61
CA TRP G 30 25.85 -12.65 43.76
C TRP G 30 26.76 -13.78 43.28
N VAL G 31 27.98 -13.79 43.80
CA VAL G 31 28.99 -14.71 43.29
C VAL G 31 29.71 -15.41 44.43
N LYS G 32 30.00 -16.74 44.32
CA LYS G 32 30.65 -17.55 45.33
C LYS G 32 32.09 -17.86 44.95
N GLN G 33 32.99 -17.81 45.91
CA GLN G 33 34.37 -18.20 45.69
C GLN G 33 34.90 -18.96 46.90
N ARG G 34 35.05 -20.27 46.74
CA ARG G 34 35.56 -21.12 47.81
C ARG G 34 37.06 -20.91 47.95
N PRO G 35 37.63 -21.24 49.11
CA PRO G 35 39.07 -21.06 49.36
C PRO G 35 39.95 -21.73 48.30
N GLY G 36 40.77 -20.93 47.62
CA GLY G 36 41.65 -21.44 46.59
C GLY G 36 40.96 -21.83 45.29
N GLN G 37 39.66 -21.54 45.19
CA GLN G 37 38.86 -21.91 44.03
C GLN G 37 38.54 -20.70 43.14
N GLY G 38 37.81 -20.96 42.05
CA GLY G 38 37.43 -19.91 41.12
C GLY G 38 36.10 -19.28 41.48
N LEU G 39 35.50 -18.54 40.54
CA LEU G 39 34.24 -17.85 40.79
C LEU G 39 33.08 -18.68 40.29
N GLU G 40 31.98 -18.63 41.03
CA GLU G 40 30.77 -19.35 40.68
C GLU G 40 29.59 -18.37 40.81
N TRP G 41 28.71 -18.35 39.81
CA TRP G 41 27.53 -17.50 39.81
C TRP G 41 26.42 -18.11 40.68
N ILE G 42 25.82 -17.30 41.59
CA ILE G 42 24.75 -17.75 42.44
C ILE G 42 23.42 -17.34 41.82
N GLY G 43 23.29 -16.05 41.54
CA GLY G 43 22.06 -15.55 40.98
C GLY G 43 22.08 -14.05 40.81
N ALA G 44 20.96 -13.49 40.36
CA ALA G 44 20.86 -12.07 40.13
C ALA G 44 19.47 -11.56 40.48
N ILE G 45 19.39 -10.30 40.88
CA ILE G 45 18.12 -9.73 41.29
C ILE G 45 17.99 -8.35 40.70
N TYR G 46 16.76 -7.95 40.39
CA TYR G 46 16.47 -6.61 39.90
C TYR G 46 15.64 -5.98 41.02
N PRO G 47 16.28 -5.20 41.90
CA PRO G 47 15.60 -4.46 42.98
C PRO G 47 14.40 -3.62 42.58
N GLY G 48 14.44 -3.06 41.37
CA GLY G 48 13.34 -2.26 40.90
C GLY G 48 12.02 -3.00 40.74
N ASP G 49 12.07 -4.28 40.38
CA ASP G 49 10.84 -5.03 40.16
C ASP G 49 10.78 -6.35 40.92
N GLY G 50 11.85 -6.67 41.63
CA GLY G 50 11.87 -7.91 42.40
C GLY G 50 12.19 -9.18 41.65
N TYR G 51 12.58 -9.07 40.38
CA TYR G 51 12.89 -10.25 39.57
C TYR G 51 14.17 -10.92 40.02
N THR G 52 14.17 -12.25 40.03
CA THR G 52 15.34 -13.02 40.42
C THR G 52 15.69 -14.06 39.36
N ARG G 53 16.97 -14.42 39.25
CA ARG G 53 17.45 -15.50 38.39
C ARG G 53 18.44 -16.29 39.23
N TYR G 54 18.32 -17.61 39.21
CA TYR G 54 19.22 -18.44 39.99
C TYR G 54 19.92 -19.53 39.18
N THR G 55 21.15 -19.84 39.59
CA THR G 55 21.89 -20.91 38.96
C THR G 55 21.12 -22.11 39.49
N GLN G 56 20.85 -23.09 38.65
CA GLN G 56 20.13 -24.29 39.09
C GLN G 56 20.75 -24.87 40.35
N LYS G 57 22.08 -24.91 40.37
CA LYS G 57 22.87 -25.38 41.52
C LYS G 57 22.46 -24.74 42.85
N PHE G 58 22.12 -23.45 42.82
CA PHE G 58 21.78 -22.74 44.04
C PHE G 58 20.29 -22.56 44.33
N LYS G 59 19.43 -23.14 43.51
CA LYS G 59 18.00 -23.02 43.77
C LYS G 59 17.73 -23.86 45.01
N GLY G 60 17.13 -23.24 46.03
CA GLY G 60 16.87 -23.94 47.27
C GLY G 60 17.94 -23.67 48.31
N MET G 61 19.07 -23.09 47.89
CA MET G 61 20.15 -22.74 48.79
C MET G 61 20.17 -21.24 49.07
N ALA G 62 20.06 -20.46 48.01
CA ALA G 62 20.13 -19.01 48.13
C ALA G 62 18.81 -18.30 47.86
N THR G 63 18.50 -17.27 48.67
CA THR G 63 17.31 -16.45 48.46
C THR G 63 17.76 -15.00 48.37
N LEU G 64 17.44 -14.37 47.25
CA LEU G 64 17.79 -12.96 47.06
C LEU G 64 16.61 -12.04 47.25
N THR G 65 16.86 -10.91 47.91
CA THR G 65 15.83 -9.90 48.16
C THR G 65 16.53 -8.57 48.21
N ALA G 66 15.78 -7.48 48.29
CA ALA G 66 16.36 -6.15 48.31
C ALA G 66 15.38 -5.22 49.02
N ASP G 67 15.90 -4.10 49.53
CA ASP G 67 15.11 -3.12 50.25
C ASP G 67 15.39 -1.79 49.56
N LYS G 68 14.46 -1.35 48.73
CA LYS G 68 14.59 -0.09 47.99
C LYS G 68 14.91 1.10 48.89
N SER G 69 14.18 1.25 49.98
CA SER G 69 14.35 2.39 50.87
C SER G 69 15.73 2.49 51.51
N SER G 70 16.46 1.38 51.59
CA SER G 70 17.82 1.44 52.13
C SER G 70 18.87 1.07 51.09
N SER G 71 18.45 0.98 49.83
CA SER G 71 19.36 0.62 48.74
C SER G 71 20.24 -0.54 49.15
N THR G 72 19.64 -1.60 49.68
CA THR G 72 20.43 -2.73 50.16
C THR G 72 19.92 -4.04 49.61
N ALA G 73 20.85 -4.88 49.15
CA ALA G 73 20.49 -6.18 48.60
C ALA G 73 20.89 -7.20 49.67
N TYR G 74 20.12 -8.28 49.76
CA TYR G 74 20.42 -9.31 50.75
C TYR G 74 20.45 -10.68 50.11
N MET G 75 21.24 -11.57 50.70
CA MET G 75 21.27 -12.95 50.25
C MET G 75 21.25 -13.83 51.46
N GLN G 76 20.25 -14.70 51.51
CA GLN G 76 20.09 -15.64 52.60
C GLN G 76 20.52 -17.01 52.09
N LEU G 77 21.34 -17.70 52.88
CA LEU G 77 21.81 -19.03 52.54
C LEU G 77 21.27 -19.98 53.60
N THR G 78 20.53 -21.00 53.18
CA THR G 78 19.93 -21.94 54.13
C THR G 78 20.52 -23.36 54.08
N SER G 79 20.16 -24.15 55.09
CA SER G 79 20.63 -25.53 55.22
C SER G 79 22.14 -25.62 55.02
N LEU G 80 22.88 -24.81 55.76
CA LEU G 80 24.32 -24.71 55.61
C LEU G 80 25.14 -25.97 55.88
N ALA G 81 26.20 -26.12 55.09
CA ALA G 81 27.11 -27.25 55.21
C ALA G 81 28.50 -26.66 54.99
N SER G 82 29.54 -27.46 55.18
CA SER G 82 30.89 -26.97 55.00
C SER G 82 31.15 -26.56 53.54
N GLU G 83 30.35 -27.08 52.62
CA GLU G 83 30.48 -26.74 51.20
C GLU G 83 30.11 -25.28 50.95
N ASP G 84 29.41 -24.68 51.91
CA ASP G 84 28.99 -23.29 51.77
C ASP G 84 30.01 -22.30 52.32
N SER G 85 31.07 -22.81 52.95
CA SER G 85 32.09 -21.93 53.49
C SER G 85 32.83 -21.34 52.30
N ALA G 86 32.81 -20.02 52.18
CA ALA G 86 33.36 -19.35 51.02
C ALA G 86 33.25 -17.85 51.18
N VAL G 87 33.86 -17.14 50.24
CA VAL G 87 33.74 -15.69 50.20
C VAL G 87 32.62 -15.39 49.22
N TYR G 88 31.69 -14.53 49.63
CA TYR G 88 30.57 -14.19 48.78
C TYR G 88 30.60 -12.72 48.38
N TYR G 89 30.46 -12.47 47.09
CA TYR G 89 30.50 -11.12 46.56
C TYR G 89 29.16 -10.70 45.99
N CYS G 90 28.89 -9.42 46.07
CA CYS G 90 27.69 -8.85 45.49
C CYS G 90 28.28 -7.97 44.42
N ALA G 91 27.57 -7.81 43.30
CA ALA G 91 28.09 -7.00 42.22
C ALA G 91 27.00 -6.44 41.32
N ARG G 92 27.26 -5.26 40.76
CA ARG G 92 26.28 -4.56 39.96
C ARG G 92 26.45 -4.89 38.48
N THR G 93 25.57 -5.32 37.65
CA THR G 93 25.67 -5.26 36.20
C THR G 93 24.84 -4.04 35.81
N TYR G 94 25.19 -3.35 34.74
CA TYR G 94 24.58 -2.05 34.53
C TYR G 94 23.12 -2.18 34.13
N ALA G 95 22.32 -0.98 34.12
CA ALA G 95 20.86 -0.84 34.10
C ALA G 95 20.25 -1.46 32.82
N GLY G 96 19.13 -2.16 32.97
CA GLY G 96 18.40 -2.68 31.82
C GLY G 96 18.06 -4.17 31.84
N TYR G 97 17.22 -4.61 30.92
CA TYR G 97 16.90 -6.02 30.77
C TYR G 97 17.95 -6.76 29.94
N TYR G 98 19.01 -6.06 29.55
CA TYR G 98 20.06 -6.68 28.75
C TYR G 98 21.06 -7.42 29.64
N VAL G 99 21.92 -8.20 29.05
CA VAL G 99 22.85 -9.02 29.85
C VAL G 99 24.23 -8.43 29.82
N GLY G 100 24.50 -7.54 30.76
CA GLY G 100 25.67 -6.69 30.69
C GLY G 100 26.82 -7.28 31.47
N TYR G 101 27.94 -6.59 31.49
CA TYR G 101 29.07 -7.01 32.28
C TYR G 101 28.87 -6.61 33.74
N PHE G 102 29.69 -7.19 34.60
CA PHE G 102 29.67 -6.86 36.02
C PHE G 102 30.63 -5.73 36.28
N ASP G 103 30.12 -4.52 36.51
CA ASP G 103 30.99 -3.37 36.52
C ASP G 103 31.43 -2.87 37.90
N TYR G 104 30.76 -3.32 38.96
CA TYR G 104 31.13 -2.95 40.33
C TYR G 104 30.93 -4.09 41.34
N TRP G 105 32.10 -4.34 42.19
CA TRP G 105 32.00 -5.44 43.16
C TRP G 105 32.12 -5.01 44.61
N GLY G 106 31.42 -5.69 45.50
CA GLY G 106 31.51 -5.38 46.92
C GLY G 106 32.83 -5.96 47.39
N GLN G 107 33.23 -5.70 48.64
CA GLN G 107 34.52 -6.19 49.13
C GLN G 107 34.48 -7.67 49.48
N GLY G 108 33.26 -8.22 49.52
CA GLY G 108 33.07 -9.62 49.82
C GLY G 108 32.87 -9.92 51.30
N THR G 109 32.10 -10.98 51.58
CA THR G 109 31.80 -11.42 52.95
C THR G 109 32.24 -12.87 53.08
N THR G 110 33.05 -13.17 54.09
CA THR G 110 33.52 -14.54 54.26
C THR G 110 32.57 -15.28 55.19
N LEU G 111 32.12 -16.44 54.74
CA LEU G 111 31.26 -17.29 55.55
C LEU G 111 31.98 -18.55 55.96
N THR G 112 32.04 -18.80 57.27
CA THR G 112 32.60 -20.02 57.79
C THR G 112 31.47 -20.85 58.39
N VAL G 113 31.33 -22.08 57.92
CA VAL G 113 30.30 -22.98 58.43
C VAL G 113 31.02 -24.06 59.23
N SER G 114 30.77 -24.09 60.54
CA SER G 114 31.46 -25.03 61.42
C SER G 114 30.81 -25.09 62.80
N ASP H 1 26.80 -33.89 -15.64
CA ASP H 1 27.29 -33.69 -14.29
C ASP H 1 28.51 -32.77 -14.23
N ILE H 2 28.68 -32.10 -13.09
CA ILE H 2 29.86 -31.26 -12.90
C ILE H 2 31.08 -32.14 -12.67
N VAL H 3 32.08 -32.01 -13.54
CA VAL H 3 33.28 -32.81 -13.41
C VAL H 3 34.37 -31.99 -12.74
N MET H 4 35.02 -32.60 -11.75
CA MET H 4 36.11 -31.97 -11.01
C MET H 4 37.44 -32.61 -11.35
N THR H 5 38.43 -31.80 -11.67
CA THR H 5 39.74 -32.30 -12.05
C THR H 5 40.78 -31.81 -11.05
N GLN H 6 41.42 -32.73 -10.36
CA GLN H 6 42.48 -32.37 -9.43
C GLN H 6 43.83 -32.61 -10.03
N SER H 7 44.77 -31.72 -9.70
CA SER H 7 46.14 -31.88 -10.15
C SER H 7 47.09 -31.27 -9.12
N PRO H 8 48.27 -31.87 -8.96
CA PRO H 8 48.64 -33.10 -9.65
C PRO H 8 47.96 -34.27 -8.94
N SER H 9 47.95 -35.45 -9.55
CA SER H 9 47.39 -36.59 -8.85
C SER H 9 48.34 -37.11 -7.76
N SER H 10 49.63 -36.82 -7.88
CA SER H 10 50.53 -37.17 -6.78
C SER H 10 51.70 -36.20 -6.70
N LEU H 11 52.11 -35.92 -5.48
CA LEU H 11 53.10 -34.88 -5.22
C LEU H 11 53.97 -35.33 -4.05
N ALA H 12 55.29 -35.26 -4.23
CA ALA H 12 56.21 -35.65 -3.18
C ALA H 12 56.99 -34.41 -2.78
N MET H 13 56.86 -34.02 -1.50
CA MET H 13 57.51 -32.80 -1.03
C MET H 13 58.24 -33.07 0.28
N SER H 14 59.35 -32.38 0.53
CA SER H 14 60.05 -32.54 1.79
C SER H 14 59.45 -31.62 2.84
N ALA H 15 59.69 -31.92 4.11
CA ALA H 15 59.15 -31.13 5.18
C ALA H 15 59.59 -29.67 5.08
N GLY H 16 58.63 -28.76 5.24
CA GLY H 16 58.91 -27.33 5.15
C GLY H 16 58.64 -26.70 3.80
N GLN H 17 58.36 -27.52 2.79
CA GLN H 17 58.12 -27.00 1.46
C GLN H 17 56.67 -26.57 1.35
N LYS H 18 56.38 -25.68 0.42
CA LYS H 18 55.01 -25.25 0.21
C LYS H 18 54.35 -26.21 -0.75
N VAL H 19 53.15 -26.65 -0.40
CA VAL H 19 52.41 -27.59 -1.22
C VAL H 19 51.25 -26.83 -1.85
N THR H 20 51.10 -26.98 -3.17
CA THR H 20 49.99 -26.38 -3.90
C THR H 20 49.26 -27.47 -4.69
N MET H 21 47.95 -27.57 -4.47
CA MET H 21 47.11 -28.53 -5.18
C MET H 21 45.94 -27.78 -5.79
N SER H 22 45.61 -28.05 -7.04
CA SER H 22 44.57 -27.35 -7.78
C SER H 22 43.33 -28.23 -7.93
N CYS H 23 42.16 -27.61 -8.02
CA CYS H 23 40.90 -28.34 -8.24
C CYS H 23 40.05 -27.58 -9.27
N LYS H 24 39.56 -28.25 -10.30
CA LYS H 24 38.73 -27.58 -11.30
C LYS H 24 37.26 -27.90 -11.14
N SER H 25 36.37 -26.97 -11.49
CA SER H 25 34.94 -27.32 -11.62
C SER H 25 34.42 -27.03 -13.03
N SER H 26 33.42 -27.80 -13.48
CA SER H 26 32.86 -27.65 -14.83
C SER H 26 31.91 -26.46 -14.92
N GLN H 27 31.42 -26.07 -13.75
CA GLN H 27 30.44 -25.00 -13.61
C GLN H 27 30.85 -24.13 -12.44
N SER H 28 30.49 -22.86 -12.44
CA SER H 28 30.90 -22.01 -11.33
C SER H 28 30.27 -22.43 -10.02
N LEU H 29 31.05 -22.43 -8.94
CA LEU H 29 30.51 -22.75 -7.61
C LEU H 29 30.02 -21.53 -6.84
N PHE H 30 30.06 -20.36 -7.46
CA PHE H 30 29.69 -19.11 -6.80
C PHE H 30 28.17 -18.94 -6.80
N ASP H 31 27.59 -18.83 -5.61
CA ASP H 31 26.17 -18.60 -5.49
C ASP H 31 26.02 -17.15 -5.10
N SER H 32 25.43 -16.33 -5.97
CA SER H 32 25.28 -14.90 -5.70
C SER H 32 24.39 -14.69 -4.48
N ARG H 33 23.43 -15.69 -4.08
CA ARG H 33 22.51 -15.68 -2.94
C ARG H 33 23.22 -15.24 -1.65
N ASN H 34 24.35 -15.87 -1.31
CA ASN H 34 25.18 -15.39 -0.21
C ASN H 34 26.64 -15.11 -0.57
N GLN H 35 26.94 -15.06 -1.87
CA GLN H 35 28.27 -14.73 -2.38
C GLN H 35 29.35 -15.68 -1.86
N LYS H 36 29.04 -16.97 -1.75
CA LYS H 36 30.03 -17.97 -1.35
C LYS H 36 30.35 -18.96 -2.50
N ASN H 37 31.58 -19.49 -2.50
CA ASN H 37 31.99 -20.54 -3.45
C ASN H 37 31.88 -21.91 -2.79
N TYR H 38 30.93 -22.75 -3.22
CA TYR H 38 30.61 -23.96 -2.48
C TYR H 38 31.63 -25.07 -2.83
N LEU H 39 32.81 -24.92 -2.24
CA LEU H 39 33.89 -25.92 -2.43
C LEU H 39 34.33 -26.38 -1.03
N ALA H 40 34.51 -27.68 -0.84
CA ALA H 40 35.10 -28.20 0.38
C ALA H 40 36.34 -29.02 0.06
N TRP H 41 37.32 -28.98 0.97
CA TRP H 41 38.49 -29.83 0.88
C TRP H 41 38.49 -30.80 2.05
N TYR H 42 38.89 -32.03 1.77
CA TYR H 42 38.88 -33.11 2.76
C TYR H 42 40.27 -33.72 2.77
N GLN H 43 40.68 -34.25 3.90
CA GLN H 43 41.96 -34.94 4.09
C GLN H 43 41.67 -36.36 4.56
N GLN H 44 42.17 -37.33 3.83
CA GLN H 44 42.02 -38.71 4.24
C GLN H 44 43.40 -39.30 4.48
N LYS H 45 43.73 -39.44 5.75
CA LYS H 45 45.00 -40.06 6.15
C LYS H 45 44.88 -41.56 6.04
N PRO H 46 46.04 -42.25 5.96
CA PRO H 46 46.02 -43.71 5.81
C PRO H 46 45.15 -44.40 6.86
N GLY H 47 44.16 -45.15 6.40
CA GLY H 47 43.30 -45.93 7.28
C GLY H 47 42.17 -45.17 7.96
N GLN H 48 42.03 -43.89 7.64
CA GLN H 48 41.01 -43.07 8.31
C GLN H 48 39.94 -42.61 7.33
N SER H 49 38.91 -41.99 7.88
CA SER H 49 37.81 -41.41 7.12
C SER H 49 38.17 -39.97 6.76
N PRO H 50 37.58 -39.43 5.70
CA PRO H 50 37.88 -38.05 5.32
C PRO H 50 37.57 -37.04 6.42
N THR H 51 38.47 -36.06 6.56
CA THR H 51 38.29 -34.99 7.52
C THR H 51 38.21 -33.66 6.79
N LEU H 52 37.20 -32.87 7.15
CA LEU H 52 37.00 -31.57 6.54
C LEU H 52 38.12 -30.58 6.87
N LEU H 53 38.79 -30.05 5.85
CA LEU H 53 39.80 -29.01 6.08
C LEU H 53 39.22 -27.62 5.88
N VAL H 54 38.60 -27.42 4.70
CA VAL H 54 38.19 -26.09 4.24
C VAL H 54 36.79 -26.19 3.65
N TYR H 55 35.95 -25.18 3.86
CA TYR H 55 34.65 -25.14 3.18
C TYR H 55 34.34 -23.73 2.71
N PHE H 56 33.34 -23.59 1.85
CA PHE H 56 33.09 -22.32 1.19
C PHE H 56 34.37 -21.75 0.55
N ALA H 57 35.11 -22.66 -0.07
CA ALA H 57 36.38 -22.39 -0.75
C ALA H 57 37.55 -21.96 0.12
N SER H 58 37.30 -21.08 1.10
CA SER H 58 38.41 -20.53 1.88
C SER H 58 38.19 -20.49 3.38
N THR H 59 37.08 -21.04 3.86
CA THR H 59 36.82 -21.01 5.31
C THR H 59 37.42 -22.21 6.02
N ARG H 60 38.37 -21.96 6.97
CA ARG H 60 39.04 -23.12 7.57
C ARG H 60 38.19 -23.69 8.68
N GLU H 61 38.03 -25.01 8.73
CA GLU H 61 37.30 -25.63 9.82
C GLU H 61 38.08 -25.52 11.14
N SER H 62 37.36 -25.32 12.24
CA SER H 62 38.03 -25.15 13.53
C SER H 62 38.81 -26.39 13.90
N GLY H 63 40.03 -26.21 14.40
CA GLY H 63 40.90 -27.32 14.72
C GLY H 63 41.90 -27.65 13.62
N VAL H 64 41.63 -27.19 12.41
CA VAL H 64 42.55 -27.42 11.30
C VAL H 64 43.72 -26.44 11.41
N PRO H 65 44.96 -26.96 11.27
CA PRO H 65 46.16 -26.13 11.36
C PRO H 65 46.10 -24.95 10.39
N ASP H 66 46.61 -23.79 10.79
CA ASP H 66 46.53 -22.61 9.93
C ASP H 66 47.42 -22.70 8.70
N ARG H 67 48.29 -23.71 8.63
CA ARG H 67 49.10 -23.91 7.43
C ARG H 67 48.24 -24.32 6.24
N PHE H 68 47.03 -24.78 6.52
CA PHE H 68 46.11 -25.15 5.45
C PHE H 68 45.33 -23.95 4.99
N ILE H 69 45.47 -23.59 3.72
CA ILE H 69 44.78 -22.42 3.16
C ILE H 69 44.03 -22.80 1.89
N GLY H 70 42.72 -22.58 1.90
CA GLY H 70 41.93 -22.75 0.70
C GLY H 70 41.67 -21.40 0.05
N SER H 71 41.64 -21.37 -1.28
CA SER H 71 41.41 -20.13 -2.01
C SER H 71 40.88 -20.45 -3.39
N GLY H 72 40.59 -19.40 -4.15
CA GLY H 72 40.07 -19.57 -5.49
C GLY H 72 38.58 -19.29 -5.54
N SER H 73 38.01 -19.34 -6.75
CA SER H 73 36.58 -19.07 -6.94
C SER H 73 36.16 -19.46 -8.35
N GLY H 74 34.86 -19.60 -8.55
CA GLY H 74 34.33 -19.93 -9.86
C GLY H 74 34.67 -21.34 -10.26
N THR H 75 35.67 -21.48 -11.14
CA THR H 75 36.04 -22.80 -11.64
C THR H 75 37.44 -23.25 -11.21
N ASP H 76 38.19 -22.37 -10.56
CA ASP H 76 39.57 -22.69 -10.23
C ASP H 76 39.86 -22.51 -8.73
N PHE H 77 40.17 -23.62 -8.07
CA PHE H 77 40.41 -23.59 -6.63
C PHE H 77 41.77 -24.18 -6.26
N THR H 78 42.28 -23.77 -5.11
CA THR H 78 43.61 -24.19 -4.69
C THR H 78 43.60 -24.52 -3.21
N LEU H 79 44.29 -25.59 -2.84
CA LEU H 79 44.54 -25.85 -1.44
C LEU H 79 46.04 -25.74 -1.27
N THR H 80 46.47 -24.88 -0.35
CA THR H 80 47.89 -24.66 -0.11
C THR H 80 48.26 -25.13 1.30
N ILE H 81 49.40 -25.81 1.43
CA ILE H 81 49.98 -26.05 2.73
C ILE H 81 51.24 -25.22 2.80
N SER H 82 51.22 -24.18 3.63
CA SER H 82 52.31 -23.19 3.63
C SER H 82 53.66 -23.83 3.93
N SER H 83 53.67 -24.77 4.88
CA SER H 83 54.88 -25.47 5.28
C SER H 83 54.51 -26.92 5.62
N VAL H 84 54.70 -27.82 4.69
CA VAL H 84 54.26 -29.21 4.89
C VAL H 84 54.98 -29.91 6.06
N GLN H 85 54.21 -30.64 6.88
CA GLN H 85 54.76 -31.41 8.00
C GLN H 85 54.64 -32.89 7.67
N ALA H 86 55.43 -33.72 8.37
CA ALA H 86 55.40 -35.17 8.14
C ALA H 86 54.00 -35.77 8.31
N GLU H 87 53.25 -35.25 9.28
CA GLU H 87 51.92 -35.77 9.55
C GLU H 87 50.90 -35.43 8.45
N ASP H 88 51.28 -34.57 7.50
CA ASP H 88 50.38 -34.20 6.39
C ASP H 88 50.32 -35.25 5.29
N LEU H 89 51.09 -36.32 5.44
CA LEU H 89 50.96 -37.49 4.59
C LEU H 89 49.49 -37.89 4.52
N ALA H 90 48.89 -37.78 3.34
CA ALA H 90 47.47 -38.09 3.18
C ALA H 90 47.03 -37.98 1.71
N ASP H 91 45.83 -38.48 1.41
CA ASP H 91 45.20 -38.16 0.14
C ASP H 91 44.30 -36.96 0.40
N TYR H 92 44.29 -36.02 -0.54
CA TYR H 92 43.49 -34.80 -0.43
C TYR H 92 42.46 -34.77 -1.55
N PHE H 93 41.18 -34.47 -1.27
CA PHE H 93 40.10 -34.42 -2.22
C PHE H 93 39.29 -33.10 -2.12
N CYS H 94 38.79 -32.71 -3.28
CA CYS H 94 37.94 -31.55 -3.41
C CYS H 94 36.54 -31.99 -3.79
N GLN H 95 35.49 -31.35 -3.32
CA GLN H 95 34.14 -31.77 -3.72
C GLN H 95 33.26 -30.54 -3.88
N GLN H 96 32.51 -30.48 -4.97
CA GLN H 96 31.69 -29.25 -5.11
C GLN H 96 30.43 -29.44 -4.27
N HIS H 97 29.85 -28.37 -3.73
CA HIS H 97 28.59 -28.45 -3.03
C HIS H 97 27.64 -27.38 -3.57
N TYR H 98 27.68 -27.30 -4.87
CA TYR H 98 26.88 -26.40 -5.67
C TYR H 98 25.83 -27.15 -6.47
N SER H 99 24.61 -27.32 -6.09
CA SER H 99 23.70 -28.15 -6.93
C SER H 99 24.08 -29.62 -6.90
N THR H 100 23.26 -30.46 -7.29
CA THR H 100 23.51 -31.91 -7.35
C THR H 100 23.90 -32.35 -8.73
N PRO H 101 24.50 -33.50 -8.91
CA PRO H 101 24.98 -34.48 -7.99
C PRO H 101 26.31 -34.00 -7.39
N TYR H 102 26.63 -34.48 -6.23
CA TYR H 102 27.91 -34.11 -5.60
C TYR H 102 28.91 -35.03 -6.30
N THR H 103 30.03 -34.51 -6.74
CA THR H 103 31.08 -35.30 -7.38
C THR H 103 32.41 -34.98 -6.70
N PHE H 104 33.34 -35.96 -6.64
CA PHE H 104 34.59 -35.69 -5.96
C PHE H 104 35.70 -35.55 -6.97
N GLY H 105 36.76 -34.85 -6.63
CA GLY H 105 37.88 -34.76 -7.60
C GLY H 105 38.58 -36.12 -7.40
N GLY H 106 39.55 -36.39 -8.35
CA GLY H 106 40.23 -37.67 -8.34
C GLY H 106 41.17 -37.87 -7.17
N GLY H 107 41.60 -36.76 -6.55
CA GLY H 107 42.46 -36.83 -5.39
C GLY H 107 43.91 -36.54 -5.69
N THR H 108 44.61 -36.01 -4.69
CA THR H 108 46.06 -35.81 -4.77
C THR H 108 46.69 -36.57 -3.63
N LYS H 109 47.65 -37.44 -3.95
CA LYS H 109 48.36 -38.17 -2.92
C LYS H 109 49.63 -37.42 -2.59
N LEU H 110 49.70 -36.92 -1.36
CA LEU H 110 50.85 -36.17 -0.89
C LEU H 110 51.77 -37.11 -0.13
N GLU H 111 52.97 -37.31 -0.66
CA GLU H 111 54.01 -38.12 -0.04
C GLU H 111 55.11 -37.20 0.48
N ILE H 112 55.85 -37.65 1.49
CA ILE H 112 56.85 -36.84 2.14
C ILE H 112 58.25 -37.32 1.74
N LYS H 113 59.10 -36.40 1.28
CA LYS H 113 60.48 -36.75 0.97
C LYS H 113 61.33 -36.50 2.21
N ARG H 114 62.39 -37.28 2.37
CA ARG H 114 63.26 -37.13 3.54
C ARG H 114 64.64 -37.71 3.22
N ALA H 115 65.58 -37.54 4.14
CA ALA H 115 66.94 -38.08 3.92
C ALA H 115 66.97 -39.61 3.98
N SER I 1 28.34 -50.10 11.09
CA SER I 1 28.31 -51.55 11.17
C SER I 1 29.62 -52.17 10.70
N GLY I 2 29.88 -53.40 11.14
CA GLY I 2 31.10 -54.10 10.78
C GLY I 2 31.25 -54.60 9.34
N ALA I 3 32.45 -55.07 9.02
CA ALA I 3 32.78 -55.53 7.68
C ALA I 3 31.85 -56.65 7.26
N GLU I 4 31.60 -56.76 5.96
CA GLU I 4 30.66 -57.76 5.47
C GLU I 4 31.10 -58.47 4.22
N LEU I 5 30.81 -59.76 4.19
CA LEU I 5 31.13 -60.61 3.05
C LEU I 5 29.78 -61.08 2.54
N ALA I 6 29.53 -60.88 1.24
CA ALA I 6 28.29 -61.31 0.64
C ALA I 6 28.63 -61.94 -0.71
N ARG I 7 27.75 -62.80 -1.19
CA ARG I 7 27.98 -63.45 -2.48
C ARG I 7 27.31 -62.68 -3.61
N PRO I 8 27.86 -62.79 -4.84
CA PRO I 8 27.29 -62.10 -6.00
C PRO I 8 25.81 -62.45 -6.16
N GLY I 9 25.00 -61.46 -6.49
CA GLY I 9 23.57 -61.71 -6.62
C GLY I 9 22.79 -61.48 -5.34
N ALA I 10 23.48 -61.39 -4.21
CA ALA I 10 22.80 -61.19 -2.94
C ALA I 10 22.59 -59.71 -2.66
N SER I 11 22.24 -59.41 -1.42
CA SER I 11 21.99 -58.05 -0.99
C SER I 11 22.53 -57.89 0.43
N VAL I 12 22.91 -56.68 0.80
CA VAL I 12 23.36 -56.41 2.16
C VAL I 12 22.76 -55.11 2.66
N LYS I 13 22.67 -55.00 3.97
CA LYS I 13 22.13 -53.80 4.58
C LYS I 13 23.09 -53.40 5.70
N LEU I 14 23.68 -52.22 5.58
CA LEU I 14 24.61 -51.73 6.58
C LEU I 14 24.01 -50.53 7.29
N SER I 15 24.39 -50.35 8.55
CA SER I 15 23.89 -49.24 9.35
C SER I 15 24.91 -48.17 9.71
N CYS I 16 24.39 -47.05 10.19
CA CYS I 16 25.18 -45.92 10.66
C CYS I 16 24.42 -45.33 11.85
N LYS I 17 24.96 -45.50 13.05
CA LYS I 17 24.34 -44.94 14.25
C LYS I 17 24.81 -43.52 14.52
N ALA I 18 23.88 -42.58 14.60
CA ALA I 18 24.17 -41.19 14.91
C ALA I 18 24.14 -40.94 16.41
N SER I 19 24.81 -39.87 16.82
CA SER I 19 24.90 -39.50 18.23
C SER I 19 25.50 -38.10 18.36
N GLY I 20 25.08 -37.37 19.39
CA GLY I 20 25.66 -36.07 19.66
C GLY I 20 24.89 -34.88 19.10
N TYR I 21 23.74 -35.14 18.47
CA TYR I 21 22.96 -34.07 17.89
C TYR I 21 21.52 -34.48 17.58
N THR I 22 20.68 -33.48 17.32
CA THR I 22 19.27 -33.71 16.99
C THR I 22 19.18 -34.35 15.62
N PHE I 23 19.30 -35.68 15.61
CA PHE I 23 19.36 -36.48 14.40
C PHE I 23 18.40 -36.04 13.29
N THR I 24 17.14 -35.81 13.63
CA THR I 24 16.11 -35.59 12.61
C THR I 24 16.21 -34.25 11.86
N SER I 25 17.07 -33.37 12.35
CA SER I 25 17.33 -32.09 11.72
C SER I 25 18.41 -32.07 10.65
N TYR I 26 19.13 -33.21 10.46
CA TYR I 26 20.30 -33.18 9.57
C TYR I 26 20.29 -34.26 8.48
N TRP I 27 20.84 -33.93 7.32
CA TRP I 27 20.81 -34.84 6.17
C TRP I 27 22.03 -35.76 6.21
N MET I 28 21.85 -37.00 5.74
CA MET I 28 22.92 -38.00 5.76
C MET I 28 23.37 -38.37 4.35
N GLN I 29 24.68 -38.44 4.15
CA GLN I 29 25.25 -38.86 2.88
C GLN I 29 25.83 -40.27 2.92
N TRP I 30 25.89 -40.90 1.75
CA TRP I 30 26.53 -42.19 1.62
C TRP I 30 27.54 -42.12 0.48
N VAL I 31 28.75 -42.60 0.73
CA VAL I 31 29.83 -42.43 -0.22
C VAL I 31 30.58 -43.73 -0.42
N LYS I 32 30.97 -44.08 -1.69
CA LYS I 32 31.67 -45.30 -2.05
C LYS I 32 33.14 -45.04 -2.35
N GLN I 33 34.01 -45.93 -1.89
CA GLN I 33 35.42 -45.84 -2.23
C GLN I 33 35.99 -47.23 -2.49
N ARG I 34 36.24 -47.53 -3.75
CA ARG I 34 36.80 -48.81 -4.15
C ARG I 34 38.28 -48.86 -3.78
N PRO I 35 38.85 -50.07 -3.63
CA PRO I 35 40.26 -50.22 -3.26
C PRO I 35 41.21 -49.45 -4.18
N GLY I 36 41.98 -48.54 -3.60
CA GLY I 36 42.91 -47.73 -4.36
C GLY I 36 42.29 -46.65 -5.21
N GLN I 37 40.97 -46.47 -5.08
CA GLN I 37 40.24 -45.50 -5.89
C GLN I 37 39.83 -44.26 -5.09
N GLY I 38 39.16 -43.33 -5.78
CA GLY I 38 38.70 -42.11 -5.13
C GLY I 38 37.32 -42.23 -4.53
N LEU I 39 36.70 -41.11 -4.22
CA LEU I 39 35.37 -41.10 -3.58
C LEU I 39 34.29 -40.94 -4.62
N GLU I 40 33.18 -41.63 -4.42
CA GLU I 40 32.03 -41.54 -5.31
C GLU I 40 30.78 -41.34 -4.44
N TRP I 41 29.93 -40.41 -4.84
CA TRP I 41 28.67 -40.12 -4.14
C TRP I 41 27.60 -41.15 -4.50
N ILE I 42 26.93 -41.72 -3.48
CA ILE I 42 25.87 -42.71 -3.70
C ILE I 42 24.52 -41.98 -3.64
N GLY I 43 24.30 -41.28 -2.54
CA GLY I 43 23.04 -40.59 -2.37
C GLY I 43 22.95 -39.93 -1.02
N ALA I 44 21.80 -39.32 -0.74
CA ALA I 44 21.59 -38.61 0.51
C ALA I 44 20.16 -38.79 0.98
N ILE I 45 19.97 -38.72 2.29
CA ILE I 45 18.65 -38.93 2.87
C ILE I 45 18.42 -37.90 3.95
N TYR I 46 17.17 -37.48 4.10
CA TYR I 46 16.78 -36.57 5.18
C TYR I 46 15.87 -37.41 6.08
N PRO I 47 16.43 -37.97 7.17
CA PRO I 47 15.68 -38.74 8.16
C PRO I 47 14.42 -38.07 8.72
N GLY I 48 14.44 -36.75 8.83
CA GLY I 48 13.28 -36.04 9.34
C GLY I 48 12.04 -36.15 8.48
N ASP I 49 12.20 -36.24 7.17
CA ASP I 49 11.04 -36.30 6.28
C ASP I 49 11.07 -37.47 5.29
N GLY I 50 12.14 -38.25 5.33
CA GLY I 50 12.25 -39.39 4.44
C GLY I 50 12.69 -39.11 3.01
N TYR I 51 13.09 -37.89 2.72
CA TYR I 51 13.51 -37.52 1.36
C TYR I 51 14.84 -38.17 0.99
N THR I 52 14.94 -38.62 -0.25
CA THR I 52 16.16 -39.24 -0.74
C THR I 52 16.62 -38.60 -2.04
N ARG I 53 17.91 -38.61 -2.32
CA ARG I 53 18.50 -38.17 -3.57
C ARG I 53 19.53 -39.23 -3.95
N TYR I 54 19.52 -39.66 -5.20
CA TYR I 54 20.47 -40.67 -5.65
C TYR I 54 21.27 -40.28 -6.88
N THR I 55 22.51 -40.76 -6.93
CA THR I 55 23.35 -40.53 -8.09
C THR I 55 22.67 -41.44 -9.10
N GLN I 56 22.48 -40.98 -10.33
CA GLN I 56 21.86 -41.82 -11.35
C GLN I 56 22.50 -43.20 -11.42
N LYS I 57 23.83 -43.22 -11.34
CA LYS I 57 24.62 -44.45 -11.32
C LYS I 57 24.14 -45.49 -10.30
N PHE I 58 23.70 -45.03 -9.13
CA PHE I 58 23.27 -45.94 -8.08
C PHE I 58 21.77 -46.15 -7.93
N LYS I 59 20.98 -45.58 -8.83
CA LYS I 59 19.54 -45.79 -8.75
C LYS I 59 19.31 -47.25 -9.12
N GLY I 60 18.64 -47.99 -8.25
CA GLY I 60 18.41 -49.40 -8.51
C GLY I 60 19.44 -50.28 -7.80
N MET I 61 20.51 -49.68 -7.31
CA MET I 61 21.55 -50.41 -6.59
C MET I 61 21.44 -50.16 -5.10
N ALA I 62 21.29 -48.89 -4.72
CA ALA I 62 21.25 -48.51 -3.32
C ALA I 62 19.87 -48.02 -2.86
N THR I 63 19.47 -48.43 -1.65
CA THR I 63 18.22 -47.97 -1.05
C THR I 63 18.56 -47.38 0.31
N LEU I 64 18.22 -46.11 0.50
CA LEU I 64 18.46 -45.45 1.78
C LEU I 64 17.19 -45.34 2.61
N THR I 65 17.33 -45.56 3.92
CA THR I 65 16.23 -45.46 4.85
C THR I 65 16.82 -45.05 6.18
N ALA I 66 15.97 -44.75 7.16
CA ALA I 66 16.45 -44.31 8.46
C ALA I 66 15.39 -44.67 9.51
N ASP I 67 15.82 -44.76 10.76
CA ASP I 67 14.93 -45.11 11.86
C ASP I 67 15.12 -44.02 12.90
N LYS I 68 14.17 -43.08 12.94
CA LYS I 68 14.22 -41.97 13.88
C LYS I 68 14.42 -42.39 15.34
N SER I 69 13.65 -43.38 15.78
CA SER I 69 13.72 -43.81 17.17
C SER I 69 15.07 -44.37 17.59
N SER I 70 15.88 -44.82 16.64
CA SER I 70 17.21 -45.30 17.00
C SER I 70 18.32 -44.44 16.39
N SER I 71 17.93 -43.29 15.83
CA SER I 71 18.88 -42.39 15.20
C SER I 71 19.86 -43.16 14.32
N THR I 72 19.34 -44.02 13.47
CA THR I 72 20.20 -44.85 12.63
C THR I 72 19.80 -44.78 11.17
N ALA I 73 20.81 -44.64 10.31
CA ALA I 73 20.57 -44.57 8.88
C ALA I 73 21.02 -45.91 8.32
N TYR I 74 20.35 -46.38 7.28
CA TYR I 74 20.70 -47.66 6.68
C TYR I 74 20.85 -47.53 5.17
N MET I 75 21.70 -48.37 4.61
CA MET I 75 21.86 -48.42 3.17
C MET I 75 21.87 -49.87 2.75
N GLN I 76 20.94 -50.21 1.87
CA GLN I 76 20.84 -51.55 1.34
C GLN I 76 21.39 -51.54 -0.08
N LEU I 77 22.24 -52.52 -0.38
CA LEU I 77 22.82 -52.64 -1.70
C LEU I 77 22.34 -53.98 -2.28
N THR I 78 21.69 -53.93 -3.44
CA THR I 78 21.14 -55.14 -4.05
C THR I 78 21.85 -55.58 -5.33
N SER I 79 21.54 -56.81 -5.76
CA SER I 79 22.12 -57.39 -6.98
C SER I 79 23.62 -57.23 -7.01
N LEU I 80 24.28 -57.65 -5.93
CA LEU I 80 25.72 -57.46 -5.78
C LEU I 80 26.63 -58.13 -6.78
N ALA I 81 27.72 -57.43 -7.12
CA ALA I 81 28.71 -57.93 -8.06
C ALA I 81 30.05 -57.50 -7.47
N SER I 82 31.15 -57.95 -8.06
CA SER I 82 32.46 -57.59 -7.55
C SER I 82 32.72 -56.10 -7.65
N GLU I 83 31.98 -55.41 -8.52
CA GLU I 83 32.10 -53.95 -8.67
C GLU I 83 31.63 -53.22 -7.42
N ASP I 84 30.88 -53.92 -6.58
CA ASP I 84 30.34 -53.33 -5.37
C ASP I 84 31.27 -53.49 -4.17
N SER I 85 32.34 -54.26 -4.33
CA SER I 85 33.29 -54.46 -3.25
C SER I 85 34.00 -53.12 -3.04
N ALA I 86 33.88 -52.57 -1.84
CA ALA I 86 34.39 -51.25 -1.57
C ALA I 86 34.16 -50.88 -0.13
N VAL I 87 34.73 -49.75 0.27
CA VAL I 87 34.51 -49.21 1.61
C VAL I 87 33.37 -48.21 1.47
N TYR I 88 32.38 -48.31 2.34
CA TYR I 88 31.24 -47.40 2.27
C TYR I 88 31.18 -46.53 3.52
N TYR I 89 31.03 -45.22 3.30
CA TYR I 89 30.98 -44.26 4.38
C TYR I 89 29.63 -43.60 4.46
N CYS I 90 29.24 -43.24 5.68
CA CYS I 90 28.02 -42.50 5.91
C CYS I 90 28.55 -41.19 6.42
N ALA I 91 27.86 -40.10 6.13
CA ALA I 91 28.34 -38.79 6.56
C ALA I 91 27.23 -37.77 6.69
N ARG I 92 27.41 -36.84 7.63
CA ARG I 92 26.39 -35.85 7.92
C ARG I 92 26.62 -34.57 7.13
N THR I 93 25.79 -33.94 6.38
CA THR I 93 25.92 -32.56 5.95
C THR I 93 25.01 -31.79 6.88
N TYR I 94 25.32 -30.54 7.19
CA TYR I 94 24.62 -29.90 8.28
C TYR I 94 23.17 -29.58 7.91
N ALA I 95 22.28 -29.17 8.96
CA ALA I 95 20.82 -29.10 8.97
C ALA I 95 20.29 -28.13 7.89
N GLY I 96 19.22 -28.51 7.20
CA GLY I 96 18.57 -27.61 6.25
C GLY I 96 18.34 -28.15 4.85
N TYR I 97 17.56 -27.43 4.06
CA TYR I 97 17.37 -27.79 2.66
C TYR I 97 18.48 -27.24 1.77
N TYR I 98 19.49 -26.63 2.37
CA TYR I 98 20.61 -26.08 1.62
C TYR I 98 21.63 -27.17 1.31
N VAL I 99 22.57 -26.87 0.43
CA VAL I 99 23.54 -27.89 0.03
C VAL I 99 24.88 -27.66 0.68
N GLY I 100 25.06 -28.24 1.86
CA GLY I 100 26.16 -27.87 2.73
C GLY I 100 27.32 -28.80 2.53
N TYR I 101 28.39 -28.57 3.28
CA TYR I 101 29.52 -29.44 3.24
C TYR I 101 29.27 -30.68 4.09
N PHE I 102 30.12 -31.68 3.92
CA PHE I 102 30.04 -32.90 4.70
C PHE I 102 30.90 -32.76 5.93
N ASP I 103 30.28 -32.57 7.10
CA ASP I 103 31.07 -32.18 8.26
C ASP I 103 31.44 -33.30 9.22
N TYR I 104 30.78 -34.46 9.11
CA TYR I 104 31.10 -35.62 9.96
C TYR I 104 30.96 -36.95 9.22
N TRP I 105 32.13 -37.84 9.37
CA TRP I 105 32.09 -39.11 8.67
C TRP I 105 32.16 -40.33 9.58
N GLY I 106 31.48 -41.41 9.17
CA GLY I 106 31.52 -42.63 9.96
C GLY I 106 32.87 -43.27 9.69
N GLN I 107 33.22 -44.35 10.40
CA GLN I 107 34.54 -44.96 10.22
C GLN I 107 34.61 -45.80 8.93
N GLY I 108 33.44 -46.03 8.34
CA GLY I 108 33.35 -46.80 7.11
C GLY I 108 33.14 -48.30 7.31
N THR I 109 32.46 -48.93 6.36
CA THR I 109 32.16 -50.36 6.38
C THR I 109 32.72 -50.98 5.10
N THR I 110 33.53 -52.02 5.23
CA THR I 110 34.10 -52.66 4.06
C THR I 110 33.19 -53.78 3.60
N LEU I 111 32.85 -53.76 2.31
CA LEU I 111 32.04 -54.81 1.74
C LEU I 111 32.86 -55.62 0.75
N THR I 112 32.90 -56.94 0.97
CA THR I 112 33.55 -57.83 0.05
C THR I 112 32.48 -58.69 -0.62
N VAL I 113 32.44 -58.67 -1.94
CA VAL I 113 31.49 -59.47 -2.69
C VAL I 113 32.27 -60.59 -3.37
N SER I 114 31.99 -61.83 -2.98
CA SER I 114 32.73 -62.97 -3.50
C SER I 114 32.06 -64.29 -3.13
N ASP J 1 29.22 8.01 -36.14
CA ASP J 1 29.69 6.77 -35.51
C ASP J 1 30.85 7.01 -34.55
N ILE J 2 30.98 6.13 -33.56
CA ILE J 2 32.12 6.22 -32.63
C ILE J 2 33.37 5.73 -33.32
N VAL J 3 34.36 6.60 -33.42
CA VAL J 3 35.62 6.24 -34.06
C VAL J 3 36.64 5.86 -33.02
N MET J 4 37.32 4.74 -33.26
CA MET J 4 38.36 4.22 -32.38
C MET J 4 39.73 4.35 -33.03
N THR J 5 40.68 4.92 -32.28
CA THR J 5 42.01 5.14 -32.81
C THR J 5 43.01 4.35 -31.97
N GLN J 6 43.70 3.40 -32.62
CA GLN J 6 44.72 2.63 -31.93
C GLN J 6 46.10 3.14 -32.26
N SER J 7 46.98 3.09 -31.27
CA SER J 7 48.37 3.49 -31.48
C SER J 7 49.26 2.69 -30.53
N PRO J 8 50.49 2.36 -30.98
CA PRO J 8 50.92 2.66 -32.34
C PRO J 8 50.31 1.62 -33.27
N SER J 9 50.36 1.83 -34.58
CA SER J 9 49.86 0.82 -35.49
C SER J 9 50.81 -0.36 -35.59
N SER J 10 52.09 -0.16 -35.28
CA SER J 10 52.99 -1.31 -35.23
C SER J 10 54.11 -1.09 -34.22
N LEU J 11 54.49 -2.17 -33.55
CA LEU J 11 55.42 -2.10 -32.44
C LEU J 11 56.30 -3.33 -32.46
N ALA J 12 57.61 -3.13 -32.38
CA ALA J 12 58.53 -4.25 -32.38
C ALA J 12 59.24 -4.26 -31.03
N MET J 13 59.09 -5.34 -30.27
CA MET J 13 59.66 -5.42 -28.94
C MET J 13 60.39 -6.75 -28.75
N SER J 14 61.45 -6.76 -27.96
CA SER J 14 62.14 -8.02 -27.70
C SER J 14 61.48 -8.73 -26.53
N ALA J 15 61.73 -10.03 -26.43
CA ALA J 15 61.12 -10.82 -25.36
C ALA J 15 61.49 -10.28 -23.99
N GLY J 16 60.49 -10.15 -23.13
CA GLY J 16 60.67 -9.64 -21.78
C GLY J 16 60.39 -8.16 -21.60
N GLN J 17 60.17 -7.44 -22.71
CA GLN J 17 59.92 -6.02 -22.63
C GLN J 17 58.45 -5.80 -22.33
N LYS J 18 58.13 -4.64 -21.80
CA LYS J 18 56.74 -4.31 -21.52
C LYS J 18 56.14 -3.69 -22.77
N VAL J 19 54.96 -4.17 -23.14
CA VAL J 19 54.27 -3.69 -24.32
C VAL J 19 53.09 -2.85 -23.87
N THR J 20 52.97 -1.64 -24.41
CA THR J 20 51.84 -0.78 -24.13
C THR J 20 51.17 -0.36 -25.45
N MET J 21 49.87 -0.60 -25.54
CA MET J 21 49.09 -0.23 -26.72
C MET J 21 47.89 0.58 -26.25
N SER J 22 47.59 1.68 -26.91
CA SER J 22 46.52 2.59 -26.53
C SER J 22 45.33 2.47 -27.48
N CYS J 23 44.12 2.74 -26.99
CA CYS J 23 42.91 2.73 -27.81
C CYS J 23 42.04 3.93 -27.46
N LYS J 24 41.59 4.70 -28.44
CA LYS J 24 40.74 5.86 -28.15
C LYS J 24 39.29 5.59 -28.49
N SER J 25 38.36 6.21 -27.76
CA SER J 25 36.95 6.21 -28.21
C SER J 25 36.44 7.64 -28.39
N SER J 26 35.48 7.83 -29.31
CA SER J 26 34.93 9.16 -29.62
C SER J 26 33.91 9.60 -28.57
N GLN J 27 33.39 8.60 -27.86
CA GLN J 27 32.34 8.80 -26.86
C GLN J 27 32.71 7.95 -25.65
N SER J 28 32.27 8.33 -24.46
CA SER J 28 32.63 7.53 -23.30
C SER J 28 31.99 6.15 -23.35
N LEU J 29 32.76 5.14 -22.96
CA LEU J 29 32.23 3.77 -22.89
C LEU J 29 31.66 3.40 -21.53
N PHE J 30 31.65 4.35 -20.60
CA PHE J 30 31.19 4.10 -19.23
C PHE J 30 29.68 4.14 -19.15
N ASP J 31 29.07 3.04 -18.72
CA ASP J 31 27.63 2.99 -18.54
C ASP J 31 27.40 3.05 -17.05
N SER J 32 26.78 4.14 -16.58
CA SER J 32 26.55 4.31 -15.14
C SER J 32 25.64 3.20 -14.62
N ARG J 33 24.73 2.52 -15.49
CA ARG J 33 23.80 1.44 -15.20
C ARG J 33 24.46 0.33 -14.34
N ASN J 34 25.62 -0.18 -14.78
CA ASN J 34 26.40 -1.06 -13.94
C ASN J 34 27.86 -0.62 -13.70
N GLN J 35 28.17 0.62 -14.03
CA GLN J 35 29.49 1.21 -13.80
C GLN J 35 30.61 0.44 -14.49
N LYS J 36 30.38 -0.06 -15.70
CA LYS J 36 31.41 -0.73 -16.47
C LYS J 36 31.80 0.06 -17.74
N ASN J 37 33.06 -0.11 -18.18
CA ASN J 37 33.53 0.49 -19.44
C ASN J 37 33.49 -0.56 -20.55
N TYR J 38 32.59 -0.41 -21.54
CA TYR J 38 32.33 -1.49 -22.48
C TYR J 38 33.42 -1.49 -23.57
N LEU J 39 34.58 -1.99 -23.20
CA LEU J 39 35.71 -2.11 -24.14
C LEU J 39 36.17 -3.58 -24.13
N ALA J 40 36.42 -4.17 -25.29
CA ALA J 40 37.01 -5.48 -25.38
C ALA J 40 38.31 -5.43 -26.20
N TRP J 41 39.26 -6.26 -25.81
CA TRP J 41 40.48 -6.44 -26.61
C TRP J 41 40.52 -7.85 -27.15
N TYR J 42 40.99 -7.96 -28.40
CA TYR J 42 41.03 -9.23 -29.11
C TYR J 42 42.44 -9.42 -29.62
N GLN J 43 42.88 -10.65 -29.76
CA GLN J 43 44.19 -11.03 -30.28
C GLN J 43 43.98 -11.91 -31.50
N GLN J 44 44.53 -11.51 -32.62
CA GLN J 44 44.45 -12.32 -33.82
C GLN J 44 45.86 -12.72 -34.23
N LYS J 45 46.19 -13.98 -33.96
CA LYS J 45 47.47 -14.54 -34.35
C LYS J 45 47.44 -14.89 -35.82
N PRO J 46 48.64 -15.02 -36.44
CA PRO J 46 48.71 -15.32 -37.87
C PRO J 46 47.86 -16.54 -38.26
N GLY J 47 46.91 -16.33 -39.16
CA GLY J 47 46.09 -17.41 -39.69
C GLY J 47 44.91 -17.83 -38.82
N GLN J 48 44.70 -17.14 -37.71
CA GLN J 48 43.63 -17.52 -36.78
C GLN J 48 42.55 -16.46 -36.71
N SER J 49 41.47 -16.81 -36.00
CA SER J 49 40.37 -15.90 -35.75
C SER J 49 40.65 -15.13 -34.46
N PRO J 50 40.04 -13.94 -34.31
CA PRO J 50 40.26 -13.16 -33.09
C PRO J 50 39.89 -13.90 -31.82
N THR J 51 40.72 -13.74 -30.79
CA THR J 51 40.48 -14.33 -29.49
C THR J 51 40.33 -13.24 -28.46
N LEU J 52 39.29 -13.34 -27.65
CA LEU J 52 39.01 -12.36 -26.61
C LEU J 52 40.08 -12.37 -25.51
N LEU J 53 40.73 -11.23 -25.28
CA LEU J 53 41.68 -11.13 -24.16
C LEU J 53 41.03 -10.51 -22.93
N VAL J 54 40.41 -9.34 -23.14
CA VAL J 54 39.94 -8.50 -22.03
C VAL J 54 38.55 -7.98 -22.39
N TYR J 55 37.65 -7.87 -21.41
CA TYR J 55 36.36 -7.21 -21.65
C TYR J 55 35.98 -6.34 -20.46
N PHE J 56 34.99 -5.49 -20.66
CA PHE J 56 34.68 -4.47 -19.66
C PHE J 56 35.92 -3.68 -19.25
N ALA J 57 36.72 -3.37 -20.26
CA ALA J 57 37.98 -2.63 -20.14
C ALA J 57 39.11 -3.32 -19.39
N SER J 58 38.81 -3.99 -18.28
CA SER J 58 39.87 -4.56 -17.45
C SER J 58 39.63 -5.98 -16.97
N THR J 59 38.55 -6.60 -17.40
CA THR J 59 38.27 -7.97 -16.96
C THR J 59 38.93 -9.02 -17.85
N ARG J 60 39.85 -9.84 -17.26
CA ARG J 60 40.58 -10.75 -18.15
C ARG J 60 39.75 -12.01 -18.40
N GLU J 61 39.67 -12.45 -19.65
CA GLU J 61 38.95 -13.68 -19.95
C GLU J 61 39.71 -14.90 -19.40
N SER J 62 38.97 -15.89 -18.91
CA SER J 62 39.61 -17.06 -18.32
C SER J 62 40.45 -17.79 -19.35
N GLY J 63 41.66 -18.20 -18.95
CA GLY J 63 42.58 -18.83 -19.86
C GLY J 63 43.60 -17.89 -20.45
N VAL J 64 43.33 -16.59 -20.39
CA VAL J 64 44.28 -15.61 -20.90
C VAL J 64 45.38 -15.41 -19.87
N PRO J 65 46.67 -15.43 -20.35
CA PRO J 65 47.81 -15.25 -19.45
C PRO J 65 47.70 -13.96 -18.64
N ASP J 66 48.13 -13.99 -17.38
CA ASP J 66 48.00 -12.81 -16.53
C ASP J 66 48.91 -11.66 -16.94
N ARG J 67 49.84 -11.90 -17.87
CA ARG J 67 50.67 -10.81 -18.37
C ARG J 67 49.85 -9.81 -19.18
N PHE J 68 48.65 -10.22 -19.60
CA PHE J 68 47.77 -9.32 -20.33
C PHE J 68 46.93 -8.53 -19.37
N ILE J 69 47.08 -7.20 -19.40
CA ILE J 69 46.32 -6.33 -18.50
C ILE J 69 45.61 -5.23 -19.30
N GLY J 70 44.30 -5.17 -19.16
CA GLY J 70 43.53 -4.09 -19.73
C GLY J 70 43.22 -3.07 -18.65
N SER J 71 43.19 -1.79 -19.03
CA SER J 71 42.90 -0.72 -18.09
C SER J 71 42.40 0.51 -18.84
N GLY J 72 42.06 1.54 -18.09
CA GLY J 72 41.56 2.76 -18.69
C GLY J 72 40.05 2.89 -18.52
N SER J 73 39.52 4.03 -18.97
CA SER J 73 38.09 4.28 -18.85
C SER J 73 37.69 5.50 -19.67
N GLY J 74 36.40 5.64 -19.94
CA GLY J 74 35.92 6.78 -20.68
C GLY J 74 36.34 6.75 -22.13
N THR J 75 37.35 7.54 -22.47
CA THR J 75 37.80 7.63 -23.86
C THR J 75 39.22 7.09 -24.08
N ASP J 76 39.91 6.73 -23.00
CA ASP J 76 41.31 6.32 -23.13
C ASP J 76 41.56 4.96 -22.49
N PHE J 77 41.93 3.99 -23.32
CA PHE J 77 42.15 2.62 -22.85
C PHE J 77 43.53 2.10 -23.20
N THR J 78 44.01 1.13 -22.44
CA THR J 78 45.35 0.61 -22.64
C THR J 78 45.34 -0.89 -22.51
N LEU J 79 46.09 -1.57 -23.37
CA LEU J 79 46.33 -2.98 -23.18
C LEU J 79 47.82 -3.10 -22.94
N THR J 80 48.19 -3.71 -21.82
CA THR J 80 49.60 -3.87 -21.46
C THR J 80 49.98 -5.34 -21.45
N ILE J 81 51.14 -5.67 -22.00
CA ILE J 81 51.72 -6.99 -21.80
C ILE J 81 52.94 -6.80 -20.91
N SER J 82 52.85 -7.26 -19.67
CA SER J 82 53.88 -6.96 -18.68
C SER J 82 55.26 -7.43 -19.12
N SER J 83 55.31 -8.63 -19.71
CA SER J 83 56.54 -9.21 -20.18
C SER J 83 56.25 -9.98 -21.48
N VAL J 84 56.51 -9.36 -22.63
CA VAL J 84 56.14 -9.99 -23.91
C VAL J 84 56.88 -11.30 -24.17
N GLN J 85 56.15 -12.31 -24.65
CA GLN J 85 56.73 -13.61 -25.02
C GLN J 85 56.70 -13.76 -26.54
N ALA J 86 57.50 -14.67 -27.07
CA ALA J 86 57.56 -14.89 -28.52
C ALA J 86 56.20 -15.24 -29.10
N GLU J 87 55.41 -16.01 -28.36
CA GLU J 87 54.10 -16.43 -28.85
C GLU J 87 53.09 -15.28 -28.92
N ASP J 88 53.43 -14.12 -28.37
CA ASP J 88 52.53 -12.96 -28.40
C ASP J 88 52.54 -12.22 -29.74
N LEU J 89 53.37 -12.69 -30.67
CA LEU J 89 53.31 -12.24 -32.05
C LEU J 89 51.87 -12.30 -32.54
N ALA J 90 51.27 -11.15 -32.82
CA ALA J 90 49.86 -11.10 -33.25
C ALA J 90 49.45 -9.66 -33.61
N ASP J 91 48.28 -9.54 -34.25
CA ASP J 91 47.64 -8.23 -34.37
C ASP J 91 46.67 -8.12 -33.19
N TYR J 92 46.63 -6.93 -32.59
CA TYR J 92 45.77 -6.67 -31.43
C TYR J 92 44.75 -5.60 -31.81
N PHE J 93 43.46 -5.78 -31.51
CA PHE J 93 42.37 -4.87 -31.82
C PHE J 93 41.49 -4.58 -30.57
N CYS J 94 41.00 -3.35 -30.58
CA CYS J 94 40.07 -2.87 -29.57
C CYS J 94 38.70 -2.66 -30.18
N GLN J 95 37.61 -2.90 -29.48
CA GLN J 95 36.30 -2.67 -30.08
C GLN J 95 35.35 -2.15 -29.02
N GLN J 96 34.61 -1.09 -29.32
CA GLN J 96 33.74 -0.59 -28.24
C GLN J 96 32.47 -1.45 -28.24
N HIS J 97 31.83 -1.65 -27.09
CA HIS J 97 30.58 -2.34 -27.03
C HIS J 97 29.56 -1.51 -26.23
N TYR J 98 29.62 -0.24 -26.54
CA TYR J 98 28.78 0.79 -25.98
C TYR J 98 27.79 1.32 -26.99
N SER J 99 26.56 0.89 -27.11
CA SER J 99 25.71 1.43 -28.20
C SER J 99 26.18 0.97 -29.57
N THR J 100 25.40 1.07 -30.53
CA THR J 100 25.73 0.69 -31.91
C THR J 100 26.17 1.87 -32.74
N PRO J 101 26.84 1.70 -33.84
CA PRO J 101 27.35 0.53 -34.47
C PRO J 101 28.64 0.11 -33.75
N TYR J 102 28.98 -1.14 -33.85
CA TYR J 102 30.23 -1.62 -33.23
C TYR J 102 31.28 -1.23 -34.26
N THR J 103 32.38 -0.65 -33.83
CA THR J 103 33.47 -0.27 -34.72
C THR J 103 34.78 -0.82 -34.15
N PHE J 104 35.75 -1.17 -35.00
CA PHE J 104 36.99 -1.72 -34.46
C PHE J 104 38.10 -0.71 -34.58
N GLY J 105 39.12 -0.82 -33.75
CA GLY J 105 40.25 0.14 -33.89
C GLY J 105 41.00 -0.46 -35.09
N GLY J 106 42.01 0.36 -35.58
CA GLY J 106 42.76 -0.04 -36.75
C GLY J 106 43.70 -1.20 -36.54
N GLY J 107 44.04 -1.45 -35.28
CA GLY J 107 44.89 -2.57 -34.94
C GLY J 107 46.34 -2.20 -34.67
N THR J 108 46.99 -2.99 -33.83
CA THR J 108 48.43 -2.83 -33.57
C THR J 108 49.09 -4.15 -33.92
N LYS J 109 50.10 -4.11 -34.79
CA LYS J 109 50.83 -5.30 -35.13
C LYS J 109 52.05 -5.40 -34.24
N LEU J 110 52.09 -6.41 -33.39
CA LEU J 110 53.20 -6.61 -32.47
C LEU J 110 54.14 -7.62 -33.08
N GLU J 111 55.36 -7.17 -33.37
CA GLU J 111 56.44 -8.00 -33.89
C GLU J 111 57.49 -8.21 -32.80
N ILE J 112 58.24 -9.31 -32.88
CA ILE J 112 59.18 -9.67 -31.84
C ILE J 112 60.61 -9.43 -32.36
N LYS J 113 61.40 -8.72 -31.58
CA LYS J 113 62.82 -8.51 -31.92
C LYS J 113 63.64 -9.62 -31.25
N ARG J 114 64.74 -10.00 -31.89
CA ARG J 114 65.58 -11.06 -31.34
C ARG J 114 67.00 -10.92 -31.91
N ALA J 115 67.91 -11.75 -31.43
CA ALA J 115 69.29 -11.69 -31.92
C ALA J 115 69.42 -12.21 -33.36
N SER K 1 31.33 -22.38 -43.33
CA SER K 1 31.38 -22.90 -44.68
C SER K 1 32.74 -22.65 -45.35
N GLY K 2 33.05 -23.44 -46.37
CA GLY K 2 34.32 -23.29 -47.08
C GLY K 2 34.50 -22.08 -47.97
N ALA K 3 35.73 -21.91 -48.45
CA ALA K 3 36.11 -20.76 -49.28
C ALA K 3 35.25 -20.72 -50.53
N GLU K 4 35.02 -19.52 -51.04
CA GLU K 4 34.14 -19.36 -52.19
C GLU K 4 34.63 -18.37 -53.23
N LEU K 5 34.41 -18.74 -54.48
CA LEU K 5 34.80 -17.92 -55.62
C LEU K 5 33.48 -17.57 -56.30
N ALA K 6 33.24 -16.29 -56.50
CA ALA K 6 32.02 -15.85 -57.17
C ALA K 6 32.42 -14.76 -58.16
N ARG K 7 31.59 -14.56 -59.18
CA ARG K 7 31.87 -13.53 -60.17
C ARG K 7 31.17 -12.22 -59.83
N PRO K 8 31.74 -11.09 -60.27
CA PRO K 8 31.15 -9.78 -60.00
C PRO K 8 29.70 -9.73 -60.47
N GLY K 9 28.82 -9.13 -59.67
CA GLY K 9 27.42 -9.09 -60.02
C GLY K 9 26.61 -10.24 -59.46
N ALA K 10 27.28 -11.28 -58.99
CA ALA K 10 26.58 -12.44 -58.46
C ALA K 10 26.28 -12.25 -56.97
N SER K 11 25.90 -13.35 -56.33
CA SER K 11 25.57 -13.34 -54.92
C SER K 11 26.08 -14.65 -54.31
N VAL K 12 26.39 -14.62 -53.02
CA VAL K 12 26.82 -15.82 -52.32
C VAL K 12 26.14 -15.91 -50.97
N LYS K 13 26.02 -17.13 -50.47
CA LYS K 13 25.42 -17.35 -49.17
C LYS K 13 26.33 -18.29 -48.39
N LEU K 14 26.86 -17.81 -47.28
CA LEU K 14 27.76 -18.61 -46.46
C LEU K 14 27.09 -18.92 -45.13
N SER K 15 27.44 -20.07 -44.55
CA SER K 15 26.86 -20.49 -43.29
C SER K 15 27.81 -20.50 -42.10
N CYS K 16 27.23 -20.62 -40.92
CA CYS K 16 27.95 -20.73 -39.67
C CYS K 16 27.15 -21.68 -38.78
N LYS K 17 27.69 -22.87 -38.54
CA LYS K 17 27.02 -23.85 -37.69
C LYS K 17 27.42 -23.67 -36.23
N ALA K 18 26.43 -23.45 -35.36
CA ALA K 18 26.63 -23.33 -33.93
C ALA K 18 26.58 -24.69 -33.23
N SER K 19 27.19 -24.75 -32.05
CA SER K 19 27.22 -25.97 -31.26
C SER K 19 27.76 -25.68 -29.87
N GLY K 20 27.29 -26.43 -28.88
CA GLY K 20 27.79 -26.28 -27.53
C GLY K 20 26.96 -25.40 -26.62
N TYR K 21 25.84 -24.88 -27.11
CA TYR K 21 24.99 -24.01 -26.31
C TYR K 21 23.59 -23.85 -26.87
N THR K 22 22.69 -23.30 -26.05
CA THR K 22 21.31 -23.07 -26.45
C THR K 22 21.28 -21.96 -27.49
N PHE K 23 21.47 -22.36 -28.74
CA PHE K 23 21.58 -21.44 -29.87
C PHE K 23 20.61 -20.24 -29.85
N THR K 24 19.33 -20.51 -29.59
CA THR K 24 18.30 -19.48 -29.75
C THR K 24 18.33 -18.37 -28.71
N SER K 25 19.16 -18.56 -27.67
CA SER K 25 19.34 -17.56 -26.62
C SER K 25 20.44 -16.53 -26.87
N TYR K 26 21.22 -16.68 -27.97
CA TYR K 26 22.40 -15.82 -28.15
C TYR K 26 22.46 -15.12 -29.51
N TRP K 27 23.00 -13.90 -29.52
CA TRP K 27 23.04 -13.09 -30.74
C TRP K 27 24.30 -13.40 -31.54
N MET K 28 24.20 -13.33 -32.86
CA MET K 28 25.32 -13.65 -33.74
C MET K 28 25.81 -12.42 -34.51
N GLN K 29 27.12 -12.24 -34.56
CA GLN K 29 27.73 -11.15 -35.31
C GLN K 29 28.39 -11.62 -36.60
N TRP K 30 28.50 -10.70 -37.56
CA TRP K 30 29.20 -10.97 -38.80
C TRP K 30 30.22 -9.85 -39.01
N VAL K 31 31.45 -10.23 -39.32
CA VAL K 31 32.54 -9.27 -39.40
C VAL K 31 33.36 -9.47 -40.65
N LYS K 32 33.79 -8.37 -41.35
CA LYS K 32 34.54 -8.39 -42.59
C LYS K 32 36.00 -8.02 -42.33
N GLN K 33 36.92 -8.73 -43.00
CA GLN K 33 38.34 -8.36 -42.93
C GLN K 33 38.97 -8.54 -44.30
N ARG K 34 39.26 -7.43 -44.96
CA ARG K 34 39.90 -7.45 -46.27
C ARG K 34 41.37 -7.80 -46.11
N PRO K 35 42.00 -8.29 -47.19
CA PRO K 35 43.42 -8.69 -47.15
C PRO K 35 44.33 -7.57 -46.64
N GLY K 36 45.04 -7.86 -45.55
CA GLY K 36 45.95 -6.88 -44.97
C GLY K 36 45.27 -5.73 -44.23
N GLN K 37 43.94 -5.81 -44.10
CA GLN K 37 43.16 -4.74 -43.46
C GLN K 37 42.68 -5.12 -42.05
N GLY K 38 41.96 -4.20 -41.42
CA GLY K 38 41.44 -4.45 -40.08
C GLY K 38 40.05 -5.06 -40.10
N LEU K 39 39.37 -5.03 -38.97
CA LEU K 39 38.04 -5.64 -38.84
C LEU K 39 36.96 -4.60 -39.06
N GLU K 40 35.88 -5.01 -39.73
CA GLU K 40 34.75 -4.15 -39.97
C GLU K 40 33.47 -4.92 -39.59
N TRP K 41 32.57 -4.26 -38.87
CA TRP K 41 31.30 -4.84 -38.45
C TRP K 41 30.29 -4.81 -39.60
N ILE K 42 29.64 -5.97 -39.87
CA ILE K 42 28.63 -6.05 -40.94
C ILE K 42 27.25 -5.90 -40.31
N GLY K 43 26.98 -6.74 -39.32
CA GLY K 43 25.68 -6.70 -38.68
C GLY K 43 25.54 -7.79 -37.64
N ALA K 44 24.36 -7.86 -37.04
CA ALA K 44 24.10 -8.85 -36.01
C ALA K 44 22.67 -9.36 -36.10
N ILE K 45 22.46 -10.58 -35.65
CA ILE K 45 21.15 -11.20 -35.76
C ILE K 45 20.85 -11.92 -34.45
N TYR K 46 19.57 -11.95 -34.08
CA TYR K 46 19.12 -12.69 -32.90
C TYR K 46 18.25 -13.82 -33.49
N PRO K 47 18.83 -15.02 -33.66
CA PRO K 47 18.11 -16.21 -34.11
C PRO K 47 16.81 -16.54 -33.40
N GLY K 48 16.76 -16.25 -32.10
CA GLY K 48 15.56 -16.51 -31.33
C GLY K 48 14.32 -15.74 -31.78
N ASP K 49 14.50 -14.52 -32.26
CA ASP K 49 13.36 -13.70 -32.64
C ASP K 49 13.46 -13.11 -34.05
N GLY K 50 14.58 -13.38 -34.72
CA GLY K 50 14.77 -12.87 -36.07
C GLY K 50 15.20 -11.43 -36.22
N TYR K 51 15.55 -10.78 -35.11
CA TYR K 51 15.95 -9.37 -35.16
C TYR K 51 17.32 -9.20 -35.81
N THR K 52 17.46 -8.16 -36.62
CA THR K 52 18.72 -7.88 -37.29
C THR K 52 19.16 -6.44 -37.05
N ARG K 53 20.46 -6.18 -37.07
CA ARG K 53 21.03 -4.84 -37.00
C ARG K 53 22.13 -4.80 -38.06
N TYR K 54 22.16 -3.74 -38.85
CA TYR K 54 23.16 -3.61 -39.89
C TYR K 54 23.95 -2.32 -39.86
N THR K 55 25.22 -2.41 -40.25
CA THR K 55 26.05 -1.23 -40.34
C THR K 55 25.44 -0.55 -41.56
N GLN K 56 25.25 0.76 -41.51
CA GLN K 56 24.68 1.48 -42.64
C GLN K 56 25.40 1.12 -43.94
N LYS K 57 26.73 1.04 -43.87
CA LYS K 57 27.58 0.66 -44.99
C LYS K 57 27.13 -0.63 -45.69
N PHE K 58 26.66 -1.60 -44.92
CA PHE K 58 26.27 -2.89 -45.48
C PHE K 58 24.79 -3.10 -45.73
N LYS K 59 23.98 -2.07 -45.50
CA LYS K 59 22.56 -2.23 -45.76
C LYS K 59 22.40 -2.31 -47.28
N GLY K 60 21.77 -3.38 -47.76
CA GLY K 60 21.62 -3.56 -49.18
C GLY K 60 22.67 -4.49 -49.76
N MET K 61 23.72 -4.77 -48.97
CA MET K 61 24.79 -5.68 -49.38
C MET K 61 24.64 -7.03 -48.70
N ALA K 62 24.42 -6.99 -47.38
CA ALA K 62 24.34 -8.21 -46.59
C ALA K 62 22.94 -8.50 -46.07
N THR K 63 22.54 -9.79 -46.12
CA THR K 63 21.26 -10.23 -45.56
C THR K 63 21.55 -11.34 -44.58
N LEU K 64 21.13 -11.14 -43.32
CA LEU K 64 21.33 -12.16 -42.30
C LEU K 64 20.04 -12.92 -41.99
N THR K 65 20.18 -14.23 -41.81
CA THR K 65 19.05 -15.10 -41.49
C THR K 65 19.62 -16.23 -40.66
N ALA K 66 18.74 -17.08 -40.13
CA ALA K 66 19.18 -18.19 -39.29
C ALA K 66 18.12 -19.29 -39.37
N ASP K 67 18.54 -20.51 -39.06
CA ASP K 67 17.66 -21.67 -39.11
C ASP K 67 17.77 -22.33 -37.73
N LYS K 68 16.78 -22.09 -36.88
CA LYS K 68 16.75 -22.65 -35.53
C LYS K 68 16.97 -24.15 -35.48
N SER K 69 16.25 -24.88 -36.33
CA SER K 69 16.32 -26.34 -36.32
C SER K 69 17.70 -26.91 -36.64
N SER K 70 18.54 -26.13 -37.31
CA SER K 70 19.90 -26.61 -37.59
C SER K 70 20.95 -25.76 -36.89
N SER K 71 20.52 -24.88 -36.00
CA SER K 71 21.43 -24.01 -35.27
C SER K 71 22.45 -23.39 -36.21
N THR K 72 21.98 -22.85 -37.33
CA THR K 72 22.90 -22.30 -38.33
C THR K 72 22.52 -20.90 -38.73
N ALA K 73 23.52 -20.03 -38.79
CA ALA K 73 23.29 -18.64 -39.18
C ALA K 73 23.83 -18.51 -40.60
N TYR K 74 23.20 -17.67 -41.40
CA TYR K 74 23.63 -17.48 -42.78
C TYR K 74 23.79 -16.01 -43.09
N MET K 75 24.69 -15.72 -44.03
CA MET K 75 24.86 -14.36 -44.51
C MET K 75 24.97 -14.40 -46.01
N GLN K 76 24.06 -13.68 -46.65
CA GLN K 76 24.04 -13.58 -48.10
C GLN K 76 24.61 -12.24 -48.49
N LEU K 77 25.51 -12.23 -49.46
CA LEU K 77 26.12 -11.00 -49.95
C LEU K 77 25.71 -10.87 -51.42
N THR K 78 25.08 -9.76 -51.77
CA THR K 78 24.61 -9.54 -53.13
C THR K 78 25.36 -8.45 -53.91
N SER K 79 25.12 -8.41 -55.22
CA SER K 79 25.73 -7.44 -56.11
C SER K 79 27.24 -7.34 -55.88
N LEU K 80 27.90 -8.50 -55.91
CA LEU K 80 29.32 -8.58 -55.60
C LEU K 80 30.28 -7.82 -56.50
N ALA K 81 31.33 -7.28 -55.88
CA ALA K 81 32.36 -6.53 -56.58
C ALA K 81 33.68 -6.96 -55.92
N SER K 82 34.80 -6.52 -56.47
CA SER K 82 36.09 -6.90 -55.90
C SER K 82 36.26 -6.34 -54.48
N GLU K 83 35.50 -5.31 -54.14
CA GLU K 83 35.54 -4.72 -52.80
C GLU K 83 35.01 -5.70 -51.74
N ASP K 84 34.28 -6.71 -52.19
CA ASP K 84 33.70 -7.69 -51.29
C ASP K 84 34.64 -8.88 -51.04
N SER K 85 35.75 -8.94 -51.76
CA SER K 85 36.68 -10.04 -51.56
C SER K 85 37.32 -9.82 -50.19
N ALA K 86 37.16 -10.79 -49.31
CA ALA K 86 37.59 -10.65 -47.93
C ALA K 86 37.33 -11.91 -47.17
N VAL K 87 37.83 -11.95 -45.93
CA VAL K 87 37.55 -13.06 -45.03
C VAL K 87 36.37 -12.61 -44.18
N TYR K 88 35.37 -13.48 -44.06
CA TYR K 88 34.19 -13.16 -43.28
C TYR K 88 34.06 -14.07 -42.08
N TYR K 89 33.84 -13.46 -40.91
CA TYR K 89 33.73 -14.20 -39.67
C TYR K 89 32.34 -14.09 -39.08
N CYS K 90 31.93 -15.14 -38.39
CA CYS K 90 30.66 -15.14 -37.70
C CYS K 90 31.12 -15.23 -36.26
N ALA K 91 30.37 -14.62 -35.35
CA ALA K 91 30.77 -14.63 -33.95
C ALA K 91 29.60 -14.45 -33.00
N ARG K 92 29.73 -15.06 -31.83
CA ARG K 92 28.64 -15.04 -30.86
C ARG K 92 28.81 -13.90 -29.86
N THR K 93 27.97 -12.99 -29.54
CA THR K 93 28.02 -12.16 -28.35
C THR K 93 27.04 -12.82 -27.38
N TYR K 94 27.30 -12.72 -26.09
CA TYR K 94 26.54 -13.58 -25.18
C TYR K 94 25.09 -13.13 -25.08
N ALA K 95 24.16 -14.01 -24.41
CA ALA K 95 22.70 -14.01 -24.43
C ALA K 95 22.13 -12.70 -23.85
N GLY K 96 21.10 -12.15 -24.49
CA GLY K 96 20.40 -10.98 -23.96
C GLY K 96 20.23 -9.81 -24.91
N TYR K 97 19.41 -8.84 -24.52
CA TYR K 97 19.26 -7.62 -25.29
C TYR K 97 20.35 -6.60 -24.99
N TYR K 98 21.31 -6.99 -24.16
CA TYR K 98 22.40 -6.09 -23.81
C TYR K 98 23.50 -6.12 -24.88
N VAL K 99 24.43 -5.19 -24.80
CA VAL K 99 25.46 -5.11 -25.85
C VAL K 99 26.78 -5.65 -25.34
N GLY K 100 26.97 -6.95 -25.53
CA GLY K 100 28.04 -7.66 -24.86
C GLY K 100 29.25 -7.76 -25.74
N TYR K 101 30.29 -8.39 -25.23
CA TYR K 101 31.48 -8.63 -26.01
C TYR K 101 31.28 -9.80 -26.94
N PHE K 102 32.19 -9.94 -27.90
CA PHE K 102 32.16 -11.06 -28.83
C PHE K 102 33.00 -12.18 -28.26
N ASP K 103 32.36 -13.24 -27.77
CA ASP K 103 33.11 -14.22 -26.99
C ASP K 103 33.53 -15.48 -27.75
N TYR K 104 32.94 -15.72 -28.92
CA TYR K 104 33.30 -16.89 -29.75
C TYR K 104 33.25 -16.59 -31.25
N TRP K 105 34.46 -17.00 -31.98
CA TRP K 105 34.50 -16.72 -33.41
C TRP K 105 34.62 -17.96 -34.28
N GLY K 106 34.02 -17.90 -35.47
CA GLY K 106 34.11 -19.02 -36.39
C GLY K 106 35.50 -18.96 -37.00
N GLN K 107 35.91 -19.95 -37.79
CA GLN K 107 37.26 -19.95 -38.37
C GLN K 107 37.37 -18.99 -39.55
N GLY K 108 36.23 -18.49 -40.01
CA GLY K 108 36.22 -17.56 -41.13
C GLY K 108 36.08 -18.21 -42.50
N THR K 109 35.44 -17.50 -43.42
CA THR K 109 35.21 -17.96 -44.79
C THR K 109 35.83 -16.93 -45.73
N THR K 110 36.69 -17.36 -46.65
CA THR K 110 37.30 -16.44 -47.58
C THR K 110 36.47 -16.34 -48.84
N LEU K 111 36.14 -15.12 -49.23
CA LEU K 111 35.39 -14.89 -50.45
C LEU K 111 36.27 -14.20 -51.48
N THR K 112 36.38 -14.81 -52.65
CA THR K 112 37.10 -14.20 -53.76
C THR K 112 36.07 -13.83 -54.83
N VAL K 113 36.05 -12.56 -55.22
CA VAL K 113 35.15 -12.10 -56.26
C VAL K 113 36.00 -11.79 -57.48
N SER K 114 35.79 -12.54 -58.56
CA SER K 114 36.60 -12.39 -59.76
C SER K 114 36.00 -13.14 -60.94
N ASP L 1 28.69 39.87 -3.37
CA ASP L 1 29.24 38.91 -4.31
C ASP L 1 30.35 38.05 -3.69
N ILE L 2 30.53 36.85 -4.22
CA ILE L 2 31.62 35.99 -3.76
C ILE L 2 32.93 36.51 -4.30
N VAL L 3 33.84 36.85 -3.40
CA VAL L 3 35.15 37.36 -3.81
C VAL L 3 36.17 36.25 -3.78
N MET L 4 36.96 36.14 -4.84
CA MET L 4 38.01 35.14 -4.97
C MET L 4 39.39 35.80 -4.90
N THR L 5 40.25 35.26 -4.06
CA THR L 5 41.58 35.82 -3.87
C THR L 5 42.63 34.79 -4.28
N GLN L 6 43.41 35.12 -5.30
CA GLN L 6 44.47 34.23 -5.73
C GLN L 6 45.81 34.70 -5.22
N SER L 7 46.66 33.75 -4.88
CA SER L 7 48.01 34.05 -4.43
C SER L 7 48.95 32.91 -4.83
N PRO L 8 50.21 33.25 -5.14
CA PRO L 8 50.66 34.63 -5.23
C PRO L 8 50.17 35.21 -6.55
N SER L 9 50.24 36.52 -6.73
CA SER L 9 49.87 37.09 -8.01
C SER L 9 50.93 36.84 -9.07
N SER L 10 52.17 36.59 -8.66
CA SER L 10 53.18 36.22 -9.64
C SER L 10 54.23 35.30 -9.03
N LEU L 11 54.70 34.36 -9.82
CA LEU L 11 55.57 33.31 -9.34
C LEU L 11 56.56 32.96 -10.43
N ALA L 12 57.85 32.95 -10.09
CA ALA L 12 58.88 32.61 -11.06
C ALA L 12 59.54 31.32 -10.60
N MET L 13 59.46 30.27 -11.43
CA MET L 13 59.99 28.97 -11.06
C MET L 13 60.84 28.40 -12.20
N SER L 14 61.88 27.64 -11.86
CA SER L 14 62.67 27.01 -12.92
C SER L 14 62.05 25.69 -13.32
N ALA L 15 62.41 25.20 -14.50
CA ALA L 15 61.85 23.95 -14.99
C ALA L 15 62.12 22.80 -14.04
N GLY L 16 61.08 22.02 -13.76
CA GLY L 16 61.18 20.88 -12.86
C GLY L 16 60.76 21.15 -11.42
N GLN L 17 60.51 22.42 -11.09
CA GLN L 17 60.12 22.76 -9.74
C GLN L 17 58.63 22.56 -9.58
N LYS L 18 58.18 22.38 -8.36
CA LYS L 18 56.75 22.23 -8.10
C LYS L 18 56.15 23.60 -7.94
N VAL L 19 55.02 23.81 -8.61
CA VAL L 19 54.33 25.08 -8.56
C VAL L 19 53.07 24.90 -7.75
N THR L 20 52.85 25.78 -6.78
CA THR L 20 51.63 25.77 -5.98
C THR L 20 50.97 27.14 -6.04
N MET L 21 49.70 27.17 -6.43
CA MET L 21 48.93 28.41 -6.49
C MET L 21 47.65 28.21 -5.70
N SER L 22 47.26 29.16 -4.88
CA SER L 22 46.11 29.07 -4.00
C SER L 22 44.97 29.94 -4.53
N CYS L 23 43.72 29.55 -4.23
CA CYS L 23 42.55 30.34 -4.60
C CYS L 23 41.54 30.35 -3.45
N LYS L 24 41.07 31.52 -3.04
CA LYS L 24 40.10 31.60 -1.93
C LYS L 24 38.69 31.83 -2.44
N SER L 25 37.69 31.33 -1.71
CA SER L 25 36.30 31.76 -1.99
C SER L 25 35.66 32.35 -0.73
N SER L 26 34.72 33.29 -0.92
CA SER L 26 34.05 33.97 0.21
C SER L 26 32.97 33.11 0.83
N GLN L 27 32.53 32.14 0.05
CA GLN L 27 31.43 31.24 0.42
C GLN L 27 31.84 29.84 0.00
N SER L 28 31.33 28.81 0.67
CA SER L 28 31.73 27.47 0.30
C SER L 28 31.22 27.10 -1.09
N LEU L 29 32.06 26.43 -1.87
CA LEU L 29 31.66 25.96 -3.20
C LEU L 29 31.10 24.55 -3.21
N PHE L 30 30.96 23.95 -2.03
CA PHE L 30 30.50 22.56 -1.91
C PHE L 30 28.97 22.50 -1.99
N ASP L 31 28.46 21.77 -2.98
CA ASP L 31 27.03 21.58 -3.11
C ASP L 31 26.75 20.18 -2.63
N SER L 32 26.02 20.04 -1.53
CA SER L 32 25.73 18.72 -0.95
C SER L 32 24.91 17.90 -1.95
N ARG L 33 24.10 18.54 -2.95
CA ARG L 33 23.25 17.94 -3.98
C ARG L 33 23.99 16.79 -4.71
N ASN L 34 25.20 17.05 -5.20
CA ASN L 34 26.04 15.99 -5.72
C ASN L 34 27.45 15.89 -5.09
N GLN L 35 27.65 16.58 -3.98
CA GLN L 35 28.90 16.52 -3.22
C GLN L 35 30.10 16.94 -4.05
N LYS L 36 29.96 17.96 -4.91
CA LYS L 36 31.08 18.49 -5.67
C LYS L 36 31.42 19.94 -5.26
N ASN L 37 32.71 20.32 -5.42
CA ASN L 37 33.17 21.69 -5.18
C ASN L 37 33.25 22.44 -6.51
N TYR L 38 32.37 23.43 -6.75
CA TYR L 38 32.23 24.01 -8.07
C TYR L 38 33.36 25.05 -8.29
N LEU L 39 34.55 24.55 -8.55
CA LEU L 39 35.70 25.40 -8.82
C LEU L 39 36.30 24.95 -10.17
N ALA L 40 36.63 25.90 -11.05
CA ALA L 40 37.35 25.59 -12.27
C ALA L 40 38.66 26.39 -12.31
N TRP L 41 39.68 25.78 -12.92
CA TRP L 41 40.93 26.47 -13.20
C TRP L 41 41.12 26.59 -14.70
N TYR L 42 41.64 27.73 -15.12
CA TYR L 42 41.82 28.05 -16.54
C TYR L 42 43.25 28.47 -16.72
N GLN L 43 43.81 28.23 -17.89
CA GLN L 43 45.16 28.62 -18.29
C GLN L 43 45.07 29.53 -19.51
N GLN L 44 45.62 30.71 -19.39
CA GLN L 44 45.64 31.61 -20.52
C GLN L 44 47.10 31.89 -20.90
N LYS L 45 47.53 31.26 -21.98
CA LYS L 45 48.88 31.46 -22.50
C LYS L 45 48.92 32.76 -23.28
N PRO L 46 50.13 33.31 -23.46
CA PRO L 46 50.29 34.59 -24.16
C PRO L 46 49.57 34.60 -25.52
N GLY L 47 48.63 35.53 -25.68
CA GLY L 47 47.93 35.71 -26.93
C GLY L 47 46.77 34.76 -27.20
N GLN L 48 46.46 33.90 -26.23
CA GLN L 48 45.40 32.90 -26.43
C GLN L 48 44.22 33.15 -25.51
N SER L 49 43.16 32.37 -25.73
CA SER L 49 41.97 32.40 -24.90
C SER L 49 42.15 31.40 -23.76
N PRO L 50 41.42 31.60 -22.65
CA PRO L 50 41.54 30.68 -21.52
C PRO L 50 41.19 29.24 -21.89
N THR L 51 41.98 28.31 -21.35
CA THR L 51 41.76 26.89 -21.56
C THR L 51 41.47 26.23 -20.22
N LEU L 52 40.42 25.43 -20.19
CA LEU L 52 40.03 24.73 -18.97
C LEU L 52 41.05 23.66 -18.56
N LEU L 53 41.58 23.78 -17.34
CA LEU L 53 42.48 22.74 -16.83
C LEU L 53 41.74 21.75 -15.94
N VAL L 54 41.03 22.30 -14.94
CA VAL L 54 40.44 21.50 -13.86
C VAL L 54 39.03 21.99 -13.61
N TYR L 55 38.10 21.10 -13.30
CA TYR L 55 36.76 21.52 -12.88
C TYR L 55 36.26 20.65 -11.73
N PHE L 56 35.20 21.08 -11.07
CA PHE L 56 34.75 20.43 -9.84
C PHE L 56 35.92 20.27 -8.87
N ALA L 57 36.72 21.33 -8.78
CA ALA L 57 37.90 21.42 -7.91
C ALA L 57 39.07 20.51 -8.24
N SER L 58 38.79 19.25 -8.57
CA SER L 58 39.88 18.29 -8.77
C SER L 58 39.76 17.41 -10.01
N THR L 59 38.75 17.63 -10.84
CA THR L 59 38.59 16.80 -12.03
C THR L 59 39.37 17.35 -13.22
N ARG L 60 40.34 16.55 -13.75
CA ARG L 60 41.18 17.12 -14.80
C ARG L 60 40.47 16.99 -16.14
N GLU L 61 40.47 18.05 -16.94
CA GLU L 61 39.88 17.96 -18.27
C GLU L 61 40.73 17.09 -19.19
N SER L 62 40.07 16.32 -20.07
CA SER L 62 40.80 15.41 -20.95
C SER L 62 41.73 16.18 -21.85
N GLY L 63 42.96 15.68 -22.01
CA GLY L 63 43.96 16.36 -22.80
C GLY L 63 44.92 17.19 -21.97
N VAL L 64 44.52 17.53 -20.75
CA VAL L 64 45.39 18.30 -19.86
C VAL L 64 46.44 17.38 -19.27
N PRO L 65 47.73 17.82 -19.30
CA PRO L 65 48.82 17.02 -18.75
C PRO L 65 48.57 16.61 -17.30
N ASP L 66 48.98 15.41 -16.92
CA ASP L 66 48.70 14.94 -15.57
C ASP L 66 49.52 15.68 -14.49
N ARG L 67 50.49 16.50 -14.91
CA ARG L 67 51.24 17.29 -13.94
C ARG L 67 50.34 18.36 -13.30
N PHE L 68 49.21 18.65 -13.94
CA PHE L 68 48.27 19.61 -13.39
C PHE L 68 47.32 18.93 -12.42
N ILE L 69 47.35 19.35 -11.16
CA ILE L 69 46.50 18.77 -10.14
C ILE L 69 45.72 19.84 -9.40
N GLY L 70 44.39 19.73 -9.43
CA GLY L 70 43.54 20.60 -8.65
C GLY L 70 43.09 19.87 -7.39
N SER L 71 42.97 20.60 -6.28
CA SER L 71 42.55 20.03 -5.02
C SER L 71 41.97 21.11 -4.13
N GLY L 72 41.51 20.70 -2.95
CA GLY L 72 40.92 21.63 -2.01
C GLY L 72 39.40 21.52 -1.98
N SER L 73 38.77 22.28 -1.10
CA SER L 73 37.32 22.24 -0.95
C SER L 73 36.86 23.39 -0.08
N GLY L 74 35.56 23.68 -0.15
CA GLY L 74 34.99 24.73 0.68
C GLY L 74 35.45 26.10 0.25
N THR L 75 36.40 26.67 1.00
CA THR L 75 36.88 28.02 0.72
C THR L 75 38.35 28.07 0.28
N ASP L 76 39.04 26.93 0.33
CA ASP L 76 40.47 26.93 0.03
C ASP L 76 40.83 25.91 -1.04
N PHE L 77 41.31 26.41 -2.18
CA PHE L 77 41.63 25.56 -3.32
C PHE L 77 43.08 25.75 -3.79
N THR L 78 43.62 24.73 -4.44
CA THR L 78 45.00 24.77 -4.85
C THR L 78 45.14 24.19 -6.24
N LEU L 79 45.96 24.81 -7.07
CA LEU L 79 46.34 24.21 -8.34
C LEU L 79 47.82 23.95 -8.24
N THR L 80 48.21 22.69 -8.45
CA THR L 80 49.62 22.30 -8.36
C THR L 80 50.13 21.86 -9.72
N ILE L 81 51.33 22.28 -10.08
CA ILE L 81 52.02 21.70 -11.21
C ILE L 81 53.19 20.91 -10.65
N SER L 82 53.10 19.58 -10.74
CA SER L 82 54.08 18.72 -10.06
C SER L 82 55.51 19.01 -10.50
N SER L 83 55.68 19.22 -11.81
CA SER L 83 56.98 19.50 -12.39
C SER L 83 56.81 20.51 -13.52
N VAL L 84 57.04 21.78 -13.25
CA VAL L 84 56.76 22.82 -14.25
C VAL L 84 57.64 22.68 -15.52
N GLN L 85 57.00 22.85 -16.69
CA GLN L 85 57.71 22.82 -17.97
C GLN L 85 57.74 24.22 -18.56
N ALA L 86 58.65 24.45 -19.50
CA ALA L 86 58.77 25.78 -20.14
C ALA L 86 57.47 26.23 -20.77
N GLU L 87 56.73 25.30 -21.36
CA GLU L 87 55.48 25.64 -22.04
C GLU L 87 54.36 26.05 -21.06
N ASP L 88 54.59 25.87 -19.76
CA ASP L 88 53.58 26.24 -18.76
C ASP L 88 53.56 27.75 -18.45
N LEU L 89 54.46 28.49 -19.09
CA LEU L 89 54.40 29.94 -19.07
C LEU L 89 52.99 30.38 -19.41
N ALA L 90 52.30 31.00 -18.46
CA ALA L 90 50.91 31.43 -18.67
C ALA L 90 50.36 32.19 -17.46
N ASP L 91 49.21 32.84 -17.64
CA ASP L 91 48.46 33.34 -16.50
C ASP L 91 47.45 32.26 -16.13
N TYR L 92 47.27 32.03 -14.84
CA TYR L 92 46.36 31.01 -14.33
C TYR L 92 45.26 31.68 -13.53
N PHE L 93 43.98 31.35 -13.74
CA PHE L 93 42.83 31.91 -13.06
C PHE L 93 41.89 30.82 -12.50
N CYS L 94 41.29 31.19 -11.38
CA CYS L 94 40.29 30.36 -10.72
C CYS L 94 38.93 31.01 -10.84
N GLN L 95 37.84 30.27 -10.97
CA GLN L 95 36.52 30.92 -11.04
C GLN L 95 35.51 30.05 -10.33
N GLN L 96 34.68 30.67 -9.49
CA GLN L 96 33.73 29.78 -8.78
C GLN L 96 32.56 29.52 -9.71
N HIS L 97 31.90 28.36 -9.63
CA HIS L 97 30.70 28.10 -10.39
C HIS L 97 29.60 27.59 -9.47
N TYR L 98 29.55 28.26 -8.34
CA TYR L 98 28.60 28.02 -7.28
C TYR L 98 27.59 29.16 -7.18
N SER L 99 26.41 29.15 -7.73
CA SER L 99 25.55 30.35 -7.62
C SER L 99 26.11 31.51 -8.43
N THR L 100 25.35 32.47 -8.68
CA THR L 100 25.76 33.68 -9.42
C THR L 100 26.11 34.81 -8.50
N PRO L 101 26.83 35.82 -8.92
CA PRO L 101 27.47 36.07 -10.18
C PRO L 101 28.77 35.26 -10.23
N TYR L 102 29.21 34.97 -11.42
CA TYR L 102 30.49 34.24 -11.56
C TYR L 102 31.53 35.34 -11.40
N THR L 103 32.56 35.11 -10.62
CA THR L 103 33.64 36.06 -10.40
C THR L 103 34.97 35.35 -10.63
N PHE L 104 36.00 36.06 -11.12
CA PHE L 104 37.26 35.38 -11.37
C PHE L 104 38.28 35.79 -10.34
N GLY L 105 39.27 34.96 -10.09
CA GLY L 105 40.32 35.37 -9.12
C GLY L 105 41.16 36.35 -9.97
N GLY L 106 42.09 37.05 -9.23
CA GLY L 106 42.91 38.05 -9.88
C GLY L 106 43.95 37.50 -10.83
N GLY L 107 44.28 36.22 -10.66
CA GLY L 107 45.22 35.57 -11.54
C GLY L 107 46.62 35.43 -10.97
N THR L 108 47.32 34.38 -11.42
CA THR L 108 48.72 34.19 -11.05
C THR L 108 49.51 34.13 -12.34
N LYS L 109 50.54 34.97 -12.45
CA LYS L 109 51.39 34.94 -13.63
C LYS L 109 52.58 34.06 -13.32
N LEU L 110 52.68 32.94 -14.03
CA LEU L 110 53.78 32.01 -13.85
C LEU L 110 54.85 32.29 -14.90
N GLU L 111 56.02 32.69 -14.43
CA GLU L 111 57.18 32.94 -15.28
C GLU L 111 58.21 31.84 -15.06
N ILE L 112 59.06 31.58 -16.05
CA ILE L 112 60.00 30.49 -15.99
C ILE L 112 61.42 31.04 -15.78
N LYS L 113 62.12 30.51 -14.79
CA LYS L 113 63.52 30.89 -14.57
C LYS L 113 64.41 29.94 -15.34
N ARG L 114 65.57 30.42 -15.78
CA ARG L 114 66.48 29.59 -16.54
C ARG L 114 67.90 30.17 -16.45
N ALA L 115 68.87 29.45 -17.00
CA ALA L 115 70.26 29.96 -16.97
C ALA L 115 70.47 31.18 -17.87
N SER M 1 33.80 37.74 -34.17
CA SER M 1 33.95 38.88 -35.06
C SER M 1 35.29 39.59 -34.87
N GLY M 2 35.71 40.32 -35.91
CA GLY M 2 36.97 41.05 -35.85
C GLY M 2 37.07 42.25 -34.94
N ALA M 3 38.30 42.77 -34.81
CA ALA M 3 38.59 43.89 -33.92
C ALA M 3 37.77 45.10 -34.34
N GLU M 4 37.44 45.94 -33.36
CA GLU M 4 36.59 47.09 -33.64
C GLU M 4 37.02 48.37 -32.95
N LEU M 5 36.87 49.46 -33.70
CA LEU M 5 37.21 50.79 -33.21
C LEU M 5 35.89 51.54 -33.21
N ALA M 6 35.55 52.13 -32.08
CA ALA M 6 34.31 52.89 -31.97
C ALA M 6 34.62 54.16 -31.19
N ARG M 7 33.82 55.19 -31.38
CA ARG M 7 34.04 56.44 -30.67
C ARG M 7 33.21 56.50 -29.39
N PRO M 8 33.68 57.26 -28.39
CA PRO M 8 32.96 57.39 -27.11
C PRO M 8 31.53 57.85 -27.36
N GLY M 9 30.58 57.28 -26.63
CA GLY M 9 29.20 57.63 -26.83
C GLY M 9 28.47 56.75 -27.83
N ALA M 10 29.23 55.99 -28.63
CA ALA M 10 28.62 55.13 -29.64
C ALA M 10 28.26 53.77 -29.05
N SER M 11 27.96 52.84 -29.94
CA SER M 11 27.59 51.49 -29.55
C SER M 11 28.21 50.53 -30.57
N VAL M 12 28.47 49.31 -30.13
CA VAL M 12 28.98 48.27 -31.03
C VAL M 12 28.27 46.96 -30.78
N LYS M 13 28.25 46.12 -31.80
CA LYS M 13 27.63 44.82 -31.69
C LYS M 13 28.61 43.80 -32.27
N LEU M 14 29.05 42.87 -31.43
CA LEU M 14 29.99 41.85 -31.85
C LEU M 14 29.31 40.49 -31.83
N SER M 15 29.75 39.60 -32.71
CA SER M 15 29.18 38.27 -32.80
C SER M 15 30.09 37.12 -32.36
N CYS M 16 29.48 35.96 -32.19
CA CYS M 16 30.19 34.73 -31.85
C CYS M 16 29.44 33.61 -32.58
N LYS M 17 30.08 33.03 -33.58
CA LYS M 17 29.47 31.92 -34.32
C LYS M 17 29.82 30.57 -33.69
N ALA M 18 28.79 29.82 -33.32
CA ALA M 18 28.92 28.48 -32.75
C ALA M 18 28.99 27.42 -33.85
N SER M 19 29.56 26.26 -33.50
CA SER M 19 29.68 25.15 -34.43
C SER M 19 30.15 23.90 -33.69
N GLY M 20 29.72 22.74 -34.16
CA GLY M 20 30.16 21.50 -33.57
C GLY M 20 29.23 20.89 -32.54
N TYR M 21 28.08 21.51 -32.30
CA TYR M 21 27.14 21.01 -31.32
C TYR M 21 25.74 21.60 -31.47
N THR M 22 24.77 20.98 -30.79
CA THR M 22 23.39 21.43 -30.82
C THR M 22 23.28 22.74 -30.08
N PHE M 23 23.54 23.82 -30.81
CA PHE M 23 23.60 25.17 -30.26
C PHE M 23 22.53 25.51 -29.21
N THR M 24 21.27 25.19 -29.51
CA THR M 24 20.16 25.65 -28.68
C THR M 24 20.06 24.97 -27.31
N SER M 25 20.86 23.93 -27.11
CA SER M 25 20.92 23.23 -25.83
C SER M 25 21.93 23.77 -24.82
N TYR M 26 22.75 24.78 -25.21
CA TYR M 26 23.86 25.20 -24.34
C TYR M 26 23.88 26.71 -24.06
N TRP M 27 24.32 27.08 -22.86
CA TRP M 27 24.32 28.47 -22.44
C TRP M 27 25.63 29.14 -22.84
N MET M 28 25.56 30.43 -23.17
CA MET M 28 26.73 31.18 -23.63
C MET M 28 27.12 32.27 -22.64
N GLN M 29 28.42 32.37 -22.36
CA GLN M 29 28.95 33.40 -21.49
C GLN M 29 29.68 34.51 -22.24
N TRP M 30 29.73 35.69 -21.64
CA TRP M 30 30.50 36.79 -22.19
C TRP M 30 31.42 37.33 -21.09
N VAL M 31 32.68 37.50 -21.43
CA VAL M 31 33.68 37.86 -20.43
C VAL M 31 34.55 39.01 -20.91
N LYS M 32 34.90 40.00 -20.03
CA LYS M 32 35.70 41.17 -20.35
C LYS M 32 37.10 41.03 -19.77
N GLN M 33 38.09 41.46 -20.55
CA GLN M 33 39.46 41.50 -20.05
C GLN M 33 40.16 42.75 -20.56
N ARG M 34 40.37 43.71 -19.66
CA ARG M 34 41.04 44.96 -20.01
C ARG M 34 42.52 44.70 -20.15
N PRO M 35 43.24 45.57 -20.88
CA PRO M 35 44.69 45.43 -21.11
C PRO M 35 45.48 45.27 -19.81
N GLY M 36 46.18 44.14 -19.68
CA GLY M 36 46.96 43.87 -18.49
C GLY M 36 46.16 43.51 -17.25
N GLN M 37 44.85 43.36 -17.41
CA GLN M 37 43.96 43.06 -16.30
C GLN M 37 43.47 41.62 -16.29
N GLY M 38 42.65 41.27 -15.30
CA GLY M 38 42.11 39.93 -15.18
C GLY M 38 40.79 39.77 -15.91
N LEU M 39 40.07 38.70 -15.61
CA LEU M 39 38.80 38.41 -16.29
C LEU M 39 37.64 38.92 -15.46
N GLU M 40 36.62 39.43 -16.15
CA GLU M 40 35.42 39.92 -15.51
C GLU M 40 34.22 39.34 -16.25
N TRP M 41 33.24 38.85 -15.50
CA TRP M 41 32.01 38.28 -16.06
C TRP M 41 31.04 39.39 -16.47
N ILE M 42 30.50 39.31 -17.71
CA ILE M 42 29.54 40.29 -18.21
C ILE M 42 28.14 39.74 -18.02
N GLY M 43 27.91 38.54 -18.54
CA GLY M 43 26.60 37.95 -18.44
C GLY M 43 26.52 36.63 -19.19
N ALA M 44 25.33 36.04 -19.20
CA ALA M 44 25.13 34.76 -19.85
C ALA M 44 23.76 34.70 -20.51
N ILE M 45 23.65 33.90 -21.56
CA ILE M 45 22.40 33.83 -22.30
C ILE M 45 22.13 32.37 -22.63
N TYR M 46 20.85 32.01 -22.68
CA TYR M 46 20.45 30.67 -23.08
C TYR M 46 19.71 30.89 -24.41
N PRO M 47 20.39 30.70 -25.53
CA PRO M 47 19.79 30.78 -26.87
C PRO M 47 18.51 30.01 -27.10
N GLY M 48 18.39 28.85 -26.45
CA GLY M 48 17.19 28.04 -26.59
C GLY M 48 15.91 28.69 -26.11
N ASP M 49 16.00 29.52 -25.06
CA ASP M 49 14.79 30.13 -24.51
C ASP M 49 14.89 31.65 -24.36
N GLY M 50 16.04 32.20 -24.71
CA GLY M 50 16.22 33.65 -24.61
C GLY M 50 16.53 34.22 -23.23
N TYR M 51 16.77 33.35 -22.26
CA TYR M 51 17.05 33.81 -20.89
C TYR M 51 18.42 34.48 -20.79
N THR M 52 18.47 35.56 -20.03
CA THR M 52 19.73 36.28 -19.83
C THR M 52 20.03 36.48 -18.35
N ARG M 53 21.30 36.57 -17.97
CA ARG M 53 21.74 36.91 -16.63
C ARG M 53 22.86 37.92 -16.80
N TYR M 54 22.81 39.00 -16.02
CA TYR M 54 23.84 40.03 -16.11
C TYR M 54 24.50 40.37 -14.79
N THR M 55 25.78 40.72 -14.87
CA THR M 55 26.51 41.15 -13.69
C THR M 55 25.87 42.52 -13.47
N GLN M 56 25.55 42.86 -12.23
CA GLN M 56 24.95 44.16 -11.94
C GLN M 56 25.75 45.30 -12.58
N LYS M 57 27.07 45.19 -12.50
CA LYS M 57 27.99 46.15 -13.12
C LYS M 57 27.69 46.44 -14.60
N PHE M 58 27.30 45.41 -15.34
CA PHE M 58 27.04 45.57 -16.77
C PHE M 58 25.58 45.74 -17.18
N LYS M 59 24.68 45.84 -16.23
CA LYS M 59 23.28 46.04 -16.58
C LYS M 59 23.18 47.46 -17.12
N GLY M 60 22.66 47.60 -18.34
CA GLY M 60 22.58 48.92 -18.94
C GLY M 60 23.73 49.18 -19.90
N MET M 61 24.77 48.35 -19.83
CA MET M 61 25.93 48.48 -20.71
C MET M 61 25.89 47.42 -21.80
N ALA M 62 25.63 46.18 -21.41
CA ALA M 62 25.64 45.06 -22.34
C ALA M 62 24.25 44.48 -22.60
N THR M 63 23.98 44.14 -23.88
CA THR M 63 22.73 43.49 -24.26
C THR M 63 23.09 42.21 -24.99
N LEU M 64 22.62 41.08 -24.47
CA LEU M 64 22.87 39.80 -25.12
C LEU M 64 21.66 39.28 -25.89
N THR M 65 21.91 38.71 -27.06
CA THR M 65 20.86 38.16 -27.90
C THR M 65 21.50 37.03 -28.68
N ALA M 66 20.69 36.27 -29.42
CA ALA M 66 21.20 35.13 -30.17
C ALA M 66 20.26 34.89 -31.35
N ASP M 67 20.78 34.23 -32.38
CA ASP M 67 20.01 33.93 -33.59
C ASP M 67 20.13 32.43 -33.79
N LYS M 68 19.10 31.69 -33.40
CA LYS M 68 19.09 30.24 -33.55
C LYS M 68 19.44 29.74 -34.94
N SER M 69 18.82 30.33 -35.95
CA SER M 69 19.02 29.89 -37.34
C SER M 69 20.45 30.04 -37.84
N SER M 70 21.24 30.90 -37.21
CA SER M 70 22.64 31.02 -37.61
C SER M 70 23.60 30.60 -36.50
N SER M 71 23.05 30.01 -35.44
CA SER M 71 23.85 29.57 -34.30
C SER M 71 24.84 30.66 -33.90
N THR M 72 24.36 31.89 -33.76
CA THR M 72 25.26 32.99 -33.45
C THR M 72 24.76 33.80 -32.26
N ALA M 73 25.68 34.11 -31.36
CA ALA M 73 25.34 34.89 -30.17
C ALA M 73 25.90 36.28 -30.42
N TYR M 74 25.22 37.30 -29.92
CA TYR M 74 25.67 38.67 -30.10
C TYR M 74 25.70 39.42 -28.78
N MET M 75 26.59 40.39 -28.69
CA MET M 75 26.66 41.25 -27.53
C MET M 75 26.81 42.67 -28.00
N GLN M 76 25.88 43.50 -27.58
CA GLN M 76 25.89 44.91 -27.92
C GLN M 76 26.33 45.68 -26.70
N LEU M 77 27.26 46.61 -26.89
CA LEU M 77 27.77 47.44 -25.81
C LEU M 77 27.39 48.88 -26.16
N THR M 78 26.67 49.54 -25.26
CA THR M 78 26.22 50.91 -25.52
C THR M 78 26.88 51.98 -24.62
N SER M 79 26.69 53.24 -25.00
CA SER M 79 27.24 54.39 -24.28
C SER M 79 28.72 54.18 -23.97
N LEU M 80 29.49 53.87 -25.01
CA LEU M 80 30.90 53.54 -24.86
C LEU M 80 31.81 54.64 -24.31
N ALA M 81 32.79 54.19 -23.51
CA ALA M 81 33.77 55.08 -22.91
C ALA M 81 35.09 54.33 -22.99
N SER M 82 36.19 54.98 -22.63
CA SER M 82 37.48 54.32 -22.69
C SER M 82 37.57 53.14 -21.73
N GLU M 83 36.69 53.12 -20.72
CA GLU M 83 36.65 52.01 -19.77
C GLU M 83 36.18 50.71 -20.43
N ASP M 84 35.56 50.84 -21.59
CA ASP M 84 35.05 49.70 -22.32
C ASP M 84 36.07 49.09 -23.28
N SER M 85 37.21 49.76 -23.45
CA SER M 85 38.24 49.24 -24.34
C SER M 85 38.82 48.01 -23.67
N ALA M 86 38.71 46.87 -24.35
CA ALA M 86 39.09 45.61 -23.77
C ALA M 86 38.92 44.49 -24.77
N VAL M 87 39.39 43.31 -24.39
CA VAL M 87 39.19 42.12 -25.20
C VAL M 87 37.95 41.44 -24.65
N TYR M 88 37.03 41.07 -25.53
CA TYR M 88 35.80 40.42 -25.11
C TYR M 88 35.71 39.00 -25.64
N TYR M 89 35.41 38.07 -24.74
CA TYR M 89 35.33 36.66 -25.09
C TYR M 89 33.92 36.14 -24.94
N CYS M 90 33.58 35.17 -25.78
CA CYS M 90 32.30 34.51 -25.69
C CYS M 90 32.72 33.10 -25.31
N ALA M 91 31.89 32.42 -24.53
CA ALA M 91 32.25 31.08 -24.10
C ALA M 91 31.04 30.23 -23.75
N ARG M 92 31.18 28.92 -23.98
CA ARG M 92 30.07 28.00 -23.79
C ARG M 92 30.11 27.39 -22.38
N THR M 93 29.17 27.35 -21.50
CA THR M 93 29.12 26.46 -20.36
C THR M 93 28.17 25.34 -20.79
N TYR M 94 28.38 24.14 -20.30
CA TYR M 94 27.68 23.02 -20.93
C TYR M 94 26.19 23.05 -20.61
N ALA M 95 25.32 22.16 -21.34
CA ALA M 95 23.88 22.17 -21.49
C ALA M 95 23.17 22.02 -20.12
N GLY M 96 22.10 22.79 -19.89
CA GLY M 96 21.29 22.62 -18.69
C GLY M 96 21.03 23.89 -17.87
N TYR M 97 20.12 23.80 -16.92
CA TYR M 97 19.88 24.90 -16.00
C TYR M 97 20.87 24.91 -14.83
N TYR M 98 21.83 24.01 -14.87
CA TYR M 98 22.83 23.93 -13.80
C TYR M 98 23.95 24.93 -14.04
N VAL M 99 24.80 25.14 -13.04
CA VAL M 99 25.83 26.17 -13.18
C VAL M 99 27.18 25.52 -13.41
N GLY M 100 27.50 25.31 -14.68
CA GLY M 100 28.61 24.46 -15.06
C GLY M 100 29.86 25.27 -15.29
N TYR M 101 30.93 24.59 -15.65
CA TYR M 101 32.16 25.27 -15.97
C TYR M 101 32.10 25.82 -17.39
N PHE M 102 33.04 26.69 -17.72
CA PHE M 102 33.15 27.24 -19.05
C PHE M 102 34.07 26.37 -19.88
N ASP M 103 33.52 25.58 -20.80
CA ASP M 103 34.33 24.54 -21.43
C ASP M 103 34.89 24.90 -22.81
N TYR M 104 34.35 25.94 -23.44
CA TYR M 104 34.85 26.38 -24.76
C TYR M 104 34.81 27.91 -24.91
N TRP M 105 36.08 28.49 -25.40
CA TRP M 105 36.14 29.94 -25.55
C TRP M 105 36.40 30.41 -26.98
N GLY M 106 35.83 31.55 -27.34
CA GLY M 106 36.06 32.11 -28.66
C GLY M 106 37.45 32.70 -28.65
N GLN M 107 37.96 33.16 -29.79
CA GLN M 107 39.33 33.70 -29.82
C GLN M 107 39.39 35.11 -29.24
N GLY M 108 38.22 35.71 -29.02
CA GLY M 108 38.15 37.05 -28.47
C GLY M 108 38.12 38.16 -29.51
N THR M 109 37.45 39.27 -29.16
CA THR M 109 37.31 40.43 -30.02
C THR M 109 37.85 41.64 -29.26
N THR M 110 38.78 42.39 -29.86
CA THR M 110 39.33 43.55 -29.19
C THR M 110 38.53 44.79 -29.56
N LEU M 111 38.09 45.51 -28.54
CA LEU M 111 37.37 46.75 -28.76
C LEU M 111 38.21 47.94 -28.32
N THR M 112 38.41 48.87 -29.23
CA THR M 112 39.10 50.11 -28.90
C THR M 112 38.09 51.25 -28.98
N VAL M 113 37.96 52.00 -27.88
CA VAL M 113 37.05 53.13 -27.83
C VAL M 113 37.90 54.39 -27.82
N SER M 114 37.79 55.19 -28.87
CA SER M 114 38.62 56.38 -29.00
C SER M 114 38.13 57.29 -30.12
#